data_6OIY
#
_entry.id   6OIY
#
_cell.length_a   192.176
_cell.length_b   192.176
_cell.length_c   299.596
_cell.angle_alpha   90.00
_cell.angle_beta   90.00
_cell.angle_gamma   90.00
#
_symmetry.space_group_name_H-M   'P 43 21 2'
#
loop_
_entity.id
_entity.type
_entity.pdbx_description
1 polymer 'Deoxyguanosinetriphosphate triphosphohydrolase'
2 non-polymer "2'-DEOXYGUANOSINE-5'-TRIPHOSPHATE"
3 non-polymer 'MANGANESE (II) ION'
4 water water
#
_entity_poly.entity_id   1
_entity_poly.type   'polypeptide(L)'
_entity_poly.pdbx_seq_one_letter_code
;MAQIDFRKKINWHRRYRSPQGVKTEHEILRIFESDRGRIINSPAIRRLQQKTQVFPLERNAAVRTRLTHSMEVQQVGRYI
AKEILSRLKELKLLEAYGLDELTGPFESIVEMSCLMHDIGNPPFGHFGEAAINDWFRQRLHPEDAESQPLTDDRCSVAAL
RLRDGEEPLNELRRKIRQDLCHFEGNAQGIRLVHTLMRMNLTWAQVGGILKYTRPAWWRGETPETHHYLMKKPGYYLSEE
AYIARLRKELNLALYSRFPLTWIMEAADDISYCVADLEDAVEKRIFTVEQLYHHLHEAWGQHEKGSLFSLVVENAWEKSR
SNSLSRSTEDQFFMYLRVNTLNKLVPYAAQRFIDNLPAIFAGTFNHALLEDASECSDLLKLYKNVAVKHVFSHPDVERLE
LQGYRVISGLLEIYRPLLSLSLSDFTELVEKERVKRFPIESRLFHKLSTRHRLAYVEAVSKLPSDSPEFPLWEYYYRCRL
LQDYISGMTDLYAWDEYRRLMAVEQ
;
_entity_poly.pdbx_strand_id   A,B,C,D,E,F
#
loop_
_chem_comp.id
_chem_comp.type
_chem_comp.name
_chem_comp.formula
DGT non-polymer 2'-DEOXYGUANOSINE-5'-TRIPHOSPHATE 'C10 H16 N5 O13 P3'
MN non-polymer 'MANGANESE (II) ION' 'Mn 2'
#
# COMPACT_ATOMS: atom_id res chain seq x y z
N ALA A 2 49.04 38.87 -24.43
CA ALA A 2 48.87 38.08 -25.65
C ALA A 2 47.56 38.39 -26.36
N GLN A 3 47.37 37.78 -27.53
CA GLN A 3 46.31 38.15 -28.45
C GLN A 3 45.06 37.29 -28.26
N ILE A 4 43.91 37.95 -28.19
CA ILE A 4 42.62 37.26 -28.07
C ILE A 4 42.14 36.85 -29.46
N ASP A 5 42.24 35.55 -29.75
CA ASP A 5 41.76 34.97 -31.01
C ASP A 5 40.82 33.83 -30.70
N PHE A 6 39.52 34.05 -30.89
CA PHE A 6 38.59 32.98 -30.57
C PHE A 6 38.59 31.87 -31.58
N ARG A 7 39.28 32.02 -32.69
CA ARG A 7 39.50 30.86 -33.54
C ARG A 7 40.39 29.83 -32.87
N LYS A 8 41.19 30.24 -31.90
CA LYS A 8 42.11 29.34 -31.20
C LYS A 8 41.49 28.64 -30.00
N LYS A 9 40.25 28.96 -29.64
CA LYS A 9 39.56 28.32 -28.53
C LYS A 9 38.35 27.54 -28.98
N ILE A 10 37.51 28.11 -29.83
CA ILE A 10 36.34 27.41 -30.31
C ILE A 10 36.81 26.32 -31.27
N ASN A 11 37.29 25.23 -30.71
CA ASN A 11 37.78 24.09 -31.47
C ASN A 11 36.64 23.20 -31.92
N TRP A 12 36.61 22.83 -33.20
CA TRP A 12 35.50 22.04 -33.75
C TRP A 12 35.88 20.60 -34.06
N HIS A 13 36.96 20.10 -33.48
CA HIS A 13 37.43 18.75 -33.70
C HIS A 13 36.90 17.84 -32.62
N ARG A 14 36.86 16.56 -32.93
CA ARG A 14 36.41 15.56 -32.00
C ARG A 14 37.57 14.64 -31.63
N ARG A 15 37.36 13.83 -30.60
CA ARG A 15 38.37 12.89 -30.14
C ARG A 15 38.47 11.66 -31.01
N TYR A 16 37.34 11.20 -31.52
CA TYR A 16 37.25 9.99 -32.34
C TYR A 16 36.65 10.36 -33.67
N ARG A 17 37.21 9.83 -34.75
CA ARG A 17 36.79 10.09 -36.13
C ARG A 17 36.44 11.56 -36.35
N SER A 18 37.45 12.40 -36.09
CA SER A 18 37.32 13.85 -36.12
C SER A 18 37.12 14.40 -37.53
N PRO A 19 36.49 15.56 -37.64
CA PRO A 19 36.50 16.29 -38.89
C PRO A 19 37.84 16.97 -39.00
N GLN A 20 38.39 17.03 -40.22
CA GLN A 20 39.77 17.48 -40.40
C GLN A 20 39.88 18.55 -41.48
N GLY A 21 40.69 19.58 -41.23
CA GLY A 21 41.15 20.48 -42.29
C GLY A 21 40.14 21.26 -43.10
N VAL A 22 40.26 22.60 -43.15
CA VAL A 22 39.44 23.53 -43.95
C VAL A 22 38.06 23.53 -43.30
N LYS A 23 37.09 24.22 -43.92
CA LYS A 23 35.67 24.21 -43.55
C LYS A 23 35.02 25.57 -43.77
N THR A 24 33.83 25.56 -44.38
CA THR A 24 33.02 26.76 -44.52
C THR A 24 32.71 27.29 -43.12
N GLU A 25 32.23 28.53 -43.05
CA GLU A 25 31.62 28.90 -41.79
C GLU A 25 30.34 28.11 -41.61
N HIS A 26 29.65 27.78 -42.72
CA HIS A 26 28.45 26.95 -42.65
C HIS A 26 28.79 25.52 -42.29
N GLU A 27 29.92 25.02 -42.74
CA GLU A 27 30.33 23.67 -42.38
C GLU A 27 30.70 23.60 -40.93
N ILE A 28 31.30 24.66 -40.40
CA ILE A 28 31.70 24.67 -39.01
C ILE A 28 30.48 24.77 -38.13
N LEU A 29 29.39 25.35 -38.63
CA LEU A 29 28.16 25.38 -37.85
C LEU A 29 27.58 23.99 -37.68
N ARG A 30 27.29 23.33 -38.79
CA ARG A 30 26.70 22.00 -38.77
C ARG A 30 27.47 21.07 -37.87
N ILE A 31 28.75 21.32 -37.67
CA ILE A 31 29.53 20.48 -36.77
C ILE A 31 29.03 20.65 -35.36
N PHE A 32 28.66 21.87 -35.00
CA PHE A 32 28.17 22.16 -33.66
C PHE A 32 26.68 21.94 -33.53
N GLU A 33 25.94 22.11 -34.62
CA GLU A 33 24.53 21.79 -34.58
C GLU A 33 24.34 20.31 -34.45
N SER A 34 25.34 19.53 -34.82
CA SER A 34 25.26 18.11 -34.60
C SER A 34 25.44 17.78 -33.12
N ASP A 35 26.32 18.49 -32.43
CA ASP A 35 26.47 18.27 -31.00
C ASP A 35 25.13 18.49 -30.31
N ARG A 36 24.39 19.51 -30.74
CA ARG A 36 23.09 19.78 -30.13
C ARG A 36 22.19 18.57 -30.22
N GLY A 37 22.05 18.01 -31.40
CA GLY A 37 21.20 16.85 -31.53
C GLY A 37 21.72 15.68 -30.74
N ARG A 38 23.03 15.61 -30.58
CA ARG A 38 23.60 14.50 -29.84
C ARG A 38 23.35 14.66 -28.35
N ILE A 39 23.26 15.89 -27.87
CA ILE A 39 22.96 16.14 -26.47
C ILE A 39 21.46 16.04 -26.15
N ILE A 40 20.60 16.72 -26.93
CA ILE A 40 19.18 16.74 -26.66
C ILE A 40 18.59 15.34 -26.68
N ASN A 41 19.02 14.52 -27.64
CA ASN A 41 18.50 13.17 -27.70
C ASN A 41 19.26 12.23 -26.80
N SER A 42 19.99 12.74 -25.90
CA SER A 42 20.74 11.80 -25.10
C SER A 42 19.92 11.31 -23.93
N PRO A 43 19.93 10.03 -23.62
CA PRO A 43 19.19 9.58 -22.44
C PRO A 43 19.73 10.17 -21.18
N ALA A 44 21.01 10.51 -21.14
CA ALA A 44 21.53 11.13 -19.93
C ALA A 44 20.86 12.47 -19.66
N ILE A 45 20.36 13.14 -20.69
CA ILE A 45 19.57 14.35 -20.49
C ILE A 45 18.12 14.01 -20.21
N ARG A 46 17.58 12.98 -20.84
CA ARG A 46 16.22 12.62 -20.49
C ARG A 46 16.13 12.24 -19.02
N ARG A 47 17.08 11.46 -18.53
CA ARG A 47 17.06 11.06 -17.12
C ARG A 47 17.03 12.25 -16.16
N LEU A 48 17.14 13.49 -16.63
CA LEU A 48 17.09 14.64 -15.73
C LEU A 48 15.68 15.06 -15.36
N GLN A 49 14.68 14.71 -16.15
CA GLN A 49 13.32 15.06 -15.75
C GLN A 49 12.90 14.31 -14.53
N GLN A 50 13.78 13.47 -14.00
CA GLN A 50 13.50 12.68 -12.84
C GLN A 50 14.53 12.85 -11.74
N LYS A 51 15.61 13.57 -11.96
CA LYS A 51 16.50 13.95 -10.88
C LYS A 51 16.00 15.30 -10.42
N THR A 52 16.12 15.57 -9.12
CA THR A 52 15.37 16.69 -8.57
C THR A 52 16.23 17.84 -8.04
N GLN A 53 15.63 19.02 -8.15
CA GLN A 53 16.18 20.31 -7.75
C GLN A 53 15.43 20.77 -6.52
N VAL A 54 16.15 20.96 -5.41
CA VAL A 54 15.69 21.42 -4.09
C VAL A 54 14.62 20.52 -3.46
N PHE A 55 13.48 20.33 -4.12
CA PHE A 55 12.44 19.54 -3.49
C PHE A 55 12.54 18.09 -3.90
N PRO A 56 12.85 17.18 -2.97
CA PRO A 56 12.90 15.77 -3.32
C PRO A 56 11.53 15.27 -3.73
N LEU A 57 11.54 14.37 -4.70
CA LEU A 57 10.37 13.77 -5.30
C LEU A 57 9.10 14.62 -5.33
N GLU A 58 9.22 15.94 -5.51
CA GLU A 58 8.06 16.81 -5.53
C GLU A 58 7.11 16.28 -6.58
N ARG A 59 5.87 16.00 -6.19
CA ARG A 59 4.99 15.20 -7.03
C ARG A 59 4.07 16.00 -7.92
N ASN A 60 4.17 17.31 -7.94
CA ASN A 60 3.39 18.11 -8.87
C ASN A 60 4.37 18.79 -9.82
N ALA A 61 4.24 18.48 -11.11
CA ALA A 61 5.18 18.91 -12.14
C ALA A 61 5.34 20.41 -12.23
N ALA A 62 4.99 21.14 -11.18
CA ALA A 62 5.11 22.57 -11.17
C ALA A 62 6.34 23.03 -10.42
N VAL A 63 6.98 22.14 -9.71
CA VAL A 63 8.27 22.42 -9.11
C VAL A 63 9.31 21.98 -10.13
N ARG A 64 10.45 22.63 -10.12
CA ARG A 64 11.42 22.38 -11.14
C ARG A 64 12.18 21.10 -10.88
N THR A 65 12.53 20.42 -11.96
CA THR A 65 13.41 19.29 -11.96
C THR A 65 14.82 19.75 -12.32
N ARG A 66 15.74 18.82 -12.49
CA ARG A 66 17.03 19.22 -12.99
C ARG A 66 16.91 19.53 -14.47
N LEU A 67 15.95 18.90 -15.15
CA LEU A 67 15.79 19.19 -16.56
C LEU A 67 15.21 20.58 -16.78
N THR A 68 14.10 20.90 -16.12
CA THR A 68 13.49 22.21 -16.32
C THR A 68 14.36 23.34 -15.80
N HIS A 69 15.07 23.14 -14.71
CA HIS A 69 16.02 24.16 -14.29
C HIS A 69 17.09 24.34 -15.35
N SER A 70 17.72 23.23 -15.76
CA SER A 70 18.74 23.31 -16.78
C SER A 70 18.22 23.96 -18.05
N MET A 71 16.97 23.73 -18.38
CA MET A 71 16.36 24.31 -19.55
C MET A 71 16.16 25.82 -19.40
N GLU A 72 15.90 26.29 -18.19
CA GLU A 72 15.79 27.72 -18.00
C GLU A 72 17.18 28.35 -17.92
N VAL A 73 18.14 27.65 -17.32
CA VAL A 73 19.50 28.16 -17.30
C VAL A 73 19.99 28.31 -18.74
N GLN A 74 19.56 27.42 -19.62
CA GLN A 74 19.93 27.52 -21.02
C GLN A 74 19.49 28.84 -21.61
N GLN A 75 18.30 29.30 -21.24
CA GLN A 75 17.81 30.56 -21.79
C GLN A 75 18.48 31.76 -21.18
N VAL A 76 18.94 31.68 -19.94
CA VAL A 76 19.66 32.83 -19.42
C VAL A 76 21.03 32.88 -20.04
N GLY A 77 21.63 31.71 -20.28
CA GLY A 77 22.93 31.70 -20.93
C GLY A 77 22.86 32.12 -22.38
N ARG A 78 21.76 31.83 -23.05
CA ARG A 78 21.56 32.37 -24.39
C ARG A 78 21.56 33.88 -24.34
N TYR A 79 20.80 34.46 -23.41
CA TYR A 79 20.72 35.90 -23.28
C TYR A 79 22.08 36.51 -22.95
N ILE A 80 22.86 35.88 -22.06
CA ILE A 80 24.12 36.49 -21.69
C ILE A 80 25.07 36.46 -22.85
N ALA A 81 25.17 35.32 -23.52
CA ALA A 81 26.02 35.23 -24.71
C ALA A 81 25.55 36.18 -25.79
N LYS A 82 24.24 36.25 -26.03
CA LYS A 82 23.76 37.14 -27.08
C LYS A 82 24.04 38.59 -26.74
N GLU A 83 24.14 38.91 -25.45
CA GLU A 83 24.48 40.28 -25.08
C GLU A 83 25.97 40.50 -25.09
N ILE A 84 26.75 39.45 -24.87
CA ILE A 84 28.20 39.58 -24.94
C ILE A 84 28.62 39.86 -26.37
N LEU A 85 28.00 39.18 -27.34
CA LEU A 85 28.36 39.41 -28.73
C LEU A 85 27.83 40.75 -29.25
N SER A 86 26.58 41.08 -28.94
CA SER A 86 25.99 42.32 -29.43
C SER A 86 26.77 43.52 -28.94
N ARG A 87 27.24 43.47 -27.71
CA ARG A 87 28.08 44.55 -27.20
C ARG A 87 29.45 44.54 -27.87
N LEU A 88 29.93 43.37 -28.28
CA LEU A 88 31.24 43.31 -28.89
C LEU A 88 31.21 43.83 -30.32
N LYS A 89 30.05 43.73 -30.97
CA LYS A 89 29.87 44.31 -32.29
C LYS A 89 29.81 45.82 -32.18
N GLU A 90 29.37 46.33 -31.04
CA GLU A 90 29.37 47.78 -30.80
C GLU A 90 30.77 48.31 -30.61
N LEU A 91 31.70 47.52 -30.11
CA LEU A 91 33.05 48.02 -29.96
C LEU A 91 33.94 47.54 -31.10
N LYS A 92 33.32 47.15 -32.22
CA LYS A 92 33.94 46.59 -33.41
C LYS A 92 34.92 45.44 -33.18
N LEU A 93 35.15 45.04 -31.93
CA LEU A 93 36.14 44.02 -31.66
C LEU A 93 35.71 42.62 -32.03
N LEU A 94 34.52 42.41 -32.61
CA LEU A 94 34.08 41.05 -32.89
C LEU A 94 35.03 40.34 -33.82
N GLU A 95 35.25 40.95 -34.98
CA GLU A 95 36.16 40.41 -35.95
C GLU A 95 37.60 40.51 -35.49
N ALA A 96 37.90 41.47 -34.62
CA ALA A 96 39.25 41.55 -34.07
C ALA A 96 39.56 40.42 -33.11
N TYR A 97 38.55 39.76 -32.58
CA TYR A 97 38.75 38.66 -31.66
C TYR A 97 38.57 37.32 -32.32
N GLY A 98 38.25 37.30 -33.59
CA GLY A 98 38.06 36.05 -34.28
C GLY A 98 36.67 35.54 -34.21
N LEU A 99 35.79 36.28 -33.58
CA LEU A 99 34.42 35.86 -33.38
C LEU A 99 33.52 36.19 -34.55
N ASP A 100 34.02 36.86 -35.58
CA ASP A 100 33.11 37.30 -36.61
C ASP A 100 32.46 36.13 -37.33
N GLU A 101 33.12 34.97 -37.36
CA GLU A 101 32.57 33.80 -38.04
C GLU A 101 32.17 32.68 -37.08
N LEU A 102 32.42 32.85 -35.79
CA LEU A 102 32.05 31.89 -34.76
C LEU A 102 30.96 32.42 -33.84
N THR A 103 29.96 33.09 -34.40
CA THR A 103 28.92 33.70 -33.58
C THR A 103 27.89 32.70 -33.09
N GLY A 104 27.39 31.84 -33.96
CA GLY A 104 26.44 30.83 -33.57
C GLY A 104 27.06 29.78 -32.67
N PRO A 105 28.20 29.25 -33.09
CA PRO A 105 28.94 28.32 -32.21
C PRO A 105 29.28 28.90 -30.86
N PHE A 106 29.53 30.20 -30.77
CA PHE A 106 29.68 30.80 -29.45
C PHE A 106 28.40 30.68 -28.64
N GLU A 107 27.29 31.06 -29.25
CA GLU A 107 25.99 30.94 -28.61
C GLU A 107 25.68 29.48 -28.29
N SER A 108 25.76 28.60 -29.29
CA SER A 108 25.40 27.19 -29.11
C SER A 108 26.19 26.51 -28.00
N ILE A 109 27.49 26.76 -27.91
CA ILE A 109 28.27 26.15 -26.84
C ILE A 109 27.73 26.56 -25.47
N VAL A 110 27.38 27.82 -25.31
CA VAL A 110 26.83 28.28 -24.03
C VAL A 110 25.51 27.59 -23.75
N GLU A 111 24.58 27.66 -24.69
CA GLU A 111 23.30 27.00 -24.52
C GLU A 111 23.46 25.56 -24.09
N MET A 112 24.35 24.83 -24.74
CA MET A 112 24.50 23.41 -24.43
C MET A 112 25.27 23.18 -23.15
N SER A 113 26.32 23.93 -22.88
CA SER A 113 26.99 23.69 -21.62
C SER A 113 26.13 24.09 -20.42
N CYS A 114 24.98 24.75 -20.64
CA CYS A 114 24.04 25.03 -19.57
C CYS A 114 23.10 23.87 -19.36
N LEU A 115 22.58 23.34 -20.45
CA LEU A 115 21.69 22.20 -20.42
C LEU A 115 22.38 20.96 -19.89
N MET A 116 23.70 20.97 -19.87
CA MET A 116 24.49 19.83 -19.55
C MET A 116 25.26 19.89 -18.25
N HIS A 117 25.30 21.04 -17.56
CA HIS A 117 25.73 20.99 -16.17
C HIS A 117 24.75 20.14 -15.40
N ASP A 118 25.14 19.68 -14.23
CA ASP A 118 24.24 18.89 -13.40
C ASP A 118 24.02 17.51 -13.99
N ILE A 119 24.43 17.28 -15.25
CA ILE A 119 24.19 16.01 -15.88
C ILE A 119 24.83 14.89 -15.09
N GLY A 120 25.89 15.19 -14.37
CA GLY A 120 26.53 14.16 -13.59
C GLY A 120 26.12 14.17 -12.15
N ASN A 121 25.10 14.90 -11.77
CA ASN A 121 24.77 14.98 -10.37
C ASN A 121 24.14 13.67 -9.92
N PRO A 122 24.42 13.25 -8.70
CA PRO A 122 23.94 11.97 -8.20
C PRO A 122 22.50 12.03 -7.73
N PRO A 123 21.91 10.91 -7.32
CA PRO A 123 20.48 10.91 -7.00
C PRO A 123 19.99 11.96 -6.03
N PHE A 124 20.63 12.21 -4.91
CA PHE A 124 19.98 13.16 -4.01
C PHE A 124 20.78 14.43 -3.82
N GLY A 125 21.52 14.86 -4.82
CA GLY A 125 22.20 16.15 -4.73
C GLY A 125 23.35 16.10 -3.77
N HIS A 126 23.46 17.06 -2.88
CA HIS A 126 24.67 17.04 -2.04
C HIS A 126 24.56 15.97 -1.01
N PHE A 127 23.45 15.27 -0.96
CA PHE A 127 23.35 14.10 -0.11
C PHE A 127 23.60 12.81 -0.86
N GLY A 128 23.57 12.84 -2.17
CA GLY A 128 24.24 11.77 -2.89
C GLY A 128 25.74 11.92 -2.73
N GLU A 129 26.26 13.11 -3.01
CA GLU A 129 27.67 13.38 -2.78
C GLU A 129 28.05 12.99 -1.37
N ALA A 130 27.27 13.41 -0.40
CA ALA A 130 27.59 13.09 0.99
C ALA A 130 27.73 11.60 1.22
N ALA A 131 26.63 10.88 1.04
CA ALA A 131 26.60 9.45 1.32
C ALA A 131 27.75 8.72 0.67
N ILE A 132 28.07 9.07 -0.56
CA ILE A 132 29.09 8.35 -1.33
C ILE A 132 30.49 8.65 -0.78
N ASN A 133 30.83 9.91 -0.57
CA ASN A 133 32.14 10.23 -0.04
C ASN A 133 32.29 9.71 1.39
N ASP A 134 31.23 9.77 2.18
CA ASP A 134 31.32 9.23 3.53
C ASP A 134 31.53 7.73 3.49
N TRP A 135 30.71 7.02 2.73
CA TRP A 135 30.85 5.57 2.68
C TRP A 135 32.19 5.15 2.15
N PHE A 136 32.79 5.94 1.28
CA PHE A 136 34.08 5.43 0.88
C PHE A 136 35.12 5.80 1.91
N ARG A 137 34.93 6.92 2.60
CA ARG A 137 35.89 7.27 3.64
C ARG A 137 35.88 6.22 4.73
N GLN A 138 34.71 5.72 5.12
CA GLN A 138 34.68 4.67 6.14
C GLN A 138 35.51 3.48 5.73
N ARG A 139 35.69 3.24 4.42
CA ARG A 139 36.40 2.07 3.94
C ARG A 139 37.87 2.34 3.64
N LEU A 140 38.18 3.36 2.87
CA LEU A 140 39.57 3.65 2.47
C LEU A 140 39.93 5.05 2.96
N HIS A 141 40.14 5.20 4.27
CA HIS A 141 40.38 6.51 4.87
C HIS A 141 41.46 7.29 4.13
N PRO A 142 41.11 8.34 3.38
CA PRO A 142 42.13 9.10 2.68
C PRO A 142 42.92 10.01 3.59
N GLU A 143 42.42 10.26 4.80
CA GLU A 143 43.14 11.11 5.72
C GLU A 143 44.46 10.48 6.15
N ASP A 144 44.52 9.15 6.15
CA ASP A 144 45.70 8.42 6.60
C ASP A 144 46.82 8.39 5.59
N ALA A 145 46.57 8.65 4.31
CA ALA A 145 47.66 8.70 3.37
C ALA A 145 48.26 10.11 3.21
N GLU A 146 47.55 11.16 3.65
CA GLU A 146 48.10 12.51 3.74
C GLU A 146 49.25 12.44 4.74
N SER A 147 50.33 11.70 4.39
CA SER A 147 51.58 11.53 5.20
C SER A 147 52.49 10.48 4.60
N GLN A 148 53.48 10.09 5.41
CA GLN A 148 54.42 8.97 5.22
C GLN A 148 53.71 7.72 5.73
N PRO A 149 54.14 6.52 5.33
CA PRO A 149 53.48 5.30 5.70
C PRO A 149 53.39 5.18 7.21
N LEU A 150 52.25 5.52 7.79
CA LEU A 150 52.15 5.39 9.26
C LEU A 150 51.55 4.03 9.63
N THR A 151 51.11 3.94 10.88
CA THR A 151 50.46 2.71 11.40
C THR A 151 49.77 3.06 12.72
N ASP A 152 48.53 2.60 12.91
CA ASP A 152 47.94 1.57 12.01
C ASP A 152 47.09 2.26 10.95
N ASP A 153 47.34 1.95 9.67
CA ASP A 153 46.57 2.50 8.58
C ASP A 153 45.12 2.06 8.66
N ARG A 154 44.21 3.02 8.76
CA ARG A 154 42.81 2.68 8.89
C ARG A 154 42.17 2.28 7.56
N CYS A 155 42.97 2.02 6.55
CA CYS A 155 42.41 1.67 5.26
C CYS A 155 42.13 0.19 5.25
N SER A 156 40.90 -0.14 4.93
CA SER A 156 40.43 -1.51 5.00
C SER A 156 40.82 -2.34 3.80
N VAL A 157 41.46 -1.75 2.81
CA VAL A 157 41.84 -2.44 1.58
C VAL A 157 43.31 -2.82 1.60
N ALA A 158 43.65 -3.97 1.04
CA ALA A 158 45.02 -4.48 1.17
C ALA A 158 46.00 -3.74 0.31
N ALA A 159 45.75 -3.75 -1.00
CA ALA A 159 46.69 -3.14 -1.96
C ALA A 159 46.98 -1.71 -1.74
N LEU A 160 46.06 -1.08 -1.12
CA LEU A 160 45.83 0.39 -0.94
C LEU A 160 46.37 1.00 0.31
N ARG A 161 46.74 0.12 1.26
CA ARG A 161 47.31 0.56 2.52
C ARG A 161 48.74 0.94 2.35
N LEU A 162 49.12 2.08 2.89
CA LEU A 162 50.51 2.47 2.57
C LEU A 162 51.39 1.32 3.02
N ARG A 163 52.10 0.71 2.07
CA ARG A 163 53.09 -0.33 2.44
C ARG A 163 54.18 0.32 3.27
N ASP A 164 54.54 -0.32 4.38
CA ASP A 164 55.57 0.13 5.36
C ASP A 164 56.81 0.63 4.60
N GLY A 165 57.21 1.86 4.93
CA GLY A 165 58.32 2.60 4.28
C GLY A 165 58.30 2.31 2.79
N GLU A 166 59.34 1.67 2.33
CA GLU A 166 59.45 1.17 0.94
C GLU A 166 59.06 2.09 -0.23
N GLU A 167 57.79 2.17 -0.66
CA GLU A 167 57.69 2.65 -2.06
C GLU A 167 56.96 3.94 -2.38
N PRO A 168 57.07 4.29 -3.67
CA PRO A 168 56.53 5.52 -4.25
C PRO A 168 55.16 5.28 -4.89
N LEU A 169 54.83 4.03 -5.17
CA LEU A 169 53.45 3.74 -5.56
C LEU A 169 52.54 3.93 -4.38
N ASN A 170 53.12 4.34 -3.25
CA ASN A 170 52.37 4.87 -2.13
C ASN A 170 51.80 6.24 -2.46
N GLU A 171 52.33 6.89 -3.51
CA GLU A 171 51.67 8.09 -4.01
C GLU A 171 50.41 7.72 -4.76
N LEU A 172 50.48 6.65 -5.56
CA LEU A 172 49.29 6.14 -6.22
C LEU A 172 48.22 5.79 -5.21
N ARG A 173 48.60 5.09 -4.15
CA ARG A 173 47.65 4.79 -3.09
C ARG A 173 47.03 6.08 -2.57
N ARG A 174 47.84 7.12 -2.40
CA ARG A 174 47.32 8.39 -1.91
C ARG A 174 46.34 9.01 -2.88
N LYS A 175 46.65 8.97 -4.17
CA LYS A 175 45.78 9.59 -5.15
C LYS A 175 44.45 8.85 -5.22
N ILE A 176 44.52 7.53 -5.33
CA ILE A 176 43.31 6.73 -5.42
C ILE A 176 42.46 6.94 -4.18
N ARG A 177 43.07 6.93 -3.01
CA ARG A 177 42.32 7.07 -1.77
C ARG A 177 41.64 8.43 -1.68
N GLN A 178 42.20 9.45 -2.31
CA GLN A 178 41.58 10.76 -2.26
C GLN A 178 40.59 10.93 -3.40
N ASP A 179 40.90 10.37 -4.55
CA ASP A 179 40.00 10.51 -5.69
C ASP A 179 38.65 9.87 -5.39
N LEU A 180 38.67 8.63 -4.93
CA LEU A 180 37.42 7.94 -4.70
C LEU A 180 36.61 8.56 -3.58
N CYS A 181 37.25 9.31 -2.69
CA CYS A 181 36.53 9.99 -1.63
C CYS A 181 36.13 11.40 -1.98
N HIS A 182 36.31 11.83 -3.22
CA HIS A 182 35.95 13.18 -3.62
C HIS A 182 35.06 13.12 -4.84
N PHE A 183 33.92 12.45 -4.71
CA PHE A 183 32.97 12.47 -5.80
C PHE A 183 32.44 13.88 -5.93
N GLU A 184 32.17 14.29 -7.17
CA GLU A 184 31.65 15.62 -7.42
C GLU A 184 30.79 15.56 -8.67
N GLY A 185 29.59 16.12 -8.59
CA GLY A 185 28.72 16.09 -9.75
C GLY A 185 29.40 16.58 -11.01
N ASN A 186 30.28 17.57 -10.86
CA ASN A 186 30.93 18.12 -12.04
C ASN A 186 31.97 17.15 -12.58
N ALA A 187 32.78 16.56 -11.71
CA ALA A 187 33.82 15.66 -12.18
C ALA A 187 33.21 14.42 -12.84
N GLN A 188 32.13 13.89 -12.25
CA GLN A 188 31.45 12.75 -12.83
C GLN A 188 30.83 13.11 -14.16
N GLY A 189 30.58 14.39 -14.40
CA GLY A 189 30.00 14.79 -15.67
C GLY A 189 30.98 14.61 -16.80
N ILE A 190 32.26 14.90 -16.56
CA ILE A 190 33.27 14.73 -17.60
C ILE A 190 33.43 13.24 -17.88
N ARG A 191 33.41 12.43 -16.84
CA ARG A 191 33.49 10.99 -17.03
C ARG A 191 32.29 10.50 -17.81
N LEU A 192 31.15 11.10 -17.57
CA LEU A 192 29.91 10.63 -18.16
C LEU A 192 29.86 10.89 -19.67
N VAL A 193 30.19 12.11 -20.10
CA VAL A 193 30.13 12.45 -21.52
C VAL A 193 31.20 11.73 -22.31
N HIS A 194 32.35 11.44 -21.70
CA HIS A 194 33.41 10.77 -22.42
C HIS A 194 33.45 9.27 -22.21
N THR A 195 33.91 8.85 -21.03
CA THR A 195 34.18 7.44 -20.79
C THR A 195 32.92 6.60 -20.82
N LEU A 196 31.80 7.10 -20.28
CA LEU A 196 30.62 6.27 -20.14
C LEU A 196 29.65 6.38 -21.30
N MET A 197 29.28 7.58 -21.71
CA MET A 197 28.34 7.75 -22.80
C MET A 197 29.01 7.75 -24.17
N ARG A 198 30.28 8.12 -24.26
CA ARG A 198 31.01 8.24 -25.52
C ARG A 198 30.19 9.02 -26.53
N MET A 199 30.11 10.32 -26.30
CA MET A 199 29.33 11.20 -27.15
C MET A 199 30.15 11.83 -28.27
N ASN A 200 31.46 11.89 -28.13
CA ASN A 200 32.32 12.43 -29.18
C ASN A 200 32.09 13.90 -29.43
N LEU A 201 31.56 14.64 -28.47
CA LEU A 201 31.34 16.05 -28.67
C LEU A 201 32.63 16.78 -29.04
N THR A 202 32.47 17.94 -29.68
CA THR A 202 33.58 18.81 -30.01
C THR A 202 34.32 19.27 -28.77
N TRP A 203 35.64 19.38 -28.88
CA TRP A 203 36.45 19.76 -27.74
C TRP A 203 35.96 21.04 -27.08
N ALA A 204 35.46 22.00 -27.86
CA ALA A 204 34.96 23.22 -27.24
C ALA A 204 33.78 22.90 -26.34
N GLN A 205 32.86 22.09 -26.84
CA GLN A 205 31.66 21.74 -26.10
C GLN A 205 31.97 21.04 -24.81
N VAL A 206 33.03 20.23 -24.77
CA VAL A 206 33.40 19.56 -23.55
C VAL A 206 34.18 20.48 -22.63
N GLY A 207 34.79 21.53 -23.15
CA GLY A 207 35.51 22.41 -22.26
C GLY A 207 34.59 23.36 -21.55
N GLY A 208 33.41 23.57 -22.10
CA GLY A 208 32.40 24.42 -21.53
C GLY A 208 31.70 23.86 -20.33
N ILE A 209 31.82 22.56 -20.06
CA ILE A 209 31.23 21.97 -18.86
C ILE A 209 32.29 21.63 -17.82
N LEU A 210 33.54 22.01 -18.06
CA LEU A 210 34.62 21.86 -17.09
C LEU A 210 34.60 23.09 -16.23
N LYS A 211 33.80 23.04 -15.17
CA LYS A 211 33.56 24.21 -14.33
C LYS A 211 34.69 24.44 -13.35
N TYR A 212 35.36 23.40 -12.89
CA TYR A 212 36.45 23.57 -11.96
C TYR A 212 37.67 22.84 -12.51
N THR A 213 38.84 23.27 -12.10
CA THR A 213 40.08 22.77 -12.68
C THR A 213 40.91 21.98 -11.67
N ARG A 214 40.41 21.73 -10.55
CA ARG A 214 41.05 20.99 -9.49
C ARG A 214 40.84 19.51 -9.67
N PRO A 215 41.87 18.71 -9.54
CA PRO A 215 41.74 17.26 -9.66
C PRO A 215 41.24 16.62 -8.40
N ALA A 216 40.35 15.64 -8.56
CA ALA A 216 39.73 14.99 -7.41
C ALA A 216 40.77 14.50 -6.41
N TRP A 217 41.86 13.94 -6.91
CA TRP A 217 42.88 13.39 -6.02
C TRP A 217 43.64 14.45 -5.27
N TRP A 218 43.40 15.70 -5.57
CA TRP A 218 44.13 16.76 -4.91
C TRP A 218 43.98 16.67 -3.40
N ARG A 219 45.09 16.47 -2.71
CA ARG A 219 45.05 16.31 -1.24
C ARG A 219 45.82 17.45 -0.58
N GLY A 220 46.22 18.45 -1.36
CA GLY A 220 46.98 19.59 -0.81
C GLY A 220 46.06 20.65 -0.23
N GLU A 221 46.11 21.86 -0.77
CA GLU A 221 45.25 22.93 -0.25
C GLU A 221 45.65 24.28 -0.79
N THR A 222 46.02 24.36 -2.07
CA THR A 222 46.40 25.68 -2.63
C THR A 222 45.17 26.58 -2.69
N PRO A 223 44.12 26.22 -3.45
CA PRO A 223 43.77 26.92 -4.69
C PRO A 223 44.14 28.41 -4.63
N GLU A 224 45.36 28.75 -5.08
CA GLU A 224 45.81 30.17 -5.08
C GLU A 224 45.60 30.74 -6.48
N THR A 225 46.26 31.84 -6.85
CA THR A 225 45.96 32.21 -8.21
C THR A 225 44.69 31.53 -8.70
N HIS A 226 44.42 30.32 -8.20
CA HIS A 226 43.32 29.49 -8.64
C HIS A 226 42.55 29.24 -7.36
N HIS A 227 42.41 30.27 -6.51
CA HIS A 227 41.56 30.06 -5.33
C HIS A 227 40.09 29.53 -5.58
N TYR A 228 39.49 30.26 -6.50
CA TYR A 228 38.22 29.82 -7.05
C TYR A 228 38.10 28.74 -8.11
N LEU A 229 38.91 28.81 -9.15
CA LEU A 229 38.84 27.79 -10.18
C LEU A 229 39.14 26.41 -9.64
N MET A 230 39.73 26.31 -8.46
CA MET A 230 40.05 25.03 -7.86
C MET A 230 39.25 24.87 -6.58
N LYS A 231 38.04 25.41 -6.59
CA LYS A 231 37.16 25.36 -5.42
C LYS A 231 36.79 23.93 -5.07
N LYS A 232 36.26 23.18 -6.03
CA LYS A 232 35.90 21.78 -5.88
C LYS A 232 36.50 20.98 -7.02
N PRO A 233 36.51 19.66 -6.93
CA PRO A 233 37.08 18.88 -8.02
C PRO A 233 36.33 19.05 -9.32
N GLY A 234 37.07 18.98 -10.40
CA GLY A 234 36.52 19.13 -11.72
C GLY A 234 36.79 17.95 -12.60
N TYR A 235 37.65 17.03 -12.17
CA TYR A 235 37.90 15.82 -12.95
C TYR A 235 38.55 14.75 -12.11
N TYR A 236 38.39 13.52 -12.56
CA TYR A 236 38.87 12.35 -11.84
C TYR A 236 40.20 11.85 -12.38
N LEU A 237 40.83 11.01 -11.57
CA LEU A 237 42.03 10.33 -12.00
C LEU A 237 41.79 9.57 -13.30
N SER A 238 40.61 8.98 -13.45
CA SER A 238 40.35 8.23 -14.67
C SER A 238 40.35 9.10 -15.90
N GLU A 239 40.41 10.42 -15.74
CA GLU A 239 40.36 11.28 -16.90
C GLU A 239 41.55 12.23 -16.99
N GLU A 240 42.54 12.10 -16.11
CA GLU A 240 43.71 12.96 -16.22
C GLU A 240 44.21 12.99 -17.66
N ALA A 241 44.17 11.85 -18.34
CA ALA A 241 44.64 11.80 -19.71
C ALA A 241 43.70 12.53 -20.64
N TYR A 242 42.40 12.33 -20.46
CA TYR A 242 41.44 13.00 -21.31
C TYR A 242 41.50 14.49 -21.11
N ILE A 243 41.60 14.92 -19.85
CA ILE A 243 41.67 16.34 -19.56
C ILE A 243 42.93 16.96 -20.13
N ALA A 244 44.01 16.20 -20.19
CA ALA A 244 45.23 16.72 -20.77
C ALA A 244 45.08 16.98 -22.27
N ARG A 245 44.59 15.99 -23.02
CA ARG A 245 44.43 16.20 -24.44
C ARG A 245 43.44 17.32 -24.72
N LEU A 246 42.47 17.51 -23.81
CA LEU A 246 41.50 18.60 -23.93
C LEU A 246 42.17 19.93 -23.64
N ARG A 247 43.06 19.94 -22.65
CA ARG A 247 43.81 21.15 -22.36
C ARG A 247 44.64 21.56 -23.55
N LYS A 248 45.11 20.57 -24.30
CA LYS A 248 45.90 20.84 -25.50
C LYS A 248 45.03 21.40 -26.61
N GLU A 249 43.97 20.69 -26.97
CA GLU A 249 43.14 21.07 -28.10
C GLU A 249 42.51 22.44 -27.94
N LEU A 250 42.43 22.95 -26.71
CA LEU A 250 41.81 24.23 -26.44
C LEU A 250 42.81 25.31 -26.03
N ASN A 251 44.10 25.01 -26.02
CA ASN A 251 45.12 25.97 -25.68
C ASN A 251 44.85 26.56 -24.29
N LEU A 252 44.74 25.66 -23.32
CA LEU A 252 44.54 25.99 -21.92
C LEU A 252 45.78 25.66 -21.13
N ALA A 253 46.10 26.51 -20.17
CA ALA A 253 47.18 26.17 -19.26
C ALA A 253 46.67 25.24 -18.19
N LEU A 254 47.58 24.70 -17.41
CA LEU A 254 47.18 23.83 -16.32
C LEU A 254 46.34 24.63 -15.32
N TYR A 255 45.20 24.06 -14.92
CA TYR A 255 44.25 24.65 -13.98
C TYR A 255 43.56 25.87 -14.55
N SER A 256 43.65 26.07 -15.84
CA SER A 256 43.00 27.19 -16.49
C SER A 256 41.69 26.70 -17.06
N ARG A 257 40.69 27.56 -17.00
CA ARG A 257 39.32 27.24 -17.40
C ARG A 257 39.09 27.66 -18.84
N PHE A 258 38.10 27.07 -19.47
CA PHE A 258 37.69 27.46 -20.80
C PHE A 258 36.90 28.77 -20.74
N PRO A 259 37.13 29.69 -21.67
CA PRO A 259 36.55 31.03 -21.54
C PRO A 259 35.04 31.09 -21.50
N LEU A 260 34.34 30.12 -22.03
CA LEU A 260 32.90 30.26 -22.08
C LEU A 260 32.22 29.74 -20.82
N THR A 261 32.96 29.12 -19.92
CA THR A 261 32.33 28.57 -18.74
C THR A 261 31.75 29.65 -17.86
N TRP A 262 32.37 30.82 -17.85
CA TRP A 262 31.94 31.89 -16.96
C TRP A 262 30.54 32.34 -17.31
N ILE A 263 30.15 32.18 -18.57
CA ILE A 263 28.80 32.53 -18.95
C ILE A 263 27.82 31.55 -18.34
N MET A 264 28.09 30.27 -18.44
CA MET A 264 27.19 29.27 -17.88
C MET A 264 27.09 29.38 -16.38
N GLU A 265 28.21 29.43 -15.68
CA GLU A 265 28.10 29.52 -14.23
C GLU A 265 27.32 30.77 -13.81
N ALA A 266 27.46 31.87 -14.56
CA ALA A 266 26.68 33.06 -14.20
C ALA A 266 25.21 32.83 -14.48
N ALA A 267 24.88 32.30 -15.66
CA ALA A 267 23.49 31.98 -15.99
C ALA A 267 22.90 31.01 -15.01
N ASP A 268 23.72 30.19 -14.39
CA ASP A 268 23.25 29.22 -13.42
C ASP A 268 22.82 29.90 -12.14
N ASP A 269 23.77 30.52 -11.44
CA ASP A 269 23.45 31.20 -10.19
C ASP A 269 22.27 32.13 -10.34
N ILE A 270 22.15 32.77 -11.50
CA ILE A 270 21.10 33.78 -11.67
C ILE A 270 19.73 33.13 -11.68
N SER A 271 19.61 31.96 -12.30
CA SER A 271 18.29 31.33 -12.47
C SER A 271 17.89 30.44 -11.31
N TYR A 272 18.83 29.83 -10.60
CA TYR A 272 18.37 28.97 -9.52
C TYR A 272 17.96 29.77 -8.30
N CYS A 273 18.55 30.94 -8.08
CA CYS A 273 18.17 31.79 -6.96
C CYS A 273 16.68 32.09 -6.98
N VAL A 274 16.18 32.58 -8.10
CA VAL A 274 14.80 33.05 -8.17
C VAL A 274 13.81 31.89 -8.24
N ALA A 275 14.10 30.89 -9.05
CA ALA A 275 13.11 29.84 -9.25
C ALA A 275 12.90 29.01 -8.00
N ASP A 276 13.89 28.93 -7.13
CA ASP A 276 13.71 28.14 -5.91
C ASP A 276 12.70 28.82 -4.98
N LEU A 277 12.74 30.15 -4.92
CA LEU A 277 11.77 30.87 -4.12
C LEU A 277 10.39 30.84 -4.76
N GLU A 278 10.31 30.72 -6.08
CA GLU A 278 9.01 30.58 -6.71
C GLU A 278 8.40 29.25 -6.34
N ASP A 279 9.21 28.19 -6.31
CA ASP A 279 8.70 26.88 -5.94
C ASP A 279 8.26 26.87 -4.50
N ALA A 280 9.08 27.43 -3.62
CA ALA A 280 8.73 27.42 -2.20
C ALA A 280 7.34 28.00 -1.99
N VAL A 281 7.01 29.07 -2.70
CA VAL A 281 5.68 29.66 -2.61
C VAL A 281 4.64 28.70 -3.16
N GLU A 282 4.98 27.97 -4.21
CA GLU A 282 4.04 26.99 -4.77
C GLU A 282 3.91 25.77 -3.86
N LYS A 283 5.01 25.33 -3.26
CA LYS A 283 4.89 24.23 -2.30
C LYS A 283 4.26 24.70 -0.97
N ARG A 284 3.74 25.92 -1.09
CA ARG A 284 3.03 26.64 -0.03
C ARG A 284 3.87 26.82 1.23
N ILE A 285 5.19 26.75 1.13
CA ILE A 285 6.01 27.02 2.31
C ILE A 285 5.77 28.42 2.86
N PHE A 286 5.50 29.40 1.99
CA PHE A 286 5.15 30.74 2.46
C PHE A 286 4.41 31.48 1.36
N THR A 287 4.15 32.76 1.62
CA THR A 287 3.39 33.61 0.72
C THR A 287 4.29 34.57 -0.04
N VAL A 288 3.72 35.09 -1.13
CA VAL A 288 4.33 36.20 -1.84
C VAL A 288 4.57 37.36 -0.87
N GLU A 289 3.63 37.60 0.05
CA GLU A 289 3.85 38.60 1.08
C GLU A 289 4.88 38.16 2.11
N GLN A 290 4.70 36.98 2.71
CA GLN A 290 5.67 36.47 3.67
C GLN A 290 7.08 36.57 3.12
N LEU A 291 7.24 36.18 1.85
CA LEU A 291 8.55 36.23 1.22
C LEU A 291 9.08 37.65 1.18
N TYR A 292 8.27 38.56 0.66
CA TYR A 292 8.70 39.94 0.53
C TYR A 292 9.31 40.48 1.82
N HIS A 293 8.76 40.12 2.97
CA HIS A 293 9.40 40.56 4.21
C HIS A 293 10.72 39.85 4.46
N HIS A 294 10.81 38.57 4.12
CA HIS A 294 12.06 37.87 4.33
C HIS A 294 13.17 38.49 3.49
N LEU A 295 12.83 38.97 2.31
CA LEU A 295 13.82 39.62 1.47
C LEU A 295 14.14 40.98 2.03
N HIS A 296 13.09 41.76 2.31
CA HIS A 296 13.23 43.09 2.86
C HIS A 296 13.95 43.08 4.19
N GLU A 297 13.53 42.21 5.09
CA GLU A 297 14.14 42.18 6.40
C GLU A 297 15.44 41.60 6.38
N ALA A 298 15.98 41.25 5.22
CA ALA A 298 17.29 40.62 5.16
C ALA A 298 18.36 41.46 4.50
N TRP A 299 18.02 42.38 3.58
CA TRP A 299 19.00 43.14 2.81
C TRP A 299 20.08 43.73 3.70
N GLY A 300 20.91 42.90 4.31
CA GLY A 300 21.77 43.29 5.44
C GLY A 300 22.64 44.52 5.18
N GLN A 301 22.21 45.69 5.65
CA GLN A 301 20.89 45.89 6.32
C GLN A 301 20.23 47.20 5.84
N HIS A 302 20.80 47.78 4.78
CA HIS A 302 20.41 49.09 4.27
C HIS A 302 18.94 49.13 3.87
N GLU A 303 18.52 50.27 3.33
CA GLU A 303 17.11 50.40 3.00
C GLU A 303 16.95 51.48 1.93
N LYS A 304 17.56 52.64 2.17
CA LYS A 304 17.32 53.82 1.34
C LYS A 304 17.57 53.49 -0.12
N GLY A 305 16.78 54.13 -1.00
CA GLY A 305 16.65 53.78 -2.42
C GLY A 305 17.95 53.23 -2.98
N SER A 306 17.85 52.12 -3.70
CA SER A 306 19.01 51.35 -4.15
C SER A 306 18.51 50.22 -5.01
N LEU A 307 19.25 49.14 -5.14
CA LEU A 307 18.86 48.10 -6.09
C LEU A 307 17.63 47.33 -5.60
N PHE A 308 17.57 47.02 -4.30
CA PHE A 308 16.39 46.36 -3.75
C PHE A 308 15.11 47.03 -4.26
N SER A 309 15.08 48.36 -4.23
CA SER A 309 13.90 49.07 -4.70
C SER A 309 13.69 48.89 -6.20
N LEU A 310 14.77 48.88 -6.98
CA LEU A 310 14.66 48.75 -8.43
C LEU A 310 14.15 47.38 -8.88
N VAL A 311 14.46 46.31 -8.15
CA VAL A 311 14.22 44.94 -8.63
C VAL A 311 13.06 44.29 -7.91
N VAL A 312 13.16 44.11 -6.60
CA VAL A 312 12.15 43.37 -5.86
C VAL A 312 10.98 44.26 -5.42
N GLU A 313 11.26 45.35 -4.71
CA GLU A 313 10.20 46.28 -4.34
C GLU A 313 9.37 46.66 -5.54
N ASN A 314 10.04 47.03 -6.63
CA ASN A 314 9.35 47.40 -7.87
C ASN A 314 8.44 46.27 -8.34
N ALA A 315 8.92 45.03 -8.30
CA ALA A 315 8.09 43.92 -8.75
C ALA A 315 6.99 43.63 -7.75
N TRP A 316 7.22 43.99 -6.50
CA TRP A 316 6.22 43.77 -5.46
C TRP A 316 4.99 44.64 -5.69
N GLU A 317 5.19 45.89 -6.11
CA GLU A 317 4.07 46.80 -6.28
C GLU A 317 3.29 46.58 -7.57
N LYS A 318 3.93 46.24 -8.68
CA LYS A 318 3.12 45.86 -9.84
C LYS A 318 2.30 44.61 -9.57
N SER A 319 2.79 43.71 -8.71
CA SER A 319 2.11 42.44 -8.50
C SER A 319 0.78 42.63 -7.80
N ARG A 320 0.82 43.28 -6.64
CA ARG A 320 -0.39 43.54 -5.86
C ARG A 320 -1.29 44.56 -6.54
N SER A 321 -1.53 44.41 -7.84
CA SER A 321 -2.42 45.26 -8.62
C SER A 321 -1.67 46.56 -9.00
N ASN A 322 -2.18 47.36 -9.94
CA ASN A 322 -3.46 47.14 -10.63
C ASN A 322 -3.28 46.68 -12.07
N SER A 323 -3.72 45.46 -12.33
CA SER A 323 -3.74 44.89 -13.66
C SER A 323 -4.78 43.79 -13.70
N LEU A 324 -5.25 43.48 -14.90
CA LEU A 324 -6.15 42.36 -15.14
C LEU A 324 -5.36 41.32 -15.94
N SER A 325 -5.19 40.14 -15.35
CA SER A 325 -4.38 39.08 -15.95
C SER A 325 -4.47 37.78 -15.15
N ARG A 326 -4.90 37.90 -13.89
CA ARG A 326 -5.01 36.83 -12.89
C ARG A 326 -3.74 36.46 -12.14
N SER A 327 -3.91 35.81 -10.99
CA SER A 327 -2.82 35.34 -10.14
C SER A 327 -1.91 36.46 -9.67
N THR A 328 -2.21 37.01 -8.49
CA THR A 328 -1.36 38.01 -7.85
C THR A 328 0.08 37.58 -7.63
N GLU A 329 0.36 36.29 -7.66
CA GLU A 329 1.69 35.71 -7.48
C GLU A 329 2.45 35.46 -8.78
N ASP A 330 1.81 34.89 -9.80
CA ASP A 330 2.48 34.72 -11.08
C ASP A 330 3.05 36.05 -11.54
N GLN A 331 2.41 37.13 -11.13
CA GLN A 331 2.86 38.46 -11.50
C GLN A 331 4.13 38.84 -10.76
N PHE A 332 4.20 38.54 -9.47
CA PHE A 332 5.39 38.91 -8.70
C PHE A 332 6.63 38.25 -9.26
N PHE A 333 6.58 36.95 -9.49
CA PHE A 333 7.77 36.26 -9.95
C PHE A 333 8.08 36.57 -11.40
N MET A 334 7.05 36.79 -12.20
CA MET A 334 7.28 37.20 -13.59
C MET A 334 8.16 38.43 -13.63
N TYR A 335 7.93 39.37 -12.73
CA TYR A 335 8.78 40.56 -12.69
C TYR A 335 10.08 40.35 -11.93
N LEU A 336 10.00 39.76 -10.75
CA LEU A 336 11.21 39.54 -9.98
C LEU A 336 12.28 38.93 -10.85
N ARG A 337 11.87 37.99 -11.70
CA ARG A 337 12.72 37.37 -12.70
C ARG A 337 13.24 38.43 -13.65
N VAL A 338 12.32 39.05 -14.38
CA VAL A 338 12.66 40.05 -15.40
C VAL A 338 13.51 41.18 -14.82
N ASN A 339 13.08 41.77 -13.72
CA ASN A 339 13.88 42.85 -13.13
C ASN A 339 15.28 42.37 -12.81
N THR A 340 15.40 41.22 -12.18
CA THR A 340 16.72 40.68 -11.88
C THR A 340 17.50 40.43 -13.16
N LEU A 341 16.81 39.92 -14.17
CA LEU A 341 17.49 39.52 -15.39
C LEU A 341 18.00 40.74 -16.13
N ASN A 342 17.16 41.75 -16.26
CA ASN A 342 17.53 42.95 -16.98
C ASN A 342 18.65 43.69 -16.30
N LYS A 343 18.85 43.51 -15.01
CA LYS A 343 19.99 44.18 -14.39
C LYS A 343 21.20 43.29 -14.19
N LEU A 344 21.03 41.97 -14.18
CA LEU A 344 22.19 41.16 -13.86
C LEU A 344 22.83 40.60 -15.11
N VAL A 345 22.04 40.33 -16.14
CA VAL A 345 22.60 39.87 -17.40
C VAL A 345 23.56 40.89 -17.96
N PRO A 346 23.24 42.19 -18.05
CA PRO A 346 24.21 43.13 -18.58
C PRO A 346 25.44 43.33 -17.72
N TYR A 347 25.31 43.37 -16.40
CA TYR A 347 26.50 43.44 -15.57
C TYR A 347 27.40 42.24 -15.86
N ALA A 348 26.82 41.05 -15.94
CA ALA A 348 27.62 39.89 -16.30
C ALA A 348 28.19 40.04 -17.70
N ALA A 349 27.34 40.40 -18.67
CA ALA A 349 27.81 40.56 -20.05
C ALA A 349 29.01 41.46 -20.12
N GLN A 350 28.97 42.60 -19.40
CA GLN A 350 30.10 43.52 -19.34
C GLN A 350 31.25 42.99 -18.50
N ARG A 351 30.97 42.41 -17.34
CA ARG A 351 32.03 41.85 -16.50
C ARG A 351 32.94 40.89 -17.26
N PHE A 352 32.36 40.17 -18.21
CA PHE A 352 33.10 39.29 -19.09
C PHE A 352 33.95 40.08 -20.06
N ILE A 353 33.33 41.04 -20.77
CA ILE A 353 34.09 41.84 -21.72
C ILE A 353 35.19 42.65 -21.04
N ASP A 354 34.97 43.12 -19.81
CA ASP A 354 36.01 43.91 -19.15
C ASP A 354 37.24 43.06 -18.81
N ASN A 355 37.05 41.86 -18.33
CA ASN A 355 38.16 41.02 -17.91
C ASN A 355 38.53 39.97 -18.94
N LEU A 356 38.05 40.11 -20.17
CA LEU A 356 38.27 39.16 -21.24
C LEU A 356 39.69 38.62 -21.40
N PRO A 357 40.74 39.38 -21.13
CA PRO A 357 42.09 38.79 -21.21
C PRO A 357 42.37 37.73 -20.15
N ALA A 358 42.06 38.00 -18.89
CA ALA A 358 42.29 36.97 -17.89
C ALA A 358 41.32 35.81 -18.07
N ILE A 359 40.16 36.09 -18.65
CA ILE A 359 39.15 35.07 -18.87
C ILE A 359 39.51 34.21 -20.04
N PHE A 360 40.19 34.78 -21.03
CA PHE A 360 40.55 34.03 -22.22
C PHE A 360 41.71 33.11 -21.91
N ALA A 361 42.68 33.62 -21.17
CA ALA A 361 43.71 32.76 -20.63
C ALA A 361 43.13 31.75 -19.65
N GLY A 362 41.94 32.02 -19.13
CA GLY A 362 41.31 31.13 -18.18
C GLY A 362 42.00 31.11 -16.86
N THR A 363 42.51 32.25 -16.43
CA THR A 363 43.20 32.36 -15.16
C THR A 363 42.51 33.30 -14.22
N PHE A 364 41.49 34.01 -14.70
CA PHE A 364 40.66 34.96 -13.97
C PHE A 364 40.09 34.25 -12.75
N ASN A 365 40.52 34.60 -11.56
CA ASN A 365 40.15 33.84 -10.36
C ASN A 365 38.88 34.31 -9.68
N HIS A 366 37.86 34.77 -10.39
CA HIS A 366 36.62 35.20 -9.76
C HIS A 366 35.47 34.81 -10.67
N ALA A 367 34.26 34.85 -10.15
CA ALA A 367 33.09 34.60 -10.97
C ALA A 367 32.51 35.91 -11.43
N LEU A 368 31.76 35.86 -12.53
CA LEU A 368 31.29 37.11 -13.11
C LEU A 368 30.38 37.88 -12.16
N LEU A 369 29.79 37.25 -11.15
CA LEU A 369 28.94 37.97 -10.21
C LEU A 369 29.64 37.87 -8.86
N GLU A 370 30.52 38.81 -8.62
CA GLU A 370 31.27 38.91 -7.39
C GLU A 370 31.73 40.34 -7.38
N ASP A 371 32.18 40.80 -6.23
CA ASP A 371 31.76 40.22 -4.97
C ASP A 371 31.17 41.47 -4.39
N ALA A 372 32.04 42.46 -4.23
CA ALA A 372 31.67 43.80 -3.78
C ALA A 372 30.78 44.49 -4.79
N SER A 373 29.66 43.86 -5.16
CA SER A 373 28.75 44.42 -6.14
C SER A 373 27.37 44.43 -5.55
N GLU A 374 26.61 45.51 -5.77
CA GLU A 374 25.20 45.44 -5.40
C GLU A 374 24.50 44.36 -6.20
N CYS A 375 24.98 44.11 -7.41
CA CYS A 375 24.40 43.08 -8.25
C CYS A 375 24.77 41.70 -7.73
N SER A 376 26.03 41.51 -7.32
CA SER A 376 26.38 40.30 -6.62
C SER A 376 25.65 40.18 -5.29
N ASP A 377 25.34 41.31 -4.65
CA ASP A 377 24.62 41.26 -3.38
C ASP A 377 23.19 40.77 -3.57
N LEU A 378 22.54 41.18 -4.67
CA LEU A 378 21.17 40.76 -4.91
C LEU A 378 21.09 39.25 -5.02
N LEU A 379 22.11 38.64 -5.60
CA LEU A 379 22.13 37.19 -5.68
C LEU A 379 22.25 36.59 -4.29
N LYS A 380 23.14 37.14 -3.45
CA LYS A 380 23.29 36.62 -2.09
C LYS A 380 22.03 36.81 -1.27
N LEU A 381 21.24 37.83 -1.57
CA LEU A 381 19.97 38.02 -0.87
C LEU A 381 19.04 36.85 -1.11
N TYR A 382 18.80 36.51 -2.39
CA TYR A 382 17.94 35.38 -2.73
C TYR A 382 18.43 34.10 -2.09
N LYS A 383 19.74 33.88 -2.10
CA LYS A 383 20.26 32.66 -1.50
C LYS A 383 19.94 32.63 0.00
N ASN A 384 20.16 33.74 0.70
CA ASN A 384 19.96 33.73 2.14
C ASN A 384 18.50 33.57 2.53
N VAL A 385 17.58 34.13 1.76
CA VAL A 385 16.18 33.88 2.05
C VAL A 385 15.88 32.39 1.93
N ALA A 386 16.50 31.74 0.95
CA ALA A 386 16.23 30.32 0.72
C ALA A 386 16.87 29.45 1.79
N VAL A 387 18.12 29.71 2.15
CA VAL A 387 18.82 28.85 3.11
C VAL A 387 18.12 28.88 4.46
N LYS A 388 17.56 30.01 4.82
CA LYS A 388 16.95 30.19 6.13
C LYS A 388 15.49 29.76 6.16
N HIS A 389 14.77 29.96 5.07
CA HIS A 389 13.33 29.77 5.04
C HIS A 389 12.85 28.75 4.04
N VAL A 390 13.71 28.08 3.32
CA VAL A 390 13.22 27.06 2.40
C VAL A 390 13.97 25.77 2.68
N PHE A 391 15.28 25.83 2.59
CA PHE A 391 16.08 24.62 2.81
C PHE A 391 16.06 24.18 4.26
N SER A 392 15.53 25.00 5.16
CA SER A 392 15.44 24.68 6.56
C SER A 392 14.10 24.05 6.94
N HIS A 393 13.14 24.05 6.03
CA HIS A 393 11.85 23.43 6.26
C HIS A 393 12.05 21.96 6.65
N PRO A 394 11.24 21.41 7.55
CA PRO A 394 11.48 20.02 7.98
C PRO A 394 11.06 18.97 6.96
N ASP A 395 10.10 19.23 6.09
CA ASP A 395 9.78 18.20 5.10
C ASP A 395 10.90 18.07 4.08
N VAL A 396 11.59 19.17 3.80
CA VAL A 396 12.78 19.14 2.98
C VAL A 396 13.94 18.55 3.75
N GLU A 397 14.14 19.00 4.99
CA GLU A 397 15.25 18.49 5.78
C GLU A 397 14.99 17.01 5.98
N ARG A 398 13.72 16.61 6.01
CA ARG A 398 13.41 15.20 6.22
C ARG A 398 13.74 14.31 5.04
N LEU A 399 13.25 14.68 3.85
CA LEU A 399 13.60 13.91 2.67
C LEU A 399 15.06 13.88 2.27
N GLU A 400 15.84 14.87 2.71
CA GLU A 400 17.28 14.81 2.54
C GLU A 400 17.87 13.70 3.40
N LEU A 401 17.37 13.53 4.63
CA LEU A 401 17.89 12.50 5.51
C LEU A 401 17.65 11.11 4.95
N GLN A 402 16.50 10.91 4.31
CA GLN A 402 16.19 9.61 3.75
C GLN A 402 17.14 9.27 2.60
N GLY A 403 17.38 10.25 1.72
CA GLY A 403 18.24 10.00 0.58
C GLY A 403 19.62 9.57 0.99
N TYR A 404 20.13 10.13 2.09
CA TYR A 404 21.42 9.73 2.59
C TYR A 404 21.40 8.26 2.99
N ARG A 405 20.27 7.81 3.55
CA ARG A 405 20.14 6.40 3.91
C ARG A 405 19.97 5.52 2.69
N VAL A 406 19.13 5.94 1.76
CA VAL A 406 18.89 5.14 0.59
C VAL A 406 20.19 4.85 -0.11
N ILE A 407 20.99 5.88 -0.32
CA ILE A 407 22.23 5.69 -1.07
C ILE A 407 23.26 4.93 -0.25
N SER A 408 23.33 5.16 1.05
CA SER A 408 24.29 4.38 1.85
C SER A 408 23.86 2.94 1.99
N GLY A 409 22.56 2.68 2.07
CA GLY A 409 22.14 1.31 2.14
C GLY A 409 22.38 0.64 0.82
N LEU A 410 22.21 1.39 -0.25
CA LEU A 410 22.54 0.87 -1.56
C LEU A 410 24.01 0.52 -1.65
N LEU A 411 24.87 1.39 -1.12
CA LEU A 411 26.30 1.11 -1.18
C LEU A 411 26.64 -0.07 -0.30
N GLU A 412 26.04 -0.15 0.89
CA GLU A 412 26.32 -1.31 1.71
C GLU A 412 25.83 -2.57 1.04
N ILE A 413 24.75 -2.47 0.29
CA ILE A 413 24.25 -3.65 -0.40
C ILE A 413 25.27 -4.18 -1.38
N TYR A 414 25.96 -3.31 -2.09
CA TYR A 414 26.90 -3.77 -3.09
C TYR A 414 28.31 -3.92 -2.54
N ARG A 415 28.52 -3.64 -1.27
CA ARG A 415 29.83 -3.81 -0.66
C ARG A 415 30.44 -5.17 -1.00
N PRO A 416 29.66 -6.26 -1.13
CA PRO A 416 30.30 -7.55 -1.40
C PRO A 416 31.13 -7.62 -2.65
N LEU A 417 30.88 -6.78 -3.65
CA LEU A 417 31.74 -6.85 -4.84
C LEU A 417 33.04 -6.12 -4.59
N LEU A 418 33.02 -5.12 -3.72
CA LEU A 418 34.24 -4.45 -3.35
C LEU A 418 35.07 -5.28 -2.38
N SER A 419 34.51 -6.39 -1.91
CA SER A 419 35.22 -7.30 -1.02
C SER A 419 35.87 -8.46 -1.75
N LEU A 420 35.35 -8.86 -2.91
CA LEU A 420 35.99 -9.91 -3.68
C LEU A 420 37.43 -9.53 -4.01
N SER A 421 38.24 -10.55 -4.27
CA SER A 421 39.63 -10.36 -4.63
C SER A 421 39.81 -10.23 -6.13
N LEU A 422 40.97 -9.70 -6.51
CA LEU A 422 41.27 -9.48 -7.92
C LEU A 422 40.98 -10.73 -8.74
N SER A 423 41.46 -11.87 -8.28
CA SER A 423 41.27 -13.11 -9.02
C SER A 423 39.81 -13.50 -9.13
N ASP A 424 39.08 -13.43 -8.00
CA ASP A 424 37.69 -13.82 -8.02
C ASP A 424 36.86 -12.83 -8.82
N PHE A 425 37.15 -11.54 -8.68
CA PHE A 425 36.39 -10.56 -9.44
C PHE A 425 36.70 -10.72 -10.91
N THR A 426 37.99 -10.82 -11.26
CA THR A 426 38.36 -11.06 -12.64
C THR A 426 37.65 -12.27 -13.18
N GLU A 427 37.52 -13.31 -12.38
CA GLU A 427 36.70 -14.46 -12.77
C GLU A 427 35.27 -14.05 -13.05
N LEU A 428 34.68 -13.28 -12.14
CA LEU A 428 33.30 -12.88 -12.29
C LEU A 428 33.10 -12.06 -13.55
N VAL A 429 34.11 -11.32 -13.96
CA VAL A 429 34.00 -10.54 -15.18
C VAL A 429 33.94 -11.45 -16.39
N GLU A 430 34.90 -12.37 -16.47
CA GLU A 430 34.99 -13.27 -17.61
C GLU A 430 33.88 -14.29 -17.62
N LYS A 431 33.91 -15.18 -16.64
CA LYS A 431 32.84 -16.13 -16.47
C LYS A 431 31.70 -15.28 -15.98
N GLU A 432 30.76 -14.97 -16.88
CA GLU A 432 29.72 -14.00 -16.54
C GLU A 432 29.06 -14.37 -15.24
N ARG A 433 28.86 -15.67 -15.03
CA ARG A 433 28.24 -16.21 -13.83
C ARG A 433 29.19 -17.18 -13.15
N VAL A 434 29.56 -16.88 -11.91
CA VAL A 434 30.42 -17.75 -11.12
C VAL A 434 29.58 -18.52 -10.11
N LYS A 435 29.95 -19.78 -9.93
CA LYS A 435 29.19 -20.76 -9.16
C LYS A 435 29.27 -20.56 -7.65
N ARG A 436 30.46 -20.30 -7.11
CA ARG A 436 30.67 -20.16 -5.68
C ARG A 436 30.42 -18.74 -5.17
N PHE A 437 29.97 -17.84 -6.06
CA PHE A 437 29.60 -16.47 -5.72
C PHE A 437 28.22 -16.18 -6.30
N PRO A 438 27.16 -16.76 -5.72
CA PRO A 438 25.84 -16.52 -6.30
C PRO A 438 25.35 -15.11 -6.08
N ILE A 439 25.63 -14.55 -4.90
CA ILE A 439 25.13 -13.22 -4.58
C ILE A 439 25.92 -12.17 -5.36
N GLU A 440 27.23 -12.30 -5.44
CA GLU A 440 27.97 -11.31 -6.18
C GLU A 440 27.65 -11.39 -7.67
N SER A 441 27.39 -12.58 -8.20
CA SER A 441 27.07 -12.72 -9.61
C SER A 441 25.80 -11.97 -9.95
N ARG A 442 24.77 -12.21 -9.17
CA ARG A 442 23.49 -11.59 -9.44
C ARG A 442 23.55 -10.11 -9.16
N LEU A 443 24.45 -9.69 -8.27
CA LEU A 443 24.69 -8.27 -8.01
C LEU A 443 25.46 -7.65 -9.18
N PHE A 444 26.44 -8.39 -9.70
CA PHE A 444 27.22 -7.91 -10.85
C PHE A 444 26.33 -7.68 -12.05
N HIS A 445 25.35 -8.55 -12.24
CA HIS A 445 24.45 -8.42 -13.38
C HIS A 445 23.52 -7.24 -13.25
N LYS A 446 23.38 -6.68 -12.06
CA LYS A 446 22.49 -5.55 -11.90
C LYS A 446 23.09 -4.27 -12.45
N LEU A 447 24.41 -4.17 -12.47
CA LEU A 447 25.08 -2.96 -12.96
C LEU A 447 24.88 -2.78 -14.46
N SER A 448 24.45 -1.58 -14.84
CA SER A 448 24.19 -1.29 -16.25
C SER A 448 25.37 -1.67 -17.11
N THR A 449 25.10 -2.25 -18.29
CA THR A 449 26.19 -2.71 -19.14
C THR A 449 27.13 -1.58 -19.51
N ARG A 450 26.59 -0.39 -19.80
CA ARG A 450 27.44 0.75 -20.09
C ARG A 450 28.51 0.91 -19.02
N HIS A 451 28.11 0.78 -17.75
CA HIS A 451 29.05 0.94 -16.65
C HIS A 451 30.06 -0.19 -16.57
N ARG A 452 29.68 -1.38 -17.00
CA ARG A 452 30.59 -2.53 -16.98
C ARG A 452 31.61 -2.46 -18.10
N LEU A 453 31.16 -2.14 -19.31
CA LEU A 453 32.11 -2.02 -20.41
C LEU A 453 33.15 -0.98 -20.10
N ALA A 454 32.78 0.08 -19.41
CA ALA A 454 33.77 1.09 -19.10
C ALA A 454 34.84 0.53 -18.17
N TYR A 455 34.47 -0.37 -17.27
CA TYR A 455 35.45 -1.02 -16.42
C TYR A 455 36.30 -2.02 -17.18
N VAL A 456 35.66 -2.85 -18.00
CA VAL A 456 36.41 -3.81 -18.80
C VAL A 456 37.38 -3.08 -19.73
N GLU A 457 36.84 -2.15 -20.53
CA GLU A 457 37.67 -1.39 -21.44
C GLU A 457 38.79 -0.69 -20.71
N ALA A 458 38.51 -0.11 -19.55
CA ALA A 458 39.57 0.64 -18.88
C ALA A 458 40.62 -0.24 -18.25
N VAL A 459 40.24 -1.41 -17.75
CA VAL A 459 41.21 -2.29 -17.11
C VAL A 459 42.00 -3.07 -18.14
N SER A 460 41.38 -3.43 -19.27
CA SER A 460 42.10 -4.17 -20.29
C SER A 460 43.35 -3.44 -20.74
N LYS A 461 43.27 -2.11 -20.84
CA LYS A 461 44.43 -1.32 -21.25
C LYS A 461 45.54 -1.29 -20.20
N LEU A 462 45.45 -2.05 -19.09
CA LEU A 462 46.49 -1.93 -18.08
C LEU A 462 47.58 -2.98 -18.27
N PRO A 463 48.78 -2.71 -17.72
CA PRO A 463 49.86 -3.68 -17.77
C PRO A 463 49.67 -4.73 -16.69
N SER A 464 49.30 -5.95 -17.12
CA SER A 464 48.95 -7.00 -16.16
C SER A 464 50.08 -7.28 -15.19
N ASP A 465 51.32 -7.25 -15.67
CA ASP A 465 52.46 -7.59 -14.84
C ASP A 465 52.80 -6.46 -13.87
N SER A 466 52.52 -5.22 -14.25
CA SER A 466 52.83 -4.04 -13.45
C SER A 466 52.49 -4.29 -11.99
N PRO A 467 53.28 -3.78 -11.06
CA PRO A 467 52.92 -3.85 -9.64
C PRO A 467 51.87 -2.83 -9.26
N GLU A 468 51.50 -1.95 -10.18
CA GLU A 468 50.46 -0.96 -9.96
C GLU A 468 49.10 -1.54 -10.28
N PHE A 469 49.06 -2.56 -11.12
CA PHE A 469 47.81 -3.16 -11.61
C PHE A 469 46.79 -3.50 -10.55
N PRO A 470 47.12 -4.17 -9.45
CA PRO A 470 46.10 -4.44 -8.42
C PRO A 470 45.49 -3.19 -7.84
N LEU A 471 46.25 -2.11 -7.79
CA LEU A 471 45.75 -0.85 -7.30
C LEU A 471 44.84 -0.19 -8.31
N TRP A 472 45.16 -0.29 -9.60
CA TRP A 472 44.30 0.33 -10.59
C TRP A 472 43.01 -0.43 -10.75
N GLU A 473 43.08 -1.75 -10.69
CA GLU A 473 41.88 -2.55 -10.85
C GLU A 473 40.88 -2.17 -9.78
N TYR A 474 41.37 -1.86 -8.61
CA TYR A 474 40.43 -1.49 -7.58
C TYR A 474 39.89 -0.09 -7.80
N TYR A 475 40.73 0.87 -8.20
CA TYR A 475 40.19 2.16 -8.57
C TYR A 475 39.07 2.01 -9.57
N TYR A 476 39.34 1.29 -10.65
CA TYR A 476 38.32 1.13 -11.65
C TYR A 476 37.16 0.26 -11.20
N ARG A 477 37.29 -0.47 -10.09
CA ARG A 477 36.13 -1.18 -9.57
C ARG A 477 35.22 -0.29 -8.77
N CYS A 478 35.79 0.58 -7.92
CA CYS A 478 34.96 1.54 -7.21
C CYS A 478 34.38 2.57 -8.15
N ARG A 479 35.13 2.95 -9.16
CA ARG A 479 34.60 3.95 -10.05
C ARG A 479 33.40 3.35 -10.78
N LEU A 480 33.47 2.05 -11.06
CA LEU A 480 32.34 1.32 -11.67
C LEU A 480 31.11 1.35 -10.79
N LEU A 481 31.30 1.21 -9.50
CA LEU A 481 30.15 1.24 -8.61
C LEU A 481 29.61 2.64 -8.46
N GLN A 482 30.49 3.63 -8.30
CA GLN A 482 30.04 5.01 -8.19
C GLN A 482 29.33 5.44 -9.45
N ASP A 483 29.78 4.98 -10.62
CA ASP A 483 29.08 5.30 -11.86
C ASP A 483 27.66 4.79 -11.85
N TYR A 484 27.47 3.57 -11.39
CA TYR A 484 26.12 3.01 -11.37
C TYR A 484 25.21 3.86 -10.51
N ILE A 485 25.60 4.05 -9.26
CA ILE A 485 24.80 4.79 -8.29
C ILE A 485 24.56 6.22 -8.79
N SER A 486 25.62 6.94 -9.15
CA SER A 486 25.48 8.33 -9.57
C SER A 486 24.58 8.45 -10.78
N GLY A 487 24.61 7.48 -11.65
CA GLY A 487 23.79 7.56 -12.83
C GLY A 487 22.45 6.93 -12.57
N MET A 488 21.79 7.40 -11.54
CA MET A 488 20.53 6.84 -11.13
C MET A 488 19.60 8.00 -10.81
N THR A 489 18.32 7.75 -10.94
CA THR A 489 17.30 8.71 -10.61
C THR A 489 17.02 8.67 -9.13
N ASP A 490 16.56 9.80 -8.59
CA ASP A 490 16.06 9.83 -7.22
C ASP A 490 15.07 8.70 -7.00
N LEU A 491 14.26 8.40 -8.00
CA LEU A 491 13.20 7.42 -7.88
C LEU A 491 13.73 6.01 -8.03
N TYR A 492 14.63 5.78 -8.97
CA TYR A 492 15.18 4.46 -9.16
C TYR A 492 16.05 4.05 -7.98
N ALA A 493 16.74 4.99 -7.36
CA ALA A 493 17.53 4.65 -6.19
C ALA A 493 16.63 4.27 -5.03
N TRP A 494 15.50 4.93 -4.90
CA TRP A 494 14.62 4.59 -3.80
C TRP A 494 13.98 3.24 -4.06
N ASP A 495 13.61 2.95 -5.30
CA ASP A 495 12.98 1.66 -5.59
C ASP A 495 13.96 0.52 -5.42
N GLU A 496 15.18 0.69 -5.92
CA GLU A 496 16.20 -0.35 -5.78
C GLU A 496 16.49 -0.63 -4.32
N TYR A 497 16.60 0.41 -3.51
CA TYR A 497 16.87 0.19 -2.09
C TYR A 497 15.77 -0.63 -1.46
N ARG A 498 14.52 -0.39 -1.85
CA ARG A 498 13.43 -1.16 -1.28
C ARG A 498 13.28 -2.54 -1.92
N ARG A 499 13.36 -2.65 -3.23
CA ARG A 499 13.31 -3.98 -3.83
C ARG A 499 14.39 -4.87 -3.23
N LEU A 500 15.60 -4.35 -3.01
CA LEU A 500 16.70 -5.16 -2.53
C LEU A 500 16.78 -5.31 -1.03
N MET A 501 16.04 -4.54 -0.25
CA MET A 501 15.93 -4.82 1.18
C MET A 501 14.69 -5.65 1.44
N ALA A 502 14.00 -6.05 0.37
CA ALA A 502 12.85 -6.93 0.45
C ALA A 502 11.74 -6.35 1.30
N VAL A 503 11.51 -5.04 1.19
CA VAL A 503 10.37 -4.41 1.86
C VAL A 503 9.25 -4.08 0.89
N GLU A 504 9.43 -4.35 -0.40
CA GLU A 504 8.35 -4.19 -1.37
C GLU A 504 8.23 -5.43 -2.26
N ALA B 2 1.93 11.45 66.06
CA ALA B 2 1.99 12.77 65.43
C ALA B 2 0.68 13.03 64.70
N GLN B 3 0.01 14.11 65.08
CA GLN B 3 -1.43 14.23 64.85
C GLN B 3 -1.75 14.24 63.36
N ILE B 4 -2.85 13.59 63.01
CA ILE B 4 -3.30 13.49 61.63
C ILE B 4 -3.95 14.84 61.32
N ASP B 5 -3.19 15.72 60.68
CA ASP B 5 -3.64 17.07 60.33
C ASP B 5 -3.47 17.31 58.84
N PHE B 6 -4.58 17.33 58.12
CA PHE B 6 -4.54 17.48 56.68
C PHE B 6 -4.38 18.94 56.23
N ARG B 7 -4.34 19.89 57.16
CA ARG B 7 -3.93 21.23 56.81
C ARG B 7 -2.46 21.27 56.40
N LYS B 8 -1.68 20.32 56.89
CA LYS B 8 -0.24 20.21 56.65
C LYS B 8 0.10 19.45 55.38
N LYS B 9 -0.91 18.87 54.71
CA LYS B 9 -0.70 18.12 53.49
C LYS B 9 -1.43 18.74 52.31
N ILE B 10 -2.74 18.93 52.42
CA ILE B 10 -3.57 19.44 51.33
C ILE B 10 -3.22 20.91 51.14
N ASN B 11 -2.11 21.12 50.48
CA ASN B 11 -1.50 22.42 50.27
C ASN B 11 -2.25 23.18 49.17
N TRP B 12 -2.06 24.50 49.13
CA TRP B 12 -2.64 25.29 48.07
C TRP B 12 -1.57 26.16 47.39
N HIS B 13 -0.30 25.80 47.54
CA HIS B 13 0.84 26.54 47.01
C HIS B 13 1.37 25.92 45.72
N ARG B 14 2.07 26.75 44.96
CA ARG B 14 2.81 26.31 43.80
C ARG B 14 4.29 26.68 43.96
N ARG B 15 5.13 26.10 43.09
CA ARG B 15 6.56 26.39 43.06
C ARG B 15 6.84 27.70 42.32
N TYR B 16 6.02 28.03 41.34
CA TYR B 16 6.19 29.25 40.55
C TYR B 16 4.96 30.12 40.65
N ARG B 17 5.20 31.42 40.85
CA ARG B 17 4.19 32.47 41.02
C ARG B 17 3.03 32.05 41.90
N SER B 18 3.40 31.51 43.17
CA SER B 18 2.35 30.99 44.06
C SER B 18 1.69 32.11 44.85
N PRO B 19 0.41 31.95 45.17
CA PRO B 19 -0.27 32.91 46.05
C PRO B 19 -0.07 32.64 47.54
N GLN B 20 0.03 33.73 48.32
CA GLN B 20 0.19 33.64 49.77
C GLN B 20 -0.80 34.57 50.46
N GLY B 21 -1.52 34.05 51.46
CA GLY B 21 -2.31 34.89 52.35
C GLY B 21 -3.70 34.36 52.65
N VAL B 22 -3.97 34.00 53.91
CA VAL B 22 -5.29 33.58 54.39
C VAL B 22 -5.90 32.51 53.49
N LYS B 23 -6.80 32.96 52.60
CA LYS B 23 -7.56 32.24 51.58
C LYS B 23 -8.80 31.57 52.16
N THR B 24 -9.98 32.06 51.73
CA THR B 24 -11.25 31.48 52.15
C THR B 24 -11.37 30.04 51.66
N GLU B 25 -12.32 29.31 52.22
CA GLU B 25 -12.60 27.96 51.75
C GLU B 25 -13.06 27.96 50.31
N HIS B 26 -13.81 28.98 49.88
CA HIS B 26 -14.17 29.07 48.47
C HIS B 26 -12.95 29.41 47.63
N GLU B 27 -11.99 30.14 48.19
CA GLU B 27 -10.77 30.46 47.47
C GLU B 27 -9.90 29.22 47.25
N ILE B 28 -9.88 28.30 48.22
CA ILE B 28 -9.08 27.06 48.13
C ILE B 28 -9.67 26.06 47.13
N LEU B 29 -10.99 26.06 46.92
CA LEU B 29 -11.57 25.18 45.91
C LEU B 29 -11.13 25.62 44.51
N ARG B 30 -11.29 26.90 44.20
CA ARG B 30 -10.91 27.60 42.98
C ARG B 30 -9.48 27.33 42.55
N ILE B 31 -8.62 27.30 43.55
CA ILE B 31 -7.19 27.10 43.36
C ILE B 31 -6.90 25.68 42.90
N PHE B 32 -7.70 24.71 43.32
CA PHE B 32 -7.54 23.34 42.83
C PHE B 32 -8.35 23.07 41.58
N GLU B 33 -9.44 23.80 41.39
CA GLU B 33 -10.18 23.71 40.14
C GLU B 33 -9.43 24.36 39.00
N SER B 34 -8.49 25.27 39.29
CA SER B 34 -7.64 25.79 38.23
C SER B 34 -6.66 24.73 37.76
N ASP B 35 -6.18 23.88 38.66
CA ASP B 35 -5.34 22.77 38.26
C ASP B 35 -6.09 21.90 37.26
N ARG B 36 -7.37 21.66 37.55
CA ARG B 36 -8.21 20.82 36.71
C ARG B 36 -8.16 21.29 35.27
N GLY B 37 -8.33 22.59 35.05
CA GLY B 37 -8.28 23.13 33.70
C GLY B 37 -6.94 22.93 33.01
N ARG B 38 -5.86 22.85 33.77
CA ARG B 38 -4.57 22.62 33.13
C ARG B 38 -4.36 21.16 32.77
N ILE B 39 -4.78 20.24 33.63
CA ILE B 39 -4.57 18.83 33.34
C ILE B 39 -5.44 18.40 32.18
N ILE B 40 -6.72 18.74 32.20
CA ILE B 40 -7.60 18.38 31.09
C ILE B 40 -7.17 19.07 29.80
N ASN B 41 -6.83 20.35 29.87
CA ASN B 41 -6.43 21.06 28.65
C ASN B 41 -4.97 20.89 28.32
N SER B 42 -4.37 19.98 28.84
CA SER B 42 -2.97 19.75 28.51
C SER B 42 -2.85 18.85 27.29
N PRO B 43 -1.94 19.14 26.37
CA PRO B 43 -1.73 18.22 25.26
C PRO B 43 -1.16 16.90 25.72
N ALA B 44 -0.47 16.86 26.86
CA ALA B 44 0.13 15.62 27.33
C ALA B 44 -0.93 14.59 27.63
N ILE B 45 -2.12 15.01 28.00
CA ILE B 45 -3.21 14.07 28.21
C ILE B 45 -4.00 13.75 26.97
N ARG B 46 -4.18 14.70 26.05
CA ARG B 46 -4.81 14.33 24.80
C ARG B 46 -4.01 13.22 24.13
N ARG B 47 -2.68 13.30 24.18
CA ARG B 47 -1.79 12.31 23.59
C ARG B 47 -2.09 10.89 24.06
N LEU B 48 -3.01 10.72 25.00
CA LEU B 48 -3.29 9.37 25.46
C LEU B 48 -4.24 8.62 24.55
N GLN B 49 -5.13 9.32 23.84
CA GLN B 49 -6.07 8.61 22.95
C GLN B 49 -5.40 7.92 21.81
N GLN B 50 -4.08 7.96 21.84
CA GLN B 50 -3.25 7.28 20.87
C GLN B 50 -2.18 6.40 21.49
N LYS B 51 -2.07 6.37 22.82
CA LYS B 51 -1.13 5.51 23.53
C LYS B 51 -1.74 4.15 23.86
N THR B 52 -0.86 3.17 24.10
CA THR B 52 -1.28 1.79 24.19
C THR B 52 -1.75 1.45 25.59
N GLN B 53 -2.85 0.72 25.66
CA GLN B 53 -3.36 0.13 26.90
C GLN B 53 -3.59 -1.34 26.57
N VAL B 54 -2.69 -2.19 27.04
CA VAL B 54 -2.77 -3.63 26.83
C VAL B 54 -2.79 -3.98 25.33
N PHE B 55 -3.75 -3.44 24.57
CA PHE B 55 -3.80 -3.70 23.13
C PHE B 55 -3.09 -2.62 22.32
N PRO B 56 -1.95 -2.92 21.72
CA PRO B 56 -1.27 -1.93 20.88
C PRO B 56 -2.07 -1.64 19.62
N LEU B 57 -2.12 -0.36 19.29
CA LEU B 57 -2.84 0.16 18.14
C LEU B 57 -4.14 -0.58 17.88
N GLU B 58 -5.01 -0.57 18.89
CA GLU B 58 -6.33 -1.17 18.72
C GLU B 58 -7.13 -0.30 17.77
N ARG B 59 -7.67 -0.90 16.72
CA ARG B 59 -8.23 -0.09 15.66
C ARG B 59 -9.71 0.21 15.86
N ASN B 60 -10.33 -0.30 16.91
CA ASN B 60 -11.71 0.02 17.21
C ASN B 60 -11.76 0.74 18.54
N ALA B 61 -12.36 1.93 18.54
CA ALA B 61 -12.40 2.74 19.75
C ALA B 61 -13.01 1.99 20.92
N ALA B 62 -13.77 0.92 20.65
CA ALA B 62 -14.44 0.23 21.73
C ALA B 62 -13.46 -0.42 22.68
N VAL B 63 -12.24 -0.53 22.31
CA VAL B 63 -11.25 -1.03 23.25
C VAL B 63 -10.60 0.18 23.90
N ARG B 64 -10.15 0.01 25.14
CA ARG B 64 -9.63 1.14 25.89
C ARG B 64 -8.24 1.55 25.44
N THR B 65 -8.01 2.86 25.45
CA THR B 65 -6.71 3.49 25.29
C THR B 65 -6.17 3.83 26.66
N ARG B 66 -5.12 4.65 26.70
CA ARG B 66 -4.64 5.12 27.99
C ARG B 66 -5.55 6.21 28.53
N LEU B 67 -6.20 6.94 27.64
CA LEU B 67 -7.10 8.01 28.08
C LEU B 67 -8.38 7.44 28.65
N THR B 68 -9.06 6.58 27.90
CA THR B 68 -10.33 6.04 28.39
C THR B 68 -10.14 5.21 29.65
N HIS B 69 -9.05 4.47 29.75
CA HIS B 69 -8.78 3.76 31.00
C HIS B 69 -8.48 4.75 32.12
N SER B 70 -7.55 5.67 31.91
CA SER B 70 -7.28 6.68 32.93
C SER B 70 -8.53 7.47 33.28
N MET B 71 -9.47 7.58 32.33
CA MET B 71 -10.73 8.27 32.61
C MET B 71 -11.63 7.46 33.53
N GLU B 72 -11.64 6.15 33.36
CA GLU B 72 -12.48 5.31 34.19
C GLU B 72 -11.86 5.14 35.56
N VAL B 73 -10.54 5.12 35.64
CA VAL B 73 -9.87 5.17 36.94
C VAL B 73 -10.24 6.44 37.68
N GLN B 74 -10.41 7.54 36.93
CA GLN B 74 -10.77 8.82 37.56
C GLN B 74 -12.05 8.68 38.36
N GLN B 75 -13.00 7.93 37.84
CA GLN B 75 -14.30 7.73 38.46
C GLN B 75 -14.22 6.76 39.63
N VAL B 76 -13.28 5.83 39.61
CA VAL B 76 -13.09 4.91 40.73
C VAL B 76 -12.45 5.60 41.91
N GLY B 77 -11.55 6.56 41.68
CA GLY B 77 -11.00 7.29 42.79
C GLY B 77 -12.03 8.21 43.42
N ARG B 78 -12.95 8.73 42.61
CA ARG B 78 -14.05 9.53 43.12
C ARG B 78 -14.92 8.72 44.07
N TYR B 79 -15.41 7.57 43.60
CA TYR B 79 -16.27 6.69 44.38
C TYR B 79 -15.59 6.19 45.66
N ILE B 80 -14.27 6.35 45.77
CA ILE B 80 -13.54 5.94 46.98
C ILE B 80 -13.30 7.10 47.93
N ALA B 81 -12.88 8.25 47.42
CA ALA B 81 -12.78 9.40 48.30
C ALA B 81 -14.13 9.71 48.91
N LYS B 82 -15.18 9.62 48.12
CA LYS B 82 -16.53 9.87 48.61
C LYS B 82 -16.94 8.87 49.68
N GLU B 83 -16.41 7.64 49.61
CA GLU B 83 -16.66 6.64 50.64
C GLU B 83 -15.63 6.64 51.76
N ILE B 84 -14.45 7.21 51.53
CA ILE B 84 -13.47 7.39 52.59
C ILE B 84 -13.83 8.56 53.52
N LEU B 85 -14.19 9.72 52.95
CA LEU B 85 -14.54 10.89 53.75
C LEU B 85 -15.91 10.79 54.39
N SER B 86 -16.90 10.26 53.66
CA SER B 86 -18.24 10.14 54.22
C SER B 86 -18.21 9.25 55.45
N ARG B 87 -17.44 8.18 55.38
CA ARG B 87 -17.30 7.32 56.54
C ARG B 87 -16.54 8.06 57.63
N LEU B 88 -15.67 9.01 57.26
CA LEU B 88 -14.91 9.77 58.24
C LEU B 88 -15.70 10.89 58.91
N LYS B 89 -16.64 11.50 58.18
CA LYS B 89 -17.42 12.57 58.79
C LYS B 89 -18.38 12.02 59.82
N GLU B 90 -18.84 10.79 59.60
CA GLU B 90 -19.67 10.12 60.58
C GLU B 90 -18.88 9.63 61.78
N LEU B 91 -17.62 9.26 61.59
CA LEU B 91 -16.82 8.77 62.71
C LEU B 91 -15.32 9.06 62.62
N LYS B 92 -14.82 9.89 63.53
CA LYS B 92 -15.63 10.74 64.42
C LYS B 92 -16.34 11.88 63.62
N LEU B 93 -15.68 12.77 62.83
CA LEU B 93 -14.27 13.21 62.91
C LEU B 93 -14.09 14.38 61.97
N LEU B 94 -13.67 14.09 60.75
CA LEU B 94 -13.37 15.10 59.73
C LEU B 94 -12.73 16.36 60.27
N GLU B 95 -13.44 17.07 61.13
CA GLU B 95 -12.93 18.32 61.67
C GLU B 95 -11.74 18.09 62.57
N ALA B 96 -11.64 16.91 63.19
CA ALA B 96 -10.46 16.61 63.96
C ALA B 96 -9.26 16.34 63.07
N TYR B 97 -9.46 16.06 61.78
CA TYR B 97 -8.33 15.86 60.89
C TYR B 97 -8.05 17.05 59.98
N GLY B 98 -8.86 18.11 60.06
CA GLY B 98 -8.67 19.25 59.18
C GLY B 98 -9.39 19.14 57.86
N LEU B 99 -10.13 18.06 57.61
CA LEU B 99 -10.78 17.82 56.33
C LEU B 99 -12.13 18.50 56.21
N ASP B 100 -12.57 19.17 57.27
CA ASP B 100 -13.87 19.83 57.25
C ASP B 100 -13.93 20.93 56.21
N GLU B 101 -12.80 21.56 55.93
CA GLU B 101 -12.73 22.62 54.94
C GLU B 101 -11.96 22.21 53.70
N LEU B 102 -11.36 21.01 53.72
CA LEU B 102 -10.59 20.51 52.59
C LEU B 102 -11.27 19.30 51.94
N THR B 103 -12.60 19.33 51.87
CA THR B 103 -13.30 18.17 51.32
C THR B 103 -13.23 18.14 49.79
N GLY B 104 -13.44 19.27 49.15
CA GLY B 104 -13.38 19.34 47.71
C GLY B 104 -11.98 19.07 47.20
N PRO B 105 -10.98 19.75 47.76
CA PRO B 105 -9.60 19.45 47.36
C PRO B 105 -9.22 17.99 47.54
N PHE B 106 -9.71 17.33 48.58
CA PHE B 106 -9.39 15.91 48.79
C PHE B 106 -9.86 15.10 47.59
N GLU B 107 -11.11 15.32 47.16
CA GLU B 107 -11.62 14.63 46.00
C GLU B 107 -10.86 15.03 44.74
N SER B 108 -10.77 16.33 44.46
CA SER B 108 -10.14 16.80 43.23
C SER B 108 -8.71 16.31 43.07
N ILE B 109 -7.93 16.27 44.15
CA ILE B 109 -6.55 15.81 44.04
C ILE B 109 -6.49 14.38 43.52
N VAL B 110 -7.33 13.50 44.08
CA VAL B 110 -7.33 12.12 43.61
C VAL B 110 -7.78 12.05 42.16
N GLU B 111 -8.97 12.59 41.90
CA GLU B 111 -9.55 12.61 40.56
C GLU B 111 -8.56 13.12 39.51
N MET B 112 -7.85 14.22 39.80
CA MET B 112 -6.94 14.75 38.80
C MET B 112 -5.66 13.93 38.74
N SER B 113 -5.03 13.65 39.89
CA SER B 113 -3.83 12.82 39.82
C SER B 113 -4.13 11.38 39.45
N CYS B 114 -5.41 11.01 39.26
CA CYS B 114 -5.77 9.72 38.67
C CYS B 114 -5.70 9.75 37.16
N LEU B 115 -6.10 10.86 36.56
CA LEU B 115 -5.99 11.01 35.13
C LEU B 115 -4.54 11.06 34.67
N MET B 116 -3.61 11.37 35.58
CA MET B 116 -2.24 11.66 35.22
C MET B 116 -1.27 10.53 35.50
N HIS B 117 -1.68 9.44 36.14
CA HIS B 117 -0.82 8.28 36.03
C HIS B 117 -0.78 7.88 34.56
N ASP B 118 0.27 7.15 34.18
CA ASP B 118 0.46 6.73 32.78
C ASP B 118 0.86 7.92 31.90
N ILE B 119 0.74 9.15 32.41
CA ILE B 119 1.03 10.29 31.57
C ILE B 119 2.47 10.24 31.11
N GLY B 120 3.33 9.64 31.90
CA GLY B 120 4.72 9.55 31.54
C GLY B 120 5.07 8.23 30.91
N ASN B 121 4.11 7.43 30.57
CA ASN B 121 4.42 6.12 30.02
C ASN B 121 4.89 6.22 28.57
N PRO B 122 5.85 5.39 28.19
CA PRO B 122 6.44 5.49 26.85
C PRO B 122 5.51 4.92 25.80
N PRO B 123 5.83 5.10 24.52
CA PRO B 123 4.90 4.69 23.46
C PRO B 123 4.44 3.24 23.50
N PHE B 124 5.32 2.29 23.74
CA PHE B 124 4.89 0.90 23.66
C PHE B 124 4.90 0.22 25.02
N GLY B 125 4.37 0.92 26.02
CA GLY B 125 4.09 0.29 27.29
C GLY B 125 5.36 -0.12 27.99
N HIS B 126 5.33 -1.28 28.61
CA HIS B 126 6.52 -1.74 29.29
C HIS B 126 7.60 -2.14 28.32
N PHE B 127 7.31 -2.09 27.02
CA PHE B 127 8.32 -2.36 26.01
C PHE B 127 8.99 -1.10 25.53
N GLY B 128 8.39 0.06 25.74
CA GLY B 128 9.15 1.27 25.64
C GLY B 128 10.15 1.31 26.76
N GLU B 129 9.69 1.07 27.99
CA GLU B 129 10.58 0.98 29.13
C GLU B 129 11.71 0.00 28.84
N ALA B 130 11.37 -1.19 28.36
CA ALA B 130 12.37 -2.20 28.04
C ALA B 130 13.37 -1.71 27.00
N ALA B 131 12.87 -1.41 25.79
CA ALA B 131 13.73 -0.97 24.69
C ALA B 131 14.71 0.11 25.10
N ILE B 132 14.27 1.03 25.95
CA ILE B 132 15.09 2.16 26.37
C ILE B 132 16.17 1.71 27.35
N ASN B 133 15.80 0.99 28.41
CA ASN B 133 16.83 0.56 29.35
C ASN B 133 17.80 -0.43 28.71
N ASP B 134 17.33 -1.29 27.82
CA ASP B 134 18.24 -2.20 27.16
C ASP B 134 19.21 -1.46 26.25
N TRP B 135 18.69 -0.53 25.43
CA TRP B 135 19.57 0.21 24.54
C TRP B 135 20.57 1.05 25.30
N PHE B 136 20.21 1.53 26.49
CA PHE B 136 21.19 2.32 27.20
C PHE B 136 22.14 1.45 28.00
N ARG B 137 21.70 0.27 28.45
CA ARG B 137 22.62 -0.63 29.13
C ARG B 137 23.76 -1.07 28.22
N GLN B 138 23.46 -1.40 26.96
CA GLN B 138 24.52 -1.79 26.03
C GLN B 138 25.57 -0.70 25.89
N ARG B 139 25.22 0.55 26.17
CA ARG B 139 26.14 1.67 26.04
C ARG B 139 26.85 2.00 27.36
N LEU B 140 26.11 2.07 28.46
CA LEU B 140 26.67 2.46 29.76
C LEU B 140 26.50 1.30 30.74
N HIS B 141 27.23 0.19 30.57
CA HIS B 141 27.00 -0.96 31.45
C HIS B 141 27.08 -0.57 32.92
N PRO B 142 25.97 -0.45 33.64
CA PRO B 142 26.06 -0.09 35.06
C PRO B 142 26.48 -1.26 35.92
N GLU B 143 26.47 -2.46 35.36
CA GLU B 143 26.86 -3.63 36.13
C GLU B 143 28.29 -3.53 36.61
N ASP B 144 29.15 -2.85 35.86
CA ASP B 144 30.56 -2.79 36.23
C ASP B 144 30.80 -1.75 37.31
N ALA B 145 30.07 -0.65 37.27
CA ALA B 145 30.28 0.42 38.23
C ALA B 145 29.47 0.19 39.49
N GLU B 146 29.27 -1.06 39.88
CA GLU B 146 28.54 -1.29 41.12
C GLU B 146 29.47 -1.17 42.33
N SER B 147 30.71 -1.65 42.21
CA SER B 147 31.67 -1.63 43.29
C SER B 147 32.66 -0.48 43.15
N GLN B 148 33.93 -0.82 42.91
CA GLN B 148 34.99 0.15 42.75
C GLN B 148 35.87 -0.17 41.57
N PRO B 149 37.11 0.31 41.57
CA PRO B 149 37.99 0.10 40.44
C PRO B 149 37.47 0.88 39.25
N LEU B 150 37.52 0.26 38.08
CA LEU B 150 38.08 -1.06 37.91
C LEU B 150 37.10 -2.03 37.30
N THR B 151 37.59 -2.91 36.44
CA THR B 151 38.99 -2.90 36.01
C THR B 151 39.05 -2.78 34.48
N ASP B 152 38.10 -3.45 33.83
CA ASP B 152 37.85 -3.28 32.41
C ASP B 152 36.42 -2.80 32.30
N ASP B 153 36.23 -1.49 32.31
CA ASP B 153 34.91 -0.89 32.31
C ASP B 153 34.23 -1.09 30.97
N ARG B 154 33.15 -1.85 30.95
CA ARG B 154 32.51 -2.07 29.67
C ARG B 154 31.75 -0.83 29.20
N CYS B 155 32.01 0.30 29.85
CA CYS B 155 31.30 1.53 29.53
C CYS B 155 31.79 2.11 28.22
N SER B 156 30.86 2.43 27.34
CA SER B 156 31.21 2.96 26.03
C SER B 156 31.46 4.45 26.05
N VAL B 157 31.18 5.13 27.16
CA VAL B 157 31.44 6.55 27.19
C VAL B 157 32.88 6.62 27.65
N ALA B 158 33.43 7.82 27.82
CA ALA B 158 34.79 7.98 28.28
C ALA B 158 34.80 8.76 29.58
N ALA B 159 34.23 9.94 29.57
CA ALA B 159 34.09 10.78 30.75
C ALA B 159 33.19 10.13 31.81
N LEU B 160 32.80 8.86 31.64
CA LEU B 160 31.93 8.16 32.57
C LEU B 160 32.50 6.86 33.11
N ARG B 161 33.61 6.35 32.57
CA ARG B 161 34.22 5.15 33.09
C ARG B 161 34.76 5.37 34.49
N LEU B 162 34.58 4.36 35.35
CA LEU B 162 35.07 4.45 36.71
C LEU B 162 36.57 4.57 36.69
N ARG B 163 37.08 5.69 37.16
CA ARG B 163 38.50 5.93 37.21
C ARG B 163 38.82 6.39 38.63
N ASP B 164 39.77 5.75 39.31
CA ASP B 164 40.59 4.64 38.85
C ASP B 164 41.03 3.82 40.10
N GLY B 165 41.74 4.38 41.09
CA GLY B 165 42.29 5.74 41.14
C GLY B 165 41.32 6.92 41.23
N GLU B 166 40.73 7.12 42.39
CA GLU B 166 39.76 8.20 42.60
C GLU B 166 40.35 9.58 42.28
N GLU B 167 39.57 10.64 42.11
CA GLU B 167 38.12 10.70 41.79
C GLU B 167 37.07 10.05 42.72
N PRO B 168 36.63 10.80 43.74
CA PRO B 168 35.44 10.39 44.48
C PRO B 168 34.19 10.75 43.73
N LEU B 169 34.37 11.48 42.63
CA LEU B 169 33.39 11.80 41.60
C LEU B 169 33.01 10.59 40.77
N ASN B 170 33.60 9.41 41.01
CA ASN B 170 33.07 8.21 40.38
C ASN B 170 31.68 7.93 40.89
N GLU B 171 31.32 8.53 42.02
CA GLU B 171 29.95 8.36 42.49
C GLU B 171 28.96 9.04 41.58
N LEU B 172 29.28 10.25 41.11
CA LEU B 172 28.42 10.86 40.12
C LEU B 172 28.34 9.97 38.89
N ARG B 173 29.49 9.49 38.42
CA ARG B 173 29.52 8.54 37.32
C ARG B 173 28.66 7.33 37.65
N ARG B 174 28.80 6.83 38.87
CA ARG B 174 28.07 5.66 39.31
C ARG B 174 26.58 5.93 39.34
N LYS B 175 26.19 7.14 39.74
CA LYS B 175 24.78 7.50 39.78
C LYS B 175 24.19 7.60 38.38
N ILE B 176 24.84 8.36 37.50
CA ILE B 176 24.29 8.54 36.15
C ILE B 176 24.20 7.23 35.41
N ARG B 177 25.21 6.37 35.55
CA ARG B 177 25.24 5.11 34.83
C ARG B 177 24.05 4.24 35.18
N GLN B 178 23.39 4.48 36.32
CA GLN B 178 22.18 3.77 36.71
C GLN B 178 20.88 4.50 36.41
N ASP B 179 20.88 5.83 36.51
CA ASP B 179 19.66 6.62 36.28
C ASP B 179 19.16 6.43 34.85
N LEU B 180 20.06 6.55 33.88
CA LEU B 180 19.70 6.45 32.48
C LEU B 180 19.31 5.04 32.08
N CYS B 181 19.77 4.04 32.82
CA CYS B 181 19.40 2.66 32.53
C CYS B 181 18.15 2.23 33.29
N HIS B 182 17.53 3.15 34.03
CA HIS B 182 16.34 2.91 34.84
C HIS B 182 15.29 3.95 34.57
N PHE B 183 14.90 4.10 33.31
CA PHE B 183 13.77 4.97 32.99
C PHE B 183 12.50 4.27 33.40
N GLU B 184 11.52 5.05 33.88
CA GLU B 184 10.29 4.53 34.45
C GLU B 184 9.11 5.43 34.10
N GLY B 185 8.00 4.82 33.70
CA GLY B 185 6.83 5.60 33.33
C GLY B 185 6.45 6.62 34.40
N ASN B 186 6.57 6.24 35.66
CA ASN B 186 6.19 7.18 36.72
C ASN B 186 7.21 8.27 36.90
N ALA B 187 8.48 7.88 37.00
CA ALA B 187 9.54 8.85 37.26
C ALA B 187 9.58 9.89 36.16
N GLN B 188 9.30 9.45 34.94
CA GLN B 188 9.15 10.32 33.79
C GLN B 188 7.88 11.16 33.86
N GLY B 189 6.89 10.72 34.62
CA GLY B 189 5.71 11.55 34.78
C GLY B 189 6.00 12.80 35.61
N ILE B 190 6.86 12.66 36.61
CA ILE B 190 7.21 13.78 37.48
C ILE B 190 8.02 14.80 36.69
N ARG B 191 8.97 14.31 35.90
CA ARG B 191 9.75 15.17 35.04
C ARG B 191 8.85 15.90 34.05
N LEU B 192 7.79 15.22 33.64
CA LEU B 192 6.91 15.70 32.57
C LEU B 192 6.08 16.88 33.03
N VAL B 193 5.41 16.76 34.18
CA VAL B 193 4.51 17.81 34.65
C VAL B 193 5.28 19.06 35.08
N HIS B 194 6.50 18.89 35.55
CA HIS B 194 7.35 19.99 35.99
C HIS B 194 8.28 20.50 34.91
N THR B 195 9.35 19.74 34.66
CA THR B 195 10.46 20.25 33.85
C THR B 195 10.05 20.50 32.41
N LEU B 196 9.26 19.61 31.82
CA LEU B 196 8.97 19.70 30.40
C LEU B 196 7.66 20.39 30.08
N MET B 197 6.55 20.00 30.71
CA MET B 197 5.29 20.62 30.33
C MET B 197 5.06 21.94 31.06
N ARG B 198 5.61 22.11 32.24
CA ARG B 198 5.49 23.31 33.07
C ARG B 198 4.03 23.77 33.23
N MET B 199 3.29 23.03 34.03
CA MET B 199 1.96 23.48 34.43
C MET B 199 1.96 24.16 35.80
N ASN B 200 3.04 24.02 36.57
CA ASN B 200 3.24 24.73 37.83
C ASN B 200 2.30 24.21 38.92
N LEU B 201 1.78 23.00 38.75
CA LEU B 201 0.71 22.47 39.60
C LEU B 201 1.02 22.58 41.08
N THR B 202 -0.07 22.65 41.85
CA THR B 202 -0.09 22.75 43.31
C THR B 202 0.54 21.55 44.00
N TRP B 203 1.57 21.81 44.82
CA TRP B 203 2.37 20.80 45.51
C TRP B 203 1.57 19.59 45.95
N ALA B 204 0.33 19.81 46.40
CA ALA B 204 -0.51 18.68 46.76
C ALA B 204 -0.81 17.81 45.55
N GLN B 205 -1.17 18.45 44.44
CA GLN B 205 -1.47 17.73 43.21
C GLN B 205 -0.26 16.97 42.69
N VAL B 206 0.92 17.59 42.81
CA VAL B 206 2.15 17.00 42.29
C VAL B 206 2.66 15.91 43.22
N GLY B 207 2.13 15.81 44.43
CA GLY B 207 2.47 14.71 45.30
C GLY B 207 1.62 13.47 45.06
N GLY B 208 0.45 13.67 44.47
CA GLY B 208 -0.50 12.60 44.19
C GLY B 208 -0.11 11.70 43.04
N ILE B 209 0.93 12.06 42.28
CA ILE B 209 1.40 11.24 41.17
C ILE B 209 2.70 10.53 41.45
N LEU B 210 3.28 10.64 42.65
CA LEU B 210 4.52 9.93 42.92
C LEU B 210 4.20 8.55 43.46
N LYS B 211 3.97 7.62 42.55
CA LYS B 211 3.50 6.32 42.99
C LYS B 211 4.59 5.56 43.71
N TYR B 212 5.84 5.91 43.47
CA TYR B 212 6.96 5.28 44.13
C TYR B 212 7.92 6.33 44.68
N THR B 213 8.75 5.89 45.63
CA THR B 213 9.69 6.75 46.32
C THR B 213 11.13 6.39 46.04
N ARG B 214 11.38 5.47 45.09
CA ARG B 214 12.77 5.09 44.85
C ARG B 214 13.40 5.97 43.77
N PRO B 215 14.62 6.45 43.99
CA PRO B 215 15.30 7.23 42.95
C PRO B 215 15.94 6.33 41.91
N ALA B 216 15.81 6.72 40.64
CA ALA B 216 16.29 5.86 39.56
C ALA B 216 17.73 5.42 39.80
N TRP B 217 18.58 6.33 40.29
CA TRP B 217 19.99 6.00 40.46
C TRP B 217 20.24 5.01 41.58
N TRP B 218 19.21 4.60 42.31
CA TRP B 218 19.38 3.64 43.39
C TRP B 218 20.04 2.38 42.87
N ARG B 219 21.27 2.15 43.34
CA ARG B 219 22.08 0.99 42.90
C ARG B 219 22.02 -0.10 43.98
N GLY B 220 21.34 0.18 45.09
CA GLY B 220 21.27 -0.77 46.22
C GLY B 220 20.24 -1.87 46.04
N GLU B 221 20.15 -2.77 47.03
CA GLU B 221 19.20 -3.90 47.02
C GLU B 221 17.99 -3.59 47.87
N THR B 222 17.59 -2.31 47.90
CA THR B 222 16.42 -1.74 48.65
C THR B 222 16.59 -1.77 50.17
N PRO B 223 15.54 -1.43 50.93
CA PRO B 223 15.56 -1.47 52.39
C PRO B 223 14.67 -2.64 52.81
N GLU B 224 13.94 -2.47 53.91
CA GLU B 224 13.03 -3.54 54.41
C GLU B 224 11.71 -2.87 54.82
N THR B 225 11.80 -1.61 55.25
CA THR B 225 10.62 -0.82 55.68
C THR B 225 9.94 -0.29 54.42
N HIS B 226 10.69 0.42 53.59
CA HIS B 226 10.11 0.98 52.35
C HIS B 226 10.36 0.07 51.14
N HIS B 227 10.17 -1.17 51.41
CA HIS B 227 10.63 -2.31 50.67
C HIS B 227 9.64 -2.70 49.48
N TYR B 228 8.51 -2.00 49.63
CA TYR B 228 7.37 -1.88 48.73
C TYR B 228 7.44 -0.56 47.97
N LEU B 229 7.32 0.56 48.70
CA LEU B 229 7.23 1.89 48.07
C LEU B 229 8.42 2.20 47.20
N MET B 230 9.44 1.37 47.26
CA MET B 230 10.66 1.50 46.48
C MET B 230 10.87 0.32 45.54
N LYS B 231 9.79 -0.28 45.04
CA LYS B 231 9.97 -1.36 44.08
C LYS B 231 10.53 -0.82 42.77
N LYS B 232 9.92 0.23 42.25
CA LYS B 232 10.32 0.84 40.99
C LYS B 232 10.77 2.26 41.26
N PRO B 233 11.45 2.92 40.33
CA PRO B 233 11.80 4.32 40.52
C PRO B 233 10.59 5.21 40.40
N GLY B 234 10.59 6.29 41.17
CA GLY B 234 9.49 7.22 41.13
C GLY B 234 9.94 8.59 40.68
N TYR B 235 11.26 8.78 40.59
CA TYR B 235 11.81 10.03 40.14
C TYR B 235 13.25 9.86 39.70
N TYR B 236 13.71 10.80 38.90
CA TYR B 236 15.06 10.77 38.38
C TYR B 236 16.01 11.66 39.17
N LEU B 237 17.29 11.41 38.95
CA LEU B 237 18.34 12.29 39.44
C LEU B 237 18.14 13.72 38.96
N SER B 238 17.58 13.90 37.77
CA SER B 238 17.32 15.23 37.24
C SER B 238 16.31 16.01 38.09
N GLU B 239 15.68 15.36 39.07
CA GLU B 239 14.69 16.00 39.92
C GLU B 239 15.03 15.87 41.41
N GLU B 240 16.21 15.33 41.74
CA GLU B 240 16.64 15.16 43.12
C GLU B 240 16.37 16.40 43.96
N ALA B 241 16.64 17.59 43.40
CA ALA B 241 16.40 18.85 44.08
C ALA B 241 14.93 19.19 44.13
N TYR B 242 14.23 18.95 43.04
CA TYR B 242 12.79 19.23 43.01
C TYR B 242 12.06 18.38 44.02
N ILE B 243 12.46 17.11 44.17
CA ILE B 243 11.87 16.27 45.21
C ILE B 243 12.27 16.71 46.62
N ALA B 244 13.40 17.37 46.80
CA ALA B 244 13.69 17.86 48.14
C ALA B 244 12.66 18.90 48.56
N ARG B 245 12.47 19.93 47.75
CA ARG B 245 11.48 20.96 48.04
C ARG B 245 10.07 20.41 48.07
N LEU B 246 9.78 19.38 47.29
CA LEU B 246 8.47 18.77 47.37
C LEU B 246 8.32 17.95 48.65
N ARG B 247 9.39 17.26 49.07
CA ARG B 247 9.31 16.53 50.33
C ARG B 247 9.10 17.46 51.51
N LYS B 248 9.61 18.69 51.44
CA LYS B 248 9.35 19.64 52.50
C LYS B 248 7.90 20.10 52.48
N GLU B 249 7.51 20.86 51.45
CA GLU B 249 6.21 21.51 51.38
C GLU B 249 5.04 20.66 51.81
N LEU B 250 5.23 19.35 51.78
CA LEU B 250 4.22 18.40 52.16
C LEU B 250 4.60 17.68 53.45
N ASN B 251 5.71 18.07 54.06
CA ASN B 251 6.17 17.49 55.33
C ASN B 251 6.24 15.98 55.23
N LEU B 252 6.98 15.52 54.23
CA LEU B 252 7.21 14.12 53.97
C LEU B 252 8.64 13.79 54.31
N ALA B 253 8.85 12.67 54.98
CA ALA B 253 10.21 12.27 55.21
C ALA B 253 10.74 11.56 53.98
N LEU B 254 12.04 11.32 53.97
CA LEU B 254 12.65 10.65 52.84
C LEU B 254 12.02 9.29 52.63
N TYR B 255 11.63 9.00 51.38
CA TYR B 255 11.03 7.74 50.94
C TYR B 255 9.61 7.52 51.44
N SER B 256 8.94 8.54 51.94
CA SER B 256 7.57 8.42 52.40
C SER B 256 6.60 8.93 51.32
N ARG B 257 5.48 8.26 51.17
CA ARG B 257 4.54 8.62 50.11
C ARG B 257 3.56 9.68 50.56
N PHE B 258 2.99 10.31 49.59
CA PHE B 258 1.92 11.25 49.87
C PHE B 258 0.66 10.47 50.21
N PRO B 259 -0.09 10.91 51.21
CA PRO B 259 -1.22 10.09 51.71
C PRO B 259 -2.29 9.77 50.67
N LEU B 260 -2.44 10.54 49.61
CA LEU B 260 -3.54 10.25 48.69
C LEU B 260 -3.16 9.26 47.61
N THR B 261 -1.87 8.92 47.51
CA THR B 261 -1.40 8.04 46.46
C THR B 261 -1.96 6.64 46.61
N TRP B 262 -2.22 6.22 47.85
CA TRP B 262 -2.73 4.88 48.12
C TRP B 262 -4.13 4.73 47.58
N ILE B 263 -4.85 5.84 47.50
CA ILE B 263 -6.16 5.85 46.89
C ILE B 263 -6.02 5.60 45.41
N MET B 264 -5.05 6.27 44.81
CA MET B 264 -4.83 6.17 43.38
C MET B 264 -4.49 4.75 42.96
N GLU B 265 -3.58 4.07 43.67
CA GLU B 265 -3.25 2.70 43.30
C GLU B 265 -4.50 1.87 43.26
N ALA B 266 -5.40 2.12 44.19
CA ALA B 266 -6.62 1.36 44.25
C ALA B 266 -7.48 1.63 43.03
N ALA B 267 -7.71 2.91 42.71
CA ALA B 267 -8.50 3.20 41.53
C ALA B 267 -7.89 2.59 40.28
N ASP B 268 -6.56 2.51 40.23
CA ASP B 268 -5.88 1.90 39.10
C ASP B 268 -6.09 0.40 39.09
N ASP B 269 -5.66 -0.26 40.18
CA ASP B 269 -5.70 -1.71 40.35
C ASP B 269 -7.03 -2.28 39.88
N ILE B 270 -8.09 -1.58 40.23
CA ILE B 270 -9.45 -2.06 40.02
C ILE B 270 -10.01 -1.79 38.64
N SER B 271 -9.61 -0.71 37.98
CA SER B 271 -10.26 -0.42 36.71
C SER B 271 -9.66 -1.21 35.57
N TYR B 272 -8.37 -1.56 35.63
CA TYR B 272 -7.78 -2.27 34.50
C TYR B 272 -8.13 -3.75 34.48
N CYS B 273 -7.61 -4.53 35.43
CA CYS B 273 -7.86 -5.98 35.52
C CYS B 273 -9.26 -6.33 35.04
N VAL B 274 -10.25 -5.57 35.51
CA VAL B 274 -11.63 -5.85 35.13
C VAL B 274 -11.91 -5.42 33.71
N ALA B 275 -11.47 -4.22 33.35
CA ALA B 275 -11.79 -3.69 32.02
C ALA B 275 -11.07 -4.45 30.93
N ASP B 276 -9.92 -5.05 31.27
CA ASP B 276 -9.14 -5.77 30.28
C ASP B 276 -9.90 -6.99 29.80
N LEU B 277 -10.60 -7.66 30.72
CA LEU B 277 -11.38 -8.83 30.35
C LEU B 277 -12.60 -8.44 29.53
N GLU B 278 -13.12 -7.23 29.75
CA GLU B 278 -14.22 -6.75 28.93
C GLU B 278 -13.77 -6.61 27.50
N ASP B 279 -12.58 -6.07 27.30
CA ASP B 279 -12.03 -5.91 25.96
C ASP B 279 -11.75 -7.26 25.32
N ALA B 280 -11.11 -8.16 26.06
CA ALA B 280 -10.73 -9.46 25.48
C ALA B 280 -11.93 -10.13 24.84
N VAL B 281 -13.08 -10.04 25.50
CA VAL B 281 -14.31 -10.61 24.96
C VAL B 281 -14.74 -9.86 23.70
N GLU B 282 -14.52 -8.55 23.67
CA GLU B 282 -14.85 -7.75 22.49
C GLU B 282 -13.99 -8.15 21.31
N LYS B 283 -12.70 -8.39 21.57
CA LYS B 283 -11.76 -8.88 20.58
C LYS B 283 -11.95 -10.35 20.26
N ARG B 284 -13.06 -10.94 20.69
CA ARG B 284 -13.40 -12.32 20.36
C ARG B 284 -12.27 -13.30 20.73
N ILE B 285 -11.37 -12.92 21.64
CA ILE B 285 -10.38 -13.88 22.12
C ILE B 285 -11.09 -15.06 22.75
N PHE B 286 -12.19 -14.80 23.46
CA PHE B 286 -13.05 -15.84 24.00
C PHE B 286 -14.41 -15.23 24.24
N THR B 287 -15.34 -16.06 24.69
CA THR B 287 -16.69 -15.59 24.93
C THR B 287 -16.91 -15.38 26.41
N VAL B 288 -17.93 -14.59 26.73
CA VAL B 288 -18.32 -14.38 28.11
C VAL B 288 -18.49 -15.71 28.81
N GLU B 289 -19.01 -16.71 28.11
CA GLU B 289 -19.08 -18.04 28.67
C GLU B 289 -17.69 -18.64 28.84
N GLN B 290 -16.94 -18.72 27.74
CA GLN B 290 -15.58 -19.25 27.79
C GLN B 290 -14.82 -18.62 28.94
N LEU B 291 -15.04 -17.33 29.15
CA LEU B 291 -14.36 -16.61 30.21
C LEU B 291 -14.64 -17.22 31.57
N TYR B 292 -15.92 -17.44 31.89
CA TYR B 292 -16.30 -17.94 33.20
C TYR B 292 -15.47 -19.13 33.65
N HIS B 293 -15.41 -20.14 32.79
CA HIS B 293 -14.75 -21.41 33.09
C HIS B 293 -13.34 -21.13 33.54
N HIS B 294 -12.72 -20.16 32.89
CA HIS B 294 -11.38 -19.73 33.25
C HIS B 294 -11.34 -19.17 34.66
N LEU B 295 -12.44 -18.61 35.16
CA LEU B 295 -12.50 -18.04 36.50
C LEU B 295 -12.72 -19.07 37.60
N HIS B 296 -13.79 -19.88 37.53
CA HIS B 296 -13.94 -20.86 38.60
C HIS B 296 -12.90 -21.97 38.50
N GLU B 297 -12.35 -22.23 37.31
CA GLU B 297 -11.21 -23.14 37.22
C GLU B 297 -9.90 -22.48 37.64
N ALA B 298 -9.94 -21.20 38.01
CA ALA B 298 -8.79 -20.44 38.46
C ALA B 298 -8.89 -20.15 39.94
N TRP B 299 -10.06 -20.31 40.50
CA TRP B 299 -10.34 -20.01 41.89
C TRP B 299 -9.92 -21.19 42.74
N GLY B 300 -9.92 -20.99 44.05
CA GLY B 300 -9.44 -22.01 44.97
C GLY B 300 -10.01 -21.75 46.34
N GLN B 301 -10.21 -22.83 47.09
CA GLN B 301 -10.91 -22.82 48.37
C GLN B 301 -12.31 -22.22 48.27
N HIS B 302 -12.83 -22.07 47.04
CA HIS B 302 -14.18 -21.57 46.84
C HIS B 302 -15.19 -22.38 47.62
N GLU B 303 -15.05 -23.71 47.57
CA GLU B 303 -15.97 -24.62 48.22
C GLU B 303 -17.39 -24.25 47.85
N LYS B 304 -18.14 -23.74 48.83
CA LYS B 304 -19.52 -23.36 48.62
C LYS B 304 -19.65 -21.85 48.63
N GLY B 305 -20.70 -21.34 49.28
CA GLY B 305 -20.94 -19.91 49.30
C GLY B 305 -19.64 -19.19 49.67
N SER B 306 -19.33 -18.16 48.88
CA SER B 306 -18.07 -17.45 49.01
C SER B 306 -18.15 -16.18 48.18
N LEU B 307 -17.00 -15.60 47.87
CA LEU B 307 -17.01 -14.30 47.21
C LEU B 307 -17.33 -14.42 45.73
N PHE B 308 -16.70 -15.38 45.07
CA PHE B 308 -16.95 -15.67 43.67
C PHE B 308 -18.45 -15.67 43.42
N SER B 309 -19.21 -16.29 44.31
CA SER B 309 -20.65 -16.38 44.12
C SER B 309 -21.31 -15.01 44.20
N LEU B 310 -20.93 -14.19 45.16
CA LEU B 310 -21.60 -12.91 45.37
C LEU B 310 -21.43 -11.97 44.19
N VAL B 311 -20.34 -12.13 43.47
CA VAL B 311 -19.90 -11.17 42.46
C VAL B 311 -20.09 -11.71 41.04
N VAL B 312 -19.37 -12.77 40.70
CA VAL B 312 -19.40 -13.31 39.33
C VAL B 312 -20.54 -14.32 39.14
N GLU B 313 -20.66 -15.33 40.01
CA GLU B 313 -21.85 -16.18 39.97
C GLU B 313 -23.09 -15.32 39.90
N ASN B 314 -23.12 -14.30 40.77
CA ASN B 314 -24.25 -13.37 40.85
C ASN B 314 -24.55 -12.79 39.48
N ALA B 315 -23.51 -12.34 38.78
CA ALA B 315 -23.67 -11.78 37.44
C ALA B 315 -23.90 -12.86 36.38
N TRP B 316 -23.48 -14.09 36.64
CA TRP B 316 -23.66 -15.16 35.67
C TRP B 316 -25.13 -15.47 35.44
N GLU B 317 -25.91 -15.57 36.52
CA GLU B 317 -27.31 -15.90 36.38
C GLU B 317 -28.13 -14.70 35.94
N LYS B 318 -27.76 -13.52 36.45
CA LYS B 318 -28.37 -12.28 36.00
C LYS B 318 -28.22 -12.10 34.51
N SER B 319 -27.09 -12.56 33.94
CA SER B 319 -26.82 -12.41 32.52
C SER B 319 -27.65 -13.35 31.65
N ARG B 320 -27.67 -14.64 31.98
CA ARG B 320 -28.37 -15.64 31.17
C ARG B 320 -29.87 -15.37 31.16
N SER B 321 -30.27 -14.24 30.58
CA SER B 321 -31.66 -13.78 30.41
C SER B 321 -32.16 -13.15 31.71
N ASN B 322 -33.45 -12.81 31.74
CA ASN B 322 -34.10 -12.15 32.88
C ASN B 322 -33.55 -10.74 33.11
N SER B 323 -33.27 -10.03 32.00
CA SER B 323 -32.71 -8.69 31.83
C SER B 323 -31.59 -8.78 30.79
N LEU B 324 -31.34 -7.71 30.02
CA LEU B 324 -30.22 -7.74 29.08
C LEU B 324 -29.90 -6.36 28.53
N SER B 325 -30.46 -6.05 27.36
CA SER B 325 -30.28 -4.80 26.63
C SER B 325 -28.91 -4.65 26.00
N ARG B 326 -28.38 -5.75 25.43
CA ARG B 326 -27.25 -5.81 24.50
C ARG B 326 -26.96 -7.31 24.48
N SER B 327 -27.83 -8.06 25.18
CA SER B 327 -27.93 -9.49 25.30
C SER B 327 -26.90 -10.22 26.17
N THR B 328 -27.19 -10.32 27.47
CA THR B 328 -26.25 -10.99 28.36
C THR B 328 -24.77 -10.63 28.53
N GLU B 329 -24.05 -10.21 27.49
CA GLU B 329 -22.64 -9.97 27.76
C GLU B 329 -22.41 -8.56 28.29
N ASP B 330 -22.89 -7.56 27.54
CA ASP B 330 -22.81 -6.17 27.98
C ASP B 330 -23.44 -6.08 29.34
N GLN B 331 -24.39 -6.98 29.59
CA GLN B 331 -25.05 -7.14 30.87
C GLN B 331 -24.15 -7.75 31.91
N PHE B 332 -23.58 -8.90 31.59
CA PHE B 332 -22.64 -9.55 32.49
C PHE B 332 -21.60 -8.56 32.98
N PHE B 333 -21.09 -7.71 32.07
CA PHE B 333 -20.00 -6.82 32.43
C PHE B 333 -20.37 -5.66 33.39
N MET B 334 -21.43 -4.86 33.21
CA MET B 334 -21.73 -3.88 34.27
C MET B 334 -22.35 -4.46 35.49
N TYR B 335 -22.77 -5.72 35.51
CA TYR B 335 -22.95 -6.25 36.87
C TYR B 335 -21.61 -6.62 37.56
N LEU B 336 -20.83 -7.39 36.84
CA LEU B 336 -19.52 -7.79 37.32
C LEU B 336 -18.74 -6.55 37.70
N ARG B 337 -18.85 -5.49 36.91
CA ARG B 337 -18.27 -4.22 37.29
C ARG B 337 -18.86 -3.73 38.61
N VAL B 338 -20.19 -3.57 38.64
CA VAL B 338 -20.86 -3.09 39.86
C VAL B 338 -20.57 -3.99 41.06
N ASN B 339 -20.76 -5.30 40.91
CA ASN B 339 -20.60 -6.22 42.04
C ASN B 339 -19.21 -6.08 42.64
N THR B 340 -18.19 -6.08 41.78
CA THR B 340 -16.80 -5.94 42.18
C THR B 340 -16.59 -4.61 42.88
N LEU B 341 -17.30 -3.58 42.44
CA LEU B 341 -17.21 -2.22 42.94
C LEU B 341 -17.88 -2.02 44.29
N ASN B 342 -19.11 -2.52 44.45
CA ASN B 342 -19.82 -2.31 45.72
C ASN B 342 -19.15 -3.05 46.85
N LYS B 343 -18.49 -4.16 46.53
CA LYS B 343 -17.85 -5.04 47.50
C LYS B 343 -16.33 -4.85 47.58
N LEU B 344 -15.82 -3.68 47.19
CA LEU B 344 -14.36 -3.51 47.14
C LEU B 344 -13.95 -2.08 47.39
N VAL B 345 -14.71 -1.15 46.85
CA VAL B 345 -14.45 0.27 47.09
C VAL B 345 -14.53 0.55 48.58
N PRO B 346 -15.55 0.16 49.32
CA PRO B 346 -15.55 0.44 50.74
C PRO B 346 -14.48 -0.33 51.47
N TYR B 347 -14.22 -1.59 51.07
CA TYR B 347 -13.17 -2.34 51.73
C TYR B 347 -11.88 -1.55 51.68
N ALA B 348 -11.53 -1.08 50.49
CA ALA B 348 -10.34 -0.27 50.38
C ALA B 348 -10.48 0.96 51.25
N ALA B 349 -11.63 1.64 51.13
CA ALA B 349 -11.87 2.84 51.93
C ALA B 349 -11.53 2.58 53.39
N GLN B 350 -11.97 1.45 53.92
CA GLN B 350 -11.73 1.14 55.32
C GLN B 350 -10.25 1.03 55.60
N ARG B 351 -9.53 0.27 54.77
CA ARG B 351 -8.10 0.09 54.92
C ARG B 351 -7.37 1.41 55.04
N PHE B 352 -7.89 2.45 54.39
CA PHE B 352 -7.29 3.75 54.50
C PHE B 352 -7.49 4.32 55.89
N ILE B 353 -8.75 4.37 56.33
CA ILE B 353 -9.09 4.84 57.66
C ILE B 353 -8.46 3.94 58.72
N ASP B 354 -8.30 2.65 58.42
CA ASP B 354 -7.75 1.73 59.42
C ASP B 354 -6.29 2.06 59.76
N ASN B 355 -5.44 2.24 58.75
CA ASN B 355 -4.02 2.52 58.98
C ASN B 355 -3.65 3.96 58.72
N LEU B 356 -4.64 4.85 58.62
CA LEU B 356 -4.45 6.25 58.25
C LEU B 356 -3.22 6.90 58.91
N PRO B 357 -2.76 6.51 60.10
CA PRO B 357 -1.48 7.04 60.59
C PRO B 357 -0.23 6.62 59.82
N ALA B 358 -0.02 5.32 59.60
CA ALA B 358 1.13 4.91 58.80
C ALA B 358 0.94 5.27 57.34
N ILE B 359 -0.32 5.39 56.93
CA ILE B 359 -0.70 5.79 55.60
C ILE B 359 -0.60 7.29 55.42
N PHE B 360 -0.77 8.09 56.47
CA PHE B 360 -0.60 9.54 56.38
C PHE B 360 0.82 10.00 56.67
N ALA B 361 1.46 9.45 57.71
CA ALA B 361 2.88 9.69 57.90
C ALA B 361 3.65 9.20 56.70
N GLY B 362 3.01 8.36 55.88
CA GLY B 362 3.58 7.83 54.66
C GLY B 362 4.66 6.85 55.02
N THR B 363 4.30 5.61 55.30
CA THR B 363 5.33 4.65 55.63
C THR B 363 4.74 3.26 55.51
N PHE B 364 3.42 3.21 55.42
CA PHE B 364 2.69 1.95 55.32
C PHE B 364 3.17 1.14 54.13
N ASN B 365 3.84 0.04 54.39
CA ASN B 365 4.51 -0.72 53.34
C ASN B 365 3.60 -1.67 52.64
N HIS B 366 2.36 -1.25 52.47
CA HIS B 366 1.35 -2.08 51.85
C HIS B 366 0.43 -1.17 51.06
N ALA B 367 -0.32 -1.77 50.15
CA ALA B 367 -1.36 -1.04 49.46
C ALA B 367 -2.72 -1.55 49.92
N LEU B 368 -3.71 -0.68 49.80
CA LEU B 368 -5.06 -0.98 50.22
C LEU B 368 -5.70 -2.08 49.39
N LEU B 369 -5.02 -3.23 49.27
CA LEU B 369 -5.47 -4.45 48.58
C LEU B 369 -4.38 -5.51 48.55
N GLU B 370 -3.50 -5.52 49.55
CA GLU B 370 -2.38 -6.46 49.51
C GLU B 370 -2.67 -7.75 50.27
N ASP B 371 -3.38 -7.66 51.38
CA ASP B 371 -3.42 -8.77 52.32
C ASP B 371 -4.15 -9.94 51.70
N ALA B 372 -3.85 -11.14 52.20
CA ALA B 372 -4.45 -12.36 51.68
C ALA B 372 -5.95 -12.37 51.92
N SER B 373 -6.58 -11.20 52.01
CA SER B 373 -7.99 -11.14 52.28
C SER B 373 -8.73 -11.67 51.07
N GLU B 374 -9.85 -12.35 51.30
CA GLU B 374 -10.65 -12.88 50.20
C GLU B 374 -11.05 -11.81 49.19
N CYS B 375 -10.52 -10.60 49.35
CA CYS B 375 -10.74 -9.48 48.46
C CYS B 375 -9.57 -9.22 47.55
N SER B 376 -8.35 -9.26 48.08
CA SER B 376 -7.18 -9.29 47.19
C SER B 376 -7.23 -10.54 46.35
N ASP B 377 -7.80 -11.61 46.91
CA ASP B 377 -7.92 -12.87 46.19
C ASP B 377 -8.72 -12.68 44.91
N LEU B 378 -9.70 -11.79 44.95
CA LEU B 378 -10.52 -11.48 43.78
C LEU B 378 -9.73 -10.72 42.73
N LEU B 379 -8.92 -9.74 43.14
CA LEU B 379 -8.17 -8.99 42.15
C LEU B 379 -7.23 -9.91 41.42
N LYS B 380 -6.44 -10.69 42.17
CA LYS B 380 -5.50 -11.61 41.56
C LYS B 380 -6.19 -12.56 40.62
N LEU B 381 -7.48 -12.75 40.80
CA LEU B 381 -8.16 -13.67 39.90
C LEU B 381 -8.10 -13.18 38.45
N TYR B 382 -8.26 -11.89 38.22
CA TYR B 382 -8.34 -11.35 36.85
C TYR B 382 -7.02 -11.36 36.16
N LYS B 383 -6.31 -10.27 36.26
CA LYS B 383 -4.93 -10.32 36.78
C LYS B 383 -4.28 -11.66 36.49
N ASN B 384 -4.69 -12.77 37.18
CA ASN B 384 -4.02 -13.99 36.76
C ASN B 384 -4.72 -14.62 35.63
N VAL B 385 -6.04 -14.48 35.52
CA VAL B 385 -6.74 -14.95 34.32
C VAL B 385 -6.25 -14.20 33.08
N ALA B 386 -5.98 -12.90 33.21
CA ALA B 386 -5.58 -12.12 32.05
C ALA B 386 -4.21 -12.52 31.56
N VAL B 387 -3.25 -12.67 32.48
CA VAL B 387 -1.87 -12.96 32.14
C VAL B 387 -1.79 -14.27 31.38
N LYS B 388 -2.72 -15.20 31.62
CA LYS B 388 -2.64 -16.49 30.97
C LYS B 388 -3.36 -16.55 29.63
N HIS B 389 -4.53 -15.93 29.51
CA HIS B 389 -5.35 -16.09 28.32
C HIS B 389 -5.64 -14.79 27.62
N VAL B 390 -5.07 -13.69 28.08
CA VAL B 390 -5.37 -12.43 27.44
C VAL B 390 -4.07 -11.80 26.97
N PHE B 391 -3.14 -11.54 27.90
CA PHE B 391 -1.87 -10.95 27.49
C PHE B 391 -1.00 -11.93 26.73
N SER B 392 -1.34 -13.21 26.71
CA SER B 392 -0.55 -14.22 26.03
C SER B 392 -1.04 -14.51 24.63
N HIS B 393 -2.11 -13.86 24.17
CA HIS B 393 -2.56 -14.06 22.80
C HIS B 393 -1.42 -13.78 21.82
N PRO B 394 -1.38 -14.47 20.69
CA PRO B 394 -0.25 -14.27 19.77
C PRO B 394 -0.28 -12.95 19.01
N ASP B 395 -1.44 -12.35 18.75
CA ASP B 395 -1.43 -11.05 18.09
C ASP B 395 -1.01 -9.92 19.01
N VAL B 396 -1.30 -10.05 20.30
CA VAL B 396 -0.81 -9.08 21.27
C VAL B 396 0.68 -9.26 21.47
N GLU B 397 1.13 -10.51 21.61
CA GLU B 397 2.54 -10.74 21.82
C GLU B 397 3.31 -10.27 20.61
N ARG B 398 2.71 -10.28 19.42
CA ARG B 398 3.48 -9.88 18.26
C ARG B 398 3.67 -8.38 18.15
N LEU B 399 2.61 -7.59 18.37
CA LEU B 399 2.77 -6.16 18.30
C LEU B 399 3.63 -5.61 19.41
N GLU B 400 3.78 -6.36 20.49
CA GLU B 400 4.76 -6.02 21.50
C GLU B 400 6.18 -6.16 20.95
N LEU B 401 6.41 -7.22 20.16
CA LEU B 401 7.72 -7.45 19.56
C LEU B 401 8.08 -6.38 18.55
N GLN B 402 7.10 -5.97 17.75
CA GLN B 402 7.36 -4.92 16.78
C GLN B 402 7.68 -3.61 17.48
N GLY B 403 6.93 -3.29 18.54
CA GLY B 403 7.17 -2.07 19.27
C GLY B 403 8.56 -2.01 19.87
N TYR B 404 9.06 -3.14 20.35
CA TYR B 404 10.41 -3.15 20.88
C TYR B 404 11.41 -2.82 19.80
N ARG B 405 11.17 -3.30 18.59
CA ARG B 405 12.08 -3.01 17.49
C ARG B 405 11.94 -1.55 17.05
N VAL B 406 10.70 -1.04 16.95
CA VAL B 406 10.48 0.34 16.54
C VAL B 406 11.17 1.31 17.48
N ILE B 407 10.97 1.13 18.79
CA ILE B 407 11.60 2.07 19.71
C ILE B 407 13.10 1.84 19.73
N SER B 408 13.54 0.60 19.58
CA SER B 408 14.97 0.32 19.63
C SER B 408 15.70 0.86 18.42
N GLY B 409 15.07 0.82 17.26
CA GLY B 409 15.72 1.36 16.09
C GLY B 409 15.71 2.86 16.13
N LEU B 410 14.63 3.43 16.65
CA LEU B 410 14.53 4.87 16.77
C LEU B 410 15.68 5.42 17.60
N LEU B 411 16.06 4.73 18.68
CA LEU B 411 17.20 5.18 19.47
C LEU B 411 18.51 5.05 18.68
N GLU B 412 18.66 3.95 17.93
CA GLU B 412 19.84 3.79 17.11
C GLU B 412 19.89 4.80 15.99
N ILE B 413 18.74 5.23 15.48
CA ILE B 413 18.74 6.26 14.44
C ILE B 413 19.31 7.57 14.97
N TYR B 414 18.96 7.95 16.19
CA TYR B 414 19.42 9.20 16.78
C TYR B 414 20.71 9.03 17.56
N ARG B 415 21.28 7.83 17.61
CA ARG B 415 22.53 7.58 18.33
C ARG B 415 23.63 8.57 17.94
N PRO B 416 23.70 9.05 16.69
CA PRO B 416 24.78 9.98 16.35
C PRO B 416 24.84 11.25 17.16
N LEU B 417 23.75 11.70 17.78
CA LEU B 417 23.85 12.92 18.58
C LEU B 417 24.50 12.66 19.91
N LEU B 418 24.39 11.45 20.42
CA LEU B 418 25.05 11.09 21.67
C LEU B 418 26.52 10.80 21.47
N SER B 419 27.00 10.77 20.22
CA SER B 419 28.40 10.45 19.95
C SER B 419 29.27 11.68 19.80
N LEU B 420 28.68 12.78 19.37
CA LEU B 420 29.38 14.04 19.22
C LEU B 420 30.08 14.39 20.52
N SER B 421 31.11 15.21 20.47
CA SER B 421 31.80 15.63 21.67
C SER B 421 31.10 16.85 22.24
N LEU B 422 31.34 17.11 23.52
CA LEU B 422 30.63 18.20 24.20
C LEU B 422 30.68 19.47 23.37
N SER B 423 31.89 19.85 22.95
CA SER B 423 32.04 21.04 22.14
C SER B 423 31.29 20.88 20.83
N ASP B 424 31.31 19.68 20.25
CA ASP B 424 30.57 19.47 19.01
C ASP B 424 29.09 19.58 19.23
N PHE B 425 28.58 19.00 20.32
CA PHE B 425 27.16 19.10 20.53
C PHE B 425 26.77 20.52 20.88
N THR B 426 27.49 21.13 21.82
CA THR B 426 27.19 22.50 22.24
C THR B 426 27.10 23.45 21.06
N GLU B 427 28.03 23.32 20.11
CA GLU B 427 27.98 24.15 18.92
C GLU B 427 26.68 23.97 18.18
N LEU B 428 26.29 22.72 17.97
CA LEU B 428 25.05 22.43 17.26
C LEU B 428 23.86 23.02 17.99
N VAL B 429 23.95 23.13 19.32
CA VAL B 429 22.87 23.70 20.09
C VAL B 429 22.76 25.20 19.83
N GLU B 430 23.89 25.90 19.88
CA GLU B 430 23.91 27.35 19.73
C GLU B 430 23.58 27.79 18.32
N LYS B 431 24.43 27.47 17.36
CA LYS B 431 24.07 27.66 15.96
C LYS B 431 23.18 26.48 15.61
N GLU B 432 21.89 26.73 15.46
CA GLU B 432 20.98 25.62 15.20
C GLU B 432 21.41 24.79 14.01
N ARG B 433 22.06 25.40 13.02
CA ARG B 433 22.52 24.68 11.84
C ARG B 433 24.04 24.71 11.73
N VAL B 434 24.67 23.54 11.78
CA VAL B 434 26.11 23.35 11.62
C VAL B 434 26.42 22.71 10.27
N LYS B 435 27.46 23.23 9.62
CA LYS B 435 27.81 22.87 8.25
C LYS B 435 28.43 21.48 8.12
N ARG B 436 29.36 21.12 9.00
CA ARG B 436 30.01 19.83 8.83
C ARG B 436 29.20 18.70 9.44
N PHE B 437 28.04 19.01 9.99
CA PHE B 437 27.14 18.02 10.58
C PHE B 437 25.78 18.20 9.95
N PRO B 438 25.64 17.78 8.70
CA PRO B 438 24.34 17.94 8.04
C PRO B 438 23.34 16.96 8.59
N ILE B 439 23.79 15.74 8.86
CA ILE B 439 22.89 14.69 9.32
C ILE B 439 22.54 14.95 10.77
N GLU B 440 23.54 15.27 11.58
CA GLU B 440 23.29 15.53 12.98
C GLU B 440 22.48 16.80 13.18
N SER B 441 22.63 17.80 12.31
CA SER B 441 21.82 19.00 12.45
C SER B 441 20.35 18.70 12.22
N ARG B 442 20.04 17.98 11.16
CA ARG B 442 18.65 17.72 10.82
C ARG B 442 18.00 16.78 11.82
N LEU B 443 18.79 15.88 12.42
CA LEU B 443 18.24 15.00 13.43
C LEU B 443 17.87 15.83 14.65
N PHE B 444 18.71 16.80 14.97
CA PHE B 444 18.48 17.72 16.08
C PHE B 444 17.23 18.56 15.88
N HIS B 445 16.95 18.99 14.66
CA HIS B 445 15.78 19.84 14.45
C HIS B 445 14.50 19.06 14.68
N LYS B 446 14.58 17.74 14.62
CA LYS B 446 13.39 16.94 14.82
C LYS B 446 13.00 16.87 16.28
N LEU B 447 13.97 16.98 17.18
CA LEU B 447 13.72 16.90 18.63
C LEU B 447 12.89 18.08 19.08
N SER B 448 11.56 17.90 19.05
CA SER B 448 10.57 18.90 19.46
C SER B 448 11.11 19.85 20.51
N THR B 449 10.84 21.15 20.37
CA THR B 449 11.51 22.16 21.17
C THR B 449 11.43 21.92 22.67
N ARG B 450 10.25 22.08 23.26
CA ARG B 450 10.00 21.81 24.68
C ARG B 450 11.03 20.89 25.33
N HIS B 451 11.42 19.80 24.64
CA HIS B 451 12.44 18.88 25.16
C HIS B 451 13.82 19.50 25.11
N ARG B 452 14.06 20.35 24.10
CA ARG B 452 15.35 20.99 23.90
C ARG B 452 15.57 22.09 24.92
N LEU B 453 14.54 22.88 25.19
CA LEU B 453 14.65 23.96 26.16
C LEU B 453 15.05 23.44 27.52
N ALA B 454 14.60 22.24 27.86
CA ALA B 454 14.98 21.64 29.13
C ALA B 454 16.46 21.31 29.18
N TYR B 455 17.05 20.95 28.04
CA TYR B 455 18.48 20.72 28.01
C TYR B 455 19.26 22.02 28.19
N VAL B 456 18.90 23.04 27.43
CA VAL B 456 19.56 24.33 27.56
C VAL B 456 19.37 24.88 28.96
N GLU B 457 18.11 24.95 29.40
CA GLU B 457 17.78 25.48 30.72
C GLU B 457 18.61 24.82 31.79
N ALA B 458 18.68 23.48 31.77
CA ALA B 458 19.36 22.76 32.83
C ALA B 458 20.87 22.87 32.70
N VAL B 459 21.37 22.95 31.49
CA VAL B 459 22.82 23.03 31.34
C VAL B 459 23.31 24.46 31.57
N SER B 460 22.53 25.47 31.19
CA SER B 460 22.94 26.85 31.44
C SER B 460 23.22 27.07 32.92
N LYS B 461 22.40 26.50 33.78
CA LYS B 461 22.46 26.57 35.23
C LYS B 461 23.66 25.82 35.82
N LEU B 462 24.59 25.34 35.00
CA LEU B 462 25.73 24.58 35.47
C LEU B 462 26.93 25.47 35.75
N PRO B 463 27.93 24.98 36.48
CA PRO B 463 29.19 25.71 36.59
C PRO B 463 30.11 25.37 35.43
N SER B 464 30.17 26.16 34.36
CA SER B 464 30.95 25.77 33.18
C SER B 464 32.37 25.40 33.57
N ASP B 465 32.86 26.02 34.63
CA ASP B 465 34.21 25.78 35.10
C ASP B 465 34.35 24.40 35.73
N SER B 466 33.27 23.89 36.35
CA SER B 466 33.22 22.63 37.07
C SER B 466 33.91 21.45 36.38
N PRO B 467 34.56 20.58 37.14
CA PRO B 467 35.01 19.30 36.59
C PRO B 467 33.86 18.31 36.47
N GLU B 468 32.69 18.68 36.95
CA GLU B 468 31.50 17.86 36.81
C GLU B 468 30.78 18.15 35.51
N PHE B 469 30.89 19.39 35.04
CA PHE B 469 30.13 19.87 33.88
C PHE B 469 30.06 18.88 32.73
N PRO B 470 31.14 18.20 32.33
CA PRO B 470 31.01 17.26 31.21
C PRO B 470 30.05 16.12 31.49
N LEU B 471 30.03 15.63 32.72
CA LEU B 471 29.16 14.51 33.07
C LEU B 471 27.72 14.95 33.19
N TRP B 472 27.48 16.15 33.68
CA TRP B 472 26.11 16.64 33.73
C TRP B 472 25.62 16.94 32.33
N GLU B 473 26.51 17.37 31.45
CA GLU B 473 26.12 17.62 30.07
C GLU B 473 25.63 16.35 29.40
N TYR B 474 26.25 15.22 29.70
CA TYR B 474 25.82 13.98 29.07
C TYR B 474 24.52 13.44 29.66
N TYR B 475 24.38 13.48 30.98
CA TYR B 475 23.11 13.10 31.60
C TYR B 475 21.97 13.87 30.97
N TYR B 476 22.07 15.18 30.95
CA TYR B 476 20.98 15.98 30.40
C TYR B 476 20.87 15.80 28.90
N ARG B 477 21.86 15.19 28.27
CA ARG B 477 21.78 14.90 26.84
C ARG B 477 20.97 13.64 26.55
N CYS B 478 21.26 12.53 27.23
CA CYS B 478 20.45 11.33 27.07
C CYS B 478 19.05 11.52 27.62
N ARG B 479 18.88 12.40 28.59
CA ARG B 479 17.52 12.68 29.02
C ARG B 479 16.76 13.40 27.92
N LEU B 480 17.44 14.30 27.21
CA LEU B 480 16.77 14.97 26.09
C LEU B 480 16.31 13.96 25.06
N LEU B 481 17.11 12.92 24.84
CA LEU B 481 16.71 11.88 23.89
C LEU B 481 15.61 11.00 24.48
N GLN B 482 15.76 10.59 25.74
CA GLN B 482 14.72 9.80 26.37
C GLN B 482 13.41 10.58 26.41
N ASP B 483 13.50 11.90 26.59
CA ASP B 483 12.30 12.73 26.56
C ASP B 483 11.63 12.71 25.19
N TYR B 484 12.40 12.80 24.11
CA TYR B 484 11.77 12.80 22.80
C TYR B 484 11.03 11.50 22.54
N ILE B 485 11.74 10.37 22.69
CA ILE B 485 11.17 9.05 22.41
C ILE B 485 9.96 8.78 23.29
N SER B 486 10.16 8.85 24.61
CA SER B 486 9.10 8.52 25.56
C SER B 486 7.88 9.40 25.37
N GLY B 487 8.06 10.62 24.90
CA GLY B 487 6.91 11.45 24.66
C GLY B 487 6.37 11.28 23.25
N MET B 488 6.02 10.06 22.88
CA MET B 488 5.55 9.77 21.53
C MET B 488 4.36 8.81 21.63
N THR B 489 3.51 8.86 20.62
CA THR B 489 2.40 7.93 20.60
C THR B 489 2.87 6.60 20.01
N ASP B 490 2.12 5.55 20.26
CA ASP B 490 2.38 4.30 19.56
C ASP B 490 2.52 4.55 18.08
N LEU B 491 1.67 5.41 17.54
CA LEU B 491 1.60 5.60 16.11
C LEU B 491 2.64 6.57 15.60
N TYR B 492 2.92 7.64 16.33
CA TYR B 492 3.94 8.58 15.86
C TYR B 492 5.31 7.93 15.90
N ALA B 493 5.57 7.12 16.92
CA ALA B 493 6.84 6.41 16.99
C ALA B 493 6.92 5.39 15.89
N TRP B 494 5.79 4.83 15.51
CA TRP B 494 5.82 3.85 14.44
C TRP B 494 6.06 4.49 13.10
N ASP B 495 5.43 5.64 12.85
CA ASP B 495 5.60 6.31 11.57
C ASP B 495 7.00 6.87 11.44
N GLU B 496 7.53 7.42 12.52
CA GLU B 496 8.87 8.00 12.47
C GLU B 496 9.90 6.95 12.11
N TYR B 497 9.83 5.78 12.73
CA TYR B 497 10.76 4.71 12.41
C TYR B 497 10.65 4.34 10.95
N ARG B 498 9.43 4.33 10.41
CA ARG B 498 9.25 3.99 9.02
C ARG B 498 9.60 5.14 8.09
N ARG B 499 9.25 6.37 8.44
CA ARG B 499 9.72 7.49 7.63
C ARG B 499 11.24 7.56 7.57
N LEU B 500 11.90 7.36 8.69
CA LEU B 500 13.35 7.49 8.71
C LEU B 500 14.08 6.24 8.28
N MET B 501 13.39 5.12 8.09
CA MET B 501 14.05 3.96 7.51
C MET B 501 13.82 3.90 6.01
N ALA B 502 13.18 4.92 5.45
CA ALA B 502 12.95 5.01 4.03
C ALA B 502 12.16 3.81 3.51
N VAL B 503 11.20 3.33 4.29
CA VAL B 503 10.27 2.29 3.84
C VAL B 503 8.87 2.82 3.63
N GLU B 504 8.62 4.10 3.86
CA GLU B 504 7.30 4.69 3.65
C GLU B 504 7.35 6.21 3.57
N ALA C 2 23.64 -61.23 -5.33
CA ALA C 2 23.29 -61.96 -4.11
C ALA C 2 22.01 -62.76 -4.31
N GLN C 3 20.89 -62.10 -4.03
CA GLN C 3 19.58 -62.68 -4.32
C GLN C 3 18.63 -61.52 -4.43
N ILE C 4 18.02 -61.34 -5.59
CA ILE C 4 17.12 -60.23 -5.76
C ILE C 4 15.76 -60.69 -5.25
N ASP C 5 15.43 -60.31 -4.03
CA ASP C 5 14.15 -60.63 -3.41
C ASP C 5 13.53 -59.35 -2.88
N PHE C 6 12.53 -58.82 -3.57
CA PHE C 6 11.96 -57.56 -3.17
C PHE C 6 11.03 -57.66 -1.97
N ARG C 7 10.69 -58.85 -1.53
CA ARG C 7 10.03 -58.95 -0.25
C ARG C 7 10.96 -58.54 0.87
N LYS C 8 12.26 -58.58 0.63
CA LYS C 8 13.23 -58.17 1.63
C LYS C 8 13.44 -56.67 1.67
N LYS C 9 12.86 -55.94 0.73
CA LYS C 9 13.01 -54.49 0.69
C LYS C 9 11.68 -53.78 0.86
N ILE C 10 10.63 -54.24 0.21
CA ILE C 10 9.33 -53.61 0.35
C ILE C 10 8.77 -53.94 1.72
N ASN C 11 9.30 -53.25 2.73
CA ASN C 11 8.92 -53.44 4.13
C ASN C 11 7.64 -52.67 4.43
N TRP C 12 6.69 -53.33 5.07
CA TRP C 12 5.41 -52.70 5.38
C TRP C 12 5.20 -52.43 6.86
N HIS C 13 6.26 -52.42 7.63
CA HIS C 13 6.15 -52.20 9.06
C HIS C 13 6.35 -50.72 9.33
N ARG C 14 5.86 -50.27 10.46
CA ARG C 14 6.00 -48.89 10.86
C ARG C 14 6.90 -48.80 12.07
N ARG C 15 7.26 -47.58 12.43
CA ARG C 15 8.14 -47.37 13.56
C ARG C 15 7.39 -47.49 14.87
N TYR C 16 6.16 -46.99 14.89
CA TYR C 16 5.32 -46.88 16.05
C TYR C 16 4.01 -47.60 15.77
N ARG C 17 3.51 -48.33 16.77
CA ARG C 17 2.29 -49.12 16.62
C ARG C 17 2.27 -49.83 15.27
N SER C 18 3.30 -50.63 15.07
CA SER C 18 3.53 -51.28 13.81
C SER C 18 2.50 -52.37 13.55
N PRO C 19 2.18 -52.65 12.29
CA PRO C 19 1.42 -53.85 11.96
C PRO C 19 2.38 -55.01 11.94
N GLN C 20 1.95 -56.16 12.45
CA GLN C 20 2.86 -57.28 12.64
C GLN C 20 2.31 -58.60 12.10
N GLY C 21 3.17 -59.37 11.44
CA GLY C 21 2.92 -60.76 11.14
C GLY C 21 1.95 -61.14 10.04
N VAL C 22 2.44 -61.84 9.02
CA VAL C 22 1.65 -62.47 7.96
C VAL C 22 1.12 -61.46 6.93
N LYS C 23 -0.19 -61.18 6.98
CA LYS C 23 -0.85 -60.21 6.11
C LYS C 23 -0.95 -60.76 4.68
N THR C 24 -2.17 -60.80 4.13
CA THR C 24 -2.39 -61.25 2.76
C THR C 24 -1.75 -60.28 1.79
N GLU C 25 -2.02 -60.51 0.51
CA GLU C 25 -1.70 -59.53 -0.52
C GLU C 25 -2.58 -58.29 -0.43
N HIS C 26 -3.88 -58.46 -0.16
CA HIS C 26 -4.77 -57.31 -0.06
C HIS C 26 -4.48 -56.52 1.19
N GLU C 27 -4.00 -57.19 2.23
CA GLU C 27 -3.65 -56.52 3.47
C GLU C 27 -2.40 -55.68 3.30
N ILE C 28 -1.41 -56.20 2.60
CA ILE C 28 -0.18 -55.43 2.42
C ILE C 28 -0.40 -54.27 1.47
N LEU C 29 -1.37 -54.37 0.58
CA LEU C 29 -1.77 -53.22 -0.23
C LEU C 29 -2.38 -52.14 0.64
N ARG C 30 -3.44 -52.48 1.38
CA ARG C 30 -4.12 -51.52 2.23
C ARG C 30 -3.17 -50.78 3.14
N ILE C 31 -2.09 -51.42 3.56
CA ILE C 31 -1.12 -50.75 4.40
C ILE C 31 -0.46 -49.62 3.64
N PHE C 32 -0.19 -49.83 2.36
CA PHE C 32 0.47 -48.81 1.58
C PHE C 32 -0.53 -47.79 1.07
N GLU C 33 -1.80 -48.15 1.00
CA GLU C 33 -2.79 -47.16 0.65
C GLU C 33 -3.03 -46.19 1.79
N SER C 34 -2.70 -46.54 3.03
CA SER C 34 -2.83 -45.56 4.09
C SER C 34 -1.74 -44.52 4.00
N ASP C 35 -0.55 -44.92 3.59
CA ASP C 35 0.48 -43.91 3.38
C ASP C 35 0.01 -42.90 2.36
N ARG C 36 -0.67 -43.36 1.32
CA ARG C 36 -1.20 -42.44 0.32
C ARG C 36 -2.11 -41.41 0.99
N GLY C 37 -3.02 -41.87 1.83
CA GLY C 37 -3.91 -40.94 2.50
C GLY C 37 -3.22 -40.06 3.52
N ARG C 38 -2.17 -40.54 4.16
CA ARG C 38 -1.49 -39.72 5.14
C ARG C 38 -0.67 -38.64 4.47
N ILE C 39 -0.08 -38.93 3.33
CA ILE C 39 0.71 -37.93 2.64
C ILE C 39 -0.19 -36.90 1.99
N ILE C 40 -1.18 -37.34 1.22
CA ILE C 40 -2.04 -36.40 0.52
C ILE C 40 -2.76 -35.48 1.49
N ASN C 41 -3.22 -36.02 2.61
CA ASN C 41 -3.88 -35.17 3.59
C ASN C 41 -2.90 -34.53 4.53
N SER C 42 -1.71 -34.52 4.21
CA SER C 42 -0.73 -33.92 5.10
C SER C 42 -0.60 -32.44 4.81
N PRO C 43 -0.56 -31.60 5.83
CA PRO C 43 -0.35 -30.18 5.56
C PRO C 43 1.02 -29.89 4.96
N ALA C 44 2.01 -30.72 5.20
CA ALA C 44 3.32 -30.44 4.65
C ALA C 44 3.36 -30.55 3.14
N ILE C 45 2.53 -31.39 2.53
CA ILE C 45 2.52 -31.37 1.07
C ILE C 45 1.53 -30.34 0.56
N ARG C 46 0.53 -29.96 1.35
CA ARG C 46 -0.25 -28.78 0.98
C ARG C 46 0.63 -27.54 0.94
N ARG C 47 1.49 -27.36 1.94
CA ARG C 47 2.34 -26.18 1.97
C ARG C 47 3.18 -26.03 0.70
N LEU C 48 3.16 -27.02 -0.19
CA LEU C 48 3.97 -26.94 -1.39
C LEU C 48 3.34 -26.09 -2.48
N GLN C 49 2.02 -25.91 -2.48
CA GLN C 49 1.44 -25.01 -3.49
C GLN C 49 1.86 -23.57 -3.27
N GLN C 50 2.66 -23.33 -2.26
CA GLN C 50 3.13 -22.03 -1.89
C GLN C 50 4.64 -22.01 -1.76
N LYS C 51 5.31 -23.12 -2.01
CA LYS C 51 6.76 -23.06 -2.03
C LYS C 51 7.11 -22.33 -3.32
N THR C 52 7.86 -22.96 -4.20
CA THR C 52 8.39 -22.23 -5.35
C THR C 52 9.22 -23.12 -6.24
N GLN C 53 8.85 -23.21 -7.49
CA GLN C 53 9.59 -23.99 -8.45
C GLN C 53 10.04 -23.01 -9.50
N VAL C 54 11.34 -22.78 -9.56
CA VAL C 54 11.99 -21.91 -10.54
C VAL C 54 11.50 -20.45 -10.49
N PHE C 55 10.18 -20.20 -10.56
CA PHE C 55 9.71 -18.81 -10.49
C PHE C 55 9.22 -18.41 -9.11
N PRO C 56 9.97 -17.56 -8.38
CA PRO C 56 9.48 -17.03 -7.11
C PRO C 56 9.18 -15.55 -7.23
N LEU C 57 8.02 -15.06 -6.77
CA LEU C 57 6.85 -15.88 -6.57
C LEU C 57 6.19 -15.83 -7.92
N GLU C 58 5.36 -16.78 -8.26
CA GLU C 58 4.68 -16.62 -9.52
C GLU C 58 3.22 -16.43 -9.18
N ARG C 59 2.63 -15.32 -9.60
CA ARG C 59 1.27 -15.01 -9.21
C ARG C 59 0.24 -15.45 -10.25
N ASN C 60 0.66 -16.17 -11.28
CA ASN C 60 -0.26 -16.76 -12.25
C ASN C 60 -0.19 -18.26 -12.10
N ALA C 61 -1.34 -18.87 -11.78
CA ALA C 61 -1.36 -20.29 -11.47
C ALA C 61 -0.78 -21.14 -12.57
N ALA C 62 -0.75 -20.64 -13.81
CA ALA C 62 -0.30 -21.44 -14.93
C ALA C 62 1.18 -21.77 -14.84
N VAL C 63 1.88 -21.19 -13.89
CA VAL C 63 3.26 -21.50 -13.58
C VAL C 63 3.28 -22.56 -12.48
N ARG C 64 4.26 -23.44 -12.51
CA ARG C 64 4.29 -24.54 -11.57
C ARG C 64 4.83 -24.09 -10.22
N THR C 65 4.25 -24.63 -9.16
CA THR C 65 4.77 -24.50 -7.81
C THR C 65 5.52 -25.76 -7.45
N ARG C 66 5.96 -25.89 -6.21
CA ARG C 66 6.61 -27.15 -5.92
C ARG C 66 5.59 -28.26 -5.90
N LEU C 67 4.33 -27.93 -5.66
CA LEU C 67 3.30 -28.97 -5.62
C LEU C 67 3.00 -29.48 -7.02
N THR C 68 2.68 -28.57 -7.96
CA THR C 68 2.35 -28.99 -9.33
C THR C 68 3.53 -29.67 -9.98
N HIS C 69 4.72 -29.19 -9.72
CA HIS C 69 5.88 -29.92 -10.21
C HIS C 69 5.91 -31.28 -9.58
N SER C 70 5.87 -31.43 -8.25
CA SER C 70 5.89 -32.75 -7.63
C SER C 70 4.77 -33.61 -8.17
N MET C 71 3.65 -33.02 -8.54
CA MET C 71 2.58 -33.81 -9.09
C MET C 71 2.94 -34.34 -10.45
N GLU C 72 3.71 -33.58 -11.22
CA GLU C 72 4.10 -34.08 -12.52
C GLU C 72 5.20 -35.11 -12.41
N VAL C 73 6.13 -34.94 -11.48
CA VAL C 73 7.13 -35.98 -11.28
C VAL C 73 6.48 -37.29 -10.95
N GLN C 74 5.39 -37.24 -10.19
CA GLN C 74 4.69 -38.45 -9.80
C GLN C 74 4.22 -39.25 -11.00
N GLN C 75 3.77 -38.57 -12.06
CA GLN C 75 3.25 -39.31 -13.19
C GLN C 75 4.37 -39.92 -14.03
N VAL C 76 5.55 -39.32 -14.02
CA VAL C 76 6.65 -39.90 -14.75
C VAL C 76 7.16 -41.12 -14.00
N GLY C 77 7.17 -41.08 -12.67
CA GLY C 77 7.55 -42.25 -11.90
C GLY C 77 6.53 -43.36 -11.97
N ARG C 78 5.26 -43.02 -12.11
CA ARG C 78 4.26 -44.03 -12.38
C ARG C 78 4.59 -44.74 -13.67
N TYR C 79 4.85 -43.97 -14.73
CA TYR C 79 5.17 -44.54 -16.03
C TYR C 79 6.43 -45.39 -15.98
N ILE C 80 7.46 -44.93 -15.28
CA ILE C 80 8.69 -45.70 -15.23
C ILE C 80 8.49 -46.97 -14.42
N ALA C 81 7.81 -46.87 -13.28
CA ALA C 81 7.51 -48.07 -12.51
C ALA C 81 6.63 -49.02 -13.31
N LYS C 82 5.59 -48.51 -13.92
CA LYS C 82 4.72 -49.39 -14.70
C LYS C 82 5.47 -50.03 -15.84
N GLU C 83 6.52 -49.39 -16.34
CA GLU C 83 7.26 -50.02 -17.42
C GLU C 83 8.28 -50.99 -16.91
N ILE C 84 8.83 -50.75 -15.73
CA ILE C 84 9.77 -51.70 -15.17
C ILE C 84 9.06 -52.99 -14.87
N LEU C 85 7.83 -52.89 -14.36
CA LEU C 85 7.13 -54.12 -14.04
C LEU C 85 6.73 -54.85 -15.31
N SER C 86 6.31 -54.12 -16.33
CA SER C 86 5.85 -54.80 -17.53
C SER C 86 6.96 -55.58 -18.19
N ARG C 87 8.15 -55.00 -18.27
CA ARG C 87 9.28 -55.69 -18.89
C ARG C 87 9.80 -56.79 -18.00
N LEU C 88 9.67 -56.64 -16.70
CA LEU C 88 10.10 -57.72 -15.82
C LEU C 88 9.12 -58.87 -15.91
N LYS C 89 7.88 -58.58 -16.27
CA LYS C 89 6.93 -59.63 -16.54
C LYS C 89 7.25 -60.33 -17.83
N GLU C 90 7.77 -59.60 -18.82
CA GLU C 90 8.14 -60.19 -20.09
C GLU C 90 9.37 -61.07 -19.95
N LEU C 91 10.27 -60.76 -19.02
CA LEU C 91 11.44 -61.60 -18.85
C LEU C 91 11.19 -62.64 -17.80
N LYS C 92 9.92 -62.90 -17.50
CA LYS C 92 9.48 -63.82 -16.47
C LYS C 92 10.19 -63.69 -15.13
N LEU C 93 11.00 -62.65 -14.97
CA LEU C 93 11.69 -62.43 -13.71
C LEU C 93 10.80 -61.90 -12.59
N LEU C 94 9.52 -61.63 -12.80
CA LEU C 94 8.73 -60.96 -11.78
C LEU C 94 8.65 -61.80 -10.52
N GLU C 95 8.08 -62.99 -10.62
CA GLU C 95 7.94 -63.80 -9.43
C GLU C 95 9.29 -64.33 -8.97
N ALA C 96 10.29 -64.34 -9.85
CA ALA C 96 11.63 -64.71 -9.41
C ALA C 96 12.25 -63.65 -8.52
N TYR C 97 11.76 -62.42 -8.59
CA TYR C 97 12.31 -61.33 -7.78
C TYR C 97 11.41 -60.99 -6.61
N GLY C 98 10.31 -61.68 -6.44
CA GLY C 98 9.45 -61.43 -5.33
C GLY C 98 8.45 -60.34 -5.57
N LEU C 99 8.43 -59.75 -6.75
CA LEU C 99 7.52 -58.65 -7.04
C LEU C 99 6.16 -59.11 -7.50
N ASP C 100 5.93 -60.41 -7.59
CA ASP C 100 4.66 -60.88 -8.15
C ASP C 100 3.49 -60.44 -7.31
N GLU C 101 3.70 -60.30 -6.00
CA GLU C 101 2.65 -59.92 -5.07
C GLU C 101 2.84 -58.54 -4.50
N LEU C 102 3.94 -57.87 -4.80
CA LEU C 102 4.23 -56.52 -4.37
C LEU C 102 4.17 -55.57 -5.56
N THR C 103 3.21 -55.81 -6.44
CA THR C 103 3.09 -55.07 -7.69
C THR C 103 2.47 -53.70 -7.48
N GLY C 104 1.45 -53.59 -6.65
CA GLY C 104 0.85 -52.33 -6.31
C GLY C 104 1.74 -51.49 -5.42
N PRO C 105 2.28 -52.08 -4.38
CA PRO C 105 3.21 -51.32 -3.54
C PRO C 105 4.40 -50.79 -4.28
N PHE C 106 4.94 -51.57 -5.21
CA PHE C 106 6.08 -51.10 -5.98
C PHE C 106 5.74 -49.81 -6.67
N GLU C 107 4.61 -49.77 -7.36
CA GLU C 107 4.16 -48.55 -8.01
C GLU C 107 3.90 -47.45 -6.99
N SER C 108 3.11 -47.76 -5.95
CA SER C 108 2.72 -46.75 -4.97
C SER C 108 3.89 -46.10 -4.28
N ILE C 109 4.90 -46.88 -3.89
CA ILE C 109 6.06 -46.31 -3.21
C ILE C 109 6.77 -45.29 -4.11
N VAL C 110 6.87 -45.57 -5.40
CA VAL C 110 7.48 -44.61 -6.31
C VAL C 110 6.63 -43.36 -6.44
N GLU C 111 5.35 -43.53 -6.77
CA GLU C 111 4.46 -42.38 -6.90
C GLU C 111 4.56 -41.46 -5.69
N MET C 112 4.54 -42.01 -4.49
CA MET C 112 4.52 -41.17 -3.30
C MET C 112 5.87 -40.53 -3.01
N SER C 113 6.95 -41.31 -3.02
CA SER C 113 8.21 -40.66 -2.77
C SER C 113 8.59 -39.69 -3.88
N CYS C 114 7.81 -39.66 -4.97
CA CYS C 114 8.00 -38.61 -5.96
C CYS C 114 7.30 -37.36 -5.51
N LEU C 115 6.11 -37.51 -4.93
CA LEU C 115 5.40 -36.37 -4.37
C LEU C 115 6.09 -35.79 -3.14
N MET C 116 6.95 -36.55 -2.50
CA MET C 116 7.57 -36.13 -1.26
C MET C 116 9.03 -35.72 -1.39
N HIS C 117 9.66 -35.87 -2.55
CA HIS C 117 10.89 -35.12 -2.67
C HIS C 117 10.51 -33.66 -2.60
N ASP C 118 11.46 -32.81 -2.30
CA ASP C 118 11.19 -31.38 -2.21
C ASP C 118 10.41 -31.05 -0.94
N ILE C 119 9.89 -32.04 -0.22
CA ILE C 119 9.05 -31.74 0.93
C ILE C 119 9.82 -30.96 1.97
N GLY C 120 11.12 -31.17 2.06
CA GLY C 120 11.91 -30.47 3.04
C GLY C 120 12.65 -29.27 2.54
N ASN C 121 12.37 -28.82 1.34
CA ASN C 121 13.14 -27.73 0.80
C ASN C 121 12.76 -26.45 1.53
N PRO C 122 13.71 -25.56 1.78
CA PRO C 122 13.45 -24.39 2.58
C PRO C 122 12.74 -23.34 1.74
N PRO C 123 12.31 -22.24 2.34
CA PRO C 123 11.50 -21.28 1.60
C PRO C 123 12.06 -20.82 0.26
N PHE C 124 13.33 -20.50 0.13
CA PHE C 124 13.66 -19.97 -1.18
C PHE C 124 14.56 -20.94 -1.94
N GLY C 125 14.16 -22.19 -1.97
CA GLY C 125 14.82 -23.14 -2.83
C GLY C 125 16.26 -23.29 -2.40
N HIS C 126 17.17 -23.16 -3.34
CA HIS C 126 18.55 -23.29 -2.97
C HIS C 126 19.07 -22.08 -2.22
N PHE C 127 18.42 -20.94 -2.35
CA PHE C 127 18.84 -19.76 -1.60
C PHE C 127 18.35 -19.78 -0.17
N GLY C 128 17.39 -20.65 0.15
CA GLY C 128 17.17 -20.94 1.54
C GLY C 128 18.31 -21.76 2.10
N GLU C 129 18.68 -22.82 1.39
CA GLU C 129 19.83 -23.61 1.76
C GLU C 129 21.04 -22.71 1.96
N ALA C 130 21.27 -21.81 1.02
CA ALA C 130 22.39 -20.89 1.11
C ALA C 130 22.34 -20.04 2.37
N ALA C 131 21.33 -19.18 2.50
CA ALA C 131 21.26 -18.26 3.63
C ALA C 131 21.51 -18.96 4.96
N ILE C 132 21.00 -20.17 5.11
CA ILE C 132 21.08 -20.88 6.39
C ILE C 132 22.50 -21.36 6.66
N ASN C 133 23.14 -22.02 5.70
CA ASN C 133 24.50 -22.50 5.93
C ASN C 133 25.48 -21.34 6.06
N ASP C 134 25.28 -20.29 5.29
CA ASP C 134 26.18 -19.14 5.42
C ASP C 134 26.02 -18.52 6.79
N TRP C 135 24.79 -18.28 7.20
CA TRP C 135 24.57 -17.69 8.52
C TRP C 135 25.11 -18.59 9.63
N PHE C 136 25.14 -19.89 9.42
CA PHE C 136 25.70 -20.67 10.50
C PHE C 136 27.20 -20.77 10.40
N ARG C 137 27.76 -20.70 9.20
CA ARG C 137 29.21 -20.70 9.09
C ARG C 137 29.82 -19.47 9.75
N GLN C 138 29.22 -18.29 9.57
CA GLN C 138 29.76 -17.10 10.19
C GLN C 138 29.86 -17.26 11.69
N ARG C 139 29.00 -18.10 12.28
CA ARG C 139 28.90 -18.21 13.73
C ARG C 139 29.84 -19.27 14.29
N LEU C 140 29.76 -20.48 13.75
CA LEU C 140 30.53 -21.62 14.23
C LEU C 140 31.38 -22.20 13.10
N HIS C 141 32.45 -21.51 12.73
CA HIS C 141 33.31 -21.90 11.62
C HIS C 141 33.68 -23.37 11.68
N PRO C 142 33.11 -24.20 10.81
CA PRO C 142 33.50 -25.60 10.81
C PRO C 142 34.84 -25.82 10.16
N GLU C 143 35.34 -24.84 9.43
CA GLU C 143 36.64 -24.99 8.80
C GLU C 143 37.72 -25.13 9.86
N ASP C 144 37.53 -24.50 11.02
CA ASP C 144 38.52 -24.51 12.08
C ASP C 144 38.55 -25.82 12.84
N ALA C 145 37.44 -26.51 12.92
CA ALA C 145 37.49 -27.72 13.71
C ALA C 145 38.01 -28.90 12.91
N GLU C 146 38.34 -28.69 11.64
CA GLU C 146 38.75 -29.80 10.78
C GLU C 146 39.92 -30.58 11.36
N SER C 147 40.88 -29.89 11.93
CA SER C 147 42.12 -30.54 12.33
C SER C 147 42.08 -30.96 13.79
N GLN C 148 43.22 -30.81 14.47
CA GLN C 148 43.27 -30.97 15.91
C GLN C 148 43.17 -29.65 16.61
N PRO C 149 43.61 -29.62 17.86
CA PRO C 149 43.85 -28.35 18.53
C PRO C 149 42.61 -27.57 18.89
N LEU C 150 42.61 -26.26 18.65
CA LEU C 150 43.77 -25.53 18.19
C LEU C 150 43.72 -25.34 16.70
N THR C 151 43.91 -24.12 16.22
CA THR C 151 44.27 -22.99 17.08
C THR C 151 43.19 -21.95 17.00
N ASP C 152 43.32 -21.10 15.98
CA ASP C 152 42.30 -20.14 15.58
C ASP C 152 40.94 -20.81 15.58
N ASP C 153 40.25 -20.77 16.71
CA ASP C 153 38.96 -21.43 16.81
C ASP C 153 37.84 -20.42 16.60
N ARG C 154 37.83 -19.73 15.45
CA ARG C 154 36.90 -18.65 15.14
C ARG C 154 35.43 -18.93 15.41
N CYS C 155 35.15 -19.95 16.22
CA CYS C 155 33.79 -20.35 16.50
C CYS C 155 33.27 -19.52 17.66
N SER C 156 32.12 -18.89 17.45
CA SER C 156 31.63 -17.97 18.47
C SER C 156 30.93 -18.68 19.61
N VAL C 157 30.70 -19.98 19.51
CA VAL C 157 30.04 -20.69 20.59
C VAL C 157 31.14 -21.20 21.49
N ALA C 158 30.93 -21.04 22.79
CA ALA C 158 31.99 -21.37 23.74
C ALA C 158 32.14 -22.88 23.87
N ALA C 159 31.06 -23.57 24.22
CA ALA C 159 31.12 -25.01 24.41
C ALA C 159 31.58 -25.75 23.16
N LEU C 160 31.42 -25.16 21.98
CA LEU C 160 31.75 -25.87 20.77
C LEU C 160 33.15 -25.58 20.28
N ARG C 161 33.81 -24.59 20.86
CA ARG C 161 35.18 -24.31 20.47
C ARG C 161 36.04 -25.50 20.88
N LEU C 162 36.91 -25.96 19.98
CA LEU C 162 37.68 -27.17 20.25
C LEU C 162 38.70 -26.94 21.36
N ARG C 163 38.46 -27.53 22.52
CA ARG C 163 39.43 -27.44 23.61
C ARG C 163 40.18 -28.75 23.72
N ASP C 164 41.51 -28.78 23.71
CA ASP C 164 42.48 -27.73 23.34
C ASP C 164 43.92 -28.29 23.35
N GLY C 165 44.32 -29.09 24.34
CA GLY C 165 43.56 -29.45 25.53
C GLY C 165 42.84 -30.76 25.32
N GLU C 166 43.41 -31.57 24.43
CA GLU C 166 42.96 -32.89 24.00
C GLU C 166 41.78 -33.53 24.73
N GLU C 167 40.65 -33.64 24.02
CA GLU C 167 39.44 -34.30 24.44
C GLU C 167 38.89 -35.13 23.28
N PRO C 168 38.35 -36.32 23.57
CA PRO C 168 37.55 -37.01 22.55
C PRO C 168 36.18 -36.40 22.42
N LEU C 169 35.85 -35.49 23.33
CA LEU C 169 34.69 -34.63 23.22
C LEU C 169 34.86 -33.60 22.14
N ASN C 170 36.07 -33.49 21.59
CA ASN C 170 36.30 -32.64 20.44
C ASN C 170 35.79 -33.24 19.15
N GLU C 171 35.62 -34.56 19.11
CA GLU C 171 35.03 -35.17 17.93
C GLU C 171 33.57 -34.79 17.83
N LEU C 172 32.88 -34.78 18.95
CA LEU C 172 31.50 -34.31 18.97
C LEU C 172 31.41 -32.89 18.45
N ARG C 173 32.32 -32.03 18.90
CA ARG C 173 32.37 -30.66 18.41
C ARG C 173 32.55 -30.62 16.89
N ARG C 174 33.41 -31.48 16.37
CA ARG C 174 33.67 -31.48 14.94
C ARG C 174 32.43 -31.90 14.15
N LYS C 175 31.69 -32.89 14.67
CA LYS C 175 30.49 -33.37 14.00
C LYS C 175 29.40 -32.31 14.00
N ILE C 176 29.14 -31.72 15.16
CA ILE C 176 28.07 -30.72 15.29
C ILE C 176 28.37 -29.48 14.46
N ARG C 177 29.61 -29.00 14.48
CA ARG C 177 29.92 -27.78 13.75
C ARG C 177 29.75 -27.98 12.25
N GLN C 178 29.92 -29.20 11.75
CA GLN C 178 29.75 -29.47 10.33
C GLN C 178 28.32 -29.84 9.99
N ASP C 179 27.61 -30.51 10.90
CA ASP C 179 26.22 -30.84 10.66
C ASP C 179 25.36 -29.59 10.52
N LEU C 180 25.49 -28.66 11.45
CA LEU C 180 24.64 -27.49 11.44
C LEU C 180 24.94 -26.56 10.28
N CYS C 181 26.13 -26.66 9.69
CA CYS C 181 26.46 -25.85 8.54
C CYS C 181 26.14 -26.54 7.22
N HIS C 182 25.52 -27.72 7.23
CA HIS C 182 25.25 -28.48 6.00
C HIS C 182 23.77 -28.86 5.89
N PHE C 183 22.90 -27.86 5.89
CA PHE C 183 21.49 -28.12 5.68
C PHE C 183 21.24 -28.55 4.24
N GLU C 184 20.28 -29.46 4.06
CA GLU C 184 19.92 -29.92 2.72
C GLU C 184 18.46 -30.33 2.70
N GLY C 185 17.74 -29.92 1.66
CA GLY C 185 16.33 -30.28 1.55
C GLY C 185 16.07 -31.76 1.72
N ASN C 186 16.98 -32.59 1.24
CA ASN C 186 16.74 -34.03 1.32
C ASN C 186 16.88 -34.52 2.75
N ALA C 187 17.93 -34.09 3.45
CA ALA C 187 18.15 -34.48 4.83
C ALA C 187 17.10 -33.89 5.75
N GLN C 188 16.68 -32.66 5.48
CA GLN C 188 15.60 -32.05 6.24
C GLN C 188 14.28 -32.72 5.95
N GLY C 189 14.17 -33.40 4.81
CA GLY C 189 12.96 -34.14 4.53
C GLY C 189 12.81 -35.33 5.43
N ILE C 190 13.91 -36.01 5.73
CA ILE C 190 13.83 -37.17 6.60
C ILE C 190 13.46 -36.74 8.02
N ARG C 191 14.07 -35.67 8.50
CA ARG C 191 13.70 -35.12 9.80
C ARG C 191 12.25 -34.68 9.82
N LEU C 192 11.75 -34.18 8.71
CA LEU C 192 10.39 -33.68 8.68
C LEU C 192 9.39 -34.82 8.79
N VAL C 193 9.54 -35.87 7.97
CA VAL C 193 8.54 -36.92 7.97
C VAL C 193 8.57 -37.71 9.26
N HIS C 194 9.72 -37.78 9.90
CA HIS C 194 9.78 -38.55 11.13
C HIS C 194 9.61 -37.68 12.37
N THR C 195 10.67 -36.96 12.71
CA THR C 195 10.72 -36.28 13.99
C THR C 195 9.70 -35.16 14.12
N LEU C 196 9.43 -34.42 13.04
CA LEU C 196 8.60 -33.21 13.14
C LEU C 196 7.13 -33.44 12.84
N MET C 197 6.81 -34.13 11.75
CA MET C 197 5.43 -34.40 11.42
C MET C 197 4.91 -35.65 12.12
N ARG C 198 5.78 -36.61 12.42
CA ARG C 198 5.37 -37.90 12.96
C ARG C 198 4.23 -38.47 12.11
N MET C 199 4.58 -38.90 10.90
CA MET C 199 3.62 -39.47 9.97
C MET C 199 3.51 -40.98 10.09
N ASN C 200 4.48 -41.63 10.71
CA ASN C 200 4.48 -43.05 11.00
C ASN C 200 4.54 -43.91 9.75
N LEU C 201 4.97 -43.36 8.63
CA LEU C 201 5.01 -44.08 7.36
C LEU C 201 5.78 -45.40 7.43
N THR C 202 5.48 -46.30 6.50
CA THR C 202 6.18 -47.57 6.39
C THR C 202 7.66 -47.38 6.11
N TRP C 203 8.48 -48.29 6.60
CA TRP C 203 9.92 -48.18 6.39
C TRP C 203 10.28 -48.09 4.92
N ALA C 204 9.56 -48.80 4.05
CA ALA C 204 9.84 -48.72 2.62
C ALA C 204 9.59 -47.32 2.08
N GLN C 205 8.47 -46.71 2.43
CA GLN C 205 8.20 -45.36 1.95
C GLN C 205 9.25 -44.38 2.40
N VAL C 206 9.82 -44.55 3.58
CA VAL C 206 10.83 -43.60 4.03
C VAL C 206 12.15 -43.84 3.35
N GLY C 207 12.40 -45.05 2.85
CA GLY C 207 13.64 -45.25 2.14
C GLY C 207 13.59 -44.71 0.75
N GLY C 208 12.38 -44.54 0.21
CA GLY C 208 12.24 -43.98 -1.11
C GLY C 208 12.51 -42.51 -1.19
N ILE C 209 12.51 -41.79 -0.06
CA ILE C 209 12.83 -40.38 -0.06
C ILE C 209 14.22 -40.12 0.50
N LEU C 210 14.98 -41.18 0.74
CA LEU C 210 16.39 -41.04 1.15
C LEU C 210 17.24 -41.04 -0.11
N LYS C 211 17.41 -39.86 -0.73
CA LYS C 211 18.05 -39.79 -2.04
C LYS C 211 19.56 -39.89 -1.96
N TYR C 212 20.19 -39.42 -0.89
CA TYR C 212 21.64 -39.45 -0.73
C TYR C 212 21.97 -40.07 0.61
N THR C 213 23.17 -40.63 0.69
CA THR C 213 23.53 -41.40 1.87
C THR C 213 24.68 -40.80 2.66
N ARG C 214 25.09 -39.59 2.35
CA ARG C 214 26.20 -38.95 3.05
C ARG C 214 25.69 -38.30 4.32
N PRO C 215 26.36 -38.46 5.44
CA PRO C 215 25.92 -37.83 6.67
C PRO C 215 26.32 -36.38 6.68
N ALA C 216 25.40 -35.53 7.11
CA ALA C 216 25.66 -34.10 7.07
C ALA C 216 26.98 -33.75 7.73
N TRP C 217 27.24 -34.34 8.91
CA TRP C 217 28.47 -34.08 9.69
C TRP C 217 29.72 -34.54 8.91
N TRP C 218 29.53 -35.13 7.73
CA TRP C 218 30.67 -35.61 6.91
C TRP C 218 31.67 -34.47 6.71
N ARG C 219 32.92 -34.66 7.14
CA ARG C 219 33.98 -33.63 7.00
C ARG C 219 34.95 -34.03 5.89
N GLY C 220 35.30 -35.31 5.82
CA GLY C 220 36.20 -35.83 4.82
C GLY C 220 36.03 -35.31 3.40
N GLU C 221 37.07 -34.64 2.90
CA GLU C 221 37.05 -34.06 1.54
C GLU C 221 37.32 -35.13 0.48
N THR C 222 36.75 -36.32 0.65
CA THR C 222 36.94 -37.42 -0.32
C THR C 222 35.88 -38.51 -0.09
N PRO C 223 35.22 -39.04 -1.14
CA PRO C 223 34.21 -40.09 -0.99
C PRO C 223 34.84 -41.49 -1.05
N GLU C 224 34.22 -42.40 -1.81
CA GLU C 224 34.73 -43.79 -1.96
C GLU C 224 34.07 -44.45 -3.18
N THR C 225 33.37 -45.56 -2.96
CA THR C 225 32.69 -46.29 -4.07
C THR C 225 31.28 -45.72 -4.27
N HIS C 226 30.85 -44.83 -3.36
CA HIS C 226 29.51 -44.20 -3.44
C HIS C 226 29.67 -42.68 -3.61
N HIS C 227 30.57 -42.27 -4.51
CA HIS C 227 30.84 -40.84 -4.78
C HIS C 227 29.53 -40.11 -5.11
N TYR C 228 28.79 -40.60 -6.11
CA TYR C 228 27.51 -39.98 -6.53
C TYR C 228 26.45 -40.20 -5.44
N LEU C 229 26.53 -41.32 -4.73
CA LEU C 229 25.56 -41.65 -3.65
C LEU C 229 25.76 -40.68 -2.47
N MET C 230 26.99 -40.24 -2.25
CA MET C 230 27.30 -39.30 -1.13
C MET C 230 27.67 -37.92 -1.70
N LYS C 231 26.95 -37.48 -2.74
CA LYS C 231 27.23 -36.16 -3.37
C LYS C 231 26.79 -35.04 -2.42
N LYS C 232 25.56 -35.13 -1.90
CA LYS C 232 25.03 -34.14 -0.98
C LYS C 232 24.70 -34.86 0.32
N PRO C 233 24.42 -34.15 1.40
CA PRO C 233 23.99 -34.82 2.63
C PRO C 233 22.60 -35.41 2.48
N GLY C 234 22.38 -36.55 3.12
CA GLY C 234 21.09 -37.19 3.02
C GLY C 234 20.36 -37.37 4.33
N TYR C 235 21.06 -37.16 5.44
CA TYR C 235 20.47 -37.24 6.77
C TYR C 235 21.36 -36.52 7.77
N TYR C 236 20.76 -36.10 8.87
CA TYR C 236 21.44 -35.31 9.88
C TYR C 236 21.89 -36.18 11.05
N LEU C 237 22.76 -35.60 11.86
CA LEU C 237 23.17 -36.23 13.11
C LEU C 237 21.97 -36.57 13.98
N SER C 238 20.95 -35.70 14.00
CA SER C 238 19.79 -35.95 14.82
C SER C 238 19.03 -37.18 14.40
N GLU C 239 19.39 -37.80 13.28
CA GLU C 239 18.69 -38.98 12.84
C GLU C 239 19.60 -40.16 12.65
N GLU C 240 20.88 -40.05 13.01
CA GLU C 240 21.78 -41.18 12.87
C GLU C 240 21.15 -42.45 13.43
N ALA C 241 20.44 -42.34 14.55
CA ALA C 241 19.81 -43.52 15.11
C ALA C 241 18.62 -43.98 14.27
N TYR C 242 17.79 -43.04 13.81
CA TYR C 242 16.65 -43.44 12.99
C TYR C 242 17.13 -44.07 11.70
N ILE C 243 18.14 -43.46 11.07
CA ILE C 243 18.67 -44.02 9.85
C ILE C 243 19.27 -45.38 10.10
N ALA C 244 19.81 -45.58 11.30
CA ALA C 244 20.38 -46.88 11.64
C ALA C 244 19.31 -47.94 11.62
N ARG C 245 18.18 -47.69 12.27
CA ARG C 245 17.13 -48.69 12.21
C ARG C 245 16.63 -48.82 10.79
N LEU C 246 16.67 -47.75 10.01
CA LEU C 246 16.18 -47.85 8.65
C LEU C 246 17.09 -48.72 7.81
N ARG C 247 18.39 -48.63 8.01
CA ARG C 247 19.31 -49.52 7.31
C ARG C 247 19.05 -50.96 7.70
N LYS C 248 18.62 -51.19 8.94
CA LYS C 248 18.29 -52.54 9.37
C LYS C 248 17.04 -53.02 8.66
N GLU C 249 15.93 -52.27 8.84
CA GLU C 249 14.61 -52.70 8.39
C GLU C 249 14.55 -52.87 6.88
N LEU C 250 15.45 -52.24 6.14
CA LEU C 250 15.46 -52.34 4.69
C LEU C 250 16.67 -53.10 4.16
N ASN C 251 17.48 -53.67 5.05
CA ASN C 251 18.65 -54.45 4.66
C ASN C 251 19.53 -53.66 3.70
N LEU C 252 19.94 -52.50 4.18
CA LEU C 252 20.83 -51.63 3.44
C LEU C 252 22.17 -51.63 4.11
N ALA C 253 23.24 -51.68 3.33
CA ALA C 253 24.56 -51.60 3.91
C ALA C 253 24.88 -50.17 4.22
N LEU C 254 25.96 -49.93 4.94
CA LEU C 254 26.27 -48.55 5.26
C LEU C 254 26.51 -47.75 3.97
N TYR C 255 25.81 -46.63 3.85
CA TYR C 255 25.85 -45.73 2.71
C TYR C 255 25.23 -46.32 1.46
N SER C 256 24.39 -47.35 1.59
CA SER C 256 23.70 -47.95 0.46
C SER C 256 22.31 -47.34 0.33
N ARG C 257 21.86 -47.19 -0.90
CA ARG C 257 20.60 -46.56 -1.20
C ARG C 257 19.48 -47.59 -1.33
N PHE C 258 18.25 -47.12 -1.14
CA PHE C 258 17.10 -47.97 -1.32
C PHE C 258 16.83 -48.18 -2.80
N PRO C 259 16.55 -49.39 -3.24
CA PRO C 259 16.51 -49.66 -4.68
C PRO C 259 15.48 -48.86 -5.45
N LEU C 260 14.44 -48.34 -4.83
CA LEU C 260 13.43 -47.64 -5.61
C LEU C 260 13.71 -46.17 -5.79
N THR C 261 14.70 -45.62 -5.10
CA THR C 261 14.90 -44.20 -5.25
C THR C 261 15.34 -43.85 -6.66
N TRP C 262 16.06 -44.75 -7.33
CA TRP C 262 16.61 -44.43 -8.64
C TRP C 262 15.50 -44.17 -9.62
N ILE C 263 14.34 -44.76 -9.39
CA ILE C 263 13.19 -44.45 -10.22
C ILE C 263 12.68 -43.05 -9.92
N MET C 264 12.55 -42.72 -8.66
CA MET C 264 12.06 -41.39 -8.32
C MET C 264 13.02 -40.33 -8.83
N GLU C 265 14.31 -40.53 -8.61
CA GLU C 265 15.32 -39.59 -9.06
C GLU C 265 15.25 -39.37 -10.56
N ALA C 266 14.96 -40.43 -11.32
CA ALA C 266 14.85 -40.28 -12.77
C ALA C 266 13.60 -39.50 -13.12
N ALA C 267 12.47 -39.85 -12.54
CA ALA C 267 11.27 -39.08 -12.83
C ALA C 267 11.43 -37.61 -12.44
N ASP C 268 12.26 -37.33 -11.45
CA ASP C 268 12.45 -35.95 -11.07
C ASP C 268 13.19 -35.21 -12.17
N ASP C 269 14.42 -35.62 -12.46
CA ASP C 269 15.18 -34.96 -13.51
C ASP C 269 14.36 -34.82 -14.79
N ILE C 270 13.62 -35.85 -15.16
CA ILE C 270 13.01 -35.84 -16.48
C ILE C 270 11.94 -34.77 -16.58
N SER C 271 11.16 -34.60 -15.53
CA SER C 271 10.02 -33.71 -15.61
C SER C 271 10.34 -32.27 -15.30
N TYR C 272 11.48 -31.90 -14.75
CA TYR C 272 11.56 -30.44 -14.55
C TYR C 272 12.39 -29.89 -15.64
N CYS C 273 13.17 -30.74 -16.26
CA CYS C 273 13.86 -30.17 -17.40
C CYS C 273 12.89 -29.47 -18.34
N VAL C 274 11.86 -30.17 -18.80
CA VAL C 274 10.97 -29.60 -19.81
C VAL C 274 9.96 -28.65 -19.21
N ALA C 275 9.45 -28.93 -18.02
CA ALA C 275 8.39 -28.08 -17.50
C ALA C 275 8.88 -26.67 -17.27
N ASP C 276 10.17 -26.50 -17.00
CA ASP C 276 10.69 -25.15 -16.77
C ASP C 276 10.72 -24.34 -18.05
N LEU C 277 11.03 -24.98 -19.19
CA LEU C 277 11.01 -24.22 -20.44
C LEU C 277 9.59 -23.91 -20.83
N GLU C 278 8.63 -24.73 -20.41
CA GLU C 278 7.23 -24.42 -20.65
C GLU C 278 6.84 -23.18 -19.87
N ASP C 279 7.25 -23.10 -18.61
CA ASP C 279 6.92 -21.93 -17.81
C ASP C 279 7.57 -20.68 -18.40
N ALA C 280 8.82 -20.79 -18.84
CA ALA C 280 9.52 -19.63 -19.39
C ALA C 280 8.75 -19.03 -20.55
N VAL C 281 8.26 -19.86 -21.46
CA VAL C 281 7.48 -19.34 -22.58
C VAL C 281 6.20 -18.71 -22.07
N GLU C 282 5.60 -19.32 -21.05
CA GLU C 282 4.38 -18.76 -20.48
C GLU C 282 4.64 -17.44 -19.80
N LYS C 283 5.73 -17.32 -19.06
CA LYS C 283 6.09 -16.04 -18.48
C LYS C 283 6.65 -15.10 -19.54
N ARG C 284 6.49 -15.44 -20.81
CA ARG C 284 6.87 -14.62 -21.95
C ARG C 284 8.36 -14.31 -22.01
N ILE C 285 9.22 -15.09 -21.37
CA ILE C 285 10.65 -14.87 -21.48
C ILE C 285 11.13 -15.02 -22.93
N PHE C 286 10.53 -15.91 -23.72
CA PHE C 286 10.86 -16.01 -25.14
C PHE C 286 9.72 -16.70 -25.89
N THR C 287 9.94 -16.97 -27.17
CA THR C 287 8.94 -17.57 -28.04
C THR C 287 9.20 -19.07 -28.19
N VAL C 288 8.15 -19.80 -28.54
CA VAL C 288 8.33 -21.20 -28.88
C VAL C 288 9.34 -21.33 -30.00
N GLU C 289 9.32 -20.40 -30.96
CA GLU C 289 10.32 -20.37 -32.01
C GLU C 289 11.66 -19.95 -31.45
N GLN C 290 11.69 -18.85 -30.69
CA GLN C 290 12.93 -18.44 -30.04
C GLN C 290 13.58 -19.60 -29.32
N LEU C 291 12.77 -20.36 -28.59
CA LEU C 291 13.26 -21.53 -27.86
C LEU C 291 13.87 -22.53 -28.82
N TYR C 292 13.13 -22.92 -29.85
CA TYR C 292 13.62 -23.89 -30.80
C TYR C 292 15.02 -23.56 -31.29
N HIS C 293 15.26 -22.29 -31.60
CA HIS C 293 16.59 -21.97 -32.08
C HIS C 293 17.64 -22.07 -30.99
N HIS C 294 17.31 -21.71 -29.74
CA HIS C 294 18.31 -21.87 -28.69
C HIS C 294 18.72 -23.30 -28.54
N LEU C 295 17.78 -24.22 -28.74
CA LEU C 295 18.06 -25.64 -28.61
C LEU C 295 18.91 -26.10 -29.78
N HIS C 296 18.51 -25.71 -30.98
CA HIS C 296 19.25 -26.08 -32.17
C HIS C 296 20.67 -25.58 -32.10
N GLU C 297 20.83 -24.32 -31.70
CA GLU C 297 22.16 -23.79 -31.57
C GLU C 297 22.86 -24.29 -30.32
N ALA C 298 22.25 -25.21 -29.56
CA ALA C 298 22.82 -25.68 -28.30
C ALA C 298 23.36 -27.09 -28.36
N TRP C 299 23.00 -27.85 -29.38
CA TRP C 299 23.46 -29.21 -29.56
C TRP C 299 23.85 -29.20 -31.02
N GLY C 300 24.94 -29.87 -31.38
CA GLY C 300 25.60 -29.50 -32.64
C GLY C 300 24.96 -30.08 -33.90
N GLN C 301 25.43 -31.23 -34.37
CA GLN C 301 25.04 -31.79 -35.67
C GLN C 301 23.91 -32.79 -35.55
N HIS C 302 22.95 -32.53 -34.68
CA HIS C 302 21.92 -33.53 -34.44
C HIS C 302 20.55 -33.14 -33.87
N GLU C 303 19.94 -31.95 -33.98
CA GLU C 303 20.46 -30.62 -34.31
C GLU C 303 20.97 -30.51 -35.74
N LYS C 304 20.78 -31.63 -36.45
CA LYS C 304 20.96 -31.82 -37.89
C LYS C 304 20.69 -33.29 -38.26
N GLY C 305 20.43 -34.14 -37.25
CA GLY C 305 20.05 -35.55 -37.43
C GLY C 305 19.86 -36.19 -36.05
N SER C 306 19.99 -37.51 -35.94
CA SER C 306 19.99 -38.12 -34.61
C SER C 306 18.75 -37.86 -33.73
N LEU C 307 18.97 -37.80 -32.41
CA LEU C 307 17.87 -37.76 -31.44
C LEU C 307 17.13 -36.43 -31.39
N PHE C 308 17.85 -35.30 -31.37
CA PHE C 308 17.19 -33.99 -31.42
C PHE C 308 16.11 -33.97 -32.50
N SER C 309 16.42 -34.51 -33.67
CA SER C 309 15.40 -34.60 -34.70
C SER C 309 14.27 -35.52 -34.27
N LEU C 310 14.61 -36.62 -33.62
CA LEU C 310 13.58 -37.58 -33.20
C LEU C 310 12.63 -36.97 -32.18
N VAL C 311 13.13 -36.06 -31.35
CA VAL C 311 12.34 -35.60 -30.21
C VAL C 311 11.88 -34.16 -30.37
N VAL C 312 12.83 -33.23 -30.42
CA VAL C 312 12.45 -31.83 -30.45
C VAL C 312 12.08 -31.38 -31.86
N GLU C 313 12.96 -31.57 -32.84
CA GLU C 313 12.59 -31.25 -34.23
C GLU C 313 11.24 -31.86 -34.57
N ASN C 314 11.08 -33.14 -34.23
CA ASN C 314 9.83 -33.85 -34.45
C ASN C 314 8.67 -33.05 -33.87
N ALA C 315 8.85 -32.53 -32.66
CA ALA C 315 7.79 -31.76 -32.03
C ALA C 315 7.68 -30.38 -32.66
N TRP C 316 8.78 -29.88 -33.20
CA TRP C 316 8.73 -28.56 -33.81
C TRP C 316 8.03 -28.60 -35.17
N GLU C 317 8.26 -29.63 -35.99
CA GLU C 317 7.55 -29.66 -37.26
C GLU C 317 6.10 -30.05 -37.06
N LYS C 318 5.86 -30.98 -36.14
CA LYS C 318 4.51 -31.21 -35.68
C LYS C 318 3.93 -29.90 -35.20
N SER C 319 4.78 -28.98 -34.73
CA SER C 319 4.29 -27.72 -34.18
C SER C 319 3.66 -26.85 -35.25
N ARG C 320 4.26 -26.71 -36.45
CA ARG C 320 3.71 -25.74 -37.40
C ARG C 320 2.26 -26.05 -37.80
N SER C 321 1.96 -27.27 -38.22
CA SER C 321 0.53 -27.53 -38.33
C SER C 321 0.13 -28.33 -37.08
N ASN C 322 -1.00 -29.03 -37.15
CA ASN C 322 -1.45 -29.96 -36.10
C ASN C 322 -1.16 -29.50 -34.65
N SER C 323 0.10 -29.23 -34.30
CA SER C 323 0.39 -28.71 -32.96
C SER C 323 0.24 -27.18 -32.84
N LEU C 324 0.60 -26.37 -33.86
CA LEU C 324 0.16 -24.96 -33.85
C LEU C 324 -1.30 -24.79 -34.23
N SER C 325 -2.05 -25.89 -34.43
CA SER C 325 -3.48 -25.82 -34.67
C SER C 325 -4.25 -25.50 -33.38
N ARG C 326 -4.10 -26.33 -32.35
CA ARG C 326 -4.21 -25.82 -30.99
C ARG C 326 -3.03 -24.89 -30.73
N SER C 327 -3.11 -24.09 -29.66
CA SER C 327 -2.09 -23.08 -29.37
C SER C 327 -0.68 -23.52 -29.73
N THR C 328 -0.08 -22.83 -30.70
CA THR C 328 1.23 -23.17 -31.25
C THR C 328 2.21 -23.57 -30.15
N GLU C 329 2.06 -22.91 -29.01
CA GLU C 329 2.91 -23.10 -27.85
C GLU C 329 2.42 -24.27 -27.01
N ASP C 330 1.11 -24.34 -26.81
CA ASP C 330 0.52 -25.38 -25.98
C ASP C 330 0.91 -26.77 -26.45
N GLN C 331 1.00 -26.97 -27.76
CA GLN C 331 1.20 -28.33 -28.22
C GLN C 331 2.60 -28.61 -28.74
N PHE C 332 3.40 -27.59 -28.99
CA PHE C 332 4.83 -27.85 -29.10
C PHE C 332 5.32 -28.55 -27.85
N PHE C 333 4.90 -28.07 -26.68
CA PHE C 333 5.29 -28.70 -25.43
C PHE C 333 4.56 -30.02 -25.22
N MET C 334 3.32 -30.12 -25.70
CA MET C 334 2.62 -31.39 -25.62
C MET C 334 3.43 -32.49 -26.28
N TYR C 335 3.98 -32.23 -27.46
CA TYR C 335 4.81 -33.24 -28.12
C TYR C 335 6.21 -33.31 -27.56
N LEU C 336 6.83 -32.16 -27.30
CA LEU C 336 8.14 -32.22 -26.68
C LEU C 336 8.10 -33.09 -25.45
N ARG C 337 7.05 -32.96 -24.64
CA ARG C 337 6.89 -33.82 -23.48
C ARG C 337 6.83 -35.27 -23.94
N VAL C 338 5.83 -35.59 -24.74
CA VAL C 338 5.58 -36.95 -25.20
C VAL C 338 6.82 -37.56 -25.84
N ASN C 339 7.41 -36.88 -26.83
CA ASN C 339 8.58 -37.47 -27.48
C ASN C 339 9.68 -37.75 -26.47
N THR C 340 9.92 -36.80 -25.57
CA THR C 340 10.93 -37.03 -24.55
C THR C 340 10.57 -38.20 -23.66
N LEU C 341 9.31 -38.32 -23.28
CA LEU C 341 8.96 -39.39 -22.36
C LEU C 341 9.08 -40.72 -23.05
N ASN C 342 8.60 -40.81 -24.27
CA ASN C 342 8.60 -42.07 -24.96
C ASN C 342 10.00 -42.60 -25.20
N LYS C 343 11.01 -41.75 -25.25
CA LYS C 343 12.35 -42.28 -25.47
C LYS C 343 13.15 -42.44 -24.20
N LEU C 344 12.78 -41.75 -23.13
CA LEU C 344 13.62 -41.76 -21.96
C LEU C 344 13.06 -42.68 -20.88
N VAL C 345 11.73 -42.75 -20.77
CA VAL C 345 11.17 -43.65 -19.76
C VAL C 345 11.56 -45.07 -20.00
N PRO C 346 11.48 -45.65 -21.20
CA PRO C 346 11.95 -47.03 -21.34
C PRO C 346 13.43 -47.16 -21.07
N TYR C 347 14.27 -46.29 -21.63
CA TYR C 347 15.70 -46.38 -21.34
C TYR C 347 15.92 -46.45 -19.85
N ALA C 348 15.23 -45.59 -19.10
CA ALA C 348 15.36 -45.67 -17.65
C ALA C 348 14.89 -47.03 -17.19
N ALA C 349 13.72 -47.45 -17.64
CA ALA C 349 13.23 -48.78 -17.29
C ALA C 349 14.26 -49.86 -17.63
N GLN C 350 14.90 -49.82 -18.81
CA GLN C 350 15.85 -50.90 -19.08
C GLN C 350 17.09 -50.76 -18.21
N ARG C 351 17.64 -49.54 -18.12
CA ARG C 351 18.83 -49.32 -17.30
C ARG C 351 18.68 -49.83 -15.88
N PHE C 352 17.48 -49.76 -15.33
CA PHE C 352 17.22 -50.26 -14.00
C PHE C 352 17.30 -51.77 -13.97
N ILE C 353 16.57 -52.44 -14.85
CA ILE C 353 16.62 -53.89 -14.90
C ILE C 353 18.01 -54.39 -15.27
N ASP C 354 18.74 -53.67 -16.12
CA ASP C 354 20.07 -54.13 -16.50
C ASP C 354 21.00 -54.17 -15.31
N ASN C 355 20.96 -53.15 -14.46
CA ASN C 355 21.89 -53.02 -13.35
C ASN C 355 21.27 -53.40 -12.02
N LEU C 356 20.11 -54.01 -12.02
CA LEU C 356 19.35 -54.39 -10.82
C LEU C 356 20.11 -55.04 -9.66
N PRO C 357 21.17 -55.82 -9.88
CA PRO C 357 21.91 -56.35 -8.72
C PRO C 357 22.59 -55.27 -7.92
N ALA C 358 23.29 -54.38 -8.60
CA ALA C 358 23.91 -53.30 -7.87
C ALA C 358 22.86 -52.33 -7.39
N ILE C 359 21.74 -52.26 -8.07
CA ILE C 359 20.72 -51.33 -7.66
C ILE C 359 20.00 -51.86 -6.45
N PHE C 360 19.89 -53.17 -6.35
CA PHE C 360 19.19 -53.77 -5.23
C PHE C 360 20.07 -53.76 -4.01
N ALA C 361 21.34 -54.12 -4.17
CA ALA C 361 22.26 -53.89 -3.09
C ALA C 361 22.34 -52.41 -2.74
N GLY C 362 21.95 -51.55 -3.67
CA GLY C 362 22.01 -50.11 -3.47
C GLY C 362 23.42 -49.60 -3.43
N THR C 363 24.29 -50.15 -4.24
CA THR C 363 25.69 -49.76 -4.28
C THR C 363 26.08 -49.24 -5.64
N PHE C 364 25.14 -49.26 -6.59
CA PHE C 364 25.40 -48.69 -7.94
C PHE C 364 25.69 -47.20 -7.74
N ASN C 365 26.85 -46.74 -8.20
CA ASN C 365 27.26 -45.31 -8.01
C ASN C 365 26.90 -44.47 -9.25
N HIS C 366 25.80 -44.81 -9.93
CA HIS C 366 25.37 -44.07 -11.14
C HIS C 366 23.84 -43.92 -11.16
N ALA C 367 23.35 -42.78 -11.67
CA ALA C 367 21.93 -42.53 -11.82
C ALA C 367 21.44 -43.25 -13.06
N LEU C 368 20.13 -43.47 -13.13
CA LEU C 368 19.61 -44.26 -14.24
C LEU C 368 19.83 -43.61 -15.59
N LEU C 369 20.05 -42.31 -15.66
CA LEU C 369 20.26 -41.66 -16.95
C LEU C 369 21.73 -41.22 -16.96
N GLU C 370 22.57 -42.08 -17.51
CA GLU C 370 24.01 -41.91 -17.43
C GLU C 370 24.57 -41.16 -18.62
N ASP C 371 25.64 -40.41 -18.32
CA ASP C 371 26.49 -39.66 -19.23
C ASP C 371 26.54 -40.23 -20.64
N ALA C 372 27.20 -41.38 -20.81
CA ALA C 372 27.45 -41.97 -22.12
C ALA C 372 26.21 -42.39 -22.91
N SER C 373 25.12 -41.64 -22.84
CA SER C 373 23.95 -41.97 -23.64
C SER C 373 23.46 -40.70 -24.33
N GLU C 374 23.08 -40.83 -25.58
CA GLU C 374 22.39 -39.73 -26.23
C GLU C 374 21.12 -39.41 -25.47
N CYS C 375 20.61 -40.36 -24.71
CA CYS C 375 19.43 -40.08 -23.92
C CYS C 375 19.77 -39.10 -22.83
N SER C 376 20.87 -39.33 -22.13
CA SER C 376 21.28 -38.35 -21.13
C SER C 376 21.62 -37.02 -21.77
N ASP C 377 22.15 -37.02 -22.98
CA ASP C 377 22.51 -35.75 -23.60
C ASP C 377 21.28 -34.90 -23.86
N LEU C 378 20.15 -35.52 -24.15
CA LEU C 378 18.96 -34.73 -24.39
C LEU C 378 18.58 -33.95 -23.15
N LEU C 379 18.72 -34.58 -21.99
CA LEU C 379 18.39 -33.88 -20.75
C LEU C 379 19.36 -32.74 -20.52
N LYS C 380 20.64 -32.97 -20.75
CA LYS C 380 21.61 -31.92 -20.56
C LYS C 380 21.33 -30.74 -21.47
N LEU C 381 20.77 -30.99 -22.66
CA LEU C 381 20.39 -29.91 -23.57
C LEU C 381 19.33 -29.03 -22.94
N TYR C 382 18.24 -29.64 -22.48
CA TYR C 382 17.18 -28.89 -21.82
C TYR C 382 17.70 -28.09 -20.65
N LYS C 383 18.54 -28.69 -19.81
CA LYS C 383 19.05 -27.96 -18.67
C LYS C 383 19.88 -26.77 -19.14
N ASN C 384 20.77 -26.99 -20.10
CA ASN C 384 21.68 -25.93 -20.51
C ASN C 384 20.96 -24.79 -21.20
N VAL C 385 19.90 -25.09 -21.93
CA VAL C 385 19.13 -23.98 -22.49
C VAL C 385 18.52 -23.15 -21.38
N ALA C 386 18.04 -23.82 -20.33
CA ALA C 386 17.37 -23.10 -19.25
C ALA C 386 18.35 -22.30 -18.41
N VAL C 387 19.53 -22.88 -18.14
CA VAL C 387 20.50 -22.19 -17.32
C VAL C 387 20.95 -20.90 -17.98
N LYS C 388 21.05 -20.92 -19.30
CA LYS C 388 21.56 -19.75 -20.00
C LYS C 388 20.46 -18.73 -20.26
N HIS C 389 19.25 -19.16 -20.53
CA HIS C 389 18.22 -18.25 -21.00
C HIS C 389 16.98 -18.18 -20.11
N VAL C 390 16.94 -18.90 -18.99
CA VAL C 390 15.78 -18.81 -18.11
C VAL C 390 16.26 -18.47 -16.70
N PHE C 391 17.15 -19.30 -16.15
CA PHE C 391 17.59 -19.03 -14.79
C PHE C 391 18.45 -17.78 -14.70
N SER C 392 18.84 -17.19 -15.82
CA SER C 392 19.66 -15.99 -15.82
C SER C 392 18.84 -14.72 -15.94
N HIS C 393 17.55 -14.84 -16.19
CA HIS C 393 16.68 -13.67 -16.31
C HIS C 393 16.80 -12.78 -15.08
N PRO C 394 16.68 -11.46 -15.23
CA PRO C 394 16.87 -10.57 -14.09
C PRO C 394 15.74 -10.58 -13.06
N ASP C 395 14.51 -10.85 -13.47
CA ASP C 395 13.44 -10.90 -12.48
C ASP C 395 13.56 -12.14 -11.60
N VAL C 396 14.12 -13.21 -12.16
CA VAL C 396 14.39 -14.40 -11.37
C VAL C 396 15.56 -14.15 -10.45
N GLU C 397 16.64 -13.58 -10.98
CA GLU C 397 17.83 -13.32 -10.21
C GLU C 397 17.48 -12.34 -9.10
N ARG C 398 16.48 -11.49 -9.33
CA ARG C 398 16.15 -10.52 -8.30
C ARG C 398 15.46 -11.15 -7.11
N LEU C 399 14.47 -11.99 -7.37
CA LEU C 399 13.81 -12.68 -6.28
C LEU C 399 14.67 -13.72 -5.57
N GLU C 400 15.69 -14.22 -6.24
CA GLU C 400 16.65 -15.12 -5.61
C GLU C 400 17.46 -14.34 -4.60
N LEU C 401 17.83 -13.08 -4.88
CA LEU C 401 18.56 -12.20 -3.98
C LEU C 401 17.68 -11.76 -2.81
N GLN C 402 16.42 -11.49 -3.08
CA GLN C 402 15.52 -11.10 -2.01
C GLN C 402 15.36 -12.22 -1.01
N GLY C 403 15.22 -13.45 -1.50
CA GLY C 403 15.03 -14.56 -0.59
C GLY C 403 16.21 -14.76 0.33
N TYR C 404 17.41 -14.56 -0.16
CA TYR C 404 18.57 -14.74 0.68
C TYR C 404 18.58 -13.72 1.80
N ARG C 405 18.07 -12.53 1.54
CA ARG C 405 18.00 -11.52 2.58
C ARG C 405 16.92 -11.86 3.58
N VAL C 406 15.74 -12.23 3.10
CA VAL C 406 14.65 -12.51 4.01
C VAL C 406 15.05 -13.59 4.99
N ILE C 407 15.56 -14.71 4.49
CA ILE C 407 15.93 -15.80 5.37
C ILE C 407 17.13 -15.44 6.22
N SER C 408 18.07 -14.68 5.67
CA SER C 408 19.16 -14.28 6.53
C SER C 408 18.67 -13.33 7.60
N GLY C 409 17.67 -12.53 7.30
CA GLY C 409 17.15 -11.63 8.30
C GLY C 409 16.35 -12.35 9.35
N LEU C 410 15.56 -13.34 8.94
CA LEU C 410 14.84 -14.15 9.92
C LEU C 410 15.79 -14.82 10.88
N LEU C 411 16.91 -15.31 10.38
CA LEU C 411 17.86 -15.95 11.29
C LEU C 411 18.44 -14.95 12.26
N GLU C 412 18.79 -13.75 11.78
CA GLU C 412 19.31 -12.74 12.69
C GLU C 412 18.24 -12.28 13.63
N ILE C 413 16.97 -12.26 13.18
CA ILE C 413 15.91 -11.83 14.07
C ILE C 413 15.81 -12.73 15.29
N TYR C 414 15.91 -14.04 15.10
CA TYR C 414 15.77 -15.01 16.18
C TYR C 414 17.10 -15.36 16.82
N ARG C 415 18.19 -14.78 16.36
CA ARG C 415 19.49 -15.07 16.97
C ARG C 415 19.49 -14.96 18.48
N PRO C 416 18.75 -14.05 19.13
CA PRO C 416 18.85 -13.93 20.60
C PRO C 416 18.51 -15.20 21.37
N LEU C 417 17.75 -16.13 20.81
CA LEU C 417 17.50 -17.34 21.56
C LEU C 417 18.71 -18.24 21.55
N LEU C 418 19.50 -18.16 20.51
CA LEU C 418 20.72 -18.93 20.45
C LEU C 418 21.81 -18.31 21.29
N SER C 419 21.55 -17.14 21.86
CA SER C 419 22.52 -16.44 22.69
C SER C 419 22.35 -16.73 24.17
N LEU C 420 21.13 -17.06 24.60
CA LEU C 420 20.84 -17.42 25.98
C LEU C 420 21.71 -18.56 26.47
N SER C 421 21.85 -18.68 27.78
CA SER C 421 22.61 -19.78 28.36
C SER C 421 21.71 -20.99 28.56
N LEU C 422 22.35 -22.15 28.69
CA LEU C 422 21.59 -23.39 28.86
C LEU C 422 20.56 -23.25 29.96
N SER C 423 21.00 -22.78 31.13
CA SER C 423 20.09 -22.65 32.26
C SER C 423 19.00 -21.64 31.94
N ASP C 424 19.37 -20.54 31.29
CA ASP C 424 18.37 -19.54 30.95
C ASP C 424 17.43 -20.08 29.89
N PHE C 425 17.97 -20.77 28.90
CA PHE C 425 17.08 -21.29 27.86
C PHE C 425 16.18 -22.38 28.41
N THR C 426 16.76 -23.37 29.12
CA THR C 426 15.95 -24.42 29.71
C THR C 426 14.86 -23.84 30.60
N GLU C 427 15.20 -22.80 31.36
CA GLU C 427 14.19 -22.12 32.16
C GLU C 427 13.06 -21.62 31.28
N LEU C 428 13.39 -21.03 30.14
CA LEU C 428 12.36 -20.56 29.22
C LEU C 428 11.50 -21.72 28.70
N VAL C 429 12.06 -22.92 28.60
CA VAL C 429 11.27 -24.05 28.11
C VAL C 429 10.21 -24.44 29.12
N GLU C 430 10.61 -24.60 30.39
CA GLU C 430 9.68 -25.05 31.41
C GLU C 430 8.64 -23.99 31.74
N LYS C 431 9.06 -22.85 32.27
CA LYS C 431 8.14 -21.74 32.48
C LYS C 431 7.90 -21.09 31.13
N GLU C 432 6.71 -21.29 30.56
CA GLU C 432 6.44 -20.79 29.21
C GLU C 432 6.70 -19.30 29.07
N ARG C 433 6.37 -18.52 30.10
CA ARG C 433 6.64 -17.09 30.13
C ARG C 433 7.61 -16.76 31.25
N VAL C 434 8.77 -16.23 30.88
CA VAL C 434 9.78 -15.83 31.85
C VAL C 434 9.80 -14.31 31.99
N LYS C 435 9.93 -13.86 33.23
CA LYS C 435 9.77 -12.45 33.56
C LYS C 435 10.96 -11.60 33.08
N ARG C 436 12.18 -12.08 33.26
CA ARG C 436 13.35 -11.28 32.92
C ARG C 436 13.74 -11.39 31.46
N PHE C 437 13.00 -12.15 30.66
CA PHE C 437 13.25 -12.30 29.23
C PHE C 437 11.95 -12.13 28.44
N PRO C 438 11.42 -10.91 28.35
CA PRO C 438 10.16 -10.73 27.62
C PRO C 438 10.30 -10.87 26.13
N ILE C 439 11.43 -10.46 25.56
CA ILE C 439 11.60 -10.52 24.11
C ILE C 439 11.86 -11.95 23.68
N GLU C 440 12.76 -12.64 24.38
CA GLU C 440 13.01 -14.03 24.03
C GLU C 440 11.80 -14.92 24.31
N SER C 441 10.99 -14.60 25.32
CA SER C 441 9.81 -15.39 25.56
C SER C 441 8.88 -15.34 24.36
N ARG C 442 8.61 -14.13 23.89
CA ARG C 442 7.66 -13.97 22.79
C ARG C 442 8.23 -14.50 21.49
N LEU C 443 9.54 -14.51 21.33
CA LEU C 443 10.13 -15.12 20.15
C LEU C 443 9.97 -16.62 20.22
N PHE C 444 10.15 -17.18 21.40
CA PHE C 444 10.00 -18.61 21.60
C PHE C 444 8.59 -19.04 21.26
N HIS C 445 7.59 -18.22 21.58
CA HIS C 445 6.21 -18.58 21.30
C HIS C 445 5.89 -18.53 19.82
N LYS C 446 6.68 -17.86 19.01
CA LYS C 446 6.36 -17.82 17.59
C LYS C 446 6.70 -19.15 16.92
N LEU C 447 7.65 -19.90 17.50
CA LEU C 447 8.04 -21.19 16.95
C LEU C 447 6.90 -22.19 17.00
N SER C 448 6.60 -22.78 15.84
CA SER C 448 5.53 -23.77 15.77
C SER C 448 5.70 -24.82 16.85
N THR C 449 4.58 -25.20 17.46
CA THR C 449 4.62 -26.15 18.55
C THR C 449 5.23 -27.48 18.13
N ARG C 450 4.90 -27.95 16.92
CA ARG C 450 5.48 -29.20 16.43
C ARG C 450 7.00 -29.16 16.51
N HIS C 451 7.60 -28.05 16.12
CA HIS C 451 9.06 -27.94 16.17
C HIS C 451 9.57 -27.87 17.60
N ARG C 452 8.78 -27.29 18.50
CA ARG C 452 9.23 -27.15 19.87
C ARG C 452 9.20 -28.49 20.59
N LEU C 453 8.13 -29.27 20.39
CA LEU C 453 8.06 -30.58 21.02
C LEU C 453 9.20 -31.47 20.62
N ALA C 454 9.68 -31.33 19.37
CA ALA C 454 10.80 -32.14 18.92
C ALA C 454 12.07 -31.80 19.68
N TYR C 455 12.23 -30.54 20.08
CA TYR C 455 13.39 -30.19 20.90
C TYR C 455 13.24 -30.79 22.29
N VAL C 456 12.05 -30.65 22.87
CA VAL C 456 11.82 -31.21 24.19
C VAL C 456 12.04 -32.71 24.19
N GLU C 457 11.36 -33.42 23.28
CA GLU C 457 11.51 -34.86 23.21
C GLU C 457 12.97 -35.27 23.08
N ALA C 458 13.73 -34.54 22.28
CA ALA C 458 15.09 -34.98 22.02
C ALA C 458 15.99 -34.71 23.20
N VAL C 459 15.77 -33.62 23.92
CA VAL C 459 16.67 -33.28 25.02
C VAL C 459 16.32 -34.08 26.27
N SER C 460 15.04 -34.39 26.48
CA SER C 460 14.67 -35.24 27.61
C SER C 460 15.38 -36.58 27.55
N LYS C 461 15.48 -37.16 26.35
CA LYS C 461 16.15 -38.44 26.21
C LYS C 461 17.63 -38.36 26.48
N LEU C 462 18.13 -37.22 26.88
CA LEU C 462 19.55 -37.03 27.08
C LEU C 462 19.93 -37.32 28.51
N PRO C 463 21.23 -37.67 28.75
CA PRO C 463 21.69 -37.82 30.14
C PRO C 463 22.06 -36.47 30.70
N SER C 464 21.26 -35.99 31.64
CA SER C 464 21.48 -34.66 32.20
C SER C 464 22.88 -34.51 32.78
N ASP C 465 23.44 -35.59 33.33
CA ASP C 465 24.74 -35.53 33.98
C ASP C 465 25.91 -35.45 33.01
N SER C 466 25.78 -36.03 31.82
CA SER C 466 26.83 -36.13 30.81
C SER C 466 27.63 -34.85 30.60
N PRO C 467 28.93 -34.95 30.32
CA PRO C 467 29.70 -33.76 29.95
C PRO C 467 29.46 -33.30 28.52
N GLU C 468 28.79 -34.09 27.71
CA GLU C 468 28.41 -33.69 26.37
C GLU C 468 27.02 -33.07 26.32
N PHE C 469 26.17 -33.28 27.32
CA PHE C 469 24.82 -32.72 27.34
C PHE C 469 24.73 -31.26 26.90
N PRO C 470 25.58 -30.34 27.36
CA PRO C 470 25.46 -28.95 26.87
C PRO C 470 25.66 -28.82 25.37
N LEU C 471 26.50 -29.68 24.79
CA LEU C 471 26.73 -29.60 23.37
C LEU C 471 25.54 -30.14 22.60
N TRP C 472 24.91 -31.19 23.11
CA TRP C 472 23.73 -31.70 22.43
C TRP C 472 22.57 -30.72 22.56
N GLU C 473 22.46 -30.02 23.69
CA GLU C 473 21.39 -29.05 23.85
C GLU C 473 21.51 -27.94 22.83
N TYR C 474 22.73 -27.54 22.50
CA TYR C 474 22.84 -26.45 21.54
C TYR C 474 22.52 -26.95 20.14
N TYR C 475 23.03 -28.13 19.78
CA TYR C 475 22.67 -28.74 18.52
C TYR C 475 21.16 -28.80 18.37
N TYR C 476 20.49 -29.42 19.32
CA TYR C 476 19.05 -29.53 19.19
C TYR C 476 18.38 -28.17 19.31
N ARG C 477 19.10 -27.17 19.81
CA ARG C 477 18.55 -25.81 19.85
C ARG C 477 18.65 -25.15 18.50
N CYS C 478 19.79 -25.30 17.83
CA CYS C 478 19.91 -24.74 16.49
C CYS C 478 19.05 -25.49 15.49
N ARG C 479 18.92 -26.79 15.66
CA ARG C 479 18.13 -27.54 14.72
C ARG C 479 16.66 -27.17 14.84
N LEU C 480 16.22 -26.85 16.05
CA LEU C 480 14.87 -26.36 16.23
C LEU C 480 14.63 -25.08 15.45
N LEU C 481 15.63 -24.24 15.36
CA LEU C 481 15.47 -22.98 14.66
C LEU C 481 15.46 -23.21 13.14
N GLN C 482 16.35 -24.06 12.66
CA GLN C 482 16.36 -24.40 11.25
C GLN C 482 15.05 -25.06 10.84
N ASP C 483 14.46 -25.87 11.74
CA ASP C 483 13.18 -26.49 11.43
C ASP C 483 12.11 -25.44 11.20
N TYR C 484 12.06 -24.42 12.05
CA TYR C 484 11.05 -23.38 11.92
C TYR C 484 11.16 -22.67 10.58
N ILE C 485 12.36 -22.20 10.25
CA ILE C 485 12.59 -21.48 9.00
C ILE C 485 12.27 -22.36 7.80
N SER C 486 12.90 -23.53 7.71
CA SER C 486 12.69 -24.39 6.55
C SER C 486 11.24 -24.82 6.44
N GLY C 487 10.54 -24.96 7.54
CA GLY C 487 9.17 -25.38 7.40
C GLY C 487 8.29 -24.16 7.19
N MET C 488 8.64 -23.38 6.18
CA MET C 488 7.96 -22.13 5.92
C MET C 488 7.69 -22.02 4.45
N THR C 489 6.73 -21.18 4.15
CA THR C 489 6.43 -20.86 2.78
C THR C 489 7.37 -19.76 2.31
N ASP C 490 7.54 -19.67 0.99
CA ASP C 490 8.18 -18.50 0.42
C ASP C 490 7.51 -17.25 0.91
N LEU C 491 6.19 -17.26 0.92
CA LEU C 491 5.43 -16.09 1.27
C LEU C 491 5.33 -15.92 2.77
N TYR C 492 5.22 -17.01 3.52
CA TYR C 492 5.17 -16.83 4.96
C TYR C 492 6.49 -16.28 5.50
N ALA C 493 7.61 -16.65 4.91
CA ALA C 493 8.89 -16.12 5.37
C ALA C 493 9.00 -14.64 5.05
N TRP C 494 8.45 -14.23 3.92
CA TRP C 494 8.54 -12.82 3.53
C TRP C 494 7.66 -11.96 4.43
N ASP C 495 6.45 -12.44 4.75
CA ASP C 495 5.59 -11.66 5.62
C ASP C 495 6.15 -11.60 7.02
N GLU C 496 6.62 -12.72 7.55
CA GLU C 496 7.21 -12.71 8.87
C GLU C 496 8.41 -11.78 8.90
N TYR C 497 9.22 -11.78 7.85
CA TYR C 497 10.38 -10.90 7.82
C TYR C 497 9.96 -9.44 7.89
N ARG C 498 8.94 -9.08 7.14
CA ARG C 498 8.48 -7.70 7.14
C ARG C 498 7.69 -7.37 8.38
N ARG C 499 6.84 -8.28 8.83
CA ARG C 499 6.11 -8.05 10.08
C ARG C 499 7.08 -7.78 11.21
N LEU C 500 8.13 -8.60 11.33
CA LEU C 500 9.01 -8.46 12.48
C LEU C 500 10.07 -7.41 12.27
N MET C 501 10.15 -6.84 11.09
CA MET C 501 10.97 -5.65 10.89
C MET C 501 10.11 -4.40 11.01
N ALA C 502 8.85 -4.58 11.37
CA ALA C 502 7.93 -3.48 11.62
C ALA C 502 7.76 -2.59 10.39
N VAL C 503 7.77 -3.19 9.20
CA VAL C 503 7.49 -2.46 7.97
C VAL C 503 6.13 -2.80 7.40
N GLU C 504 5.38 -3.69 8.04
CA GLU C 504 4.07 -4.12 7.59
C GLU C 504 3.02 -3.89 8.66
N GLN D 3 -43.03 29.73 39.84
CA GLN D 3 -42.16 29.47 40.98
C GLN D 3 -41.01 28.56 40.61
N ILE D 4 -39.80 29.02 40.91
CA ILE D 4 -38.58 28.30 40.60
C ILE D 4 -38.29 27.34 41.75
N ASP D 5 -38.60 26.07 41.57
CA ASP D 5 -38.33 25.03 42.57
C ASP D 5 -37.59 23.90 41.86
N PHE D 6 -36.28 23.82 42.07
CA PHE D 6 -35.52 22.83 41.31
C PHE D 6 -35.66 21.43 41.85
N ARG D 7 -36.26 21.24 43.01
CA ARG D 7 -36.55 19.89 43.44
C ARG D 7 -37.58 19.22 42.52
N LYS D 8 -38.38 20.01 41.82
CA LYS D 8 -39.40 19.51 40.89
C LYS D 8 -38.88 19.25 39.50
N LYS D 9 -37.62 19.58 39.22
CA LYS D 9 -37.02 19.37 37.90
C LYS D 9 -35.93 18.31 37.94
N ILE D 10 -35.04 18.37 38.93
CA ILE D 10 -33.95 17.41 39.08
C ILE D 10 -34.54 16.07 39.52
N ASN D 11 -35.09 15.35 38.55
CA ASN D 11 -35.73 14.07 38.79
C ASN D 11 -34.69 12.96 38.93
N TRP D 12 -34.79 12.15 39.97
CA TRP D 12 -33.84 11.07 40.18
C TRP D 12 -34.46 9.71 39.92
N HIS D 13 -35.56 9.67 39.20
CA HIS D 13 -36.24 8.43 38.88
C HIS D 13 -35.80 7.97 37.50
N ARG D 14 -35.94 6.67 37.28
CA ARG D 14 -35.58 6.11 35.99
C ARG D 14 -36.79 5.60 35.26
N ARG D 15 -36.56 5.28 33.99
CA ARG D 15 -37.59 4.67 33.16
C ARG D 15 -37.79 3.21 33.52
N TYR D 16 -36.72 2.55 33.92
CA TYR D 16 -36.77 1.14 34.30
C TYR D 16 -36.16 0.98 35.69
N ARG D 17 -36.66 -0.02 36.43
CA ARG D 17 -36.25 -0.34 37.80
C ARG D 17 -36.04 0.92 38.63
N SER D 18 -37.01 1.80 38.62
CA SER D 18 -36.76 3.11 39.18
C SER D 18 -36.56 3.04 40.68
N PRO D 19 -35.76 3.96 41.23
CA PRO D 19 -35.70 4.11 42.70
C PRO D 19 -36.91 4.91 43.13
N GLN D 20 -37.51 4.54 44.25
CA GLN D 20 -38.79 5.08 44.63
C GLN D 20 -38.81 5.60 46.07
N GLY D 21 -39.40 6.78 46.24
CA GLY D 21 -39.79 7.22 47.56
C GLY D 21 -38.71 7.66 48.54
N VAL D 22 -38.83 8.90 49.01
CA VAL D 22 -38.04 9.45 50.12
C VAL D 22 -36.61 9.75 49.64
N LYS D 23 -35.64 8.99 50.16
CA LYS D 23 -34.22 9.05 49.81
C LYS D 23 -33.54 10.25 50.45
N THR D 24 -32.38 10.02 51.08
CA THR D 24 -31.54 11.02 51.71
C THR D 24 -31.02 12.03 50.68
N GLU D 25 -30.42 13.11 51.18
CA GLU D 25 -29.62 13.97 50.31
C GLU D 25 -28.43 13.17 49.79
N HIS D 26 -27.86 12.30 50.63
CA HIS D 26 -26.79 11.43 50.20
C HIS D 26 -27.29 10.29 49.32
N GLU D 27 -28.51 9.80 49.54
CA GLU D 27 -29.03 8.75 48.67
C GLU D 27 -29.33 9.29 47.27
N ILE D 28 -29.85 10.51 47.20
CA ILE D 28 -30.14 11.08 45.89
C ILE D 28 -28.85 11.37 45.15
N LEU D 29 -27.76 11.60 45.89
CA LEU D 29 -26.45 11.75 45.28
C LEU D 29 -26.00 10.47 44.60
N ARG D 30 -25.88 9.39 45.37
CA ARG D 30 -25.44 8.12 44.83
C ARG D 30 -26.29 7.67 43.64
N ILE D 31 -27.52 8.14 43.52
CA ILE D 31 -28.31 7.81 42.35
C ILE D 31 -27.69 8.45 41.11
N PHE D 32 -27.21 9.69 41.25
CA PHE D 32 -26.62 10.41 40.12
C PHE D 32 -25.15 10.05 39.93
N GLU D 33 -24.50 9.60 40.99
CA GLU D 33 -23.15 9.04 40.88
C GLU D 33 -23.19 7.71 40.17
N SER D 34 -24.34 7.04 40.17
CA SER D 34 -24.46 5.84 39.35
C SER D 34 -24.53 6.20 37.87
N ASP D 35 -25.14 7.35 37.55
CA ASP D 35 -25.14 7.80 36.17
C ASP D 35 -23.72 8.04 35.65
N ARG D 36 -22.85 8.62 36.48
CA ARG D 36 -21.47 8.84 36.04
C ARG D 36 -20.83 7.53 35.61
N GLY D 37 -20.93 6.51 36.46
CA GLY D 37 -20.34 5.22 36.11
C GLY D 37 -20.98 4.58 34.90
N ARG D 38 -22.25 4.89 34.63
CA ARG D 38 -22.90 4.31 33.47
C ARG D 38 -22.44 4.99 32.19
N ILE D 39 -22.20 6.30 32.26
CA ILE D 39 -21.76 7.07 31.09
C ILE D 39 -20.27 6.86 30.81
N ILE D 40 -19.43 7.00 31.83
CA ILE D 40 -17.99 6.85 31.62
C ILE D 40 -17.64 5.48 31.09
N ASN D 41 -18.27 4.43 31.60
CA ASN D 41 -17.96 3.09 31.13
C ASN D 41 -18.75 2.70 29.89
N SER D 42 -19.29 3.60 29.25
CA SER D 42 -20.08 3.27 28.08
C SER D 42 -19.22 3.21 26.83
N PRO D 43 -19.40 2.19 25.98
CA PRO D 43 -18.66 2.16 24.72
C PRO D 43 -19.05 3.27 23.77
N ALA D 44 -20.26 3.81 23.88
CA ALA D 44 -20.63 4.93 23.02
C ALA D 44 -19.81 6.17 23.33
N ILE D 45 -19.31 6.29 24.56
CA ILE D 45 -18.43 7.40 24.88
C ILE D 45 -17.01 7.07 24.47
N ARG D 46 -16.59 5.82 24.60
CA ARG D 46 -15.29 5.41 24.07
C ARG D 46 -15.22 5.58 22.56
N ARG D 47 -16.28 5.21 21.84
CA ARG D 47 -16.29 5.38 20.39
C ARG D 47 -16.03 6.81 19.93
N LEU D 48 -15.99 7.80 20.83
CA LEU D 48 -15.78 9.17 20.40
C LEU D 48 -14.33 9.51 20.14
N GLN D 49 -13.38 8.79 20.75
CA GLN D 49 -11.97 9.10 20.48
C GLN D 49 -11.59 8.78 19.05
N GLN D 50 -12.55 8.32 18.27
CA GLN D 50 -12.37 8.01 16.88
C GLN D 50 -13.36 8.71 15.98
N LYS D 51 -14.33 9.43 16.53
CA LYS D 51 -15.17 10.32 15.74
C LYS D 51 -14.53 11.70 15.76
N THR D 52 -14.74 12.48 14.70
CA THR D 52 -13.88 13.62 14.45
C THR D 52 -14.49 14.96 14.81
N GLN D 53 -13.66 15.86 15.27
CA GLN D 53 -14.19 17.21 15.53
C GLN D 53 -13.21 18.13 14.86
N VAL D 54 -13.73 18.83 13.86
CA VAL D 54 -13.12 19.75 12.88
C VAL D 54 -12.16 19.07 11.90
N PHE D 55 -11.08 18.44 12.39
CA PHE D 55 -10.12 17.80 11.49
C PHE D 55 -10.44 16.32 11.33
N PRO D 56 -10.88 15.87 10.16
CA PRO D 56 -11.19 14.45 9.97
C PRO D 56 -9.93 13.59 9.98
N LEU D 57 -9.98 12.48 10.72
CA LEU D 57 -8.91 11.47 10.71
C LEU D 57 -7.55 12.07 11.00
N GLU D 58 -7.47 13.08 11.85
CA GLU D 58 -6.20 13.71 12.15
C GLU D 58 -5.32 12.71 12.84
N ARG D 59 -4.11 12.51 12.33
CA ARG D 59 -3.30 11.38 12.77
C ARG D 59 -2.36 11.73 13.92
N ASN D 60 -2.40 12.95 14.46
CA ASN D 60 -1.62 13.28 15.64
C ASN D 60 -2.55 13.60 16.79
N ALA D 61 -2.41 12.85 17.88
CA ALA D 61 -3.31 12.93 19.03
C ALA D 61 -3.42 14.34 19.59
N ALA D 62 -2.48 15.23 19.30
CA ALA D 62 -2.52 16.56 19.86
C ALA D 62 -3.69 17.39 19.32
N VAL D 63 -4.37 16.92 18.29
CA VAL D 63 -5.57 17.55 17.79
C VAL D 63 -6.76 16.90 18.48
N ARG D 64 -7.79 17.69 18.76
CA ARG D 64 -8.91 17.17 19.53
C ARG D 64 -9.80 16.31 18.67
N THR D 65 -10.30 15.24 19.26
CA THR D 65 -11.34 14.39 18.71
C THR D 65 -12.66 14.81 19.33
N ARG D 66 -13.73 14.04 19.11
CA ARG D 66 -14.96 14.38 19.79
C ARG D 66 -14.84 14.12 21.28
N LEU D 67 -14.04 13.13 21.67
CA LEU D 67 -13.91 12.79 23.08
C LEU D 67 -13.12 13.84 23.84
N THR D 68 -11.93 14.19 23.35
CA THR D 68 -11.14 15.17 24.07
C THR D 68 -11.84 16.51 24.10
N HIS D 69 -12.58 16.84 23.05
CA HIS D 69 -13.40 18.05 23.06
C HIS D 69 -14.50 17.96 24.10
N SER D 70 -15.30 16.88 24.05
CA SER D 70 -16.39 16.75 25.00
C SER D 70 -15.89 16.81 26.43
N MET D 71 -14.71 16.30 26.69
CA MET D 71 -14.17 16.36 28.03
C MET D 71 -13.79 17.78 28.41
N GLU D 72 -13.39 18.60 27.45
CA GLU D 72 -13.07 19.98 27.79
C GLU D 72 -14.33 20.79 28.00
N VAL D 73 -15.40 20.46 27.28
CA VAL D 73 -16.70 21.05 27.57
C VAL D 73 -17.11 20.72 28.99
N GLN D 74 -16.82 19.49 29.42
CA GLN D 74 -17.17 19.02 30.74
C GLN D 74 -16.53 19.88 31.83
N GLN D 75 -15.30 20.34 31.61
CA GLN D 75 -14.69 21.20 32.62
C GLN D 75 -15.21 22.62 32.56
N VAL D 76 -15.68 23.08 31.39
CA VAL D 76 -16.23 24.42 31.30
C VAL D 76 -17.61 24.46 31.93
N GLY D 77 -18.39 23.39 31.76
CA GLY D 77 -19.70 23.36 32.39
C GLY D 77 -19.60 23.26 33.90
N ARG D 78 -18.58 22.58 34.39
CA ARG D 78 -18.31 22.54 35.82
C ARG D 78 -18.06 23.95 36.36
N TYR D 79 -17.19 24.71 35.68
CA TYR D 79 -16.91 26.09 36.10
C TYR D 79 -18.17 26.95 36.04
N ILE D 80 -19.02 26.76 35.03
CA ILE D 80 -20.22 27.59 34.93
C ILE D 80 -21.21 27.20 36.01
N ALA D 81 -21.43 25.89 36.19
CA ALA D 81 -22.32 25.44 37.26
C ALA D 81 -21.83 25.87 38.64
N LYS D 82 -20.54 25.71 38.91
CA LYS D 82 -20.01 26.09 40.21
C LYS D 82 -20.08 27.60 40.44
N GLU D 83 -20.10 28.40 39.38
CA GLU D 83 -20.21 29.85 39.57
C GLU D 83 -21.65 30.28 39.71
N ILE D 84 -22.58 29.53 39.12
CA ILE D 84 -23.99 29.83 39.34
C ILE D 84 -24.36 29.49 40.78
N LEU D 85 -23.83 28.39 41.31
CA LEU D 85 -24.11 28.03 42.70
C LEU D 85 -23.46 29.04 43.64
N SER D 86 -22.23 29.46 43.33
CA SER D 86 -21.56 30.45 44.16
C SER D 86 -22.23 31.82 44.04
N ARG D 87 -22.53 32.26 42.81
CA ARG D 87 -23.16 33.57 42.62
C ARG D 87 -24.59 33.60 43.12
N LEU D 88 -25.31 32.51 42.99
CA LEU D 88 -26.66 32.44 43.52
C LEU D 88 -26.64 32.26 45.03
N LYS D 89 -25.51 31.82 45.57
CA LYS D 89 -25.28 31.75 47.01
C LYS D 89 -24.96 33.12 47.60
N GLU D 90 -24.44 34.02 46.79
CA GLU D 90 -24.24 35.41 47.22
C GLU D 90 -25.57 36.05 47.54
N LEU D 91 -26.63 35.55 46.92
CA LEU D 91 -28.00 35.97 47.10
C LEU D 91 -28.81 35.00 47.97
N LYS D 92 -28.24 33.83 48.27
CA LYS D 92 -28.88 32.74 49.03
C LYS D 92 -30.18 32.25 48.38
N LEU D 93 -30.40 32.57 47.11
CA LEU D 93 -31.66 32.15 46.49
C LEU D 93 -31.72 30.65 46.30
N LEU D 94 -30.65 29.94 46.66
CA LEU D 94 -30.58 28.50 46.45
C LEU D 94 -31.65 27.81 47.27
N GLU D 95 -31.67 28.07 48.56
CA GLU D 95 -32.64 27.44 49.43
C GLU D 95 -34.04 27.88 49.03
N ALA D 96 -34.16 29.07 48.44
CA ALA D 96 -35.42 29.55 47.89
C ALA D 96 -35.81 28.86 46.59
N TYR D 97 -34.84 28.31 45.87
CA TYR D 97 -35.09 27.66 44.60
C TYR D 97 -35.10 26.14 44.68
N GLY D 98 -34.88 25.58 45.87
CA GLY D 98 -34.85 24.15 46.04
C GLY D 98 -33.49 23.54 45.85
N LEU D 99 -32.49 24.36 45.58
CA LEU D 99 -31.14 23.90 45.28
C LEU D 99 -30.30 23.68 46.53
N ASP D 100 -30.82 23.92 47.72
CA ASP D 100 -29.98 23.82 48.90
C ASP D 100 -29.49 22.40 49.11
N GLU D 101 -30.25 21.40 48.68
CA GLU D 101 -29.87 20.02 48.86
C GLU D 101 -29.53 19.33 47.56
N LEU D 102 -29.67 20.02 46.43
CA LEU D 102 -29.33 19.49 45.11
C LEU D 102 -28.13 20.20 44.49
N THR D 103 -27.10 20.49 45.29
CA THR D 103 -25.95 21.19 44.75
C THR D 103 -25.10 20.27 43.89
N GLY D 104 -24.87 19.05 44.35
CA GLY D 104 -24.10 18.09 43.59
C GLY D 104 -24.77 17.64 42.31
N PRO D 105 -26.02 17.19 42.40
CA PRO D 105 -26.74 16.82 41.17
C PRO D 105 -26.82 17.94 40.16
N PHE D 106 -26.90 19.19 40.62
CA PHE D 106 -26.86 20.32 39.69
C PHE D 106 -25.57 20.28 38.87
N GLU D 107 -24.45 20.15 39.55
CA GLU D 107 -23.16 20.07 38.90
C GLU D 107 -23.06 18.81 38.05
N SER D 108 -23.26 17.64 38.66
CA SER D 108 -23.03 16.36 37.98
C SER D 108 -23.83 16.22 36.70
N ILE D 109 -25.10 16.63 36.69
CA ILE D 109 -25.87 16.49 35.47
C ILE D 109 -25.24 17.28 34.33
N VAL D 110 -24.74 18.48 34.62
CA VAL D 110 -24.07 19.28 33.60
C VAL D 110 -22.84 18.54 33.09
N GLU D 111 -21.93 18.21 34.01
CA GLU D 111 -20.72 17.49 33.62
C GLU D 111 -21.06 16.29 32.74
N MET D 112 -22.04 15.48 33.14
CA MET D 112 -22.33 14.26 32.40
C MET D 112 -23.02 14.56 31.09
N SER D 113 -24.02 15.42 31.11
CA SER D 113 -24.63 15.77 29.83
C SER D 113 -23.70 16.65 29.00
N CYS D 114 -22.55 17.09 29.52
CA CYS D 114 -21.57 17.74 28.66
C CYS D 114 -20.78 16.71 27.88
N LEU D 115 -20.42 15.62 28.56
CA LEU D 115 -19.72 14.49 27.98
C LEU D 115 -20.56 13.74 26.98
N MET D 116 -21.87 13.92 26.99
CA MET D 116 -22.75 13.12 26.15
C MET D 116 -23.39 13.87 24.99
N HIS D 117 -23.09 15.14 24.85
CA HIS D 117 -23.57 15.67 23.57
C HIS D 117 -22.80 14.93 22.49
N ASP D 118 -23.12 15.25 21.28
CA ASP D 118 -22.33 14.74 20.16
C ASP D 118 -22.32 13.21 20.13
N ILE D 119 -22.79 12.56 21.21
CA ILE D 119 -22.71 11.10 21.28
C ILE D 119 -23.40 10.44 20.10
N GLY D 120 -24.40 11.08 19.55
CA GLY D 120 -25.13 10.50 18.45
C GLY D 120 -24.71 11.02 17.10
N ASN D 121 -23.61 11.75 17.01
CA ASN D 121 -23.23 12.32 15.72
C ASN D 121 -22.75 11.21 14.80
N PRO D 122 -23.04 11.31 13.51
CA PRO D 122 -22.71 10.24 12.58
C PRO D 122 -21.24 10.28 12.20
N PRO D 123 -20.75 9.29 11.44
CA PRO D 123 -19.31 9.22 11.18
C PRO D 123 -18.71 10.51 10.70
N PHE D 124 -19.31 11.21 9.75
CA PHE D 124 -18.56 12.37 9.31
C PHE D 124 -19.31 13.66 9.61
N GLY D 125 -19.57 13.91 10.88
CA GLY D 125 -19.91 15.26 11.36
C GLY D 125 -21.16 15.72 10.62
N HIS D 126 -21.13 16.91 10.03
CA HIS D 126 -22.30 17.48 9.30
C HIS D 126 -22.34 16.93 7.90
N PHE D 127 -21.37 16.10 7.58
CA PHE D 127 -21.39 15.42 6.29
C PHE D 127 -21.85 13.97 6.37
N GLY D 128 -21.89 13.38 7.57
CA GLY D 128 -22.69 12.18 7.72
C GLY D 128 -24.17 12.53 7.66
N GLU D 129 -24.57 13.54 8.42
CA GLU D 129 -25.94 14.05 8.37
C GLU D 129 -26.36 14.32 6.93
N ALA D 130 -25.52 15.03 6.20
CA ALA D 130 -25.81 15.35 4.80
C ALA D 130 -26.03 14.11 3.97
N ALA D 131 -25.02 13.25 3.88
CA ALA D 131 -25.11 12.04 3.06
C ALA D 131 -26.39 11.28 3.34
N ILE D 132 -26.78 11.19 4.61
CA ILE D 132 -27.94 10.38 4.95
C ILE D 132 -29.23 11.05 4.46
N ASN D 133 -29.44 12.31 4.82
CA ASN D 133 -30.68 12.97 4.43
C ASN D 133 -30.79 13.08 2.92
N ASP D 134 -29.68 13.36 2.26
CA ASP D 134 -29.72 13.45 0.81
C ASP D 134 -30.05 12.09 0.21
N TRP D 135 -29.41 11.03 0.71
CA TRP D 135 -29.69 9.71 0.17
C TRP D 135 -31.12 9.29 0.39
N PHE D 136 -31.74 9.74 1.49
CA PHE D 136 -33.12 9.33 1.68
C PHE D 136 -34.09 10.22 0.92
N ARG D 137 -33.76 11.49 0.71
CA ARG D 137 -34.65 12.35 -0.05
C ARG D 137 -34.80 11.85 -1.48
N GLN D 138 -33.70 11.51 -2.12
CA GLN D 138 -33.77 10.99 -3.48
C GLN D 138 -34.62 9.73 -3.57
N ARG D 139 -34.77 8.99 -2.47
CA ARG D 139 -35.58 7.78 -2.54
C ARG D 139 -37.04 8.05 -2.19
N LEU D 140 -37.28 8.70 -1.05
CA LEU D 140 -38.63 8.97 -0.58
C LEU D 140 -38.84 10.47 -0.43
N HIS D 141 -38.96 11.15 -1.57
CA HIS D 141 -39.07 12.60 -1.62
C HIS D 141 -40.12 13.13 -0.64
N PRO D 142 -39.69 13.77 0.45
CA PRO D 142 -40.66 14.37 1.37
C PRO D 142 -41.26 15.64 0.83
N GLU D 143 -40.70 16.19 -0.24
CA GLU D 143 -41.28 17.39 -0.82
C GLU D 143 -42.65 17.11 -1.41
N ASP D 144 -42.90 15.91 -1.92
CA ASP D 144 -44.17 15.66 -2.58
C ASP D 144 -45.31 15.41 -1.62
N ALA D 145 -45.03 14.84 -0.46
CA ALA D 145 -46.12 14.49 0.44
C ALA D 145 -46.60 15.69 1.25
N GLU D 146 -46.00 16.86 1.03
CA GLU D 146 -46.36 18.06 1.78
C GLU D 146 -47.84 18.40 1.63
N SER D 147 -48.40 18.26 0.43
CA SER D 147 -49.75 18.75 0.18
C SER D 147 -50.80 17.69 0.36
N GLN D 148 -51.76 17.62 -0.56
CA GLN D 148 -52.73 16.55 -0.58
C GLN D 148 -52.58 15.72 -1.83
N PRO D 149 -53.56 14.88 -2.14
CA PRO D 149 -53.54 14.12 -3.37
C PRO D 149 -52.53 13.00 -3.36
N LEU D 150 -51.70 12.92 -4.40
CA LEU D 150 -51.77 13.81 -5.54
C LEU D 150 -50.43 14.42 -5.90
N THR D 151 -50.03 14.34 -7.16
CA THR D 151 -50.79 13.65 -8.20
C THR D 151 -49.86 12.78 -9.02
N ASP D 152 -48.68 13.30 -9.35
CA ASP D 152 -47.57 12.51 -9.87
C ASP D 152 -46.53 12.41 -8.75
N ASP D 153 -46.71 11.42 -7.88
CA ASP D 153 -45.93 11.29 -6.66
C ASP D 153 -44.57 10.66 -6.94
N ARG D 154 -43.50 11.47 -6.85
CA ARG D 154 -42.13 10.98 -7.03
C ARG D 154 -41.58 10.41 -5.73
N CYS D 155 -42.03 9.21 -5.41
CA CYS D 155 -41.55 8.55 -4.20
C CYS D 155 -41.35 7.08 -4.55
N SER D 156 -40.17 6.56 -4.27
CA SER D 156 -39.89 5.21 -4.73
C SER D 156 -40.50 4.15 -3.85
N VAL D 157 -41.00 4.51 -2.68
CA VAL D 157 -41.61 3.52 -1.79
C VAL D 157 -43.08 3.45 -2.16
N ALA D 158 -43.61 2.25 -2.28
CA ALA D 158 -44.97 2.09 -2.77
C ALA D 158 -45.98 2.47 -1.69
N ALA D 159 -45.90 1.80 -0.54
CA ALA D 159 -46.84 2.04 0.54
C ALA D 159 -46.80 3.49 1.02
N LEU D 160 -45.69 4.19 0.82
CA LEU D 160 -45.57 5.54 1.34
C LEU D 160 -45.99 6.60 0.33
N ARG D 161 -46.28 6.21 -0.91
CA ARG D 161 -46.87 7.14 -1.85
C ARG D 161 -48.28 7.50 -1.41
N LEU D 162 -48.58 8.80 -1.49
CA LEU D 162 -49.88 9.33 -1.07
C LEU D 162 -50.98 8.87 -2.01
N ARG D 163 -51.96 8.14 -1.46
CA ARG D 163 -53.08 7.68 -2.27
C ARG D 163 -53.98 8.84 -2.68
N ASP D 164 -54.38 8.83 -3.95
CA ASP D 164 -55.01 9.98 -4.58
C ASP D 164 -56.40 10.49 -4.09
N GLY D 165 -57.29 9.67 -3.54
CA GLY D 165 -57.05 8.45 -2.78
C GLY D 165 -57.02 8.67 -1.28
N GLU D 166 -57.39 9.89 -0.89
CA GLU D 166 -57.40 10.40 0.48
C GLU D 166 -57.66 9.38 1.58
N GLU D 167 -56.84 9.47 2.63
CA GLU D 167 -56.90 8.69 3.85
C GLU D 167 -56.35 9.58 4.95
N PRO D 168 -56.75 9.35 6.21
CA PRO D 168 -56.01 9.98 7.30
C PRO D 168 -54.74 9.20 7.59
N LEU D 169 -54.62 8.02 6.98
CA LEU D 169 -53.39 7.27 6.94
C LEU D 169 -52.39 7.90 6.00
N ASN D 170 -52.81 8.91 5.23
CA ASN D 170 -51.90 9.74 4.47
C ASN D 170 -51.16 10.70 5.37
N GLU D 171 -51.64 10.91 6.60
CA GLU D 171 -50.92 11.71 7.57
C GLU D 171 -49.73 10.96 8.14
N LEU D 172 -49.89 9.66 8.40
CA LEU D 172 -48.73 8.84 8.77
C LEU D 172 -47.66 8.88 7.69
N ARG D 173 -48.10 8.77 6.44
CA ARG D 173 -47.18 8.86 5.30
C ARG D 173 -46.36 10.14 5.36
N ARG D 174 -47.02 11.25 5.67
CA ARG D 174 -46.37 12.55 5.70
C ARG D 174 -45.33 12.64 6.81
N LYS D 175 -45.65 12.10 7.99
CA LYS D 175 -44.74 12.15 9.12
C LYS D 175 -43.50 11.33 8.84
N ILE D 176 -43.68 10.11 8.35
CA ILE D 176 -42.55 9.22 8.10
C ILE D 176 -41.60 9.79 7.05
N ARG D 177 -42.14 10.32 5.95
CA ARG D 177 -41.27 10.84 4.91
C ARG D 177 -40.42 11.99 5.40
N GLN D 178 -40.89 12.74 6.37
CA GLN D 178 -40.10 13.87 6.81
C GLN D 178 -39.19 13.49 7.95
N ASP D 179 -39.60 12.53 8.77
CA ASP D 179 -38.72 12.06 9.83
C ASP D 179 -37.44 11.43 9.27
N LEU D 180 -37.57 10.52 8.32
CA LEU D 180 -36.38 9.83 7.83
C LEU D 180 -35.45 10.73 7.05
N CYS D 181 -35.94 11.83 6.50
CA CYS D 181 -35.09 12.76 5.77
C CYS D 181 -34.51 13.84 6.64
N HIS D 182 -34.70 13.76 7.95
CA HIS D 182 -34.22 14.79 8.86
C HIS D 182 -33.43 14.15 10.01
N PHE D 183 -32.39 13.41 9.67
CA PHE D 183 -31.52 12.85 10.69
C PHE D 183 -30.73 13.96 11.36
N GLU D 184 -30.50 13.84 12.66
CA GLU D 184 -29.75 14.84 13.39
C GLU D 184 -29.04 14.18 14.56
N GLY D 185 -27.77 14.55 14.75
CA GLY D 185 -27.02 13.99 15.86
C GLY D 185 -27.73 14.10 17.19
N ASN D 186 -28.44 15.21 17.40
CA ASN D 186 -29.12 15.41 18.67
C ASN D 186 -30.30 14.47 18.80
N ALA D 187 -31.10 14.35 17.74
CA ALA D 187 -32.22 13.42 17.76
C ALA D 187 -31.74 11.98 17.86
N GLN D 188 -30.68 11.64 17.14
CA GLN D 188 -30.12 10.29 17.19
C GLN D 188 -29.47 10.02 18.54
N GLY D 189 -29.07 11.07 19.26
CA GLY D 189 -28.51 10.86 20.58
C GLY D 189 -29.55 10.37 21.58
N ILE D 190 -30.77 10.87 21.49
CA ILE D 190 -31.83 10.41 22.37
C ILE D 190 -32.20 8.97 22.03
N ARG D 191 -32.32 8.66 20.74
CA ARG D 191 -32.56 7.28 20.33
C ARG D 191 -31.45 6.37 20.80
N LEU D 192 -30.23 6.88 20.89
CA LEU D 192 -29.11 6.04 21.25
C LEU D 192 -29.17 5.61 22.71
N VAL D 193 -29.31 6.56 23.63
CA VAL D 193 -29.25 6.22 25.05
C VAL D 193 -30.46 5.41 25.49
N HIS D 194 -31.61 5.62 24.86
CA HIS D 194 -32.80 4.90 25.31
C HIS D 194 -33.01 3.61 24.54
N THR D 195 -33.46 3.73 23.29
CA THR D 195 -33.91 2.57 22.54
C THR D 195 -32.77 1.59 22.27
N LEU D 196 -31.58 2.09 21.96
CA LEU D 196 -30.46 1.26 21.48
C LEU D 196 -29.50 0.85 22.60
N MET D 197 -29.04 1.78 23.43
CA MET D 197 -28.12 1.40 24.49
C MET D 197 -28.85 0.92 25.73
N ARG D 198 -30.05 1.43 25.98
CA ARG D 198 -30.80 1.14 27.20
C ARG D 198 -29.88 1.34 28.41
N MET D 199 -29.57 2.59 28.67
CA MET D 199 -28.69 2.94 29.77
C MET D 199 -29.43 3.14 31.07
N ASN D 200 -30.76 3.08 31.05
CA ASN D 200 -31.61 3.30 32.22
C ASN D 200 -31.58 4.79 32.51
N LEU D 201 -30.63 5.24 33.33
CA LEU D 201 -30.42 6.65 33.69
C LEU D 201 -31.61 7.43 34.23
N THR D 202 -31.29 8.44 35.04
CA THR D 202 -32.28 9.34 35.59
C THR D 202 -32.91 10.20 34.49
N TRP D 203 -34.20 10.48 34.65
CA TRP D 203 -34.90 11.35 33.71
C TRP D 203 -34.20 12.68 33.55
N ALA D 204 -33.61 13.21 34.62
CA ALA D 204 -32.91 14.48 34.54
C ALA D 204 -31.72 14.40 33.59
N GLN D 205 -30.92 13.35 33.73
CA GLN D 205 -29.76 13.22 32.87
C GLN D 205 -30.20 13.04 31.42
N VAL D 206 -31.32 12.38 31.19
CA VAL D 206 -31.78 12.15 29.84
C VAL D 206 -32.37 13.42 29.27
N GLY D 207 -32.81 14.33 30.13
CA GLY D 207 -33.28 15.60 29.64
C GLY D 207 -32.16 16.58 29.41
N GLY D 208 -31.04 16.36 30.08
CA GLY D 208 -29.90 17.22 29.91
C GLY D 208 -29.20 17.06 28.59
N ILE D 209 -29.55 16.04 27.81
CA ILE D 209 -28.99 15.83 26.49
C ILE D 209 -29.98 16.18 25.39
N LEU D 210 -31.12 16.75 25.74
CA LEU D 210 -32.12 17.17 24.75
C LEU D 210 -31.90 18.64 24.40
N LYS D 211 -31.03 18.90 23.41
CA LYS D 211 -30.70 20.28 23.06
C LYS D 211 -31.77 20.93 22.21
N TYR D 212 -32.50 20.16 21.42
CA TYR D 212 -33.54 20.71 20.57
C TYR D 212 -34.85 19.98 20.82
N THR D 213 -35.93 20.70 20.55
CA THR D 213 -37.29 20.24 20.83
C THR D 213 -38.14 20.09 19.57
N ARG D 214 -37.58 20.24 18.40
CA ARG D 214 -38.39 20.10 17.21
C ARG D 214 -38.52 18.62 16.84
N PRO D 215 -39.70 18.15 16.48
CA PRO D 215 -39.81 16.76 16.04
C PRO D 215 -39.30 16.64 14.62
N ALA D 216 -38.53 15.58 14.38
CA ALA D 216 -37.93 15.38 13.06
C ALA D 216 -38.97 15.46 11.96
N TRP D 217 -40.12 14.83 12.18
CA TRP D 217 -41.16 14.81 11.17
C TRP D 217 -41.79 16.16 10.93
N TRP D 218 -41.41 17.18 11.71
CA TRP D 218 -41.97 18.51 11.53
C TRP D 218 -41.77 18.95 10.09
N ARG D 219 -42.89 19.19 9.41
CA ARG D 219 -42.92 19.65 8.02
C ARG D 219 -43.09 21.15 7.93
N GLY D 220 -43.91 21.71 8.83
CA GLY D 220 -44.17 23.16 8.84
C GLY D 220 -43.05 23.93 9.53
N GLU D 221 -42.48 24.91 8.82
CA GLU D 221 -41.37 25.73 9.38
C GLU D 221 -41.90 26.88 10.21
N THR D 222 -42.54 26.57 11.35
CA THR D 222 -43.10 27.61 12.24
C THR D 222 -42.11 27.91 13.37
N PRO D 223 -42.46 27.70 14.66
CA PRO D 223 -43.08 28.75 15.47
C PRO D 223 -42.07 29.83 15.87
N GLU D 224 -42.57 31.02 16.23
CA GLU D 224 -41.69 32.14 16.64
C GLU D 224 -41.25 31.95 18.10
N THR D 225 -42.23 31.88 19.02
CA THR D 225 -41.93 31.69 20.43
C THR D 225 -40.78 30.73 20.66
N HIS D 226 -40.61 29.76 19.76
CA HIS D 226 -39.61 28.71 19.89
C HIS D 226 -38.83 28.57 18.59
N HIS D 227 -38.47 29.69 17.96
CA HIS D 227 -37.78 29.62 16.68
C HIS D 227 -36.36 29.13 16.87
N TYR D 228 -35.79 29.34 18.05
CA TYR D 228 -34.44 28.90 18.31
C TYR D 228 -34.41 27.46 18.84
N LEU D 229 -35.15 27.17 19.90
CA LEU D 229 -35.16 25.80 20.40
C LEU D 229 -35.70 24.80 19.40
N MET D 230 -36.27 25.26 18.29
CA MET D 230 -36.72 24.38 17.23
C MET D 230 -35.92 24.67 15.96
N LYS D 231 -34.64 25.00 16.16
CA LYS D 231 -33.71 25.21 15.05
C LYS D 231 -33.49 23.93 14.28
N LYS D 232 -33.07 22.88 14.98
CA LYS D 232 -32.77 21.57 14.45
C LYS D 232 -33.66 20.57 15.16
N PRO D 233 -33.86 19.37 14.60
CA PRO D 233 -34.66 18.38 15.31
C PRO D 233 -33.96 17.85 16.54
N GLY D 234 -34.75 17.52 17.54
CA GLY D 234 -34.22 17.01 18.79
C GLY D 234 -34.70 15.62 19.11
N TYR D 235 -35.69 15.11 18.38
CA TYR D 235 -36.16 13.76 18.60
C TYR D 235 -36.92 13.27 17.37
N TYR D 236 -36.98 11.95 17.24
CA TYR D 236 -37.60 11.29 16.09
C TYR D 236 -39.02 10.83 16.38
N LEU D 237 -39.72 10.52 15.29
CA LEU D 237 -41.04 9.89 15.40
C LEU D 237 -40.98 8.62 16.24
N SER D 238 -39.89 7.87 16.13
CA SER D 238 -39.71 6.64 16.88
C SER D 238 -39.61 6.86 18.38
N GLU D 239 -39.54 8.11 18.85
CA GLU D 239 -39.41 8.34 20.28
C GLU D 239 -40.48 9.27 20.82
N GLU D 240 -41.47 9.66 20.00
CA GLU D 240 -42.59 10.51 20.40
C GLU D 240 -43.14 10.06 21.73
N ALA D 241 -43.18 8.74 21.95
CA ALA D 241 -43.68 8.21 23.20
C ALA D 241 -42.69 8.45 24.34
N TYR D 242 -41.41 8.17 24.12
CA TYR D 242 -40.45 8.37 25.19
C TYR D 242 -40.33 9.84 25.54
N ILE D 243 -40.34 10.71 24.52
CA ILE D 243 -40.28 12.16 24.73
C ILE D 243 -41.49 12.63 25.46
N ALA D 244 -42.62 12.03 25.20
CA ALA D 244 -43.74 12.28 26.11
C ALA D 244 -43.46 11.76 27.50
N ARG D 245 -42.95 10.54 27.72
CA ARG D 245 -42.91 10.19 29.16
C ARG D 245 -42.03 11.26 29.90
N LEU D 246 -40.96 11.74 29.24
CA LEU D 246 -40.00 12.77 29.81
C LEU D 246 -40.62 14.17 29.92
N ARG D 247 -41.49 14.51 28.96
CA ARG D 247 -42.17 15.79 29.10
C ARG D 247 -42.95 15.82 30.40
N LYS D 248 -43.45 14.66 30.82
CA LYS D 248 -44.07 14.55 32.13
C LYS D 248 -43.01 14.60 33.23
N GLU D 249 -42.08 13.65 33.21
CA GLU D 249 -41.20 13.39 34.35
C GLU D 249 -40.35 14.61 34.74
N LEU D 250 -40.15 15.56 33.84
CA LEU D 250 -39.33 16.72 34.13
C LEU D 250 -40.13 18.02 34.21
N ASN D 251 -41.45 17.95 34.10
CA ASN D 251 -42.30 19.14 34.11
C ASN D 251 -41.89 20.08 32.98
N LEU D 252 -41.92 19.54 31.76
CA LEU D 252 -41.61 20.32 30.56
C LEU D 252 -42.86 20.49 29.73
N ALA D 253 -43.03 21.69 29.19
CA ALA D 253 -44.13 21.97 28.29
C ALA D 253 -43.78 21.45 26.90
N LEU D 254 -44.77 21.43 26.01
CA LEU D 254 -44.49 20.97 24.67
C LEU D 254 -43.50 21.94 24.04
N TYR D 255 -42.42 21.37 23.48
CA TYR D 255 -41.35 22.14 22.85
C TYR D 255 -40.55 22.95 23.87
N SER D 256 -40.63 22.60 25.14
CA SER D 256 -39.85 23.26 26.18
C SER D 256 -38.62 22.44 26.56
N ARG D 257 -37.52 23.14 26.83
CA ARG D 257 -36.21 22.57 27.13
C ARG D 257 -35.99 22.39 28.62
N PHE D 258 -35.05 21.50 28.95
CA PHE D 258 -34.62 21.28 30.32
C PHE D 258 -33.72 22.44 30.75
N PRO D 259 -33.86 22.92 32.00
CA PRO D 259 -33.11 24.13 32.40
C PRO D 259 -31.59 23.99 32.43
N LEU D 260 -31.05 22.79 32.61
CA LEU D 260 -29.60 22.70 32.70
C LEU D 260 -28.94 22.55 31.33
N THR D 261 -29.74 22.35 30.28
CA THR D 261 -29.19 22.24 28.95
C THR D 261 -28.53 23.54 28.54
N TRP D 262 -29.02 24.67 29.04
CA TRP D 262 -28.44 25.96 28.67
C TRP D 262 -27.04 26.12 29.20
N ILE D 263 -26.71 25.46 30.31
CA ILE D 263 -25.35 25.55 30.83
C ILE D 263 -24.39 24.83 29.91
N MET D 264 -24.75 23.62 29.48
CA MET D 264 -23.90 22.84 28.59
C MET D 264 -23.72 23.54 27.26
N GLU D 265 -24.82 24.02 26.67
CA GLU D 265 -24.72 24.70 25.39
C GLU D 265 -23.76 25.87 25.46
N ALA D 266 -23.71 26.55 26.60
CA ALA D 266 -22.75 27.61 26.73
C ALA D 266 -21.35 27.04 26.81
N ALA D 267 -21.14 26.04 27.68
CA ALA D 267 -19.84 25.39 27.80
C ALA D 267 -19.38 24.75 26.50
N ASP D 268 -20.32 24.34 25.66
CA ASP D 268 -19.97 23.76 24.37
C ASP D 268 -19.41 24.83 23.46
N ASP D 269 -20.23 25.84 23.13
CA ASP D 269 -19.78 26.95 22.31
C ASP D 269 -18.47 27.57 22.82
N ILE D 270 -18.31 27.65 24.15
CA ILE D 270 -17.15 28.36 24.70
C ILE D 270 -15.87 27.60 24.44
N SER D 271 -15.91 26.27 24.52
CA SER D 271 -14.67 25.53 24.40
C SER D 271 -14.29 25.20 22.95
N TYR D 272 -15.26 25.08 22.03
CA TYR D 272 -14.87 24.75 20.66
C TYR D 272 -14.34 25.96 19.92
N CYS D 273 -14.81 27.16 20.23
CA CYS D 273 -14.29 28.35 19.57
C CYS D 273 -12.78 28.47 19.75
N VAL D 274 -12.29 28.41 20.99
CA VAL D 274 -10.86 28.59 21.21
C VAL D 274 -10.08 27.34 20.84
N ALA D 275 -10.58 26.17 21.18
CA ALA D 275 -9.79 24.95 20.96
C ALA D 275 -9.54 24.66 19.49
N ASP D 276 -10.45 25.09 18.62
CA ASP D 276 -10.25 24.85 17.19
C ASP D 276 -9.12 25.71 16.65
N LEU D 277 -8.98 26.93 17.15
CA LEU D 277 -7.88 27.76 16.71
C LEU D 277 -6.57 27.26 17.29
N GLU D 278 -6.60 26.60 18.45
CA GLU D 278 -5.39 26.00 18.98
C GLU D 278 -4.93 24.86 18.10
N ASP D 279 -5.87 24.03 17.65
CA ASP D 279 -5.52 22.94 16.76
C ASP D 279 -4.97 23.48 15.44
N ALA D 280 -5.60 24.50 14.87
CA ALA D 280 -5.17 25.03 13.59
C ALA D 280 -3.70 25.42 13.60
N VAL D 281 -3.24 26.07 14.68
CA VAL D 281 -1.82 26.44 14.74
C VAL D 281 -0.96 25.20 14.88
N GLU D 282 -1.46 24.18 15.58
CA GLU D 282 -0.73 22.92 15.70
C GLU D 282 -0.69 22.18 14.37
N LYS D 283 -1.79 22.15 13.65
CA LYS D 283 -1.74 21.56 12.31
C LYS D 283 -1.04 22.52 11.28
N ARG D 284 -0.43 23.56 11.87
CA ARG D 284 0.41 24.55 11.18
C ARG D 284 -0.29 25.25 10.03
N ILE D 285 -1.62 25.34 10.08
CA ILE D 285 -2.35 26.12 9.09
C ILE D 285 -1.91 27.60 9.12
N PHE D 286 -1.53 28.12 10.29
CA PHE D 286 -0.96 29.46 10.36
C PHE D 286 -0.15 29.59 11.63
N THR D 287 0.36 30.80 11.87
CA THR D 287 1.22 31.09 13.00
C THR D 287 0.44 31.75 14.11
N VAL D 288 0.99 31.67 15.32
CA VAL D 288 0.41 32.41 16.42
C VAL D 288 0.31 33.89 16.06
N GLU D 289 1.31 34.42 15.35
CA GLU D 289 1.22 35.78 14.87
C GLU D 289 0.20 35.91 13.75
N GLN D 290 0.31 35.05 12.74
CA GLN D 290 -0.66 35.08 11.65
C GLN D 290 -2.07 35.12 12.20
N LEU D 291 -2.34 34.32 13.24
CA LEU D 291 -3.65 34.30 13.84
C LEU D 291 -4.01 35.67 14.41
N TYR D 292 -3.13 36.21 15.26
CA TYR D 292 -3.39 37.49 15.92
C TYR D 292 -3.86 38.55 14.94
N HIS D 293 -3.20 38.67 13.79
CA HIS D 293 -3.64 39.68 12.85
C HIS D 293 -4.99 39.35 12.26
N HIS D 294 -5.29 38.06 12.06
CA HIS D 294 -6.62 37.71 11.56
C HIS D 294 -7.69 38.17 12.51
N LEU D 295 -7.39 38.13 13.80
CA LEU D 295 -8.35 38.53 14.82
C LEU D 295 -8.50 40.04 14.81
N HIS D 296 -7.37 40.74 14.79
CA HIS D 296 -7.41 42.20 14.80
C HIS D 296 -8.15 42.74 13.60
N GLU D 297 -7.88 42.19 12.42
CA GLU D 297 -8.56 42.66 11.23
C GLU D 297 -10.00 42.20 11.15
N ALA D 298 -10.50 41.52 12.18
CA ALA D 298 -11.85 40.95 12.17
C ALA D 298 -12.85 41.64 13.08
N TRP D 299 -12.42 42.46 14.03
CA TRP D 299 -13.35 43.08 14.98
C TRP D 299 -14.29 44.05 14.28
N GLY D 305 -9.26 51.18 23.27
CA GLY D 305 -9.46 50.14 24.27
C GLY D 305 -10.85 49.53 24.12
N SER D 306 -10.90 48.19 24.14
CA SER D 306 -12.14 47.43 23.99
C SER D 306 -11.93 46.06 24.64
N LEU D 307 -12.77 45.09 24.26
CA LEU D 307 -12.65 43.75 24.82
C LEU D 307 -11.46 43.01 24.19
N PHE D 308 -11.26 43.20 22.87
CA PHE D 308 -10.08 42.65 22.21
C PHE D 308 -8.84 42.91 23.04
N SER D 309 -8.68 44.13 23.52
CA SER D 309 -7.53 44.42 24.37
C SER D 309 -7.61 43.66 25.70
N LEU D 310 -8.82 43.50 26.25
CA LEU D 310 -8.95 42.84 27.54
C LEU D 310 -8.57 41.37 27.48
N VAL D 311 -8.87 40.69 26.38
CA VAL D 311 -8.75 39.24 26.29
C VAL D 311 -7.61 38.82 25.39
N VAL D 312 -7.70 39.14 24.10
CA VAL D 312 -6.75 38.61 23.12
C VAL D 312 -5.47 39.44 23.11
N GLU D 313 -5.58 40.77 22.89
CA GLU D 313 -4.39 41.61 22.99
C GLU D 313 -3.64 41.33 24.29
N ASN D 314 -4.38 41.20 25.39
CA ASN D 314 -3.78 40.90 26.68
C ASN D 314 -2.92 39.65 26.61
N ALA D 315 -3.44 38.58 26.03
CA ALA D 315 -2.66 37.35 25.95
C ALA D 315 -1.56 37.43 24.89
N TRP D 316 -1.76 38.26 23.87
CA TRP D 316 -0.78 38.37 22.80
C TRP D 316 0.52 39.00 23.30
N GLU D 317 0.43 40.06 24.09
CA GLU D 317 1.66 40.65 24.60
C GLU D 317 2.25 39.82 25.73
N LYS D 318 1.41 39.22 26.56
CA LYS D 318 1.92 38.30 27.57
C LYS D 318 2.69 37.16 26.92
N SER D 319 2.29 36.72 25.72
CA SER D 319 2.92 35.55 25.12
C SER D 319 4.33 35.86 24.67
N ARG D 320 4.50 36.96 23.96
CA ARG D 320 5.80 37.36 23.45
C ARG D 320 6.74 37.62 24.62
N SER D 321 7.93 37.02 24.56
CA SER D 321 9.02 37.15 25.53
C SER D 321 8.82 38.26 26.58
N SER D 327 7.31 28.52 25.82
CA SER D 327 6.86 28.62 24.41
C SER D 327 5.89 29.71 24.03
N THR D 328 6.36 30.74 23.30
CA THR D 328 5.50 31.82 22.82
C THR D 328 4.21 31.27 22.26
N GLU D 329 4.26 30.09 21.70
CA GLU D 329 3.01 29.52 21.23
C GLU D 329 2.16 28.96 22.40
N ASP D 330 2.79 28.63 23.58
CA ASP D 330 2.15 27.88 24.70
C ASP D 330 1.45 28.89 25.64
N GLN D 331 2.27 29.59 26.44
CA GLN D 331 2.32 31.03 26.22
C GLN D 331 1.24 31.70 25.53
N PHE D 332 0.96 31.51 24.26
CA PHE D 332 -0.15 32.37 23.69
C PHE D 332 -1.48 31.85 24.12
N PHE D 333 -1.75 30.53 23.90
CA PHE D 333 -3.07 29.93 24.11
C PHE D 333 -3.44 29.64 25.56
N MET D 334 -2.46 29.33 26.41
CA MET D 334 -2.80 29.15 27.82
C MET D 334 -3.47 30.40 28.36
N TYR D 335 -2.99 31.59 27.96
CA TYR D 335 -3.64 32.81 28.42
C TYR D 335 -4.92 33.11 27.69
N LEU D 336 -4.92 33.04 26.37
CA LEU D 336 -6.17 33.29 25.63
C LEU D 336 -7.30 32.45 26.20
N ARG D 337 -7.03 31.20 26.55
CA ARG D 337 -8.03 30.39 27.23
C ARG D 337 -8.46 31.07 28.52
N VAL D 338 -7.51 31.30 29.42
CA VAL D 338 -7.80 31.90 30.72
C VAL D 338 -8.56 33.21 30.59
N ASN D 339 -8.06 34.14 29.77
CA ASN D 339 -8.73 35.42 29.64
C ASN D 339 -10.16 35.26 29.13
N THR D 340 -10.36 34.45 28.11
CA THR D 340 -11.72 34.21 27.63
C THR D 340 -12.56 33.55 28.72
N LEU D 341 -11.96 32.63 29.46
CA LEU D 341 -12.68 31.89 30.48
C LEU D 341 -13.05 32.80 31.65
N ASN D 342 -12.12 33.66 32.06
CA ASN D 342 -12.40 34.56 33.16
C ASN D 342 -13.49 35.57 32.83
N LYS D 343 -13.69 35.89 31.55
CA LYS D 343 -14.68 36.91 31.24
C LYS D 343 -15.99 36.34 30.71
N LEU D 344 -16.00 35.14 30.15
CA LEU D 344 -17.21 34.63 29.51
C LEU D 344 -17.95 33.64 30.37
N VAL D 345 -17.25 32.86 31.19
CA VAL D 345 -17.95 32.00 32.14
C VAL D 345 -18.81 32.81 33.10
N PRO D 346 -18.33 33.88 33.72
CA PRO D 346 -19.26 34.66 34.56
C PRO D 346 -20.37 35.31 33.77
N TYR D 347 -20.11 35.85 32.57
CA TYR D 347 -21.21 36.41 31.79
C TYR D 347 -22.29 35.36 31.60
N ALA D 348 -21.91 34.14 31.24
CA ALA D 348 -22.89 33.07 31.09
C ALA D 348 -23.56 32.75 32.41
N ALA D 349 -22.77 32.60 33.48
CA ALA D 349 -23.33 32.28 34.80
C ALA D 349 -24.41 33.27 35.23
N GLN D 350 -24.13 34.57 35.07
CA GLN D 350 -25.12 35.61 35.40
C GLN D 350 -26.26 35.64 34.40
N ARG D 351 -25.97 35.66 33.09
CA ARG D 351 -27.03 35.61 32.09
C ARG D 351 -27.97 34.45 32.33
N PHE D 352 -27.50 33.36 32.94
CA PHE D 352 -28.38 32.26 33.33
C PHE D 352 -29.27 32.67 34.48
N ILE D 353 -28.68 33.19 35.56
CA ILE D 353 -29.45 33.65 36.70
C ILE D 353 -30.39 34.79 36.32
N ASP D 354 -29.97 35.64 35.39
CA ASP D 354 -30.79 36.77 34.97
C ASP D 354 -32.06 36.31 34.28
N ASN D 355 -31.99 35.32 33.40
CA ASN D 355 -33.14 34.87 32.64
C ASN D 355 -33.73 33.57 33.18
N LEU D 356 -33.34 33.16 34.38
CA LEU D 356 -33.77 31.93 35.05
C LEU D 356 -35.25 31.59 34.99
N PRO D 357 -36.20 32.55 35.00
CA PRO D 357 -37.60 32.15 34.87
C PRO D 357 -37.93 31.55 33.52
N ALA D 358 -37.54 32.23 32.45
CA ALA D 358 -37.81 31.66 31.13
C ALA D 358 -36.96 30.43 30.88
N ILE D 359 -35.80 30.33 31.54
CA ILE D 359 -34.90 29.20 31.37
C ILE D 359 -35.40 28.00 32.16
N PHE D 360 -36.10 28.23 33.26
CA PHE D 360 -36.62 27.14 34.07
C PHE D 360 -37.86 26.56 33.39
N ALA D 361 -38.71 27.42 32.85
CA ALA D 361 -39.79 26.96 31.99
C ALA D 361 -39.25 26.32 30.74
N GLY D 362 -38.01 26.63 30.36
CA GLY D 362 -37.43 26.08 29.15
C GLY D 362 -38.09 26.65 27.91
N THR D 363 -38.41 27.93 27.94
CA THR D 363 -39.04 28.61 26.82
C THR D 363 -38.21 29.75 26.28
N PHE D 364 -37.14 30.10 26.97
CA PHE D 364 -36.23 31.19 26.61
C PHE D 364 -35.70 31.00 25.19
N ASN D 365 -36.13 31.84 24.27
CA ASN D 365 -35.83 31.61 22.85
C ASN D 365 -34.50 32.18 22.41
N HIS D 366 -33.47 32.12 23.23
CA HIS D 366 -32.17 32.62 22.85
C HIS D 366 -31.10 31.72 23.44
N ALA D 367 -29.88 31.89 22.98
CA ALA D 367 -28.80 31.11 23.54
C ALA D 367 -28.17 31.91 24.66
N LEU D 368 -27.51 31.20 25.57
CA LEU D 368 -27.00 31.82 26.78
C LEU D 368 -26.02 32.94 26.50
N LEU D 369 -25.57 33.08 25.25
CA LEU D 369 -24.66 34.15 24.85
C LEU D 369 -25.42 35.09 23.90
N GLU D 370 -25.48 36.37 24.29
CA GLU D 370 -26.34 37.38 23.65
C GLU D 370 -25.64 38.10 22.55
N ASP D 371 -26.24 38.08 21.35
CA ASP D 371 -25.58 38.71 20.22
C ASP D 371 -25.30 40.17 20.52
N ALA D 372 -26.04 40.75 21.46
CA ALA D 372 -25.81 42.13 21.87
C ALA D 372 -24.48 42.29 22.59
N SER D 373 -24.34 41.59 23.73
CA SER D 373 -23.18 41.75 24.60
C SER D 373 -21.87 41.69 23.82
N GLU D 374 -20.91 42.53 24.24
CA GLU D 374 -19.55 42.40 23.72
C GLU D 374 -18.97 41.02 24.02
N CYS D 375 -19.50 40.33 25.02
CA CYS D 375 -19.01 39.01 25.34
C CYS D 375 -19.36 38.04 24.23
N SER D 376 -20.59 38.07 23.75
CA SER D 376 -20.91 37.30 22.56
C SER D 376 -20.16 37.80 21.35
N ASP D 377 -19.82 39.10 21.30
CA ASP D 377 -19.07 39.60 20.16
C ASP D 377 -17.71 38.89 20.07
N LEU D 378 -17.16 38.53 21.22
CA LEU D 378 -15.91 37.79 21.22
C LEU D 378 -16.08 36.39 20.64
N LEU D 379 -17.17 35.70 20.96
CA LEU D 379 -17.35 34.34 20.44
C LEU D 379 -17.52 34.34 18.94
N LYS D 380 -18.37 35.21 18.40
CA LYS D 380 -18.54 35.24 16.96
C LYS D 380 -17.24 35.62 16.27
N LEU D 381 -16.36 36.37 16.94
CA LEU D 381 -15.05 36.64 16.38
C LEU D 381 -14.27 35.34 16.19
N TYR D 382 -14.14 34.54 17.26
CA TYR D 382 -13.44 33.28 17.14
C TYR D 382 -14.06 32.41 16.07
N LYS D 383 -15.36 32.33 15.97
CA LYS D 383 -16.00 31.43 14.97
C LYS D 383 -15.80 31.95 13.56
N ASN D 384 -15.79 33.26 13.35
CA ASN D 384 -15.58 33.77 11.99
C ASN D 384 -14.14 33.64 11.51
N VAL D 385 -13.16 33.74 12.41
CA VAL D 385 -11.78 33.50 11.99
C VAL D 385 -11.61 32.07 11.56
N ALA D 386 -12.24 31.14 12.28
CA ALA D 386 -12.11 29.73 11.92
C ALA D 386 -12.82 29.44 10.62
N VAL D 387 -14.00 30.02 10.41
CA VAL D 387 -14.75 29.71 9.19
C VAL D 387 -13.99 30.19 7.97
N LYS D 388 -13.28 31.30 8.08
CA LYS D 388 -12.59 31.82 6.90
C LYS D 388 -11.22 31.21 6.70
N HIS D 389 -10.50 30.89 7.77
CA HIS D 389 -9.11 30.48 7.64
C HIS D 389 -8.82 29.07 8.15
N VAL D 390 -9.81 28.31 8.63
CA VAL D 390 -9.55 26.94 9.05
C VAL D 390 -10.54 26.00 8.36
N PHE D 391 -11.83 26.22 8.53
CA PHE D 391 -12.76 25.30 7.91
C PHE D 391 -12.75 25.41 6.39
N SER D 392 -12.07 26.40 5.84
CA SER D 392 -11.97 26.59 4.41
C SER D 392 -10.71 25.97 3.81
N HIS D 393 -9.80 25.52 4.65
CA HIS D 393 -8.59 24.88 4.16
C HIS D 393 -8.92 23.74 3.22
N PRO D 394 -8.11 23.50 2.18
CA PRO D 394 -8.44 22.47 1.19
C PRO D 394 -8.24 21.04 1.66
N ASP D 395 -7.32 20.76 2.59
CA ASP D 395 -7.23 19.39 3.08
C ASP D 395 -8.41 19.03 3.96
N VAL D 396 -8.97 20.02 4.65
CA VAL D 396 -10.19 19.78 5.39
C VAL D 396 -11.35 19.60 4.43
N GLU D 397 -11.45 20.49 3.44
CA GLU D 397 -12.53 20.40 2.49
C GLU D 397 -12.66 19.11 1.68
N ARG D 398 -11.55 18.42 1.41
CA ARG D 398 -11.68 17.18 0.67
C ARG D 398 -11.92 15.94 1.54
N LEU D 399 -11.42 15.99 2.78
CA LEU D 399 -11.73 14.91 3.69
C LEU D 399 -13.21 15.03 3.98
N GLU D 400 -13.72 16.25 3.85
CA GLU D 400 -15.17 16.48 4.01
C GLU D 400 -15.82 15.83 2.79
N LEU D 401 -15.29 16.06 1.61
CA LEU D 401 -15.83 15.50 0.37
C LEU D 401 -15.73 13.99 0.33
N GLN D 402 -14.64 13.45 0.87
CA GLN D 402 -14.48 12.01 0.86
C GLN D 402 -15.53 11.35 1.73
N GLY D 403 -15.74 11.88 2.94
CA GLY D 403 -16.68 11.28 3.87
C GLY D 403 -18.10 11.23 3.33
N TYR D 404 -18.49 12.23 2.57
CA TYR D 404 -19.83 12.21 1.97
C TYR D 404 -20.00 11.05 1.01
N ARG D 405 -18.94 10.69 0.29
CA ARG D 405 -19.04 9.54 -0.61
C ARG D 405 -19.03 8.23 0.16
N VAL D 406 -18.19 8.14 1.19
CA VAL D 406 -18.13 6.92 1.98
C VAL D 406 -19.50 6.61 2.54
N ILE D 407 -20.14 7.59 3.16
CA ILE D 407 -21.44 7.33 3.76
C ILE D 407 -22.49 7.13 2.70
N SER D 408 -22.42 7.86 1.59
CA SER D 408 -23.40 7.63 0.54
C SER D 408 -23.18 6.31 -0.17
N GLY D 409 -21.95 5.84 -0.23
CA GLY D 409 -21.74 4.53 -0.81
C GLY D 409 -22.18 3.43 0.12
N LEU D 410 -21.95 3.60 1.42
CA LEU D 410 -22.45 2.62 2.38
C LEU D 410 -23.95 2.45 2.25
N LEU D 411 -24.68 3.55 2.09
CA LEU D 411 -26.12 3.45 2.01
C LEU D 411 -26.55 2.71 0.75
N GLU D 412 -25.93 3.03 -0.38
CA GLU D 412 -26.29 2.31 -1.59
C GLU D 412 -25.88 0.85 -1.50
N ILE D 413 -24.85 0.56 -0.72
CA ILE D 413 -24.45 -0.83 -0.56
C ILE D 413 -25.57 -1.62 0.08
N TYR D 414 -26.19 -1.06 1.12
CA TYR D 414 -27.21 -1.78 1.86
C TYR D 414 -28.61 -1.56 1.30
N ARG D 415 -28.76 -0.74 0.27
CA ARG D 415 -30.09 -0.50 -0.30
C ARG D 415 -30.89 -1.77 -0.61
N PRO D 416 -30.29 -2.88 -1.04
CA PRO D 416 -31.11 -4.07 -1.31
C PRO D 416 -31.91 -4.59 -0.12
N LEU D 417 -31.54 -4.24 1.11
CA LEU D 417 -32.35 -4.64 2.25
C LEU D 417 -33.60 -3.79 2.36
N LEU D 418 -33.51 -2.53 1.95
CA LEU D 418 -34.66 -1.64 1.90
C LEU D 418 -35.51 -1.91 0.68
N SER D 419 -35.06 -2.79 -0.22
CA SER D 419 -35.78 -3.09 -1.45
C SER D 419 -36.69 -4.29 -1.31
N LEU D 420 -36.37 -5.21 -0.41
CA LEU D 420 -37.21 -6.38 -0.16
C LEU D 420 -38.64 -6.00 0.18
N SER D 421 -39.56 -6.94 0.00
CA SER D 421 -40.94 -6.71 0.39
C SER D 421 -41.10 -7.10 1.84
N LEU D 422 -42.15 -6.58 2.46
CA LEU D 422 -42.38 -6.84 3.89
C LEU D 422 -42.28 -8.33 4.19
N SER D 423 -42.95 -9.14 3.39
CA SER D 423 -42.93 -10.58 3.62
C SER D 423 -41.52 -11.14 3.49
N ASP D 424 -40.81 -10.72 2.44
CA ASP D 424 -39.49 -11.28 2.24
C ASP D 424 -38.52 -10.82 3.31
N PHE D 425 -38.62 -9.55 3.72
CA PHE D 425 -37.75 -9.05 4.77
C PHE D 425 -38.06 -9.69 6.10
N THR D 426 -39.33 -9.70 6.48
CA THR D 426 -39.69 -10.37 7.72
C THR D 426 -39.21 -11.81 7.71
N GLU D 427 -39.31 -12.48 6.57
CA GLU D 427 -38.77 -13.82 6.45
C GLU D 427 -37.28 -13.83 6.80
N LEU D 428 -36.54 -12.87 6.25
CA LEU D 428 -35.12 -12.76 6.55
C LEU D 428 -34.87 -12.53 8.03
N VAL D 429 -35.80 -11.87 8.72
CA VAL D 429 -35.59 -11.60 10.13
C VAL D 429 -35.69 -12.89 10.93
N GLU D 430 -36.76 -13.66 10.70
CA GLU D 430 -36.96 -14.90 11.43
C GLU D 430 -35.95 -15.95 10.99
N LYS D 431 -36.00 -16.34 9.71
CA LYS D 431 -35.00 -17.22 9.14
C LYS D 431 -33.72 -16.41 8.99
N GLU D 432 -32.76 -16.62 9.89
CA GLU D 432 -31.54 -15.80 9.84
C GLU D 432 -30.89 -15.85 8.47
N ARG D 433 -30.90 -17.01 7.84
CA ARG D 433 -30.35 -17.22 6.51
C ARG D 433 -31.49 -17.67 5.59
N VAL D 434 -31.76 -16.88 4.57
CA VAL D 434 -32.75 -17.22 3.55
C VAL D 434 -32.03 -17.67 2.29
N LYS D 435 -32.53 -18.74 1.69
CA LYS D 435 -31.85 -19.39 0.59
C LYS D 435 -31.87 -18.55 -0.68
N ARG D 436 -33.00 -17.92 -0.99
CA ARG D 436 -33.12 -17.16 -2.22
C ARG D 436 -32.60 -15.75 -2.12
N PHE D 437 -32.08 -15.34 -0.96
CA PHE D 437 -31.51 -14.02 -0.76
C PHE D 437 -30.15 -14.14 -0.09
N PRO D 438 -29.16 -14.65 -0.79
CA PRO D 438 -27.85 -14.84 -0.14
C PRO D 438 -27.21 -13.52 0.15
N ILE D 439 -27.42 -12.56 -0.74
CA ILE D 439 -26.80 -11.25 -0.61
C ILE D 439 -27.46 -10.48 0.51
N GLU D 440 -28.78 -10.45 0.52
CA GLU D 440 -29.46 -9.77 1.59
C GLU D 440 -29.26 -10.49 2.90
N SER D 441 -29.07 -11.80 2.88
CA SER D 441 -28.83 -12.51 4.12
C SER D 441 -27.55 -12.04 4.76
N ARG D 442 -26.48 -12.02 3.96
CA ARG D 442 -25.18 -11.65 4.48
C ARG D 442 -25.10 -10.17 4.81
N LEU D 443 -25.83 -9.33 4.06
CA LEU D 443 -25.86 -7.92 4.40
C LEU D 443 -26.57 -7.72 5.72
N PHE D 444 -27.65 -8.44 5.92
CA PHE D 444 -28.39 -8.33 7.16
C PHE D 444 -27.51 -8.71 8.34
N HIS D 445 -26.63 -9.69 8.14
CA HIS D 445 -25.80 -10.14 9.25
C HIS D 445 -24.75 -9.11 9.64
N LYS D 446 -24.43 -8.17 8.75
CA LYS D 446 -23.43 -7.18 9.10
C LYS D 446 -23.98 -6.17 10.11
N LEU D 447 -25.29 -5.99 10.12
CA LEU D 447 -25.94 -5.06 11.02
C LEU D 447 -25.73 -5.49 12.45
N SER D 448 -25.19 -4.59 13.27
CA SER D 448 -24.96 -4.90 14.68
C SER D 448 -26.22 -5.44 15.31
N THR D 449 -26.06 -6.46 16.15
CA THR D 449 -27.21 -7.08 16.80
C THR D 449 -28.01 -6.07 17.61
N ARG D 450 -27.33 -5.18 18.34
CA ARG D 450 -28.02 -4.15 19.10
C ARG D 450 -29.01 -3.39 18.22
N HIS D 451 -28.57 -3.03 17.00
CA HIS D 451 -29.45 -2.31 16.10
C HIS D 451 -30.57 -3.19 15.59
N ARG D 452 -30.31 -4.49 15.49
CA ARG D 452 -31.32 -5.42 15.01
C ARG D 452 -32.38 -5.68 16.07
N LEU D 453 -31.97 -5.87 17.32
CA LEU D 453 -32.95 -6.09 18.39
C LEU D 453 -33.90 -4.91 18.51
N ALA D 454 -33.43 -3.70 18.26
CA ALA D 454 -34.29 -2.53 18.33
C ALA D 454 -35.37 -2.55 17.26
N TYR D 455 -35.06 -3.08 16.07
CA TYR D 455 -36.09 -3.20 15.05
C TYR D 455 -37.11 -4.23 15.43
N VAL D 456 -36.63 -5.38 15.92
CA VAL D 456 -37.53 -6.46 16.34
C VAL D 456 -38.45 -5.99 17.45
N GLU D 457 -37.88 -5.45 18.53
CA GLU D 457 -38.69 -5.00 19.65
C GLU D 457 -39.76 -4.02 19.20
N ALA D 458 -39.42 -3.08 18.34
CA ALA D 458 -40.39 -2.06 17.95
C ALA D 458 -41.44 -2.60 17.01
N VAL D 459 -41.09 -3.54 16.14
CA VAL D 459 -42.09 -4.07 15.22
C VAL D 459 -42.97 -5.10 15.93
N SER D 460 -42.42 -5.81 16.90
CA SER D 460 -43.23 -6.74 17.68
C SER D 460 -44.38 -6.01 18.36
N LYS D 461 -44.12 -4.81 18.89
CA LYS D 461 -45.16 -4.04 19.56
C LYS D 461 -46.23 -3.47 18.61
N LEU D 462 -46.27 -3.81 17.33
CA LEU D 462 -47.22 -3.26 16.37
C LEU D 462 -48.44 -4.15 16.22
N PRO D 463 -49.57 -3.58 15.70
CA PRO D 463 -50.74 -4.41 15.39
C PRO D 463 -50.61 -5.05 14.02
N SER D 464 -50.43 -6.38 14.02
CA SER D 464 -50.17 -7.11 12.78
C SER D 464 -51.23 -6.84 11.72
N ASP D 465 -52.47 -6.67 12.14
CA ASP D 465 -53.59 -6.49 11.22
C ASP D 465 -53.68 -5.08 10.65
N SER D 466 -53.26 -4.07 11.41
CA SER D 466 -53.40 -2.66 11.11
C SER D 466 -53.12 -2.32 9.64
N PRO D 467 -53.86 -1.39 9.04
CA PRO D 467 -53.55 -0.96 7.69
C PRO D 467 -52.35 -0.05 7.63
N GLU D 468 -51.90 0.44 8.78
CA GLU D 468 -50.71 1.25 8.88
C GLU D 468 -49.46 0.43 9.16
N PHE D 469 -49.62 -0.80 9.65
CA PHE D 469 -48.48 -1.68 9.94
C PHE D 469 -47.42 -1.74 8.84
N PRO D 470 -47.75 -1.92 7.56
CA PRO D 470 -46.67 -1.92 6.56
C PRO D 470 -45.90 -0.61 6.53
N LEU D 471 -46.56 0.50 6.86
CA LEU D 471 -45.86 1.79 6.85
C LEU D 471 -44.91 1.88 8.04
N TRP D 472 -45.30 1.34 9.19
CA TRP D 472 -44.42 1.40 10.36
C TRP D 472 -43.24 0.43 10.23
N GLU D 473 -43.45 -0.72 9.59
CA GLU D 473 -42.36 -1.67 9.39
C GLU D 473 -41.27 -1.06 8.53
N TYR D 474 -41.64 -0.29 7.52
CA TYR D 474 -40.62 0.28 6.66
C TYR D 474 -39.89 1.42 7.37
N TYR D 475 -40.61 2.24 8.12
CA TYR D 475 -39.96 3.25 8.93
C TYR D 475 -38.90 2.64 9.82
N TYR D 476 -39.28 1.65 10.61
CA TYR D 476 -38.32 1.03 11.53
C TYR D 476 -37.25 0.25 10.80
N ARG D 477 -37.48 -0.08 9.53
CA ARG D 477 -36.45 -0.72 8.73
C ARG D 477 -35.42 0.31 8.30
N CYS D 478 -35.90 1.47 7.88
CA CYS D 478 -34.98 2.54 7.53
C CYS D 478 -34.32 3.09 8.77
N ARG D 479 -35.01 3.12 9.90
CA ARG D 479 -34.35 3.59 11.10
C ARG D 479 -33.29 2.61 11.55
N LEU D 480 -33.53 1.31 11.38
CA LEU D 480 -32.51 0.31 11.71
C LEU D 480 -31.24 0.54 10.92
N LEU D 481 -31.39 0.90 9.63
CA LEU D 481 -30.21 1.12 8.80
C LEU D 481 -29.50 2.40 9.20
N GLN D 482 -30.24 3.46 9.44
CA GLN D 482 -29.63 4.69 9.92
C GLN D 482 -28.93 4.48 11.24
N ASP D 483 -29.47 3.61 12.10
CA ASP D 483 -28.81 3.29 13.35
C ASP D 483 -27.44 2.68 13.13
N TYR D 484 -27.33 1.78 12.14
CA TYR D 484 -26.04 1.13 11.87
C TYR D 484 -24.98 2.13 11.42
N ILE D 485 -25.29 2.90 10.38
CA ILE D 485 -24.35 3.86 9.83
C ILE D 485 -23.92 4.87 10.89
N SER D 486 -24.89 5.56 11.49
CA SER D 486 -24.55 6.60 12.45
C SER D 486 -23.77 6.07 13.63
N GLY D 487 -23.99 4.83 14.00
CA GLY D 487 -23.27 4.29 15.12
C GLY D 487 -21.97 3.69 14.62
N MET D 488 -21.21 4.51 13.91
CA MET D 488 -19.96 4.10 13.29
C MET D 488 -18.93 5.18 13.53
N THR D 489 -17.69 4.75 13.47
CA THR D 489 -16.58 5.67 13.57
C THR D 489 -16.31 6.30 12.20
N ASP D 490 -15.64 7.45 12.22
CA ASP D 490 -15.13 7.98 10.96
C ASP D 490 -14.38 6.90 10.24
N LEU D 491 -13.56 6.17 10.97
CA LEU D 491 -12.62 5.19 10.45
C LEU D 491 -13.29 3.86 10.11
N TYR D 492 -14.23 3.41 10.95
CA TYR D 492 -14.89 2.16 10.64
C TYR D 492 -15.74 2.30 9.38
N ALA D 493 -16.31 3.48 9.15
CA ALA D 493 -17.09 3.67 7.95
C ALA D 493 -16.22 3.65 6.71
N TRP D 494 -15.01 4.20 6.82
CA TRP D 494 -14.11 4.25 5.68
C TRP D 494 -13.61 2.85 5.34
N ASP D 495 -13.31 2.05 6.36
CA ASP D 495 -12.83 0.70 6.11
C ASP D 495 -13.93 -0.17 5.55
N GLU D 496 -15.12 -0.07 6.12
CA GLU D 496 -16.23 -0.86 5.61
C GLU D 496 -16.52 -0.51 4.16
N TYR D 497 -16.46 0.77 3.80
CA TYR D 497 -16.73 1.15 2.43
C TYR D 497 -15.72 0.54 1.49
N ARG D 498 -14.45 0.53 1.88
CA ARG D 498 -13.41 0.01 1.01
C ARG D 498 -13.45 -1.50 0.98
N ARG D 499 -13.66 -2.13 2.13
CA ARG D 499 -13.83 -3.58 2.17
C ARG D 499 -14.98 -4.02 1.25
N LEU D 500 -16.12 -3.32 1.31
CA LEU D 500 -17.26 -3.78 0.54
C LEU D 500 -17.25 -3.33 -0.90
N MET D 501 -16.35 -2.44 -1.28
CA MET D 501 -16.20 -2.09 -2.68
C MET D 501 -15.11 -2.93 -3.32
N ALA D 502 -14.56 -3.88 -2.57
CA ALA D 502 -13.54 -4.81 -3.05
C ALA D 502 -12.29 -4.08 -3.52
N VAL D 503 -11.93 -3.00 -2.84
CA VAL D 503 -10.68 -2.31 -3.10
C VAL D 503 -9.67 -2.48 -1.98
N GLU D 504 -10.03 -3.19 -0.91
CA GLU D 504 -9.13 -3.41 0.22
C GLU D 504 -8.97 -4.88 0.48
N GLN E 3 -27.37 -56.45 -20.31
CA GLN E 3 -26.23 -57.35 -20.34
C GLN E 3 -25.00 -56.51 -20.02
N ILE E 4 -24.36 -56.80 -18.89
CA ILE E 4 -23.28 -55.98 -18.35
C ILE E 4 -21.95 -56.37 -19.00
N ASP E 5 -21.52 -55.57 -19.97
CA ASP E 5 -20.23 -55.76 -20.65
C ASP E 5 -19.48 -54.44 -20.61
N PHE E 6 -18.46 -54.35 -19.77
CA PHE E 6 -17.72 -53.10 -19.67
C PHE E 6 -16.77 -52.90 -20.82
N ARG E 7 -16.62 -53.88 -21.70
CA ARG E 7 -15.90 -53.56 -22.90
C ARG E 7 -16.69 -52.58 -23.75
N LYS E 8 -18.01 -52.50 -23.56
CA LYS E 8 -18.89 -51.66 -24.34
C LYS E 8 -19.01 -50.23 -23.82
N LYS E 9 -18.40 -49.91 -22.67
CA LYS E 9 -18.45 -48.57 -22.08
C LYS E 9 -17.10 -47.88 -21.98
N ILE E 10 -16.08 -48.58 -21.49
CA ILE E 10 -14.72 -48.03 -21.40
C ILE E 10 -14.13 -47.93 -22.80
N ASN E 11 -14.55 -46.90 -23.52
CA ASN E 11 -14.13 -46.64 -24.89
C ASN E 11 -12.78 -45.94 -24.84
N TRP E 12 -11.84 -46.43 -25.63
CA TRP E 12 -10.51 -45.86 -25.68
C TRP E 12 -10.26 -45.13 -26.97
N HIS E 13 -11.31 -44.78 -27.67
CA HIS E 13 -11.15 -44.05 -28.90
C HIS E 13 -11.24 -42.59 -28.57
N ARG E 14 -10.69 -41.78 -29.44
CA ARG E 14 -10.77 -40.36 -29.18
C ARG E 14 -11.64 -39.73 -30.25
N ARG E 15 -11.97 -38.48 -30.02
CA ARG E 15 -12.73 -37.77 -31.04
C ARG E 15 -11.81 -37.37 -32.19
N TYR E 16 -10.52 -37.10 -31.90
CA TYR E 16 -9.53 -36.61 -32.86
C TYR E 16 -8.14 -37.24 -32.72
N ARG E 17 -7.97 -38.43 -33.27
CA ARG E 17 -7.51 -38.70 -34.62
C ARG E 17 -7.22 -40.15 -34.38
N SER E 18 -8.30 -40.89 -34.16
CA SER E 18 -8.44 -41.76 -33.02
C SER E 18 -7.49 -42.95 -33.09
N PRO E 19 -7.19 -43.57 -31.96
CA PRO E 19 -6.49 -44.85 -32.03
C PRO E 19 -7.48 -45.84 -32.57
N GLN E 20 -7.04 -46.70 -33.46
CA GLN E 20 -7.97 -47.56 -34.17
C GLN E 20 -7.50 -49.01 -34.16
N GLY E 21 -8.43 -49.91 -33.87
CA GLY E 21 -8.28 -51.34 -34.13
C GLY E 21 -7.33 -52.17 -33.32
N VAL E 22 -7.87 -53.17 -32.61
CA VAL E 22 -7.16 -54.23 -31.91
C VAL E 22 -6.53 -53.76 -30.59
N LYS E 23 -5.20 -53.66 -30.54
CA LYS E 23 -4.47 -53.15 -29.39
C LYS E 23 -4.38 -54.19 -28.26
N THR E 24 -3.19 -54.37 -27.71
CA THR E 24 -2.92 -55.22 -26.56
C THR E 24 -3.66 -54.73 -25.32
N GLU E 25 -3.67 -55.56 -24.28
CA GLU E 25 -4.12 -55.05 -22.99
C GLU E 25 -3.17 -53.97 -22.49
N HIS E 26 -1.88 -54.11 -22.77
CA HIS E 26 -0.94 -53.07 -22.39
C HIS E 26 -1.08 -51.85 -23.28
N GLU E 27 -1.43 -52.04 -24.55
CA GLU E 27 -1.60 -50.90 -25.43
C GLU E 27 -2.80 -50.07 -25.04
N ILE E 28 -3.89 -50.71 -24.60
CA ILE E 28 -5.05 -49.97 -24.18
C ILE E 28 -4.80 -49.27 -22.88
N LEU E 29 -3.88 -49.80 -22.07
CA LEU E 29 -3.51 -49.10 -20.85
C LEU E 29 -2.85 -47.78 -21.17
N ARG E 30 -1.80 -47.83 -22.01
CA ARG E 30 -1.08 -46.64 -22.41
C ARG E 30 -2.00 -45.57 -22.97
N ILE E 31 -3.12 -45.95 -23.58
CA ILE E 31 -4.02 -44.94 -24.11
C ILE E 31 -4.64 -44.14 -22.99
N PHE E 32 -4.97 -44.80 -21.89
CA PHE E 32 -5.59 -44.14 -20.75
C PHE E 32 -4.59 -43.50 -19.80
N GLU E 33 -3.35 -43.99 -19.78
CA GLU E 33 -2.28 -43.29 -19.09
C GLU E 33 -1.92 -42.02 -19.84
N SER E 34 -2.17 -41.97 -21.14
CA SER E 34 -1.92 -40.73 -21.86
C SER E 34 -2.91 -39.67 -21.44
N ASP E 35 -4.14 -40.06 -21.16
CA ASP E 35 -5.09 -39.10 -20.62
C ASP E 35 -4.57 -38.55 -19.31
N ARG E 36 -3.94 -39.39 -18.49
CA ARG E 36 -3.42 -38.91 -17.22
C ARG E 36 -2.41 -37.80 -17.43
N GLY E 37 -1.46 -38.01 -18.34
CA GLY E 37 -0.45 -36.99 -18.57
C GLY E 37 -0.99 -35.71 -19.15
N ARG E 38 -2.09 -35.78 -19.91
CA ARG E 38 -2.70 -34.60 -20.48
C ARG E 38 -3.47 -33.82 -19.45
N ILE E 39 -4.07 -34.52 -18.50
CA ILE E 39 -4.81 -33.85 -17.47
C ILE E 39 -3.89 -33.24 -16.43
N ILE E 40 -2.92 -34.00 -15.95
CA ILE E 40 -2.03 -33.48 -14.91
C ILE E 40 -1.23 -32.29 -15.41
N ASN E 41 -0.75 -32.34 -16.64
CA ASN E 41 0.03 -31.24 -17.17
C ASN E 41 -0.84 -30.15 -17.77
N SER E 42 -2.05 -30.15 -17.47
CA SER E 42 -2.92 -29.15 -18.08
C SER E 42 -2.92 -27.87 -17.27
N PRO E 43 -2.83 -26.70 -17.90
CA PRO E 43 -2.93 -25.47 -17.14
C PRO E 43 -4.26 -25.31 -16.51
N ALA E 44 -5.29 -25.93 -17.07
CA ALA E 44 -6.61 -25.85 -16.48
C ALA E 44 -6.64 -26.53 -15.13
N ILE E 45 -5.78 -27.52 -14.91
CA ILE E 45 -5.69 -28.12 -13.59
C ILE E 45 -4.77 -27.30 -12.71
N ARG E 46 -3.69 -26.75 -13.26
CA ARG E 46 -2.83 -25.89 -12.46
C ARG E 46 -3.60 -24.72 -11.90
N ARG E 47 -4.41 -24.08 -12.73
CA ARG E 47 -5.18 -22.93 -12.33
C ARG E 47 -6.01 -23.21 -11.08
N LEU E 48 -6.08 -24.47 -10.64
CA LEU E 48 -6.90 -24.75 -9.46
C LEU E 48 -6.18 -24.44 -8.17
N GLN E 49 -4.85 -24.43 -8.15
CA GLN E 49 -4.20 -24.07 -6.90
C GLN E 49 -4.42 -22.60 -6.53
N GLN E 50 -5.21 -21.88 -7.32
CA GLN E 50 -5.53 -20.51 -7.03
C GLN E 50 -7.03 -20.24 -7.02
N LYS E 51 -7.85 -21.23 -7.37
CA LYS E 51 -9.30 -21.17 -7.22
C LYS E 51 -9.62 -21.74 -5.84
N THR E 52 -10.73 -21.29 -5.26
CA THR E 52 -10.95 -21.50 -3.84
C THR E 52 -11.97 -22.57 -3.51
N GLN E 53 -11.68 -23.26 -2.40
CA GLN E 53 -12.58 -24.29 -1.80
C GLN E 53 -12.72 -23.99 -0.31
N VAL E 54 -13.96 -23.79 0.17
CA VAL E 54 -14.29 -23.51 1.60
C VAL E 54 -13.90 -22.10 2.08
N PHE E 55 -12.64 -21.66 1.94
CA PHE E 55 -12.24 -20.30 2.40
C PHE E 55 -11.61 -19.53 1.22
N PRO E 56 -12.15 -18.35 0.85
CA PRO E 56 -11.62 -17.58 -0.28
C PRO E 56 -10.28 -16.93 0.05
N LEU E 57 -9.35 -17.04 -0.89
CA LEU E 57 -8.05 -16.38 -0.83
C LEU E 57 -7.36 -16.59 0.52
N GLU E 58 -7.46 -17.80 1.06
CA GLU E 58 -6.84 -18.09 2.33
C GLU E 58 -5.33 -18.04 2.18
N ARG E 59 -4.64 -17.26 3.02
CA ARG E 59 -3.22 -16.98 2.80
C ARG E 59 -2.27 -17.92 3.55
N ASN E 60 -2.77 -18.98 4.20
CA ASN E 60 -1.89 -19.99 4.77
C ASN E 60 -2.16 -21.31 4.05
N ALA E 61 -1.11 -21.87 3.44
CA ALA E 61 -1.25 -23.06 2.60
C ALA E 61 -1.90 -24.24 3.31
N ALA E 62 -1.98 -24.22 4.63
CA ALA E 62 -2.53 -25.37 5.34
C ALA E 62 -4.02 -25.55 5.10
N VAL E 63 -4.69 -24.57 4.48
CA VAL E 63 -6.08 -24.70 4.09
C VAL E 63 -6.15 -25.13 2.64
N ARG E 64 -7.15 -25.94 2.32
CA ARG E 64 -7.22 -26.57 1.03
C ARG E 64 -7.66 -25.60 -0.04
N THR E 65 -7.12 -25.77 -1.24
CA THR E 65 -7.62 -25.10 -2.44
C THR E 65 -8.47 -26.09 -3.24
N ARG E 66 -8.89 -25.72 -4.42
CA ARG E 66 -9.67 -26.66 -5.23
C ARG E 66 -8.74 -27.72 -5.76
N LEU E 67 -7.46 -27.48 -5.84
CA LEU E 67 -6.56 -28.53 -6.28
C LEU E 67 -6.30 -29.52 -5.17
N THR E 68 -5.91 -29.05 -3.99
CA THR E 68 -5.65 -29.98 -2.91
C THR E 68 -6.89 -30.76 -2.53
N HIS E 69 -8.06 -30.13 -2.58
CA HIS E 69 -9.27 -30.91 -2.39
C HIS E 69 -9.45 -31.91 -3.53
N SER E 70 -9.41 -31.45 -4.78
CA SER E 70 -9.54 -32.37 -5.89
C SER E 70 -8.53 -33.49 -5.79
N MET E 71 -7.39 -33.23 -5.19
CA MET E 71 -6.42 -34.30 -5.01
C MET E 71 -6.86 -35.29 -3.94
N GLU E 72 -7.58 -34.83 -2.93
CA GLU E 72 -8.06 -35.72 -1.90
C GLU E 72 -9.29 -36.49 -2.37
N VAL E 73 -10.13 -35.86 -3.19
CA VAL E 73 -11.22 -36.58 -3.82
C VAL E 73 -10.66 -37.72 -4.64
N GLN E 74 -9.56 -37.47 -5.35
CA GLN E 74 -8.96 -38.49 -6.19
C GLN E 74 -8.56 -39.70 -5.38
N GLN E 75 -8.13 -39.50 -4.15
CA GLN E 75 -7.75 -40.66 -3.37
C GLN E 75 -8.96 -41.39 -2.83
N VAL E 76 -10.07 -40.70 -2.60
CA VAL E 76 -11.23 -41.42 -2.11
C VAL E 76 -11.84 -42.22 -3.24
N GLY E 77 -11.79 -41.69 -4.45
CA GLY E 77 -12.26 -42.44 -5.60
C GLY E 77 -11.38 -43.62 -5.92
N ARG E 78 -10.09 -43.50 -5.66
CA ARG E 78 -9.22 -44.65 -5.80
C ARG E 78 -9.62 -45.76 -4.84
N TYR E 79 -9.81 -45.42 -3.57
CA TYR E 79 -10.20 -46.41 -2.58
C TYR E 79 -11.57 -47.01 -2.95
N ILE E 80 -12.50 -46.19 -3.44
CA ILE E 80 -13.82 -46.75 -3.78
C ILE E 80 -13.70 -47.65 -5.00
N ALA E 81 -12.99 -47.20 -6.02
CA ALA E 81 -12.81 -48.04 -7.20
C ALA E 81 -12.05 -49.31 -6.86
N LYS E 82 -10.99 -49.20 -6.06
CA LYS E 82 -10.23 -50.38 -5.73
C LYS E 82 -11.03 -51.35 -4.89
N GLU E 83 -12.02 -50.87 -4.12
CA GLU E 83 -12.84 -51.79 -3.35
C GLU E 83 -13.96 -52.38 -4.19
N ILE E 84 -14.42 -51.67 -5.21
CA ILE E 84 -15.42 -52.29 -6.06
C ILE E 84 -14.81 -53.40 -6.87
N LEU E 85 -13.61 -53.21 -7.42
CA LEU E 85 -13.00 -54.28 -8.19
C LEU E 85 -12.59 -55.42 -7.28
N SER E 86 -12.07 -55.10 -6.10
CA SER E 86 -11.68 -56.17 -5.19
C SER E 86 -12.88 -57.00 -4.79
N ARG E 87 -14.00 -56.35 -4.53
CA ARG E 87 -15.20 -57.11 -4.18
C ARG E 87 -15.75 -57.85 -5.40
N LEU E 88 -15.57 -57.30 -6.59
CA LEU E 88 -16.11 -57.97 -7.76
C LEU E 88 -15.27 -59.16 -8.15
N LYS E 89 -13.99 -59.15 -7.81
CA LYS E 89 -13.16 -60.31 -8.10
C LYS E 89 -13.52 -61.43 -7.15
N GLU E 90 -13.99 -61.07 -5.95
CA GLU E 90 -14.42 -62.05 -4.98
C GLU E 90 -15.66 -62.77 -5.44
N LEU E 91 -16.52 -62.09 -6.17
CA LEU E 91 -17.72 -62.74 -6.65
C LEU E 91 -17.48 -63.31 -8.03
N LYS E 92 -16.22 -63.48 -8.40
CA LYS E 92 -15.79 -64.08 -9.66
C LYS E 92 -16.44 -63.48 -10.92
N LEU E 93 -17.20 -62.40 -10.74
CA LEU E 93 -17.89 -61.69 -11.81
C LEU E 93 -16.98 -60.84 -12.68
N LEU E 94 -15.69 -60.77 -12.39
CA LEU E 94 -14.88 -59.76 -13.07
C LEU E 94 -14.84 -60.03 -14.56
N GLU E 95 -14.35 -61.19 -14.96
CA GLU E 95 -14.27 -61.48 -16.37
C GLU E 95 -15.64 -61.72 -16.97
N ALA E 96 -16.63 -62.09 -16.16
CA ALA E 96 -17.96 -62.19 -16.73
C ALA E 96 -18.51 -60.83 -17.10
N TYR E 97 -17.97 -59.76 -16.53
CA TYR E 97 -18.41 -58.41 -16.84
C TYR E 97 -17.50 -57.67 -17.81
N GLY E 98 -16.45 -58.28 -18.32
CA GLY E 98 -15.59 -57.63 -19.27
C GLY E 98 -14.50 -56.80 -18.64
N LEU E 99 -14.46 -56.72 -17.33
CA LEU E 99 -13.50 -55.90 -16.64
C LEU E 99 -12.19 -56.61 -16.38
N ASP E 100 -12.06 -57.87 -16.78
CA ASP E 100 -10.87 -58.62 -16.42
C ASP E 100 -9.62 -57.99 -17.01
N GLU E 101 -9.77 -57.28 -18.13
CA GLU E 101 -8.64 -56.66 -18.80
C GLU E 101 -8.65 -55.15 -18.71
N LEU E 102 -9.69 -54.57 -18.13
CA LEU E 102 -9.80 -53.13 -17.98
C LEU E 102 -9.71 -52.73 -16.51
N THR E 103 -8.82 -53.36 -15.76
CA THR E 103 -8.76 -53.04 -14.34
C THR E 103 -8.05 -51.71 -14.08
N GLY E 104 -6.96 -51.44 -14.77
CA GLY E 104 -6.30 -50.17 -14.62
C GLY E 104 -7.09 -49.00 -15.15
N PRO E 105 -7.61 -49.11 -16.37
CA PRO E 105 -8.47 -48.04 -16.88
C PRO E 105 -9.67 -47.75 -16.03
N PHE E 106 -10.24 -48.76 -15.41
CA PHE E 106 -11.37 -48.51 -14.53
C PHE E 106 -10.95 -47.57 -13.41
N GLU E 107 -9.84 -47.90 -12.77
CA GLU E 107 -9.30 -47.07 -11.71
C GLU E 107 -8.95 -45.69 -12.25
N SER E 108 -8.12 -45.65 -13.31
CA SER E 108 -7.63 -44.38 -13.85
C SER E 108 -8.74 -43.41 -14.20
N ILE E 109 -9.79 -43.89 -14.85
CA ILE E 109 -10.87 -43.00 -15.23
C ILE E 109 -11.50 -42.37 -14.01
N VAL E 110 -11.64 -43.12 -12.94
CA VAL E 110 -12.20 -42.56 -11.72
C VAL E 110 -11.26 -41.50 -11.18
N GLU E 111 -10.02 -41.89 -10.95
CA GLU E 111 -9.02 -40.97 -10.44
C GLU E 111 -9.01 -39.69 -11.25
N MET E 112 -9.01 -39.80 -12.57
CA MET E 112 -8.88 -38.62 -13.42
C MET E 112 -10.16 -37.81 -13.44
N SER E 113 -11.31 -38.44 -13.63
CA SER E 113 -12.48 -37.59 -13.57
C SER E 113 -12.76 -37.10 -12.16
N CYS E 114 -11.99 -37.54 -11.15
CA CYS E 114 -12.10 -36.92 -9.84
C CYS E 114 -11.31 -35.63 -9.75
N LEU E 115 -10.10 -35.64 -10.30
CA LEU E 115 -9.28 -34.45 -10.34
C LEU E 115 -9.91 -33.37 -11.19
N MET E 116 -10.78 -33.73 -12.12
CA MET E 116 -11.29 -32.78 -13.08
C MET E 116 -12.68 -32.29 -12.77
N HIS E 117 -13.36 -32.83 -11.75
CA HIS E 117 -14.52 -32.07 -11.34
C HIS E 117 -14.01 -30.73 -10.84
N ASP E 118 -14.90 -29.74 -10.82
CA ASP E 118 -14.50 -28.39 -10.39
C ASP E 118 -13.64 -27.70 -11.44
N ILE E 119 -13.16 -28.42 -12.47
CA ILE E 119 -12.30 -27.77 -13.45
C ILE E 119 -13.01 -26.60 -14.09
N GLY E 120 -14.32 -26.66 -14.20
CA GLY E 120 -15.06 -25.61 -14.86
C GLY E 120 -15.70 -24.63 -13.90
N ASN E 121 -15.39 -24.72 -12.63
CA ASN E 121 -16.05 -23.86 -11.69
C ASN E 121 -15.55 -22.43 -11.87
N PRO E 122 -16.41 -21.44 -11.70
CA PRO E 122 -16.03 -20.07 -11.97
C PRO E 122 -15.25 -19.48 -10.82
N PRO E 123 -14.76 -18.25 -10.97
CA PRO E 123 -13.88 -17.68 -9.95
C PRO E 123 -14.35 -17.76 -8.52
N PHE E 124 -15.58 -17.45 -8.20
CA PHE E 124 -15.92 -17.45 -6.79
C PHE E 124 -16.97 -18.49 -6.46
N GLY E 125 -16.83 -19.65 -7.08
CA GLY E 125 -17.59 -20.80 -6.64
C GLY E 125 -19.05 -20.64 -6.96
N HIS E 126 -19.86 -20.78 -5.93
CA HIS E 126 -21.34 -20.68 -6.08
C HIS E 126 -21.75 -19.24 -6.25
N PHE E 127 -20.85 -18.32 -5.94
CA PHE E 127 -21.10 -16.90 -6.17
C PHE E 127 -20.57 -16.42 -7.52
N GLY E 128 -19.70 -17.18 -8.16
CA GLY E 128 -19.44 -16.92 -9.56
C GLY E 128 -20.63 -17.30 -10.41
N GLU E 129 -21.13 -18.53 -10.22
CA GLU E 129 -22.34 -18.98 -10.88
C GLU E 129 -23.45 -17.96 -10.69
N ALA E 130 -23.62 -17.50 -9.46
CA ALA E 130 -24.67 -16.52 -9.16
C ALA E 130 -24.51 -15.27 -10.02
N ALA E 131 -23.42 -14.53 -9.82
CA ALA E 131 -23.22 -13.27 -10.52
C ALA E 131 -23.45 -13.37 -12.02
N ILE E 132 -23.06 -14.48 -12.63
CA ILE E 132 -23.18 -14.60 -14.08
C ILE E 132 -24.63 -14.80 -14.49
N ASN E 133 -25.33 -15.75 -13.85
CA ASN E 133 -26.73 -15.94 -14.21
C ASN E 133 -27.55 -14.71 -13.86
N ASP E 134 -27.27 -14.08 -12.73
CA ASP E 134 -28.04 -12.90 -12.39
C ASP E 134 -27.80 -11.80 -13.42
N TRP E 135 -26.55 -11.51 -13.72
CA TRP E 135 -26.28 -10.47 -14.70
C TRP E 135 -26.86 -10.79 -16.05
N PHE E 136 -26.97 -12.07 -16.40
CA PHE E 136 -27.55 -12.32 -17.70
C PHE E 136 -29.07 -12.34 -17.65
N ARG E 137 -29.66 -12.67 -16.50
CA ARG E 137 -31.11 -12.62 -16.40
C ARG E 137 -31.62 -11.19 -16.55
N GLN E 138 -30.98 -10.25 -15.85
CA GLN E 138 -31.38 -8.85 -15.97
C GLN E 138 -31.29 -8.34 -17.41
N ARG E 139 -30.46 -8.95 -18.25
CA ARG E 139 -30.39 -8.44 -19.61
C ARG E 139 -31.36 -9.14 -20.54
N LEU E 140 -31.36 -10.46 -20.56
CA LEU E 140 -32.20 -11.23 -21.48
C LEU E 140 -33.12 -12.16 -20.68
N HIS E 141 -34.12 -11.57 -20.00
CA HIS E 141 -35.02 -12.34 -19.14
C HIS E 141 -35.54 -13.58 -19.82
N PRO E 142 -35.09 -14.77 -19.41
CA PRO E 142 -35.65 -16.00 -19.99
C PRO E 142 -37.02 -16.31 -19.42
N GLU E 143 -37.41 -15.63 -18.33
CA GLU E 143 -38.72 -15.86 -17.75
C GLU E 143 -39.82 -15.43 -18.71
N ASP E 144 -39.55 -14.47 -19.57
CA ASP E 144 -40.54 -13.98 -20.50
C ASP E 144 -40.70 -14.89 -21.71
N ALA E 145 -39.64 -15.57 -22.12
CA ALA E 145 -39.77 -16.38 -23.34
C ALA E 145 -40.39 -17.73 -23.07
N GLU E 146 -40.71 -18.03 -21.82
CA GLU E 146 -41.27 -19.33 -21.45
C GLU E 146 -42.53 -19.66 -22.23
N SER E 147 -43.41 -18.70 -22.37
CA SER E 147 -44.72 -19.00 -22.95
C SER E 147 -44.71 -18.72 -24.44
N GLN E 148 -45.75 -18.06 -24.92
CA GLN E 148 -45.78 -17.63 -26.29
C GLN E 148 -45.83 -16.12 -26.37
N PRO E 149 -46.07 -15.59 -27.55
CA PRO E 149 -46.23 -14.16 -27.71
C PRO E 149 -44.89 -13.49 -27.79
N LEU E 150 -44.76 -12.32 -27.17
CA LEU E 150 -45.87 -11.68 -26.49
C LEU E 150 -45.66 -11.45 -25.00
N THR E 151 -45.76 -10.21 -24.57
CA THR E 151 -45.97 -9.07 -25.46
C THR E 151 -45.03 -7.94 -25.05
N ASP E 152 -45.08 -7.55 -23.79
CA ASP E 152 -44.09 -6.62 -23.25
C ASP E 152 -42.90 -7.46 -22.76
N ASP E 153 -42.02 -7.77 -23.71
CA ASP E 153 -40.87 -8.65 -23.50
C ASP E 153 -39.71 -7.88 -22.87
N ARG E 154 -39.33 -8.25 -21.65
CA ARG E 154 -38.27 -7.56 -20.94
C ARG E 154 -36.86 -7.91 -21.43
N CYS E 155 -36.72 -8.49 -22.61
CA CYS E 155 -35.40 -8.90 -23.07
C CYS E 155 -34.74 -7.76 -23.82
N SER E 156 -33.53 -7.39 -23.41
CA SER E 156 -32.92 -6.24 -24.03
C SER E 156 -32.28 -6.57 -25.36
N VAL E 157 -32.21 -7.83 -25.71
CA VAL E 157 -31.60 -8.24 -26.97
C VAL E 157 -32.71 -8.21 -28.00
N ALA E 158 -32.43 -7.66 -29.17
CA ALA E 158 -33.48 -7.48 -30.15
C ALA E 158 -33.84 -8.79 -30.83
N ALA E 159 -32.86 -9.41 -31.47
CA ALA E 159 -33.10 -10.65 -32.20
C ALA E 159 -33.59 -11.77 -31.30
N LEU E 160 -33.31 -11.70 -30.00
CA LEU E 160 -33.70 -12.76 -29.09
C LEU E 160 -35.04 -12.50 -28.44
N ARG E 161 -35.60 -11.31 -28.59
CA ARG E 161 -36.94 -11.04 -28.11
C ARG E 161 -37.95 -11.85 -28.92
N LEU E 162 -38.87 -12.51 -28.23
CA LEU E 162 -39.87 -13.33 -28.90
C LEU E 162 -40.84 -12.44 -29.68
N ARG E 163 -41.01 -12.74 -30.96
CA ARG E 163 -41.90 -11.98 -31.82
C ARG E 163 -43.36 -12.34 -31.55
N ASP E 164 -44.21 -11.32 -31.48
CA ASP E 164 -45.46 -11.26 -30.70
C ASP E 164 -46.72 -12.07 -31.15
N GLY E 165 -46.96 -12.36 -32.44
CA GLY E 165 -45.97 -12.61 -33.47
C GLY E 165 -45.74 -14.11 -33.40
N GLU E 166 -45.28 -14.74 -34.48
CA GLU E 166 -45.09 -16.17 -34.40
C GLU E 166 -44.06 -16.66 -35.40
N GLU E 167 -43.30 -17.67 -34.97
CA GLU E 167 -42.17 -18.27 -35.66
C GLU E 167 -41.76 -19.49 -34.85
N PRO E 168 -41.38 -20.58 -35.52
CA PRO E 168 -40.68 -21.66 -34.81
C PRO E 168 -39.24 -21.28 -34.56
N LEU E 169 -38.80 -20.16 -35.14
CA LEU E 169 -37.53 -19.54 -34.80
C LEU E 169 -37.60 -18.92 -33.42
N ASN E 170 -38.78 -18.90 -32.83
CA ASN E 170 -38.96 -18.50 -31.45
C ASN E 170 -38.54 -19.58 -30.47
N GLU E 171 -38.43 -20.83 -30.92
CA GLU E 171 -37.91 -21.87 -30.06
C GLU E 171 -36.42 -21.70 -29.83
N LEU E 172 -35.68 -21.37 -30.89
CA LEU E 172 -34.26 -21.08 -30.71
C LEU E 172 -34.08 -19.96 -29.70
N ARG E 173 -34.87 -18.91 -29.83
CA ARG E 173 -34.83 -17.81 -28.88
C ARG E 173 -35.04 -18.33 -27.47
N ARG E 174 -35.99 -19.23 -27.30
CA ARG E 174 -36.28 -19.75 -25.98
C ARG E 174 -35.10 -20.54 -25.44
N LYS E 175 -34.48 -21.34 -26.30
CA LYS E 175 -33.35 -22.16 -25.87
C LYS E 175 -32.18 -21.27 -25.48
N ILE E 176 -31.84 -20.32 -26.35
CA ILE E 176 -30.69 -19.45 -26.11
C ILE E 176 -30.88 -18.64 -24.84
N ARG E 177 -32.07 -18.09 -24.62
CA ARG E 177 -32.28 -17.26 -23.44
C ARG E 177 -32.16 -18.07 -22.16
N GLN E 178 -32.46 -19.36 -22.21
CA GLN E 178 -32.36 -20.16 -20.99
C GLN E 178 -30.98 -20.73 -20.81
N ASP E 179 -30.31 -21.09 -21.90
CA ASP E 179 -28.96 -21.61 -21.83
C ASP E 179 -28.01 -20.59 -21.21
N LEU E 180 -28.02 -19.37 -21.74
CA LEU E 180 -27.07 -18.36 -21.30
C LEU E 180 -27.35 -17.91 -19.87
N CYS E 181 -28.56 -18.09 -19.37
CA CYS E 181 -28.82 -17.78 -17.97
C CYS E 181 -28.58 -18.99 -17.07
N HIS E 182 -28.05 -20.07 -17.62
CA HIS E 182 -27.85 -21.30 -16.88
C HIS E 182 -26.41 -21.79 -17.02
N PHE E 183 -25.50 -20.96 -16.55
CA PHE E 183 -24.12 -21.40 -16.42
C PHE E 183 -23.99 -22.36 -15.26
N GLU E 184 -23.17 -23.40 -15.42
CA GLU E 184 -22.91 -24.39 -14.37
C GLU E 184 -21.53 -24.96 -14.52
N GLY E 185 -20.81 -25.04 -13.41
CA GLY E 185 -19.45 -25.55 -13.44
C GLY E 185 -19.31 -26.88 -14.17
N ASN E 186 -20.31 -27.74 -14.05
CA ASN E 186 -20.24 -29.05 -14.70
C ASN E 186 -20.45 -28.93 -16.19
N ALA E 187 -21.41 -28.12 -16.61
CA ALA E 187 -21.60 -27.91 -18.05
C ALA E 187 -20.42 -27.16 -18.65
N GLN E 188 -19.88 -26.18 -17.92
CA GLN E 188 -18.72 -25.45 -18.39
C GLN E 188 -17.49 -26.33 -18.39
N GLY E 189 -17.47 -27.38 -17.58
CA GLY E 189 -16.35 -28.30 -17.61
C GLY E 189 -16.30 -29.08 -18.91
N ILE E 190 -17.45 -29.50 -19.43
CA ILE E 190 -17.45 -30.23 -20.69
C ILE E 190 -17.06 -29.30 -21.84
N ARG E 191 -17.59 -28.08 -21.83
CA ARG E 191 -17.20 -27.10 -22.83
C ARG E 191 -15.71 -26.86 -22.78
N LEU E 192 -15.15 -26.88 -21.58
CA LEU E 192 -13.73 -26.59 -21.43
C LEU E 192 -12.88 -27.72 -21.98
N VAL E 193 -13.16 -28.96 -21.59
CA VAL E 193 -12.27 -30.04 -22.00
C VAL E 193 -12.34 -30.29 -23.49
N HIS E 194 -13.48 -30.04 -24.11
CA HIS E 194 -13.61 -30.22 -25.55
C HIS E 194 -13.42 -28.95 -26.33
N THR E 195 -14.42 -28.08 -26.25
CA THR E 195 -14.50 -26.92 -27.13
C THR E 195 -13.35 -25.95 -26.90
N LEU E 196 -12.92 -25.73 -25.65
CA LEU E 196 -11.92 -24.72 -25.40
C LEU E 196 -10.51 -25.28 -25.27
N MET E 197 -10.30 -26.30 -24.45
CA MET E 197 -8.96 -26.82 -24.24
C MET E 197 -8.55 -27.81 -25.31
N ARG E 198 -9.51 -28.45 -25.97
CA ARG E 198 -9.25 -29.49 -26.97
C ARG E 198 -8.20 -30.47 -26.45
N MET E 199 -8.61 -31.26 -25.47
CA MET E 199 -7.68 -32.20 -24.87
C MET E 199 -7.68 -33.54 -25.56
N ASN E 200 -8.74 -33.83 -26.33
CA ASN E 200 -8.82 -35.04 -27.12
C ASN E 200 -8.92 -36.31 -26.29
N LEU E 201 -9.32 -36.20 -25.04
CA LEU E 201 -9.40 -37.34 -24.16
C LEU E 201 -10.22 -38.48 -24.75
N THR E 202 -9.99 -39.70 -24.27
CA THR E 202 -10.77 -40.85 -24.70
C THR E 202 -12.22 -40.63 -24.38
N TRP E 203 -13.12 -41.17 -25.20
CA TRP E 203 -14.55 -40.99 -24.96
C TRP E 203 -14.93 -41.40 -23.55
N ALA E 204 -14.27 -42.42 -23.00
CA ALA E 204 -14.61 -42.82 -21.64
C ALA E 204 -14.28 -41.73 -20.65
N GLN E 205 -13.07 -41.19 -20.72
CA GLN E 205 -12.66 -40.17 -19.78
C GLN E 205 -13.57 -38.96 -19.81
N VAL E 206 -14.11 -38.63 -20.97
CA VAL E 206 -14.96 -37.46 -21.04
C VAL E 206 -16.31 -37.78 -20.46
N GLY E 207 -16.70 -39.05 -20.40
CA GLY E 207 -17.98 -39.31 -19.79
C GLY E 207 -17.95 -39.30 -18.29
N GLY E 208 -16.79 -39.52 -17.71
CA GLY E 208 -16.74 -39.52 -16.27
C GLY E 208 -16.87 -38.16 -15.65
N ILE E 209 -16.79 -37.09 -16.44
CA ILE E 209 -16.96 -35.75 -15.89
C ILE E 209 -18.30 -35.17 -16.24
N LEU E 210 -19.16 -35.95 -16.88
CA LEU E 210 -20.54 -35.55 -17.21
C LEU E 210 -21.41 -35.98 -16.06
N LYS E 211 -21.48 -35.13 -15.03
CA LYS E 211 -22.11 -35.50 -13.78
C LYS E 211 -23.63 -35.43 -13.85
N TYR E 212 -24.17 -34.59 -14.71
CA TYR E 212 -25.61 -34.44 -14.86
C TYR E 212 -25.97 -34.52 -16.33
N THR E 213 -27.22 -34.82 -16.62
CA THR E 213 -27.64 -35.03 -18.00
C THR E 213 -28.65 -34.01 -18.49
N ARG E 214 -28.93 -32.99 -17.71
CA ARG E 214 -29.93 -32.02 -18.12
C ARG E 214 -29.32 -30.99 -19.06
N PRO E 215 -29.97 -30.65 -20.16
CA PRO E 215 -29.43 -29.60 -21.02
C PRO E 215 -29.69 -28.25 -20.40
N ALA E 216 -28.66 -27.40 -20.43
CA ALA E 216 -28.77 -26.09 -19.79
C ALA E 216 -30.02 -25.36 -20.22
N TRP E 217 -30.36 -25.44 -21.51
CA TRP E 217 -31.51 -24.75 -22.07
C TRP E 217 -32.82 -25.33 -21.60
N TRP E 218 -32.80 -26.42 -20.85
CA TRP E 218 -34.04 -27.02 -20.39
C TRP E 218 -34.87 -26.00 -19.64
N ARG E 219 -36.11 -25.79 -20.11
CA ARG E 219 -37.03 -24.81 -19.47
C ARG E 219 -38.07 -25.58 -18.63
N GLY E 220 -38.64 -26.64 -19.21
CA GLY E 220 -39.65 -27.45 -18.50
C GLY E 220 -39.03 -28.67 -17.84
N GLU E 221 -39.08 -28.74 -16.51
CA GLU E 221 -38.51 -29.87 -15.76
C GLU E 221 -39.60 -30.78 -15.19
N THR E 222 -39.71 -32.00 -15.73
CA THR E 222 -40.73 -32.97 -15.26
C THR E 222 -40.17 -34.39 -15.35
N PRO E 223 -38.93 -34.60 -15.87
CA PRO E 223 -38.35 -35.94 -15.98
C PRO E 223 -38.40 -36.69 -14.64
N GLU E 224 -39.40 -37.56 -14.48
CA GLU E 224 -39.57 -38.36 -13.23
C GLU E 224 -38.50 -39.45 -13.19
N THR E 225 -38.21 -40.08 -14.33
CA THR E 225 -37.20 -41.15 -14.41
C THR E 225 -35.82 -40.58 -14.07
N HIS E 226 -35.49 -39.41 -14.63
CA HIS E 226 -34.19 -38.75 -14.38
C HIS E 226 -34.41 -37.50 -13.51
N HIS E 227 -34.95 -37.69 -12.31
CA HIS E 227 -35.23 -36.57 -11.37
C HIS E 227 -33.91 -36.02 -10.81
N TYR E 228 -33.03 -36.91 -10.35
CA TYR E 228 -31.72 -36.51 -9.75
C TYR E 228 -30.67 -36.34 -10.85
N LEU E 229 -30.70 -37.21 -11.86
CA LEU E 229 -29.71 -37.14 -12.94
C LEU E 229 -29.84 -35.87 -13.75
N MET E 230 -30.94 -35.17 -13.62
CA MET E 230 -31.15 -33.91 -14.29
C MET E 230 -31.33 -32.83 -13.25
N LYS E 231 -30.64 -32.97 -12.12
CA LYS E 231 -30.75 -31.99 -11.05
C LYS E 231 -30.30 -30.60 -11.51
N LYS E 232 -29.08 -30.52 -12.05
CA LYS E 232 -28.41 -29.31 -12.54
C LYS E 232 -28.05 -29.49 -14.00
N PRO E 233 -27.68 -28.44 -14.74
CA PRO E 233 -27.30 -28.64 -16.13
C PRO E 233 -25.95 -29.33 -16.26
N GLY E 234 -25.85 -30.18 -17.27
CA GLY E 234 -24.64 -30.93 -17.47
C GLY E 234 -23.98 -30.65 -18.79
N TYR E 235 -24.67 -29.93 -19.67
CA TYR E 235 -24.07 -29.52 -20.93
C TYR E 235 -24.86 -28.37 -21.53
N TYR E 236 -24.20 -27.61 -22.37
CA TYR E 236 -24.78 -26.42 -22.99
C TYR E 236 -25.30 -26.72 -24.38
N LEU E 237 -26.09 -25.78 -24.87
CA LEU E 237 -26.51 -25.81 -26.26
C LEU E 237 -25.32 -25.91 -27.19
N SER E 238 -24.22 -25.26 -26.86
CA SER E 238 -23.04 -25.27 -27.70
C SER E 238 -22.38 -26.63 -27.83
N GLU E 239 -22.79 -27.61 -27.04
CA GLU E 239 -22.19 -28.93 -27.09
C GLU E 239 -23.23 -30.03 -27.35
N GLU E 240 -24.49 -29.68 -27.61
CA GLU E 240 -25.50 -30.67 -27.89
C GLU E 240 -25.00 -31.70 -28.89
N ALA E 241 -24.24 -31.26 -29.90
CA ALA E 241 -23.73 -32.20 -30.90
C ALA E 241 -22.67 -33.10 -30.33
N TYR E 242 -21.72 -32.54 -29.59
CA TYR E 242 -20.67 -33.35 -28.99
C TYR E 242 -21.27 -34.33 -28.02
N ILE E 243 -22.23 -33.86 -27.23
CA ILE E 243 -22.93 -34.72 -26.31
C ILE E 243 -23.64 -35.82 -27.06
N ALA E 244 -24.06 -35.54 -28.29
CA ALA E 244 -24.65 -36.58 -29.12
C ALA E 244 -23.61 -37.64 -29.48
N ARG E 245 -22.46 -37.21 -29.99
CA ARG E 245 -21.42 -38.17 -30.36
C ARG E 245 -20.94 -38.97 -29.16
N LEU E 246 -20.92 -38.35 -27.99
CA LEU E 246 -20.50 -39.09 -26.82
C LEU E 246 -21.54 -40.11 -26.41
N ARG E 247 -22.83 -39.75 -26.53
CA ARG E 247 -23.89 -40.68 -26.20
C ARG E 247 -23.80 -41.90 -27.11
N LYS E 248 -23.39 -41.70 -28.35
CA LYS E 248 -23.19 -42.81 -29.26
C LYS E 248 -21.97 -43.61 -28.85
N GLU E 249 -20.81 -42.95 -28.73
CA GLU E 249 -19.56 -43.67 -28.50
C GLU E 249 -19.56 -44.44 -27.18
N LEU E 250 -20.42 -44.07 -26.25
CA LEU E 250 -20.48 -44.75 -24.97
C LEU E 250 -21.76 -45.55 -24.79
N ASN E 251 -22.61 -45.62 -25.81
CA ASN E 251 -23.86 -46.36 -25.72
C ASN E 251 -24.68 -45.91 -24.52
N LEU E 252 -25.00 -44.62 -24.54
CA LEU E 252 -25.83 -44.00 -23.53
C LEU E 252 -27.16 -43.63 -24.14
N ALA E 253 -28.23 -43.81 -23.37
CA ALA E 253 -29.53 -43.36 -23.83
C ALA E 253 -29.66 -41.89 -23.57
N LEU E 254 -30.70 -41.29 -24.10
CA LEU E 254 -30.88 -39.87 -23.82
C LEU E 254 -31.07 -39.67 -22.33
N TYR E 255 -30.31 -38.72 -21.76
CA TYR E 255 -30.33 -38.39 -20.34
C TYR E 255 -29.80 -39.51 -19.45
N SER E 256 -29.01 -40.42 -20.00
CA SER E 256 -28.40 -41.48 -19.22
C SER E 256 -26.96 -41.11 -18.88
N ARG E 257 -26.55 -41.44 -17.67
CA ARG E 257 -25.24 -41.07 -17.14
C ARG E 257 -24.21 -42.17 -17.42
N PHE E 258 -22.96 -41.77 -17.46
CA PHE E 258 -21.92 -42.75 -17.64
C PHE E 258 -21.74 -43.51 -16.33
N PRO E 259 -21.58 -44.84 -16.39
CA PRO E 259 -21.59 -45.64 -15.15
C PRO E 259 -20.52 -45.32 -14.14
N LEU E 260 -19.41 -44.71 -14.49
CA LEU E 260 -18.40 -44.48 -13.46
C LEU E 260 -18.61 -43.17 -12.73
N THR E 261 -19.57 -42.35 -13.16
CA THR E 261 -19.73 -41.05 -12.56
C THR E 261 -20.13 -41.15 -11.11
N TRP E 262 -20.89 -42.18 -10.75
CA TRP E 262 -21.42 -42.28 -9.40
C TRP E 262 -20.31 -42.49 -8.38
N ILE E 263 -19.20 -43.11 -8.80
CA ILE E 263 -18.06 -43.30 -7.91
C ILE E 263 -17.40 -41.97 -7.62
N MET E 264 -17.13 -41.19 -8.66
CA MET E 264 -16.51 -39.90 -8.45
C MET E 264 -17.42 -39.01 -7.63
N GLU E 265 -18.70 -38.99 -7.95
CA GLU E 265 -19.67 -38.21 -7.20
C GLU E 265 -19.67 -38.58 -5.74
N ALA E 266 -19.49 -39.85 -5.43
CA ALA E 266 -19.47 -40.27 -4.04
C ALA E 266 -18.19 -39.80 -3.35
N ALA E 267 -17.04 -40.01 -3.98
CA ALA E 267 -15.79 -39.56 -3.40
C ALA E 267 -15.78 -38.07 -3.14
N ASP E 268 -16.56 -37.31 -3.92
CA ASP E 268 -16.63 -35.87 -3.74
C ASP E 268 -17.33 -35.53 -2.43
N ASP E 269 -18.61 -35.90 -2.33
CA ASP E 269 -19.38 -35.65 -1.12
C ASP E 269 -18.64 -36.14 0.12
N ILE E 270 -17.96 -37.28 0.03
CA ILE E 270 -17.36 -37.86 1.22
C ILE E 270 -16.19 -37.02 1.69
N SER E 271 -15.36 -36.54 0.76
CA SER E 271 -14.13 -35.90 1.17
C SER E 271 -14.31 -34.43 1.50
N TYR E 272 -15.32 -33.78 0.99
CA TYR E 272 -15.35 -32.34 1.32
C TYR E 272 -16.03 -32.17 2.65
N CYS E 273 -16.91 -33.08 3.00
CA CYS E 273 -17.57 -32.97 4.29
C CYS E 273 -16.54 -32.83 5.41
N VAL E 274 -15.60 -33.77 5.50
CA VAL E 274 -14.66 -33.82 6.61
C VAL E 274 -13.58 -32.77 6.49
N ALA E 275 -13.06 -32.56 5.30
CA ALA E 275 -11.93 -31.68 5.18
C ALA E 275 -12.28 -30.25 5.54
N ASP E 276 -13.54 -29.85 5.34
CA ASP E 276 -13.90 -28.47 5.66
C ASP E 276 -13.86 -28.23 7.16
N LEU E 277 -14.23 -29.23 7.96
CA LEU E 277 -14.15 -29.07 9.40
C LEU E 277 -12.71 -29.08 9.88
N GLU E 278 -11.82 -29.78 9.17
CA GLU E 278 -10.42 -29.74 9.54
C GLU E 278 -9.86 -28.35 9.36
N ASP E 279 -10.22 -27.71 8.24
CA ASP E 279 -9.74 -26.37 7.95
C ASP E 279 -10.27 -25.38 8.98
N ALA E 280 -11.56 -25.48 9.31
CA ALA E 280 -12.13 -24.54 10.28
C ALA E 280 -11.37 -24.55 11.59
N VAL E 281 -11.02 -25.73 12.09
CA VAL E 281 -10.25 -25.76 13.34
C VAL E 281 -8.87 -25.15 13.11
N GLU E 282 -8.32 -25.34 11.92
CA GLU E 282 -7.04 -24.75 11.60
C GLU E 282 -7.12 -23.24 11.51
N LYS E 283 -8.15 -22.71 10.87
CA LYS E 283 -8.41 -21.27 10.81
C LYS E 283 -8.95 -20.74 12.14
N ARG E 284 -8.85 -21.57 13.18
CA ARG E 284 -9.23 -21.26 14.55
C ARG E 284 -10.69 -20.83 14.75
N ILE E 285 -11.60 -21.18 13.85
CA ILE E 285 -13.03 -20.89 14.05
C ILE E 285 -13.56 -21.54 15.32
N PHE E 286 -13.07 -22.72 15.67
CA PHE E 286 -13.43 -23.34 16.94
C PHE E 286 -12.35 -24.34 17.31
N THR E 287 -12.58 -25.05 18.41
CA THR E 287 -11.60 -26.00 18.90
C THR E 287 -12.00 -27.40 18.48
N VAL E 288 -11.03 -28.30 18.50
CA VAL E 288 -11.36 -29.71 18.29
C VAL E 288 -12.43 -30.13 19.29
N GLU E 289 -12.34 -29.63 20.52
CA GLU E 289 -13.37 -29.89 21.50
C GLU E 289 -14.66 -29.17 21.12
N GLN E 290 -14.58 -27.88 20.83
CA GLN E 290 -15.76 -27.15 20.40
C GLN E 290 -16.47 -27.89 19.28
N LEU E 291 -15.71 -28.39 18.31
CA LEU E 291 -16.29 -29.12 17.20
C LEU E 291 -17.03 -30.36 17.69
N TYR E 292 -16.34 -31.19 18.48
CA TYR E 292 -16.96 -32.41 18.99
C TYR E 292 -18.31 -32.14 19.61
N HIS E 293 -18.42 -31.09 20.42
CA HIS E 293 -19.71 -30.82 21.03
C HIS E 293 -20.74 -30.40 20.00
N HIS E 294 -20.35 -29.66 18.98
CA HIS E 294 -21.31 -29.32 17.94
C HIS E 294 -21.83 -30.55 17.26
N LEU E 295 -20.98 -31.58 17.14
CA LEU E 295 -21.39 -32.80 16.47
C LEU E 295 -22.34 -33.59 17.36
N HIS E 296 -22.00 -33.74 18.63
CA HIS E 296 -22.85 -34.50 19.54
C HIS E 296 -24.23 -33.87 19.62
N GLU E 297 -24.29 -32.54 19.76
CA GLU E 297 -25.58 -31.89 19.83
C GLU E 297 -26.29 -31.84 18.48
N ALA E 298 -25.72 -32.42 17.43
CA ALA E 298 -26.30 -32.39 16.10
C ALA E 298 -26.79 -33.75 15.63
N TRP E 299 -26.40 -34.82 16.29
CA TRP E 299 -26.73 -36.17 15.83
C TRP E 299 -28.18 -36.54 16.03
N GLY E 305 -25.06 -46.54 21.94
CA GLY E 305 -24.18 -46.95 20.85
C GLY E 305 -24.91 -46.81 19.53
N SER E 306 -24.23 -46.23 18.54
CA SER E 306 -24.78 -46.01 17.21
C SER E 306 -23.60 -45.76 16.27
N LEU E 307 -23.86 -45.12 15.14
CA LEU E 307 -22.76 -44.88 14.22
C LEU E 307 -21.88 -43.76 14.71
N PHE E 308 -22.48 -42.71 15.25
CA PHE E 308 -21.72 -41.62 15.86
C PHE E 308 -20.64 -42.17 16.79
N SER E 309 -21.00 -43.13 17.63
CA SER E 309 -19.99 -43.70 18.52
C SER E 309 -18.94 -44.46 17.71
N LEU E 310 -19.35 -45.16 16.67
CA LEU E 310 -18.39 -45.94 15.90
C LEU E 310 -17.37 -45.07 15.21
N VAL E 311 -17.73 -43.85 14.82
CA VAL E 311 -16.86 -43.04 13.97
C VAL E 311 -16.27 -41.84 14.70
N VAL E 312 -17.12 -40.90 15.09
CA VAL E 312 -16.63 -39.65 15.65
C VAL E 312 -16.27 -39.80 17.12
N GLU E 313 -17.19 -40.33 17.95
CA GLU E 313 -16.83 -40.64 19.32
C GLU E 313 -15.55 -41.46 19.37
N ASN E 314 -15.45 -42.46 18.49
CA ASN E 314 -14.27 -43.30 18.40
C ASN E 314 -13.01 -42.47 18.14
N ALA E 315 -13.09 -41.54 17.19
CA ALA E 315 -11.91 -40.72 16.90
C ALA E 315 -11.66 -39.69 17.99
N TRP E 316 -12.71 -39.27 18.69
CA TRP E 316 -12.54 -38.29 19.74
C TRP E 316 -11.73 -38.85 20.90
N GLU E 317 -12.02 -40.08 21.31
CA GLU E 317 -11.32 -40.66 22.43
C GLU E 317 -9.93 -41.13 22.06
N LYS E 318 -9.73 -41.61 20.83
CA LYS E 318 -8.38 -41.89 20.40
C LYS E 318 -7.52 -40.64 20.46
N SER E 319 -8.11 -39.48 20.16
CA SER E 319 -7.33 -38.24 20.11
C SER E 319 -6.92 -37.78 21.51
N ARG E 320 -7.87 -37.75 22.44
CA ARG E 320 -7.56 -37.31 23.79
C ARG E 320 -6.56 -38.23 24.46
N SER E 321 -5.28 -37.98 24.23
CA SER E 321 -4.20 -38.68 24.94
C SER E 321 -4.40 -40.19 24.86
N SER E 327 -0.07 -34.57 18.00
CA SER E 327 -1.22 -33.53 17.96
C SER E 327 -2.66 -33.94 18.18
N THR E 328 -3.17 -33.64 19.38
CA THR E 328 -4.56 -33.96 19.69
C THR E 328 -5.47 -33.54 18.56
N GLU E 329 -5.18 -32.41 17.91
CA GLU E 329 -6.04 -31.99 16.81
C GLU E 329 -5.67 -32.74 15.53
N ASP E 330 -4.38 -32.87 15.25
CA ASP E 330 -3.96 -33.66 14.10
C ASP E 330 -4.47 -35.10 14.20
N GLN E 331 -4.47 -35.65 15.42
CA GLN E 331 -4.89 -37.04 15.57
C GLN E 331 -6.40 -37.18 15.48
N PHE E 332 -7.15 -36.22 16.01
CA PHE E 332 -8.61 -36.32 15.90
C PHE E 332 -9.06 -36.46 14.45
N PHE E 333 -8.59 -35.58 13.57
CA PHE E 333 -9.05 -35.63 12.20
C PHE E 333 -8.45 -36.83 11.47
N MET E 334 -7.26 -37.25 11.89
CA MET E 334 -6.66 -38.46 11.34
C MET E 334 -7.59 -39.66 11.46
N TYR E 335 -8.16 -39.86 12.65
CA TYR E 335 -9.07 -40.98 12.86
C TYR E 335 -10.45 -40.66 12.31
N LEU E 336 -10.94 -39.46 12.55
CA LEU E 336 -12.22 -39.08 11.98
C LEU E 336 -12.24 -39.36 10.49
N ARG E 337 -11.16 -39.01 9.78
CA ARG E 337 -11.05 -39.37 8.38
C ARG E 337 -11.12 -40.87 8.21
N VAL E 338 -10.14 -41.57 8.78
CA VAL E 338 -10.05 -43.02 8.61
C VAL E 338 -11.36 -43.68 8.95
N ASN E 339 -11.91 -43.39 10.13
CA ASN E 339 -13.15 -44.06 10.51
C ASN E 339 -14.26 -43.81 9.51
N THR E 340 -14.41 -42.56 9.06
CA THR E 340 -15.43 -42.26 8.06
C THR E 340 -15.17 -43.02 6.77
N LEU E 341 -13.91 -43.14 6.39
CA LEU E 341 -13.63 -43.81 5.13
C LEU E 341 -13.90 -45.29 5.26
N ASN E 342 -13.44 -45.90 6.35
CA ASN E 342 -13.57 -47.33 6.51
C ASN E 342 -15.02 -47.77 6.59
N LYS E 343 -15.93 -46.88 6.96
CA LYS E 343 -17.33 -47.29 6.99
C LYS E 343 -18.13 -46.82 5.78
N LEU E 344 -17.70 -45.78 5.09
CA LEU E 344 -18.55 -45.27 4.02
C LEU E 344 -18.09 -45.75 2.67
N VAL E 345 -16.78 -45.92 2.49
CA VAL E 345 -16.32 -46.44 1.20
C VAL E 345 -16.86 -47.80 0.93
N PRO E 346 -16.87 -48.76 1.85
CA PRO E 346 -17.48 -50.04 1.53
C PRO E 346 -18.96 -49.94 1.28
N TYR E 347 -19.69 -49.12 2.05
CA TYR E 347 -21.11 -48.94 1.77
C TYR E 347 -21.31 -48.47 0.34
N ALA E 348 -20.56 -47.47 -0.08
CA ALA E 348 -20.67 -47.01 -1.46
C ALA E 348 -20.23 -48.11 -2.40
N ALA E 349 -19.10 -48.75 -2.12
CA ALA E 349 -18.62 -49.82 -2.98
C ALA E 349 -19.72 -50.85 -3.21
N GLN E 350 -20.40 -51.24 -2.14
CA GLN E 350 -21.47 -52.23 -2.29
C GLN E 350 -22.69 -51.63 -2.99
N ARG E 351 -23.15 -50.45 -2.53
CA ARG E 351 -24.29 -49.79 -3.14
C ARG E 351 -24.14 -49.72 -4.64
N PHE E 352 -22.92 -49.62 -5.12
CA PHE E 352 -22.66 -49.64 -6.55
C PHE E 352 -22.90 -51.03 -7.12
N ILE E 353 -22.24 -52.04 -6.53
CA ILE E 353 -22.40 -53.40 -7.03
C ILE E 353 -23.83 -53.87 -6.90
N ASP E 354 -24.54 -53.41 -5.87
CA ASP E 354 -25.91 -53.86 -5.69
C ASP E 354 -26.81 -53.38 -6.82
N ASN E 355 -26.69 -52.12 -7.21
CA ASN E 355 -27.55 -51.55 -8.23
C ASN E 355 -26.90 -51.50 -9.60
N LEU E 356 -25.79 -52.18 -9.80
CA LEU E 356 -25.01 -52.17 -11.02
C LEU E 356 -25.74 -52.22 -12.36
N PRO E 357 -26.85 -52.93 -12.50
CA PRO E 357 -27.56 -52.91 -13.80
C PRO E 357 -28.13 -51.55 -14.16
N ALA E 358 -28.83 -50.92 -13.22
CA ALA E 358 -29.36 -49.60 -13.52
C ALA E 358 -28.25 -48.58 -13.62
N ILE E 359 -27.12 -48.85 -12.97
CA ILE E 359 -25.98 -47.94 -13.00
C ILE E 359 -25.23 -48.10 -14.31
N PHE E 360 -25.25 -49.29 -14.91
CA PHE E 360 -24.58 -49.47 -16.19
C PHE E 360 -25.40 -48.86 -17.31
N ALA E 361 -26.70 -49.07 -17.30
CA ALA E 361 -27.55 -48.37 -18.25
C ALA E 361 -27.54 -46.87 -18.03
N GLY E 362 -27.14 -46.42 -16.84
CA GLY E 362 -27.12 -45.02 -16.52
C GLY E 362 -28.49 -44.42 -16.33
N THR E 363 -29.41 -45.17 -15.72
CA THR E 363 -30.74 -44.68 -15.45
C THR E 363 -31.08 -44.70 -13.97
N PHE E 364 -30.17 -45.22 -13.15
CA PHE E 364 -30.37 -45.23 -11.68
C PHE E 364 -30.53 -43.77 -11.21
N ASN E 365 -31.70 -43.42 -10.69
CA ASN E 365 -31.98 -42.03 -10.24
C ASN E 365 -31.70 -41.86 -8.75
N HIS E 366 -30.61 -42.45 -8.25
CA HIS E 366 -30.24 -42.36 -6.81
C HIS E 366 -28.71 -42.32 -6.65
N ALA E 367 -28.20 -41.41 -5.83
CA ALA E 367 -26.77 -41.34 -5.58
C ALA E 367 -26.37 -42.48 -4.67
N LEU E 368 -25.09 -42.83 -4.72
CA LEU E 368 -24.64 -44.01 -4.00
C LEU E 368 -24.83 -43.87 -2.50
N LEU E 369 -24.95 -42.65 -1.99
CA LEU E 369 -25.18 -42.45 -0.57
C LEU E 369 -26.56 -41.82 -0.46
N GLU E 370 -27.58 -42.66 -0.33
CA GLU E 370 -28.94 -42.18 -0.30
C GLU E 370 -29.42 -42.04 1.13
N ASP E 371 -30.55 -41.38 1.29
CA ASP E 371 -30.86 -40.78 2.59
C ASP E 371 -31.16 -41.85 3.62
N ALA E 372 -31.57 -43.03 3.17
CA ALA E 372 -32.02 -44.07 4.07
C ALA E 372 -30.95 -44.48 5.05
N SER E 373 -29.80 -44.90 4.53
CA SER E 373 -28.75 -45.45 5.35
C SER E 373 -28.33 -44.51 6.48
N GLU E 374 -28.01 -45.11 7.62
CA GLU E 374 -27.31 -44.38 8.67
C GLU E 374 -26.01 -43.81 8.15
N CYS E 375 -25.49 -44.40 7.06
CA CYS E 375 -24.25 -43.92 6.49
C CYS E 375 -24.45 -42.53 5.87
N SER E 376 -25.52 -42.37 5.10
CA SER E 376 -25.82 -41.07 4.56
C SER E 376 -26.09 -40.05 5.65
N ASP E 377 -26.67 -40.47 6.75
CA ASP E 377 -26.94 -39.53 7.83
C ASP E 377 -25.64 -38.94 8.37
N LEU E 378 -24.57 -39.72 8.35
CA LEU E 378 -23.31 -39.21 8.86
C LEU E 378 -22.79 -38.05 8.01
N LEU E 379 -22.93 -38.15 6.69
CA LEU E 379 -22.49 -37.06 5.84
C LEU E 379 -23.32 -35.82 6.09
N LYS E 380 -24.64 -35.98 6.20
CA LYS E 380 -25.50 -34.85 6.46
C LYS E 380 -25.15 -34.20 7.78
N LEU E 381 -24.65 -34.99 8.74
CA LEU E 381 -24.20 -34.42 10.00
C LEU E 381 -23.04 -33.47 9.78
N TYR E 382 -22.00 -33.95 9.10
CA TYR E 382 -20.87 -33.09 8.79
C TYR E 382 -21.32 -31.87 8.02
N LYS E 383 -22.17 -32.07 7.01
CA LYS E 383 -22.61 -30.94 6.20
C LYS E 383 -23.34 -29.92 7.05
N ASN E 384 -24.23 -30.37 7.91
CA ASN E 384 -25.00 -29.43 8.72
C ASN E 384 -24.16 -28.74 9.77
N VAL E 385 -23.14 -29.39 10.32
CA VAL E 385 -22.27 -28.68 11.27
C VAL E 385 -21.53 -27.56 10.56
N ALA E 386 -21.09 -27.80 9.32
CA ALA E 386 -20.35 -26.79 8.57
C ALA E 386 -21.24 -25.64 8.15
N VAL E 387 -22.46 -25.94 7.71
CA VAL E 387 -23.35 -24.91 7.22
C VAL E 387 -23.68 -23.90 8.32
N LYS E 388 -23.81 -24.37 9.55
CA LYS E 388 -24.23 -23.51 10.65
C LYS E 388 -23.08 -22.80 11.33
N HIS E 389 -21.92 -23.42 11.41
CA HIS E 389 -20.82 -22.86 12.19
C HIS E 389 -19.57 -22.57 11.37
N VAL E 390 -19.59 -22.77 10.06
CA VAL E 390 -18.43 -22.46 9.24
C VAL E 390 -18.83 -21.54 8.10
N PHE E 391 -19.77 -21.99 7.28
CA PHE E 391 -20.17 -21.18 6.15
C PHE E 391 -20.93 -19.93 6.57
N SER E 392 -21.30 -19.81 7.84
CA SER E 392 -22.00 -18.64 8.32
C SER E 392 -21.07 -17.62 8.93
N HIS E 393 -19.82 -17.97 9.11
CA HIS E 393 -18.81 -17.10 9.69
C HIS E 393 -18.73 -15.77 8.94
N PRO E 394 -18.43 -14.66 9.61
CA PRO E 394 -18.43 -13.36 8.92
C PRO E 394 -17.28 -13.13 7.93
N ASP E 395 -16.08 -13.67 8.17
CA ASP E 395 -15.03 -13.46 7.17
C ASP E 395 -15.34 -14.24 5.90
N VAL E 396 -16.04 -15.36 6.04
CA VAL E 396 -16.46 -16.09 4.86
C VAL E 396 -17.56 -15.34 4.15
N GLU E 397 -18.56 -14.89 4.90
CA GLU E 397 -19.69 -14.24 4.27
C GLU E 397 -19.18 -12.96 3.63
N ARG E 398 -18.13 -12.36 4.18
CA ARG E 398 -17.64 -11.12 3.59
C ARG E 398 -16.97 -11.34 2.24
N LEU E 399 -16.05 -12.30 2.18
CA LEU E 399 -15.47 -12.61 0.88
C LEU E 399 -16.44 -13.18 -0.12
N GLU E 400 -17.63 -13.53 0.31
CA GLU E 400 -18.65 -14.03 -0.63
C GLU E 400 -19.34 -12.84 -1.27
N LEU E 401 -19.60 -11.82 -0.48
CA LEU E 401 -20.21 -10.54 -0.91
C LEU E 401 -19.22 -9.80 -1.78
N GLN E 402 -17.92 -9.93 -1.50
CA GLN E 402 -16.95 -9.24 -2.34
C GLN E 402 -16.89 -9.91 -3.71
N GLY E 403 -16.81 -11.23 -3.73
CA GLY E 403 -16.69 -11.95 -4.99
C GLY E 403 -17.85 -11.70 -5.92
N TYR E 404 -19.04 -11.56 -5.36
CA TYR E 404 -20.20 -11.28 -6.21
C TYR E 404 -20.07 -9.91 -6.85
N ARG E 405 -19.52 -8.94 -6.15
CA ARG E 405 -19.35 -7.62 -6.73
C ARG E 405 -18.31 -7.64 -7.82
N VAL E 406 -17.19 -8.32 -7.56
CA VAL E 406 -16.10 -8.36 -8.51
C VAL E 406 -16.57 -8.95 -9.83
N ILE E 407 -17.24 -10.08 -9.79
CA ILE E 407 -17.65 -10.72 -11.03
C ILE E 407 -18.78 -9.96 -11.68
N SER E 408 -19.64 -9.32 -10.89
CA SER E 408 -20.70 -8.55 -11.53
C SER E 408 -20.14 -7.32 -12.20
N GLY E 409 -19.08 -6.74 -11.64
CA GLY E 409 -18.47 -5.59 -12.27
C GLY E 409 -17.68 -5.93 -13.52
N LEU E 410 -17.00 -7.07 -13.51
CA LEU E 410 -16.30 -7.49 -14.72
C LEU E 410 -17.26 -7.61 -15.89
N LEU E 411 -18.46 -8.14 -15.62
CA LEU E 411 -19.44 -8.28 -16.70
C LEU E 411 -19.90 -6.92 -17.18
N GLU E 412 -20.13 -5.99 -16.26
CA GLU E 412 -20.54 -4.66 -16.69
C GLU E 412 -19.40 -3.96 -17.41
N ILE E 413 -18.15 -4.24 -17.01
CA ILE E 413 -17.03 -3.64 -17.71
C ILE E 413 -17.02 -4.08 -19.16
N TYR E 414 -17.28 -5.34 -19.42
CA TYR E 414 -17.25 -5.83 -20.78
C TYR E 414 -18.59 -5.74 -21.46
N ARG E 415 -19.63 -5.29 -20.76
CA ARG E 415 -20.94 -5.22 -21.40
C ARG E 415 -20.93 -4.55 -22.76
N PRO E 416 -20.14 -3.50 -23.00
CA PRO E 416 -20.19 -2.86 -24.32
C PRO E 416 -19.92 -3.80 -25.49
N LEU E 417 -19.27 -4.94 -25.29
CA LEU E 417 -19.10 -5.81 -26.44
C LEU E 417 -20.39 -6.53 -26.75
N LEU E 418 -21.22 -6.77 -25.75
CA LEU E 418 -22.52 -7.38 -25.96
C LEU E 418 -23.54 -6.38 -26.47
N SER E 419 -23.17 -5.09 -26.51
CA SER E 419 -24.06 -4.04 -26.98
C SER E 419 -23.87 -3.75 -28.46
N LEU E 420 -22.69 -4.01 -28.98
CA LEU E 420 -22.42 -3.85 -30.40
C LEU E 420 -23.38 -4.62 -31.27
N SER E 421 -23.50 -4.20 -32.52
CA SER E 421 -24.35 -4.88 -33.50
C SER E 421 -23.57 -5.98 -34.21
N LEU E 422 -24.31 -6.90 -34.82
CA LEU E 422 -23.65 -8.00 -35.53
C LEU E 422 -22.60 -7.48 -36.48
N SER E 423 -22.95 -6.52 -37.33
CA SER E 423 -22.00 -6.03 -38.30
C SER E 423 -20.81 -5.38 -37.62
N ASP E 424 -21.08 -4.62 -36.56
CA ASP E 424 -19.99 -3.92 -35.88
C ASP E 424 -19.09 -4.89 -35.14
N PHE E 425 -19.67 -5.87 -34.47
CA PHE E 425 -18.85 -6.85 -33.78
C PHE E 425 -18.11 -7.69 -34.81
N THR E 426 -18.80 -8.11 -35.87
CA THR E 426 -18.16 -8.86 -36.94
C THR E 426 -16.93 -8.14 -37.44
N GLU E 427 -17.05 -6.83 -37.64
CA GLU E 427 -15.92 -6.04 -38.08
C GLU E 427 -14.78 -6.11 -37.07
N LEU E 428 -15.09 -5.99 -35.78
CA LEU E 428 -14.05 -6.04 -34.76
C LEU E 428 -13.33 -7.37 -34.74
N VAL E 429 -14.01 -8.45 -35.11
CA VAL E 429 -13.36 -9.76 -35.14
C VAL E 429 -12.35 -9.82 -36.27
N GLU E 430 -12.77 -9.41 -37.48
CA GLU E 430 -11.89 -9.46 -38.63
C GLU E 430 -10.78 -8.43 -38.52
N LYS E 431 -11.13 -7.15 -38.48
CA LYS E 431 -10.18 -6.08 -38.25
C LYS E 431 -9.81 -6.09 -36.77
N GLU E 432 -8.60 -6.56 -36.44
CA GLU E 432 -8.23 -6.67 -35.03
C GLU E 432 -8.36 -5.34 -34.29
N ARG E 433 -8.01 -4.24 -34.95
CA ARG E 433 -8.16 -2.90 -34.39
C ARG E 433 -9.10 -2.09 -35.26
N VAL E 434 -10.22 -1.66 -34.68
CA VAL E 434 -11.19 -0.82 -35.37
C VAL E 434 -11.07 0.59 -34.85
N LYS E 435 -11.13 1.54 -35.79
CA LYS E 435 -10.82 2.94 -35.51
C LYS E 435 -11.91 3.60 -34.68
N ARG E 436 -13.17 3.33 -34.99
CA ARG E 436 -14.27 3.99 -34.30
C ARG E 436 -14.67 3.30 -32.99
N PHE E 437 -14.02 2.21 -32.61
CA PHE E 437 -14.31 1.51 -31.36
C PHE E 437 -13.01 1.24 -30.61
N PRO E 438 -12.37 2.28 -30.11
CA PRO E 438 -11.10 2.08 -29.42
C PRO E 438 -11.26 1.39 -28.09
N ILE E 439 -12.35 1.65 -27.37
CA ILE E 439 -12.55 1.04 -26.08
C ILE E 439 -12.91 -0.42 -26.26
N GLU E 440 -13.82 -0.70 -27.19
CA GLU E 440 -14.19 -2.08 -27.45
C GLU E 440 -13.05 -2.87 -28.06
N SER E 441 -12.21 -2.22 -28.87
CA SER E 441 -11.06 -2.92 -29.42
C SER E 441 -10.14 -3.39 -28.32
N ARG E 442 -9.83 -2.49 -27.39
CA ARG E 442 -8.92 -2.84 -26.31
C ARG E 442 -9.56 -3.81 -25.33
N LEU E 443 -10.89 -3.79 -25.22
CA LEU E 443 -11.59 -4.78 -24.40
C LEU E 443 -11.58 -6.15 -25.08
N PHE E 444 -11.76 -6.17 -26.40
CA PHE E 444 -11.76 -7.43 -27.14
C PHE E 444 -10.42 -8.12 -27.06
N HIS E 445 -9.33 -7.36 -27.05
CA HIS E 445 -7.99 -7.95 -26.99
C HIS E 445 -7.68 -8.56 -25.64
N LYS E 446 -8.41 -8.19 -24.59
CA LYS E 446 -8.12 -8.75 -23.29
C LYS E 446 -8.59 -10.20 -23.21
N LEU E 447 -9.58 -10.56 -24.03
CA LEU E 447 -10.13 -11.91 -24.05
C LEU E 447 -9.08 -12.90 -24.52
N SER E 448 -8.83 -13.92 -23.69
CA SER E 448 -7.85 -14.93 -24.04
C SER E 448 -8.11 -15.45 -25.43
N THR E 449 -7.03 -15.64 -26.18
CA THR E 449 -7.13 -16.08 -27.56
C THR E 449 -7.85 -17.42 -27.67
N ARG E 450 -7.58 -18.34 -26.74
CA ARG E 450 -8.29 -19.62 -26.73
C ARG E 450 -9.80 -19.40 -26.74
N HIS E 451 -10.28 -18.49 -25.91
CA HIS E 451 -11.72 -18.26 -25.88
C HIS E 451 -12.17 -17.61 -27.16
N ARG E 452 -11.32 -16.80 -27.76
CA ARG E 452 -11.69 -16.08 -28.96
C ARG E 452 -11.76 -17.00 -30.16
N LEU E 453 -10.79 -17.90 -30.29
CA LEU E 453 -10.81 -18.87 -31.37
C LEU E 453 -12.05 -19.74 -31.31
N ALA E 454 -12.53 -20.05 -30.12
CA ALA E 454 -13.72 -20.87 -29.99
C ALA E 454 -14.95 -20.16 -30.53
N TYR E 455 -15.02 -18.85 -30.35
CA TYR E 455 -16.12 -18.11 -30.94
C TYR E 455 -16.03 -18.09 -32.46
N VAL E 456 -14.85 -17.81 -32.99
CA VAL E 456 -14.68 -17.77 -34.44
C VAL E 456 -15.01 -19.13 -35.05
N GLU E 457 -14.36 -20.19 -34.56
CA GLU E 457 -14.61 -21.52 -35.09
C GLU E 457 -16.10 -21.84 -35.09
N ALA E 458 -16.78 -21.48 -34.01
CA ALA E 458 -18.18 -21.85 -33.86
C ALA E 458 -19.07 -21.05 -34.81
N VAL E 459 -18.74 -19.78 -35.02
CA VAL E 459 -19.58 -18.97 -35.89
C VAL E 459 -19.25 -19.21 -37.36
N SER E 460 -17.98 -19.49 -37.68
CA SER E 460 -17.64 -19.81 -39.06
C SER E 460 -18.42 -21.02 -39.56
N LYS E 461 -18.59 -22.00 -38.71
CA LYS E 461 -19.34 -23.17 -39.11
C LYS E 461 -20.83 -22.88 -39.31
N LEU E 462 -21.29 -21.65 -39.22
CA LEU E 462 -22.70 -21.34 -39.35
C LEU E 462 -23.03 -21.00 -40.79
N PRO E 463 -24.35 -21.11 -41.17
CA PRO E 463 -24.76 -20.65 -42.49
C PRO E 463 -25.03 -19.16 -42.49
N SER E 464 -24.18 -18.42 -43.20
CA SER E 464 -24.25 -16.97 -43.21
C SER E 464 -25.63 -16.44 -43.61
N ASP E 465 -26.30 -17.14 -44.51
CA ASP E 465 -27.59 -16.71 -45.05
C ASP E 465 -28.76 -16.93 -44.09
N SER E 466 -28.70 -17.99 -43.28
CA SER E 466 -29.75 -18.43 -42.37
C SER E 466 -30.47 -17.28 -41.65
N PRO E 467 -31.77 -17.41 -41.41
CA PRO E 467 -32.45 -16.42 -40.58
C PRO E 467 -32.16 -16.58 -39.11
N GLU E 468 -31.59 -17.70 -38.69
CA GLU E 468 -31.22 -17.92 -37.31
C GLU E 468 -29.79 -17.49 -37.01
N PHE E 469 -28.95 -17.35 -38.03
CA PHE E 469 -27.56 -16.91 -37.90
C PHE E 469 -27.33 -15.75 -36.93
N PRO E 470 -28.07 -14.65 -36.97
CA PRO E 470 -27.82 -13.60 -35.98
C PRO E 470 -28.04 -14.05 -34.56
N LEU E 471 -28.97 -14.98 -34.34
CA LEU E 471 -29.24 -15.43 -32.98
C LEU E 471 -28.11 -16.32 -32.47
N TRP E 472 -27.55 -17.15 -33.35
CA TRP E 472 -26.45 -18.01 -32.93
C TRP E 472 -25.21 -17.18 -32.67
N GLU E 473 -25.00 -16.13 -33.46
CA GLU E 473 -23.83 -15.30 -33.22
C GLU E 473 -23.89 -14.67 -31.85
N TYR E 474 -25.07 -14.25 -31.41
CA TYR E 474 -25.15 -13.62 -30.10
C TYR E 474 -24.96 -14.65 -29.00
N TYR E 475 -25.56 -15.83 -29.17
CA TYR E 475 -25.28 -16.90 -28.23
C TYR E 475 -23.79 -17.13 -28.13
N TYR E 476 -23.12 -17.36 -29.25
CA TYR E 476 -21.70 -17.63 -29.17
C TYR E 476 -20.93 -16.42 -28.73
N ARG E 477 -21.52 -15.24 -28.82
CA ARG E 477 -20.86 -14.05 -28.29
C ARG E 477 -20.96 -14.00 -26.79
N CYS E 478 -22.12 -14.35 -26.25
CA CYS E 478 -22.24 -14.38 -24.80
C CYS E 478 -21.45 -15.52 -24.21
N ARG E 479 -21.36 -16.63 -24.91
CA ARG E 479 -20.63 -17.74 -24.35
C ARG E 479 -19.15 -17.44 -24.31
N LEU E 480 -18.64 -16.77 -25.33
CA LEU E 480 -17.24 -16.36 -25.34
C LEU E 480 -16.92 -15.48 -24.14
N LEU E 481 -17.84 -14.61 -23.77
CA LEU E 481 -17.62 -13.77 -22.59
C LEU E 481 -17.73 -14.59 -21.32
N GLN E 482 -18.71 -15.49 -21.26
CA GLN E 482 -18.78 -16.41 -20.12
C GLN E 482 -17.55 -17.29 -20.07
N ASP E 483 -17.01 -17.69 -21.22
CA ASP E 483 -15.81 -18.50 -21.19
C ASP E 483 -14.67 -17.75 -20.52
N TYR E 484 -14.49 -16.47 -20.89
CA TYR E 484 -13.37 -15.70 -20.33
C TYR E 484 -13.47 -15.61 -18.82
N ILE E 485 -14.61 -15.18 -18.30
CA ILE E 485 -14.77 -14.97 -16.87
C ILE E 485 -14.56 -16.28 -16.12
N SER E 486 -15.27 -17.32 -16.52
CA SER E 486 -15.18 -18.59 -15.80
C SER E 486 -13.77 -19.14 -15.82
N GLY E 487 -13.03 -18.91 -16.89
CA GLY E 487 -11.68 -19.45 -16.95
C GLY E 487 -10.71 -18.48 -16.31
N MET E 488 -11.01 -18.12 -15.07
CA MET E 488 -10.23 -17.13 -14.34
C MET E 488 -10.04 -17.64 -12.92
N THR E 489 -9.01 -17.14 -12.30
CA THR E 489 -8.72 -17.42 -10.92
C THR E 489 -9.50 -16.47 -10.04
N ASP E 490 -9.68 -16.85 -8.78
CA ASP E 490 -10.21 -15.91 -7.81
C ASP E 490 -9.41 -14.63 -7.84
N LEU E 491 -8.09 -14.78 -7.87
CA LEU E 491 -7.14 -13.69 -7.72
C LEU E 491 -6.92 -12.94 -9.03
N TYR E 492 -6.93 -13.64 -10.15
CA TYR E 492 -6.82 -12.92 -11.40
C TYR E 492 -8.06 -12.08 -11.64
N ALA E 493 -9.23 -12.56 -11.29
CA ALA E 493 -10.43 -11.75 -11.49
C ALA E 493 -10.46 -10.59 -10.53
N TRP E 494 -9.96 -10.76 -9.32
CA TRP E 494 -9.93 -9.64 -8.40
C TRP E 494 -8.95 -8.58 -8.87
N ASP E 495 -7.80 -8.98 -9.40
CA ASP E 495 -6.87 -7.98 -9.88
C ASP E 495 -7.40 -7.28 -11.11
N GLU E 496 -7.95 -8.04 -12.05
CA GLU E 496 -8.48 -7.44 -13.26
C GLU E 496 -9.53 -6.41 -12.91
N TYR E 497 -10.38 -6.72 -11.93
CA TYR E 497 -11.40 -5.76 -11.52
C TYR E 497 -10.78 -4.49 -11.01
N ARG E 498 -9.72 -4.58 -10.24
CA ARG E 498 -9.12 -3.36 -9.72
C ARG E 498 -8.31 -2.64 -10.79
N ARG E 499 -7.56 -3.39 -11.58
CA ARG E 499 -6.83 -2.78 -12.69
C ARG E 499 -7.77 -2.02 -13.62
N LEU E 500 -8.91 -2.61 -13.98
CA LEU E 500 -9.79 -1.93 -14.93
C LEU E 500 -10.70 -0.92 -14.30
N MET E 501 -10.75 -0.85 -12.97
CA MET E 501 -11.46 0.23 -12.29
C MET E 501 -10.51 1.37 -11.94
N ALA E 502 -9.26 1.27 -12.38
CA ALA E 502 -8.29 2.32 -12.19
C ALA E 502 -8.06 2.65 -10.71
N VAL E 503 -8.11 1.62 -9.85
CA VAL E 503 -7.76 1.78 -8.44
C VAL E 503 -6.46 1.08 -8.08
N GLU E 504 -5.80 0.44 -9.04
CA GLU E 504 -4.54 -0.29 -8.82
C GLU E 504 -3.42 0.23 -9.70
N GLN F 3 2.52 39.39 -53.16
CA GLN F 3 3.93 39.59 -52.89
C GLN F 3 4.28 39.08 -51.51
N ILE F 4 5.35 38.29 -51.46
CA ILE F 4 5.81 37.68 -50.22
C ILE F 4 6.65 38.70 -49.47
N ASP F 5 6.09 39.25 -48.39
CA ASP F 5 6.81 40.16 -47.48
C ASP F 5 6.68 39.67 -46.05
N PHE F 6 7.71 39.04 -45.52
CA PHE F 6 7.61 38.52 -44.17
C PHE F 6 7.68 39.61 -43.12
N ARG F 7 7.95 40.84 -43.50
CA ARG F 7 7.77 41.90 -42.54
C ARG F 7 6.30 42.01 -42.18
N LYS F 8 5.43 41.55 -43.07
CA LYS F 8 3.99 41.59 -42.90
C LYS F 8 3.44 40.40 -42.13
N LYS F 9 4.26 39.40 -41.80
CA LYS F 9 3.82 38.24 -41.06
C LYS F 9 4.49 38.11 -39.70
N ILE F 10 5.81 38.27 -39.63
CA ILE F 10 6.48 38.19 -38.33
C ILE F 10 6.13 39.43 -37.52
N ASN F 11 4.93 39.42 -36.94
CA ASN F 11 4.44 40.53 -36.14
C ASN F 11 4.99 40.48 -34.73
N TRP F 12 5.51 41.61 -34.25
CA TRP F 12 6.10 41.66 -32.93
C TRP F 12 5.27 42.45 -31.95
N HIS F 13 4.01 42.66 -32.24
CA HIS F 13 3.16 43.41 -31.34
C HIS F 13 2.43 42.44 -30.45
N ARG F 14 1.99 42.91 -29.31
CA ARG F 14 1.27 42.07 -28.39
C ARG F 14 -0.17 42.54 -28.27
N ARG F 15 -1.02 41.72 -27.66
CA ARG F 15 -2.42 42.08 -27.49
C ARG F 15 -2.60 43.07 -26.36
N TYR F 16 -1.79 42.96 -25.32
CA TYR F 16 -1.88 43.80 -24.14
C TYR F 16 -0.55 44.50 -23.92
N ARG F 17 -0.61 45.79 -23.59
CA ARG F 17 0.56 46.63 -23.35
C ARG F 17 1.63 46.41 -24.41
N SER F 18 1.22 46.54 -25.67
CA SER F 18 2.07 46.20 -26.80
C SER F 18 3.23 47.16 -26.96
N PRO F 19 4.34 46.70 -27.50
CA PRO F 19 5.39 47.62 -27.89
C PRO F 19 5.00 48.23 -29.23
N GLN F 20 5.31 49.52 -29.38
CA GLN F 20 4.80 50.27 -30.51
C GLN F 20 5.90 51.00 -31.26
N GLY F 21 5.81 50.95 -32.58
CA GLY F 21 6.51 51.84 -33.49
C GLY F 21 8.02 51.80 -33.60
N VAL F 22 8.49 51.45 -34.79
CA VAL F 22 9.90 51.49 -35.22
C VAL F 22 10.70 50.29 -34.73
N LYS F 23 11.59 50.50 -33.77
CA LYS F 23 12.37 49.45 -33.11
C LYS F 23 13.55 48.96 -33.98
N THR F 24 14.73 48.84 -33.36
CA THR F 24 15.95 48.32 -33.97
C THR F 24 15.77 46.87 -34.40
N GLU F 25 16.71 46.39 -35.20
CA GLU F 25 16.76 44.95 -35.42
C GLU F 25 17.03 44.25 -34.12
N HIS F 26 17.85 44.86 -33.27
CA HIS F 26 18.13 44.26 -31.97
C HIS F 26 16.96 44.42 -31.02
N GLU F 27 16.21 45.50 -31.15
CA GLU F 27 15.05 45.68 -30.29
C GLU F 27 13.99 44.65 -30.63
N ILE F 28 13.81 44.37 -31.92
CA ILE F 28 12.82 43.38 -32.32
C ILE F 28 13.29 41.99 -31.93
N LEU F 29 14.60 41.79 -31.83
CA LEU F 29 15.08 40.51 -31.34
C LEU F 29 14.69 40.30 -29.89
N ARG F 30 15.04 41.25 -29.03
CA ARG F 30 14.72 41.14 -27.62
C ARG F 30 13.24 40.89 -27.37
N ILE F 31 12.35 41.34 -28.25
CA ILE F 31 10.92 41.08 -28.04
C ILE F 31 10.62 39.61 -28.19
N PHE F 32 11.23 38.94 -29.15
CA PHE F 32 10.95 37.53 -29.33
C PHE F 32 11.73 36.70 -28.36
N GLU F 33 12.85 37.21 -27.87
CA GLU F 33 13.56 36.52 -26.81
C GLU F 33 12.81 36.62 -25.51
N SER F 34 11.95 37.61 -25.37
CA SER F 34 11.13 37.64 -24.16
C SER F 34 10.08 36.56 -24.23
N ASP F 35 9.56 36.29 -25.42
CA ASP F 35 8.61 35.20 -25.56
C ASP F 35 9.25 33.89 -25.12
N ARG F 36 10.49 33.62 -25.47
CA ARG F 36 11.19 32.40 -25.05
C ARG F 36 11.20 32.31 -23.53
N GLY F 37 11.59 33.35 -22.85
CA GLY F 37 11.63 33.26 -21.40
C GLY F 37 10.26 33.07 -20.78
N ARG F 38 9.22 33.54 -21.44
CA ARG F 38 7.89 33.35 -20.88
C ARG F 38 7.43 31.93 -21.05
N ILE F 39 7.74 31.33 -22.19
CA ILE F 39 7.30 29.98 -22.42
C ILE F 39 8.13 28.99 -21.62
N ILE F 40 9.45 29.16 -21.63
CA ILE F 40 10.32 28.23 -20.89
C ILE F 40 10.03 28.28 -19.40
N ASN F 41 9.82 29.45 -18.85
CA ASN F 41 9.53 29.53 -17.43
C ASN F 41 8.06 29.37 -17.13
N SER F 42 7.33 28.88 -18.04
CA SER F 42 5.90 28.72 -17.77
C SER F 42 5.61 27.38 -17.13
N PRO F 43 4.76 27.33 -16.11
CA PRO F 43 4.37 26.04 -15.56
C PRO F 43 3.60 25.19 -16.53
N ALA F 44 2.94 25.76 -17.53
CA ALA F 44 2.25 24.94 -18.49
C ALA F 44 3.22 24.09 -19.31
N ILE F 45 4.46 24.56 -19.48
CA ILE F 45 5.49 23.75 -20.13
C ILE F 45 6.14 22.80 -19.15
N ARG F 46 6.30 23.20 -17.90
CA ARG F 46 6.77 22.27 -16.89
C ARG F 46 5.82 21.10 -16.73
N ARG F 47 4.51 21.37 -16.76
CA ARG F 47 3.53 20.30 -16.65
C ARG F 47 3.68 19.22 -17.72
N LEU F 48 4.53 19.41 -18.72
CA LEU F 48 4.63 18.39 -19.74
C LEU F 48 5.53 17.24 -19.35
N GLN F 49 6.44 17.44 -18.41
CA GLN F 49 7.28 16.33 -18.00
C GLN F 49 6.51 15.26 -17.26
N GLN F 50 5.20 15.43 -17.13
CA GLN F 50 4.32 14.47 -16.49
C GLN F 50 3.13 14.10 -17.35
N LYS F 51 2.93 14.75 -18.50
CA LYS F 51 1.93 14.34 -19.46
C LYS F 51 2.61 13.37 -20.41
N THR F 52 1.85 12.44 -20.97
CA THR F 52 2.46 11.27 -21.57
C THR F 52 2.50 11.27 -23.08
N GLN F 53 3.60 10.69 -23.58
CA GLN F 53 3.88 10.47 -24.98
C GLN F 53 4.04 8.97 -25.14
N VAL F 54 3.11 8.33 -25.85
CA VAL F 54 3.05 6.89 -26.15
C VAL F 54 3.00 5.96 -24.93
N PHE F 55 3.98 5.97 -24.05
CA PHE F 55 3.89 5.07 -22.90
C PHE F 55 3.36 5.83 -21.70
N PRO F 56 2.13 5.58 -21.26
CA PRO F 56 1.59 6.34 -20.12
C PRO F 56 2.32 6.01 -18.82
N LEU F 57 2.61 7.07 -18.05
CA LEU F 57 3.17 6.94 -16.70
C LEU F 57 4.39 6.04 -16.67
N GLU F 58 5.19 6.05 -17.74
CA GLU F 58 6.35 5.19 -17.78
C GLU F 58 7.29 5.66 -16.69
N ARG F 59 7.69 4.74 -15.82
CA ARG F 59 8.42 5.08 -14.60
C ARG F 59 9.92 5.10 -14.82
N ASN F 60 10.36 4.98 -16.06
CA ASN F 60 11.77 5.06 -16.41
C ASN F 60 12.00 6.31 -17.26
N ALA F 61 12.80 7.24 -16.73
CA ALA F 61 13.00 8.53 -17.39
C ALA F 61 13.54 8.43 -18.79
N ALA F 62 14.18 7.32 -19.12
CA ALA F 62 14.78 7.22 -20.44
C ALA F 62 13.74 7.16 -21.53
N VAL F 63 12.48 7.01 -21.18
CA VAL F 63 11.38 7.04 -22.14
C VAL F 63 10.88 8.47 -22.23
N ARG F 64 10.45 8.88 -23.42
CA ARG F 64 10.11 10.29 -23.61
C ARG F 64 8.76 10.63 -23.02
N THR F 65 8.68 11.81 -22.45
CA THR F 65 7.44 12.40 -22.01
C THR F 65 7.01 13.39 -23.07
N ARG F 66 6.02 14.23 -22.82
CA ARG F 66 5.60 15.23 -23.81
C ARG F 66 6.60 16.35 -23.75
N LEU F 67 7.37 16.45 -22.71
CA LEU F 67 8.39 17.49 -22.67
C LEU F 67 9.61 17.10 -23.45
N THR F 68 10.19 15.94 -23.16
CA THR F 68 11.40 15.51 -23.86
C THR F 68 11.11 15.28 -25.33
N HIS F 69 9.93 14.80 -25.67
CA HIS F 69 9.59 14.74 -27.07
C HIS F 69 9.52 16.13 -27.67
N SER F 70 8.75 17.03 -27.04
CA SER F 70 8.67 18.40 -27.54
C SER F 70 10.02 19.06 -27.67
N MET F 71 10.95 18.72 -26.79
CA MET F 71 12.29 19.29 -26.88
C MET F 71 13.02 18.76 -28.09
N GLU F 72 12.74 17.52 -28.48
CA GLU F 72 13.40 16.97 -29.64
C GLU F 72 12.78 17.53 -30.91
N VAL F 73 11.48 17.80 -30.91
CA VAL F 73 10.87 18.49 -32.04
C VAL F 73 11.48 19.87 -32.22
N GLN F 74 11.80 20.53 -31.11
CA GLN F 74 12.40 21.85 -31.21
C GLN F 74 13.69 21.82 -32.00
N GLN F 75 14.50 20.78 -31.82
CA GLN F 75 15.76 20.73 -32.55
C GLN F 75 15.53 20.35 -33.99
N VAL F 76 14.49 19.58 -34.28
CA VAL F 76 14.22 19.28 -35.68
C VAL F 76 13.69 20.53 -36.38
N GLY F 77 12.89 21.34 -35.69
CA GLY F 77 12.39 22.57 -36.29
C GLY F 77 13.46 23.62 -36.48
N ARG F 78 14.42 23.66 -35.57
CA ARG F 78 15.56 24.52 -35.78
C ARG F 78 16.27 24.17 -37.07
N TYR F 79 16.56 22.87 -37.27
CA TYR F 79 17.26 22.42 -38.47
C TYR F 79 16.48 22.72 -39.74
N ILE F 80 15.16 22.57 -39.72
CA ILE F 80 14.39 22.87 -40.93
C ILE F 80 14.37 24.36 -41.20
N ALA F 81 14.11 25.18 -40.19
CA ALA F 81 14.15 26.62 -40.39
C ALA F 81 15.54 27.07 -40.83
N LYS F 82 16.58 26.57 -40.20
CA LYS F 82 17.93 26.96 -40.61
C LYS F 82 18.23 26.51 -42.03
N GLU F 83 17.61 25.43 -42.50
CA GLU F 83 17.87 25.03 -43.87
C GLU F 83 16.98 25.76 -44.84
N ILE F 84 15.80 26.19 -44.43
CA ILE F 84 14.99 27.00 -45.31
C ILE F 84 15.65 28.36 -45.49
N LEU F 85 16.17 28.92 -44.41
CA LEU F 85 16.85 30.18 -44.60
C LEU F 85 18.12 29.99 -45.40
N SER F 86 18.85 28.92 -45.12
CA SER F 86 20.10 28.71 -45.83
C SER F 86 19.85 28.54 -47.31
N ARG F 87 18.80 27.81 -47.67
CA ARG F 87 18.53 27.62 -49.07
C ARG F 87 18.03 28.91 -49.71
N LEU F 88 17.35 29.75 -48.94
CA LEU F 88 16.84 30.99 -49.51
C LEU F 88 17.93 32.02 -49.69
N LYS F 89 18.98 31.98 -48.88
CA LYS F 89 20.07 32.93 -49.08
C LYS F 89 20.85 32.55 -50.30
N GLU F 90 20.84 31.26 -50.64
CA GLU F 90 21.51 30.82 -51.85
C GLU F 90 20.83 31.37 -53.08
N LEU F 91 19.51 31.59 -53.03
CA LEU F 91 18.80 32.09 -54.18
C LEU F 91 18.61 33.58 -54.11
N LYS F 92 19.40 34.25 -53.28
CA LYS F 92 19.44 35.70 -53.12
C LYS F 92 18.09 36.28 -52.70
N LEU F 93 17.08 35.43 -52.55
CA LEU F 93 15.72 35.87 -52.26
C LEU F 93 15.50 36.32 -50.83
N LEU F 94 16.48 36.27 -49.93
CA LEU F 94 16.18 36.55 -48.53
C LEU F 94 15.71 37.98 -48.35
N GLU F 95 16.55 38.95 -48.70
CA GLU F 95 16.16 40.33 -48.48
C GLU F 95 15.02 40.75 -49.39
N ALA F 96 14.82 40.05 -50.51
CA ALA F 96 13.65 40.31 -51.34
C ALA F 96 12.34 39.87 -50.70
N TYR F 97 12.39 39.01 -49.69
CA TYR F 97 11.20 38.54 -48.98
C TYR F 97 11.01 39.20 -47.62
N GLY F 98 11.89 40.10 -47.22
CA GLY F 98 11.76 40.75 -45.94
C GLY F 98 12.38 40.01 -44.80
N LEU F 99 12.99 38.87 -45.05
CA LEU F 99 13.58 38.06 -44.02
C LEU F 99 14.99 38.47 -43.68
N ASP F 100 15.55 39.47 -44.33
CA ASP F 100 16.95 39.76 -44.11
C ASP F 100 17.22 40.20 -42.68
N GLU F 101 16.24 40.79 -42.01
CA GLU F 101 16.42 41.25 -40.64
C GLU F 101 15.60 40.43 -39.64
N LEU F 102 14.80 39.49 -40.12
CA LEU F 102 13.98 38.62 -39.28
C LEU F 102 14.49 37.20 -39.30
N THR F 103 15.80 37.03 -39.29
CA THR F 103 16.34 35.68 -39.35
C THR F 103 16.24 34.98 -38.01
N GLY F 104 16.53 35.69 -36.93
CA GLY F 104 16.41 35.14 -35.60
C GLY F 104 14.98 34.87 -35.20
N PRO F 105 14.10 35.87 -35.34
CA PRO F 105 12.70 35.62 -35.03
C PRO F 105 12.08 34.49 -35.84
N PHE F 106 12.47 34.31 -37.10
CA PHE F 106 11.97 33.20 -37.90
C PHE F 106 12.30 31.87 -37.25
N GLU F 107 13.56 31.70 -36.87
CA GLU F 107 14.00 30.50 -36.19
C GLU F 107 13.29 30.34 -34.85
N SER F 108 13.38 31.37 -34.01
CA SER F 108 12.84 31.29 -32.66
C SER F 108 11.36 30.98 -32.64
N ILE F 109 10.57 31.60 -33.52
CA ILE F 109 9.15 31.31 -33.55
C ILE F 109 8.90 29.83 -33.85
N VAL F 110 9.69 29.26 -34.74
CA VAL F 110 9.56 27.82 -35.00
C VAL F 110 10.00 27.02 -33.78
N GLU F 111 11.21 27.28 -33.29
CA GLU F 111 11.67 26.58 -32.11
C GLU F 111 10.63 26.65 -30.99
N MET F 112 10.12 27.82 -30.73
CA MET F 112 9.17 27.95 -29.59
C MET F 112 7.79 27.44 -29.92
N SER F 113 7.25 27.60 -31.13
CA SER F 113 5.99 26.96 -31.39
C SER F 113 6.11 25.45 -31.54
N CYS F 114 7.33 24.89 -31.53
CA CYS F 114 7.51 23.45 -31.49
C CYS F 114 7.41 22.94 -30.06
N LEU F 115 8.04 23.64 -29.14
CA LEU F 115 7.95 23.30 -27.73
C LEU F 115 6.56 23.42 -27.20
N MET F 116 5.69 24.16 -27.88
CA MET F 116 4.35 24.41 -27.37
C MET F 116 3.25 23.63 -28.06
N HIS F 117 3.54 22.89 -29.11
CA HIS F 117 2.45 22.00 -29.48
C HIS F 117 2.16 21.11 -28.26
N ASP F 118 1.12 20.33 -28.29
CA ASP F 118 0.80 19.39 -27.22
C ASP F 118 0.50 20.10 -25.90
N ILE F 119 0.78 21.40 -25.79
CA ILE F 119 0.56 22.09 -24.50
C ILE F 119 -0.90 22.00 -24.09
N GLY F 120 -1.81 21.89 -25.03
CA GLY F 120 -3.21 21.82 -24.67
C GLY F 120 -3.76 20.41 -24.63
N ASN F 121 -2.92 19.42 -24.71
CA ASN F 121 -3.42 18.07 -24.71
C ASN F 121 -3.90 17.68 -23.32
N PRO F 122 -4.96 16.91 -23.22
CA PRO F 122 -5.56 16.57 -21.95
C PRO F 122 -4.80 15.44 -21.29
N PRO F 123 -5.16 15.06 -20.06
CA PRO F 123 -4.37 14.05 -19.36
C PRO F 123 -4.11 12.77 -20.10
N PHE F 124 -5.05 12.17 -20.81
CA PHE F 124 -4.59 10.91 -21.38
C PHE F 124 -4.63 10.89 -22.89
N GLY F 125 -3.92 11.84 -23.51
CA GLY F 125 -3.71 11.79 -24.94
C GLY F 125 -5.01 11.84 -25.70
N HIS F 126 -5.14 10.99 -26.70
CA HIS F 126 -6.38 10.95 -27.44
C HIS F 126 -7.49 10.35 -26.64
N PHE F 127 -7.19 9.72 -25.52
CA PHE F 127 -8.22 9.17 -24.69
C PHE F 127 -8.73 10.17 -23.67
N GLY F 128 -8.01 11.27 -23.44
CA GLY F 128 -8.63 12.40 -22.78
C GLY F 128 -9.62 13.09 -23.68
N GLU F 129 -9.21 13.38 -24.92
CA GLU F 129 -10.12 13.91 -25.91
C GLU F 129 -11.36 13.04 -25.98
N ALA F 130 -11.15 11.71 -26.04
CA ALA F 130 -12.26 10.77 -26.11
C ALA F 130 -13.21 10.93 -24.93
N ALA F 131 -12.73 10.66 -23.71
CA ALA F 131 -13.60 10.72 -22.54
C ALA F 131 -14.40 12.01 -22.49
N ILE F 132 -13.77 13.12 -22.84
CA ILE F 132 -14.44 14.42 -22.73
C ILE F 132 -15.53 14.56 -23.77
N ASN F 133 -15.22 14.33 -25.04
CA ASN F 133 -16.25 14.48 -26.05
C ASN F 133 -17.37 13.45 -25.88
N ASP F 134 -17.02 12.22 -25.48
CA ASP F 134 -18.08 11.24 -25.27
C ASP F 134 -18.97 11.63 -24.10
N TRP F 135 -18.38 12.01 -22.97
CA TRP F 135 -19.20 12.39 -21.83
C TRP F 135 -20.07 13.59 -22.12
N PHE F 136 -19.63 14.46 -23.02
CA PHE F 136 -20.48 15.59 -23.32
C PHE F 136 -21.51 15.25 -24.37
N ARG F 137 -21.22 14.33 -25.28
CA ARG F 137 -22.25 13.95 -26.24
C ARG F 137 -23.43 13.28 -25.56
N GLN F 138 -23.16 12.37 -24.62
CA GLN F 138 -24.26 11.72 -23.89
C GLN F 138 -25.11 12.72 -23.14
N ARG F 139 -24.56 13.89 -22.81
CA ARG F 139 -25.36 14.85 -22.05
C ARG F 139 -26.15 15.77 -22.97
N LEU F 140 -25.50 16.42 -23.93
CA LEU F 140 -26.17 17.34 -24.85
C LEU F 140 -25.93 16.93 -26.29
N HIS F 141 -26.63 15.89 -26.74
CA HIS F 141 -26.45 15.32 -28.07
C HIS F 141 -26.42 16.36 -29.19
N PRO F 142 -25.25 16.58 -29.80
CA PRO F 142 -25.18 17.51 -30.95
C PRO F 142 -25.76 16.95 -32.22
N GLU F 143 -26.02 15.65 -32.27
CA GLU F 143 -26.59 15.05 -33.47
C GLU F 143 -28.01 15.55 -33.71
N ASP F 144 -28.73 15.88 -32.62
CA ASP F 144 -30.11 16.30 -32.71
C ASP F 144 -30.27 17.74 -33.16
N ALA F 145 -29.31 18.59 -32.83
CA ALA F 145 -29.48 19.99 -33.20
C ALA F 145 -29.04 20.26 -34.62
N GLU F 146 -28.55 19.25 -35.35
CA GLU F 146 -28.09 19.44 -36.72
C GLU F 146 -29.16 20.03 -37.61
N SER F 147 -30.39 19.56 -37.48
CA SER F 147 -31.43 19.96 -38.40
C SER F 147 -32.21 21.15 -37.85
N GLN F 148 -33.54 21.11 -38.01
CA GLN F 148 -34.40 22.13 -37.47
C GLN F 148 -35.32 21.55 -36.42
N PRO F 149 -36.30 22.33 -35.98
CA PRO F 149 -37.24 21.83 -35.00
C PRO F 149 -36.64 21.77 -33.62
N LEU F 150 -36.74 20.61 -32.95
CA LEU F 150 -37.45 19.45 -33.46
C LEU F 150 -36.65 18.17 -33.29
N THR F 151 -37.27 17.11 -32.76
CA THR F 151 -38.66 17.11 -32.29
C THR F 151 -38.73 16.38 -30.95
N ASP F 152 -38.09 15.21 -30.87
CA ASP F 152 -37.81 14.56 -29.60
C ASP F 152 -36.32 14.74 -29.33
N ASP F 153 -35.98 15.90 -28.74
CA ASP F 153 -34.59 16.31 -28.55
C ASP F 153 -33.96 15.63 -27.35
N ARG F 154 -32.89 14.85 -27.60
CA ARG F 154 -32.20 14.11 -26.55
C ARG F 154 -31.25 14.95 -25.73
N CYS F 155 -31.39 16.28 -25.71
CA CYS F 155 -30.48 17.11 -24.95
C CYS F 155 -30.94 17.25 -23.53
N SER F 156 -30.08 16.91 -22.58
CA SER F 156 -30.53 16.95 -21.20
C SER F 156 -30.48 18.34 -20.64
N VAL F 157 -29.93 19.31 -21.35
CA VAL F 157 -29.87 20.65 -20.84
C VAL F 157 -31.13 21.35 -21.30
N ALA F 158 -31.76 22.10 -20.40
CA ALA F 158 -33.06 22.68 -20.71
C ALA F 158 -32.90 23.83 -21.68
N ALA F 159 -32.11 24.82 -21.31
CA ALA F 159 -31.95 26.00 -22.14
C ALA F 159 -31.40 25.70 -23.53
N LEU F 160 -30.67 24.60 -23.70
CA LEU F 160 -30.01 24.34 -24.96
C LEU F 160 -30.80 23.45 -25.91
N ARG F 161 -31.88 22.84 -25.45
CA ARG F 161 -32.69 22.03 -26.33
C ARG F 161 -33.33 22.94 -27.37
N LEU F 162 -33.30 22.52 -28.65
CA LEU F 162 -33.79 23.36 -29.73
C LEU F 162 -35.29 23.59 -29.70
N ARG F 163 -35.72 24.66 -29.03
CA ARG F 163 -37.13 25.02 -28.94
C ARG F 163 -37.49 26.10 -29.96
N ASP F 164 -38.48 25.90 -30.83
CA ASP F 164 -39.17 24.63 -31.11
C ASP F 164 -39.76 24.42 -32.55
N GLY F 165 -39.38 25.17 -33.61
CA GLY F 165 -38.31 26.14 -33.67
C GLY F 165 -38.79 27.57 -33.52
N GLU F 166 -38.50 28.16 -32.36
CA GLU F 166 -38.88 29.53 -32.01
C GLU F 166 -37.59 30.31 -31.79
N GLU F 167 -37.15 31.08 -32.83
CA GLU F 167 -35.98 31.97 -32.93
C GLU F 167 -34.79 31.46 -33.73
N PRO F 168 -33.99 32.37 -34.29
CA PRO F 168 -32.64 32.04 -34.75
C PRO F 168 -31.63 31.99 -33.60
N LEU F 169 -32.08 32.27 -32.39
CA LEU F 169 -31.32 31.98 -31.18
C LEU F 169 -31.12 30.49 -31.02
N ASN F 170 -31.72 29.71 -31.93
CA ASN F 170 -31.44 28.29 -32.05
C ASN F 170 -30.09 28.04 -32.70
N GLU F 171 -29.57 29.01 -33.44
CA GLU F 171 -28.25 28.87 -34.04
C GLU F 171 -27.17 28.92 -32.99
N LEU F 172 -27.33 29.79 -32.00
CA LEU F 172 -26.41 29.79 -30.87
C LEU F 172 -26.39 28.43 -30.19
N ARG F 173 -27.57 27.85 -29.98
CA ARG F 173 -27.65 26.51 -29.40
C ARG F 173 -26.90 25.50 -30.27
N ARG F 174 -27.07 25.59 -31.59
CA ARG F 174 -26.39 24.65 -32.49
C ARG F 174 -24.88 24.80 -32.40
N LYS F 175 -24.39 26.03 -32.31
CA LYS F 175 -22.96 26.25 -32.21
C LYS F 175 -22.44 25.71 -30.88
N ILE F 176 -23.09 26.07 -29.78
CA ILE F 176 -22.62 25.67 -28.47
C ILE F 176 -22.60 24.16 -28.32
N ARG F 177 -23.64 23.48 -28.82
CA ARG F 177 -23.71 22.03 -28.66
C ARG F 177 -22.58 21.31 -29.38
N GLN F 178 -22.04 21.88 -30.45
CA GLN F 178 -20.98 21.25 -31.22
C GLN F 178 -19.59 21.65 -30.71
N ASP F 179 -19.44 22.87 -30.23
CA ASP F 179 -18.19 23.33 -29.66
C ASP F 179 -17.81 22.50 -28.45
N LEU F 180 -18.73 22.35 -27.51
CA LEU F 180 -18.39 21.64 -26.29
C LEU F 180 -18.14 20.17 -26.53
N CYS F 181 -18.67 19.61 -27.61
CA CYS F 181 -18.41 18.22 -27.95
C CYS F 181 -17.21 18.05 -28.84
N HIS F 182 -16.47 19.13 -29.11
CA HIS F 182 -15.32 19.02 -29.98
C HIS F 182 -14.10 19.64 -29.30
N PHE F 183 -13.78 19.08 -28.14
CA PHE F 183 -12.54 19.45 -27.49
C PHE F 183 -11.39 18.90 -28.30
N GLU F 184 -10.32 19.67 -28.41
CA GLU F 184 -9.14 19.28 -29.18
C GLU F 184 -7.93 19.92 -28.53
N GLY F 185 -6.86 19.16 -28.37
CA GLY F 185 -5.66 19.71 -27.76
C GLY F 185 -5.21 21.01 -28.42
N ASN F 186 -5.40 21.12 -29.73
CA ASN F 186 -4.95 22.31 -30.44
C ASN F 186 -5.83 23.50 -30.09
N ALA F 187 -7.14 23.33 -30.12
CA ALA F 187 -8.02 24.44 -29.76
C ALA F 187 -7.83 24.79 -28.30
N GLN F 188 -7.68 23.78 -27.44
CA GLN F 188 -7.45 24.05 -26.03
C GLN F 188 -6.10 24.69 -25.80
N GLY F 189 -5.18 24.54 -26.74
CA GLY F 189 -3.91 25.21 -26.59
C GLY F 189 -4.02 26.71 -26.74
N ILE F 190 -4.83 27.17 -27.69
CA ILE F 190 -5.04 28.61 -27.88
C ILE F 190 -5.80 29.20 -26.72
N ARG F 191 -6.84 28.52 -26.25
CA ARG F 191 -7.54 28.96 -25.06
C ARG F 191 -6.59 28.99 -23.87
N LEU F 192 -5.58 28.12 -23.87
CA LEU F 192 -4.64 28.03 -22.75
C LEU F 192 -3.71 29.24 -22.67
N VAL F 193 -3.01 29.56 -23.76
CA VAL F 193 -2.03 30.65 -23.73
C VAL F 193 -2.69 32.00 -23.63
N HIS F 194 -3.91 32.13 -24.12
CA HIS F 194 -4.58 33.41 -24.08
C HIS F 194 -5.47 33.56 -22.86
N THR F 195 -6.62 32.92 -22.91
CA THR F 195 -7.64 33.20 -21.92
C THR F 195 -7.21 32.74 -20.54
N LEU F 196 -6.55 31.61 -20.44
CA LEU F 196 -6.27 30.98 -19.14
C LEU F 196 -4.92 31.35 -18.56
N MET F 197 -3.86 31.24 -19.34
CA MET F 197 -2.53 31.55 -18.83
C MET F 197 -2.21 33.03 -18.94
N ARG F 198 -2.77 33.72 -19.92
CA ARG F 198 -2.48 35.11 -20.24
C ARG F 198 -0.96 35.31 -20.30
N MET F 199 -0.39 34.78 -21.37
CA MET F 199 1.04 34.89 -21.57
C MET F 199 1.42 36.11 -22.37
N ASN F 200 0.47 36.65 -23.13
CA ASN F 200 0.64 37.89 -23.88
C ASN F 200 1.70 37.76 -24.96
N LEU F 201 1.95 36.57 -25.46
CA LEU F 201 2.95 36.38 -26.50
C LEU F 201 2.73 37.25 -27.73
N THR F 202 3.78 37.46 -28.53
CA THR F 202 3.65 38.19 -29.77
C THR F 202 2.68 37.52 -30.74
N TRP F 203 1.93 38.33 -31.49
CA TRP F 203 0.97 37.79 -32.44
C TRP F 203 1.59 36.75 -33.36
N ALA F 204 2.86 36.94 -33.73
CA ALA F 204 3.48 35.91 -34.55
C ALA F 204 3.62 34.62 -33.79
N GLN F 205 4.12 34.70 -32.55
CA GLN F 205 4.31 33.48 -31.76
C GLN F 205 3.03 32.72 -31.58
N VAL F 206 1.91 33.42 -31.50
CA VAL F 206 0.63 32.74 -31.33
C VAL F 206 0.11 32.20 -32.64
N GLY F 207 0.53 32.73 -33.78
CA GLY F 207 0.00 32.13 -34.98
C GLY F 207 0.70 30.86 -35.34
N GLY F 208 1.89 30.66 -34.80
CA GLY F 208 2.66 29.45 -35.05
C GLY F 208 2.15 28.23 -34.34
N ILE F 209 1.23 28.38 -33.39
CA ILE F 209 0.62 27.24 -32.72
C ILE F 209 -0.81 27.01 -33.16
N LEU F 210 -1.29 27.75 -34.16
CA LEU F 210 -2.63 27.55 -34.72
C LEU F 210 -2.51 26.56 -35.85
N LYS F 211 -2.58 25.26 -35.51
CA LYS F 211 -2.31 24.21 -36.47
C LYS F 211 -3.48 23.95 -37.40
N TYR F 212 -4.71 24.16 -36.95
CA TYR F 212 -5.88 23.95 -37.78
C TYR F 212 -6.76 25.20 -37.75
N THR F 213 -7.54 25.38 -38.81
CA THR F 213 -8.33 26.59 -38.94
C THR F 213 -9.83 26.34 -38.88
N ARG F 214 -10.24 25.14 -38.54
CA ARG F 214 -11.64 24.81 -38.46
C ARG F 214 -12.17 25.24 -37.09
N PRO F 215 -13.30 25.92 -37.02
CA PRO F 215 -13.84 26.29 -35.73
C PRO F 215 -14.52 25.10 -35.10
N ALA F 216 -14.33 24.95 -33.79
CA ALA F 216 -14.87 23.78 -33.10
C ALA F 216 -16.35 23.57 -33.40
N TRP F 217 -17.14 24.64 -33.39
CA TRP F 217 -18.58 24.52 -33.59
C TRP F 217 -18.97 24.11 -35.00
N TRP F 218 -18.03 23.99 -35.92
CA TRP F 218 -18.35 23.64 -37.30
C TRP F 218 -19.16 22.37 -37.37
N ARG F 219 -20.34 22.45 -37.96
CA ARG F 219 -21.25 21.28 -38.11
C ARG F 219 -21.13 20.72 -39.54
N GLY F 220 -21.29 21.59 -40.53
CA GLY F 220 -21.21 21.18 -41.95
C GLY F 220 -19.83 20.65 -42.29
N GLU F 221 -19.75 19.41 -42.81
CA GLU F 221 -18.46 18.79 -43.19
C GLU F 221 -18.09 19.13 -44.62
N THR F 222 -17.55 20.33 -44.91
CA THR F 222 -17.39 20.61 -46.38
C THR F 222 -15.99 21.03 -46.83
N PRO F 223 -15.71 22.35 -46.93
CA PRO F 223 -14.49 22.95 -47.49
C PRO F 223 -13.40 22.11 -48.19
N GLU F 224 -13.46 22.04 -49.54
CA GLU F 224 -12.45 21.34 -50.37
C GLU F 224 -11.12 22.11 -50.30
N THR F 225 -11.13 23.38 -50.70
CA THR F 225 -9.93 24.19 -50.70
C THR F 225 -9.17 24.06 -49.39
N HIS F 226 -9.86 23.80 -48.31
CA HIS F 226 -9.27 23.79 -46.99
C HIS F 226 -9.63 22.50 -46.28
N HIS F 227 -9.59 21.39 -47.02
CA HIS F 227 -9.99 20.12 -46.44
C HIS F 227 -8.95 19.61 -45.47
N TYR F 228 -7.69 19.98 -45.69
CA TYR F 228 -6.63 19.57 -44.80
C TYR F 228 -6.49 20.55 -43.65
N LEU F 229 -6.41 21.84 -43.95
CA LEU F 229 -6.25 22.84 -42.91
C LEU F 229 -7.42 22.84 -41.93
N MET F 230 -8.54 22.20 -42.28
CA MET F 230 -9.69 22.12 -41.40
C MET F 230 -9.98 20.68 -41.00
N LYS F 231 -8.92 19.89 -40.87
CA LYS F 231 -9.04 18.48 -40.51
C LYS F 231 -9.65 18.33 -39.13
N LYS F 232 -9.10 19.01 -38.15
CA LYS F 232 -9.52 18.96 -36.76
C LYS F 232 -9.89 20.37 -36.33
N PRO F 233 -10.53 20.57 -35.18
CA PRO F 233 -10.82 21.92 -34.73
C PRO F 233 -9.55 22.63 -34.32
N GLY F 234 -9.51 23.93 -34.55
CA GLY F 234 -8.34 24.68 -34.17
C GLY F 234 -8.60 25.79 -33.16
N TYR F 235 -9.86 26.12 -32.95
CA TYR F 235 -10.20 27.13 -31.96
C TYR F 235 -11.66 26.97 -31.58
N TYR F 236 -11.98 27.48 -30.41
CA TYR F 236 -13.32 27.34 -29.86
C TYR F 236 -14.13 28.59 -30.11
N LEU F 237 -15.44 28.44 -29.94
CA LEU F 237 -16.32 29.60 -29.97
C LEU F 237 -15.87 30.64 -28.97
N SER F 238 -15.39 30.20 -27.80
CA SER F 238 -14.99 31.14 -26.76
C SER F 238 -13.84 32.01 -27.17
N GLU F 239 -13.22 31.76 -28.31
CA GLU F 239 -12.06 32.51 -28.74
C GLU F 239 -12.26 33.12 -30.12
N GLU F 240 -13.47 33.06 -30.67
CA GLU F 240 -13.75 33.66 -31.97
C GLU F 240 -13.21 35.07 -32.08
N ALA F 241 -13.39 35.86 -31.02
CA ALA F 241 -12.95 37.25 -31.10
C ALA F 241 -11.44 37.32 -31.15
N TYR F 242 -10.79 36.54 -30.31
CA TYR F 242 -9.34 36.53 -30.33
C TYR F 242 -8.84 36.03 -31.67
N ILE F 243 -9.45 34.96 -32.17
CA ILE F 243 -9.02 34.46 -33.45
C ILE F 243 -9.27 35.49 -34.54
N ALA F 244 -10.29 36.33 -34.36
CA ALA F 244 -10.54 37.37 -35.33
C ALA F 244 -9.42 38.39 -35.37
N ARG F 245 -9.04 38.93 -34.21
CA ARG F 245 -7.95 39.91 -34.18
C ARG F 245 -6.65 39.30 -34.66
N LEU F 246 -6.44 38.00 -34.46
CA LEU F 246 -5.23 37.38 -34.97
C LEU F 246 -5.23 37.33 -36.48
N ARG F 247 -6.38 37.07 -37.09
CA ARG F 247 -6.45 37.05 -38.54
C ARG F 247 -6.11 38.40 -39.12
N LYS F 248 -6.41 39.47 -38.38
CA LYS F 248 -6.04 40.81 -38.79
C LYS F 248 -4.55 41.04 -38.62
N GLU F 249 -4.04 40.87 -37.40
CA GLU F 249 -2.67 41.21 -37.07
C GLU F 249 -1.66 40.43 -37.89
N LEU F 250 -2.05 39.28 -38.42
CA LEU F 250 -1.16 38.46 -39.22
C LEU F 250 -1.56 38.43 -40.68
N ASN F 251 -2.57 39.19 -41.06
CA ASN F 251 -3.02 39.25 -42.45
C ASN F 251 -3.31 37.86 -42.99
N LEU F 252 -4.20 37.16 -42.29
CA LEU F 252 -4.64 35.84 -42.69
C LEU F 252 -6.07 35.91 -43.17
N ALA F 253 -6.36 35.19 -44.24
CA ALA F 253 -7.73 35.12 -44.69
C ALA F 253 -8.48 34.11 -43.84
N LEU F 254 -9.79 34.09 -43.97
CA LEU F 254 -10.58 33.19 -43.15
C LEU F 254 -10.18 31.76 -43.45
N TYR F 255 -9.91 30.99 -42.38
CA TYR F 255 -9.49 29.58 -42.44
C TYR F 255 -8.11 29.39 -43.03
N SER F 256 -7.29 30.45 -43.06
CA SER F 256 -5.93 30.40 -43.59
C SER F 256 -4.95 30.25 -42.44
N ARG F 257 -3.89 29.49 -42.68
CA ARG F 257 -2.90 29.15 -41.67
C ARG F 257 -1.72 30.12 -41.70
N PHE F 258 -1.01 30.20 -40.57
CA PHE F 258 0.20 31.01 -40.50
C PHE F 258 1.34 30.28 -41.21
N PRO F 259 2.13 30.98 -42.01
CA PRO F 259 3.12 30.31 -42.87
C PRO F 259 4.18 29.52 -42.14
N LEU F 260 4.46 29.79 -40.88
CA LEU F 260 5.52 29.02 -40.24
C LEU F 260 5.02 27.72 -39.66
N THR F 261 3.70 27.51 -39.62
CA THR F 261 3.17 26.32 -38.96
C THR F 261 3.57 25.06 -39.68
N TRP F 262 3.69 25.11 -41.00
CA TRP F 262 3.97 23.90 -41.74
C TRP F 262 5.34 23.38 -41.37
N ILE F 263 6.26 24.26 -40.97
CA ILE F 263 7.58 23.84 -40.52
C ILE F 263 7.46 23.09 -39.20
N MET F 264 6.73 23.66 -38.25
CA MET F 264 6.55 23.00 -36.96
C MET F 264 5.79 21.69 -37.11
N GLU F 265 4.76 21.69 -37.95
CA GLU F 265 3.99 20.48 -38.20
C GLU F 265 4.86 19.37 -38.75
N ALA F 266 5.81 19.71 -39.62
CA ALA F 266 6.69 18.69 -40.19
C ALA F 266 7.67 18.17 -39.14
N ALA F 267 8.30 19.08 -38.40
CA ALA F 267 9.21 18.66 -37.35
C ALA F 267 8.53 17.75 -36.33
N ASP F 268 7.22 17.87 -36.18
CA ASP F 268 6.51 17.00 -35.26
C ASP F 268 6.49 15.58 -35.81
N ASP F 269 5.85 15.40 -36.97
CA ASP F 269 5.74 14.06 -37.57
C ASP F 269 7.08 13.35 -37.62
N ILE F 270 8.15 14.07 -37.92
CA ILE F 270 9.43 13.42 -38.17
C ILE F 270 10.02 12.84 -36.90
N SER F 271 9.94 13.56 -35.79
CA SER F 271 10.67 13.10 -34.62
C SER F 271 9.88 12.10 -33.80
N TYR F 272 8.58 12.03 -33.87
CA TYR F 272 8.02 11.00 -32.97
C TYR F 272 7.94 9.70 -33.68
N CYS F 273 7.92 9.71 -34.99
CA CYS F 273 7.98 8.41 -35.66
C CYS F 273 9.17 7.60 -35.17
N VAL F 274 10.36 8.19 -35.19
CA VAL F 274 11.57 7.46 -34.85
C VAL F 274 11.71 7.30 -33.35
N ALA F 275 11.39 8.33 -32.59
CA ALA F 275 11.63 8.28 -31.16
C ALA F 275 10.77 7.22 -30.49
N ASP F 276 9.61 6.92 -31.05
CA ASP F 276 8.71 5.92 -30.48
C ASP F 276 9.24 4.50 -30.66
N LEU F 277 9.87 4.22 -31.80
CA LEU F 277 10.50 2.93 -31.94
C LEU F 277 11.75 2.83 -31.08
N GLU F 278 12.43 3.95 -30.83
CA GLU F 278 13.57 3.91 -29.90
C GLU F 278 13.08 3.57 -28.50
N ASP F 279 11.98 4.16 -28.08
CA ASP F 279 11.45 3.86 -26.76
C ASP F 279 11.01 2.40 -26.70
N ALA F 280 10.32 1.91 -27.73
CA ALA F 280 9.83 0.53 -27.71
C ALA F 280 10.94 -0.45 -27.44
N VAL F 281 12.10 -0.24 -28.05
CA VAL F 281 13.22 -1.15 -27.83
C VAL F 281 13.73 -1.01 -26.40
N GLU F 282 13.72 0.20 -25.87
CA GLU F 282 14.16 0.43 -24.50
C GLU F 282 13.19 -0.21 -23.52
N LYS F 283 11.88 -0.07 -23.75
CA LYS F 283 10.89 -0.73 -22.91
C LYS F 283 10.90 -2.22 -23.24
N ARG F 284 11.93 -2.68 -23.92
CA ARG F 284 12.13 -4.09 -24.23
C ARG F 284 10.98 -4.71 -25.00
N ILE F 285 10.14 -3.92 -25.69
CA ILE F 285 9.07 -4.51 -26.49
C ILE F 285 9.60 -5.43 -27.58
N PHE F 286 10.75 -5.13 -28.16
CA PHE F 286 11.36 -6.02 -29.13
C PHE F 286 12.85 -5.69 -29.18
N THR F 287 13.55 -6.36 -30.10
CA THR F 287 15.00 -6.20 -30.23
C THR F 287 15.33 -5.26 -31.38
N VAL F 288 16.52 -4.69 -31.31
CA VAL F 288 16.98 -3.89 -32.44
C VAL F 288 16.95 -4.72 -33.72
N GLU F 289 17.31 -6.00 -33.62
CA GLU F 289 17.18 -6.90 -34.76
C GLU F 289 15.71 -7.17 -35.09
N GLN F 290 14.94 -7.53 -34.07
CA GLN F 290 13.51 -7.74 -34.27
C GLN F 290 12.89 -6.58 -35.03
N LEU F 291 13.22 -5.35 -34.61
CA LEU F 291 12.66 -4.19 -35.28
C LEU F 291 13.06 -4.16 -36.74
N TYR F 292 14.36 -4.29 -37.01
CA TYR F 292 14.84 -4.25 -38.38
C TYR F 292 14.03 -5.17 -39.27
N HIS F 293 13.73 -6.36 -38.79
CA HIS F 293 12.95 -7.26 -39.63
C HIS F 293 11.54 -6.77 -39.80
N HIS F 294 10.96 -6.14 -38.79
CA HIS F 294 9.62 -5.61 -38.98
C HIS F 294 9.63 -4.55 -40.06
N LEU F 295 10.70 -3.78 -40.14
CA LEU F 295 10.75 -2.69 -41.10
C LEU F 295 10.93 -3.24 -42.50
N HIS F 296 11.84 -4.20 -42.65
CA HIS F 296 12.09 -4.78 -43.96
C HIS F 296 10.85 -5.44 -44.54
N GLU F 297 10.13 -6.19 -43.71
CA GLU F 297 8.92 -6.84 -44.17
C GLU F 297 7.77 -5.87 -44.34
N ALA F 298 8.01 -4.58 -44.13
CA ALA F 298 6.95 -3.59 -44.22
C ALA F 298 7.07 -2.70 -45.44
N TRP F 299 8.24 -2.65 -46.07
CA TRP F 299 8.45 -1.79 -47.23
C TRP F 299 8.03 -2.47 -48.52
N GLY F 305 17.93 -1.66 -54.70
CA GLY F 305 18.37 -0.44 -54.05
C GLY F 305 17.27 0.59 -54.08
N SER F 306 17.02 1.22 -52.92
CA SER F 306 15.98 2.22 -52.78
C SER F 306 16.33 3.11 -51.59
N LEU F 307 15.30 3.75 -51.01
CA LEU F 307 15.52 4.63 -49.88
C LEU F 307 15.77 3.85 -48.60
N PHE F 308 15.01 2.77 -48.40
CA PHE F 308 15.24 1.86 -47.29
C PHE F 308 16.71 1.53 -47.16
N SER F 309 17.37 1.21 -48.28
CA SER F 309 18.79 0.92 -48.21
C SER F 309 19.59 2.16 -47.82
N LEU F 310 19.22 3.31 -48.36
CA LEU F 310 19.98 4.53 -48.08
C LEU F 310 19.91 4.95 -46.62
N VAL F 311 18.80 4.67 -45.95
CA VAL F 311 18.53 5.23 -44.62
C VAL F 311 18.64 4.15 -43.54
N VAL F 312 17.75 3.17 -43.57
CA VAL F 312 17.69 2.21 -42.47
C VAL F 312 18.74 1.11 -42.65
N GLU F 313 18.76 0.42 -43.80
CA GLU F 313 19.83 -0.53 -44.08
C GLU F 313 21.18 0.08 -43.81
N ASN F 314 21.39 1.30 -44.30
CA ASN F 314 22.61 2.04 -44.05
C ASN F 314 22.92 2.12 -42.57
N ALA F 315 21.91 2.45 -41.77
CA ALA F 315 22.11 2.54 -40.34
C ALA F 315 22.21 1.18 -39.68
N TRP F 316 21.59 0.17 -40.27
CA TRP F 316 21.66 -1.17 -39.69
C TRP F 316 23.06 -1.74 -39.80
N GLU F 317 23.70 -1.59 -40.96
CA GLU F 317 25.06 -2.11 -41.09
C GLU F 317 26.07 -1.23 -40.36
N LYS F 318 25.86 0.07 -40.33
CA LYS F 318 26.73 0.89 -39.49
C LYS F 318 26.66 0.44 -38.05
N SER F 319 25.49 0.01 -37.59
CA SER F 319 25.37 -0.37 -36.19
C SER F 319 26.12 -1.66 -35.93
N ARG F 320 25.90 -2.66 -36.79
CA ARG F 320 26.52 -3.97 -36.71
C ARG F 320 28.02 -3.77 -36.83
N SER F 321 28.66 -3.52 -35.68
CA SER F 321 30.11 -3.34 -35.51
C SER F 321 30.87 -3.04 -36.80
N SER F 327 26.87 1.13 -27.36
CA SER F 327 25.67 0.27 -27.47
C SER F 327 25.16 0.10 -28.88
N THR F 328 25.32 -1.11 -29.44
CA THR F 328 24.82 -1.38 -30.78
C THR F 328 23.39 -0.89 -30.95
N GLU F 329 22.61 -0.90 -29.88
CA GLU F 329 21.26 -0.37 -29.96
C GLU F 329 21.30 1.15 -29.93
N ASP F 330 22.11 1.71 -29.03
CA ASP F 330 22.34 3.15 -29.05
C ASP F 330 22.87 3.59 -30.40
N GLN F 331 23.68 2.74 -31.03
CA GLN F 331 24.32 3.08 -32.30
C GLN F 331 23.32 3.06 -33.44
N PHE F 332 22.45 2.07 -33.47
CA PHE F 332 21.48 1.97 -34.55
C PHE F 332 20.60 3.22 -34.64
N PHE F 333 20.04 3.62 -33.51
CA PHE F 333 19.11 4.74 -33.56
C PHE F 333 19.86 6.04 -33.84
N MET F 334 21.10 6.14 -33.37
CA MET F 334 21.91 7.31 -33.67
C MET F 334 22.01 7.56 -35.17
N TYR F 335 22.25 6.51 -35.95
CA TYR F 335 22.30 6.65 -37.40
C TYR F 335 20.93 6.68 -38.02
N LEU F 336 20.02 5.82 -37.56
CA LEU F 336 18.66 5.86 -38.07
C LEU F 336 18.10 7.26 -37.97
N ARG F 337 18.36 7.95 -36.87
CA ARG F 337 17.99 9.34 -36.75
C ARG F 337 18.70 10.17 -37.80
N VAL F 338 20.03 10.20 -37.75
CA VAL F 338 20.80 11.03 -38.66
C VAL F 338 20.44 10.75 -40.11
N ASN F 339 20.43 9.49 -40.51
CA ASN F 339 20.11 9.19 -41.91
C ASN F 339 18.74 9.71 -42.28
N THR F 340 17.76 9.51 -41.41
CA THR F 340 16.42 10.02 -41.70
C THR F 340 16.41 11.54 -41.78
N LEU F 341 17.13 12.22 -40.89
CA LEU F 341 17.10 13.67 -40.90
C LEU F 341 17.80 14.20 -42.14
N ASN F 342 18.95 13.62 -42.49
CA ASN F 342 19.71 14.12 -43.62
C ASN F 342 18.92 14.04 -44.92
N LYS F 343 17.95 13.14 -45.01
CA LYS F 343 17.20 13.09 -46.24
C LYS F 343 15.85 13.77 -46.15
N LEU F 344 15.29 13.95 -44.96
CA LEU F 344 13.93 14.47 -44.92
C LEU F 344 13.88 15.95 -44.63
N VAL F 345 14.77 16.46 -43.79
CA VAL F 345 14.83 17.89 -43.51
C VAL F 345 14.98 18.68 -44.82
N PRO F 346 15.92 18.33 -45.70
CA PRO F 346 16.01 19.11 -46.94
C PRO F 346 14.79 19.00 -47.82
N TYR F 347 14.16 17.83 -47.92
CA TYR F 347 12.93 17.73 -48.70
C TYR F 347 11.88 18.68 -48.16
N ALA F 348 11.70 18.71 -46.85
CA ALA F 348 10.74 19.63 -46.27
C ALA F 348 11.14 21.05 -46.56
N ALA F 349 12.40 21.39 -46.28
CA ALA F 349 12.86 22.74 -46.54
C ALA F 349 12.54 23.15 -47.95
N GLN F 350 12.81 22.27 -48.92
CA GLN F 350 12.56 22.61 -50.31
C GLN F 350 11.06 22.65 -50.60
N ARG F 351 10.33 21.63 -50.17
CA ARG F 351 8.87 21.64 -50.34
C ARG F 351 8.26 22.92 -49.82
N PHE F 352 8.86 23.50 -48.76
CA PHE F 352 8.37 24.76 -48.25
C PHE F 352 8.66 25.87 -49.24
N ILE F 353 9.92 26.02 -49.65
CA ILE F 353 10.31 27.06 -50.59
C ILE F 353 9.60 26.90 -51.93
N ASP F 354 9.35 25.66 -52.35
CA ASP F 354 8.68 25.47 -53.63
C ASP F 354 7.26 26.00 -53.60
N ASN F 355 6.54 25.77 -52.52
CA ASN F 355 5.15 26.18 -52.46
C ASN F 355 4.94 27.46 -51.67
N LEU F 356 6.00 28.19 -51.38
CA LEU F 356 6.00 29.38 -50.54
C LEU F 356 4.88 30.39 -50.80
N PRO F 357 4.45 30.62 -52.03
CA PRO F 357 3.32 31.53 -52.21
C PRO F 357 2.05 31.01 -51.57
N ALA F 358 1.70 29.75 -51.83
CA ALA F 358 0.51 29.22 -51.19
C ALA F 358 0.72 29.06 -49.69
N ILE F 359 1.97 28.88 -49.28
CA ILE F 359 2.26 28.73 -47.86
C ILE F 359 2.26 30.06 -47.16
N PHE F 360 2.58 31.13 -47.89
CA PHE F 360 2.58 32.46 -47.29
C PHE F 360 1.17 32.96 -47.15
N ALA F 361 0.35 32.76 -48.18
CA ALA F 361 -1.06 33.05 -48.06
C ALA F 361 -1.75 32.17 -47.04
N GLY F 362 -1.17 31.01 -46.72
CA GLY F 362 -1.75 30.09 -45.76
C GLY F 362 -2.96 29.37 -46.30
N THR F 363 -2.96 29.03 -47.56
CA THR F 363 -4.04 28.33 -48.21
C THR F 363 -3.61 27.00 -48.78
N PHE F 364 -2.32 26.72 -48.78
CA PHE F 364 -1.74 25.49 -49.27
C PHE F 364 -2.42 24.31 -48.59
N ASN F 365 -3.20 23.53 -49.33
CA ASN F 365 -4.02 22.51 -48.69
C ASN F 365 -3.29 21.21 -48.47
N HIS F 366 -2.00 21.22 -48.15
CA HIS F 366 -1.25 19.99 -47.92
C HIS F 366 -0.20 20.20 -46.84
N ALA F 367 0.35 19.10 -46.37
CA ALA F 367 1.44 19.13 -45.41
C ALA F 367 2.75 19.01 -46.15
N LEU F 368 3.81 19.48 -45.52
CA LEU F 368 5.10 19.52 -46.21
C LEU F 368 5.58 18.15 -46.63
N LEU F 369 5.06 17.07 -46.06
CA LEU F 369 5.50 15.75 -46.46
C LEU F 369 4.33 15.10 -47.20
N GLU F 370 4.38 15.33 -48.50
CA GLU F 370 3.41 14.96 -49.52
C GLU F 370 3.28 13.47 -49.68
N ASP F 371 2.07 12.95 -49.45
CA ASP F 371 1.74 11.56 -49.70
C ASP F 371 2.54 10.86 -50.81
N ALA F 372 2.80 11.57 -51.90
CA ALA F 372 3.45 10.97 -53.06
C ALA F 372 4.88 10.52 -52.77
N SER F 373 5.75 11.48 -52.46
CA SER F 373 7.19 11.27 -52.32
C SER F 373 7.58 9.99 -51.61
N GLU F 374 8.70 9.40 -52.07
CA GLU F 374 9.33 8.31 -51.32
C GLU F 374 9.66 8.76 -49.92
N CYS F 375 9.81 10.07 -49.71
CA CYS F 375 10.10 10.57 -48.38
C CYS F 375 8.89 10.43 -47.47
N SER F 376 7.70 10.78 -47.96
CA SER F 376 6.51 10.56 -47.15
C SER F 376 6.29 9.09 -46.87
N ASP F 377 6.72 8.23 -47.79
CA ASP F 377 6.56 6.79 -47.58
C ASP F 377 7.38 6.29 -46.41
N LEU F 378 8.56 6.86 -46.20
CA LEU F 378 9.38 6.38 -45.10
C LEU F 378 8.70 6.64 -43.76
N LEU F 379 8.06 7.81 -43.61
CA LEU F 379 7.36 8.12 -42.37
C LEU F 379 6.22 7.15 -42.17
N LYS F 380 5.46 6.88 -43.23
CA LYS F 380 4.37 5.94 -43.10
C LYS F 380 4.89 4.58 -42.68
N LEU F 381 6.12 4.25 -43.08
CA LEU F 381 6.71 3.00 -42.63
C LEU F 381 6.89 2.99 -41.13
N TYR F 382 7.55 4.00 -40.59
CA TYR F 382 7.75 4.06 -39.15
C TYR F 382 6.43 4.06 -38.42
N LYS F 383 5.45 4.82 -38.91
CA LYS F 383 4.17 4.87 -38.22
C LYS F 383 3.50 3.49 -38.21
N ASN F 384 3.48 2.81 -39.36
CA ASN F 384 2.80 1.53 -39.42
C ASN F 384 3.51 0.46 -38.61
N VAL F 385 4.82 0.50 -38.52
CA VAL F 385 5.49 -0.45 -37.65
C VAL F 385 5.11 -0.20 -36.19
N ALA F 386 4.99 1.05 -35.81
CA ALA F 386 4.63 1.33 -34.43
C ALA F 386 3.18 0.94 -34.17
N VAL F 387 2.31 1.24 -35.12
CA VAL F 387 0.88 0.98 -34.92
C VAL F 387 0.63 -0.49 -34.69
N LYS F 388 1.36 -1.35 -35.39
CA LYS F 388 1.14 -2.78 -35.30
C LYS F 388 1.89 -3.43 -34.16
N HIS F 389 3.06 -2.95 -33.80
CA HIS F 389 3.86 -3.67 -32.83
C HIS F 389 4.17 -2.86 -31.57
N VAL F 390 3.67 -1.64 -31.45
CA VAL F 390 3.93 -0.89 -30.23
C VAL F 390 2.63 -0.36 -29.63
N PHE F 391 1.86 0.38 -30.41
CA PHE F 391 0.62 0.92 -29.87
C PHE F 391 -0.38 -0.18 -29.60
N SER F 392 -0.13 -1.40 -30.06
CA SER F 392 -1.02 -2.52 -29.85
C SER F 392 -0.62 -3.34 -28.64
N HIS F 393 0.52 -3.06 -28.06
CA HIS F 393 0.97 -3.75 -26.87
C HIS F 393 -0.10 -3.70 -25.78
N PRO F 394 -0.21 -4.75 -24.96
CA PRO F 394 -1.30 -4.79 -23.97
C PRO F 394 -1.10 -3.87 -22.78
N ASP F 395 0.14 -3.62 -22.35
CA ASP F 395 0.30 -2.69 -21.24
C ASP F 395 -0.01 -1.28 -21.67
N VAL F 396 0.20 -0.98 -22.95
CA VAL F 396 -0.22 0.32 -23.46
C VAL F 396 -1.74 0.36 -23.56
N GLU F 397 -2.31 -0.67 -24.16
CA GLU F 397 -3.76 -0.69 -24.34
C GLU F 397 -4.47 -0.70 -23.01
N ARG F 398 -3.85 -1.23 -21.95
CA ARG F 398 -4.55 -1.26 -20.67
C ARG F 398 -4.56 0.10 -20.01
N LEU F 399 -3.43 0.81 -20.05
CA LEU F 399 -3.39 2.15 -19.48
C LEU F 399 -4.22 3.13 -20.31
N GLU F 400 -4.45 2.81 -21.58
CA GLU F 400 -5.32 3.61 -22.45
C GLU F 400 -6.74 3.39 -21.97
N LEU F 401 -7.12 2.17 -21.57
CA LEU F 401 -8.45 1.88 -21.04
C LEU F 401 -8.65 2.51 -19.66
N GLN F 402 -7.62 2.47 -18.82
CA GLN F 402 -7.73 3.05 -17.50
C GLN F 402 -7.93 4.55 -17.58
N GLY F 403 -7.18 5.22 -18.45
CA GLY F 403 -7.30 6.67 -18.55
C GLY F 403 -8.68 7.12 -18.98
N TYR F 404 -9.30 6.37 -19.88
CA TYR F 404 -10.63 6.72 -20.31
C TYR F 404 -11.61 6.67 -19.15
N ARG F 405 -11.40 5.76 -18.21
CA ARG F 405 -12.25 5.67 -17.04
C ARG F 405 -11.98 6.81 -16.07
N VAL F 406 -10.70 7.06 -15.79
CA VAL F 406 -10.34 8.10 -14.82
C VAL F 406 -10.90 9.45 -15.25
N ILE F 407 -10.70 9.81 -16.51
CA ILE F 407 -11.20 11.12 -16.94
C ILE F 407 -12.73 11.12 -17.01
N SER F 408 -13.34 10.03 -17.45
CA SER F 408 -14.79 10.01 -17.45
C SER F 408 -15.33 9.98 -16.04
N GLY F 409 -14.60 9.37 -15.11
CA GLY F 409 -15.04 9.39 -13.74
C GLY F 409 -14.87 10.76 -13.12
N LEU F 410 -13.80 11.47 -13.49
CA LEU F 410 -13.66 12.87 -13.05
C LEU F 410 -14.80 13.74 -13.53
N LEU F 411 -15.24 13.55 -14.77
CA LEU F 411 -16.33 14.38 -15.25
C LEU F 411 -17.61 14.10 -14.48
N GLU F 412 -17.91 12.82 -14.24
CA GLU F 412 -19.09 12.50 -13.47
C GLU F 412 -18.97 12.99 -12.03
N ILE F 413 -17.77 13.02 -11.48
CA ILE F 413 -17.62 13.52 -10.11
C ILE F 413 -18.01 14.98 -10.04
N TYR F 414 -17.66 15.77 -11.03
CA TYR F 414 -17.97 17.19 -10.99
C TYR F 414 -19.28 17.56 -11.68
N ARG F 415 -19.99 16.59 -12.25
CA ARG F 415 -21.27 16.89 -12.89
C ARG F 415 -22.23 17.71 -12.04
N PRO F 416 -22.26 17.57 -10.70
CA PRO F 416 -23.23 18.36 -9.92
C PRO F 416 -23.12 19.85 -10.09
N LEU F 417 -21.98 20.38 -10.55
CA LEU F 417 -21.88 21.81 -10.80
C LEU F 417 -22.54 22.18 -12.11
N LEU F 418 -22.57 21.26 -13.06
CA LEU F 418 -23.29 21.49 -14.30
C LEU F 418 -24.77 21.25 -14.15
N SER F 419 -25.23 20.77 -13.00
CA SER F 419 -26.64 20.54 -12.79
C SER F 419 -27.33 21.70 -12.13
N LEU F 420 -26.60 22.51 -11.36
CA LEU F 420 -27.17 23.67 -10.70
C LEU F 420 -27.88 24.59 -11.70
N SER F 421 -28.79 25.41 -11.22
CA SER F 421 -29.46 26.37 -12.08
C SER F 421 -28.65 27.65 -12.12
N LEU F 422 -28.89 28.45 -13.15
CA LEU F 422 -28.13 29.68 -13.33
C LEU F 422 -28.06 30.49 -12.06
N SER F 423 -29.21 30.75 -11.44
CA SER F 423 -29.23 31.55 -10.22
C SER F 423 -28.45 30.86 -9.11
N ASP F 424 -28.57 29.55 -9.00
CA ASP F 424 -27.87 28.83 -7.95
C ASP F 424 -26.36 28.84 -8.17
N PHE F 425 -25.93 28.63 -9.42
CA PHE F 425 -24.50 28.60 -9.68
C PHE F 425 -23.88 29.97 -9.48
N THR F 426 -24.49 31.00 -10.06
CA THR F 426 -24.00 32.36 -9.90
C THR F 426 -23.89 32.74 -8.44
N GLU F 427 -24.85 32.31 -7.63
CA GLU F 427 -24.76 32.53 -6.21
C GLU F 427 -23.50 31.90 -5.64
N LEU F 428 -23.19 30.69 -6.09
CA LEU F 428 -21.96 30.02 -5.63
C LEU F 428 -20.71 30.77 -6.05
N VAL F 429 -20.77 31.47 -7.19
CA VAL F 429 -19.63 32.23 -7.68
C VAL F 429 -19.39 33.45 -6.79
N GLU F 430 -20.44 34.21 -6.51
CA GLU F 430 -20.28 35.40 -5.68
C GLU F 430 -20.01 35.01 -4.23
N LYS F 431 -20.94 34.32 -3.59
CA LYS F 431 -20.71 33.82 -2.25
C LYS F 431 -19.79 32.61 -2.34
N GLU F 432 -18.54 32.78 -1.91
CA GLU F 432 -17.56 31.70 -2.08
C GLU F 432 -18.00 30.39 -1.43
N ARG F 433 -18.61 30.42 -0.23
CA ARG F 433 -19.13 29.18 0.35
C ARG F 433 -20.63 29.41 0.39
N VAL F 434 -21.39 28.57 -0.27
CA VAL F 434 -22.85 28.60 -0.16
C VAL F 434 -23.20 27.46 0.78
N LYS F 435 -23.85 27.81 1.88
CA LYS F 435 -24.05 26.88 2.99
C LYS F 435 -25.04 25.79 2.64
N ARG F 436 -26.03 26.07 1.80
CA ARG F 436 -27.00 25.05 1.46
C ARG F 436 -26.53 24.13 0.33
N PHE F 437 -25.35 24.38 -0.23
CA PHE F 437 -24.72 23.53 -1.25
C PHE F 437 -23.31 23.23 -0.78
N PRO F 438 -23.16 22.42 0.26
CA PRO F 438 -21.82 22.17 0.81
C PRO F 438 -20.98 21.33 -0.12
N ILE F 439 -21.61 20.43 -0.86
CA ILE F 439 -20.87 19.57 -1.76
C ILE F 439 -20.43 20.36 -2.99
N GLU F 440 -21.35 21.12 -3.58
CA GLU F 440 -21.00 21.90 -4.76
C GLU F 440 -20.05 23.03 -4.41
N SER F 441 -20.10 23.55 -3.18
CA SER F 441 -19.14 24.57 -2.79
C SER F 441 -17.73 24.02 -2.79
N ARG F 442 -17.52 22.89 -2.13
CA ARG F 442 -16.19 22.33 -1.99
C ARG F 442 -15.68 21.78 -3.32
N LEU F 443 -16.58 21.35 -4.18
CA LEU F 443 -16.16 20.93 -5.51
C LEU F 443 -15.71 22.13 -6.30
N PHE F 444 -16.42 23.24 -6.15
CA PHE F 444 -16.07 24.48 -6.84
C PHE F 444 -14.70 24.96 -6.41
N HIS F 445 -14.36 24.83 -5.13
CA HIS F 445 -13.07 25.32 -4.68
C HIS F 445 -11.93 24.49 -5.21
N LYS F 446 -12.19 23.26 -5.64
CA LYS F 446 -11.11 22.44 -6.17
C LYS F 446 -10.66 22.95 -7.52
N LEU F 447 -11.54 23.63 -8.26
CA LEU F 447 -11.19 24.15 -9.55
C LEU F 447 -10.10 25.19 -9.41
N SER F 448 -9.03 25.02 -10.19
CA SER F 448 -7.91 25.95 -10.18
C SER F 448 -8.43 27.36 -10.36
N THR F 449 -7.87 28.29 -9.59
CA THR F 449 -8.32 29.68 -9.65
C THR F 449 -8.17 30.28 -11.04
N ARG F 450 -7.07 29.97 -11.73
CA ARG F 450 -6.90 30.45 -13.09
C ARG F 450 -8.10 30.09 -13.96
N HIS F 451 -8.56 28.84 -13.88
CA HIS F 451 -9.68 28.41 -14.71
C HIS F 451 -10.96 29.09 -14.33
N ARG F 452 -11.10 29.44 -13.05
CA ARG F 452 -12.30 30.06 -12.53
C ARG F 452 -12.42 31.51 -12.96
N LEU F 453 -11.32 32.26 -12.86
CA LEU F 453 -11.33 33.66 -13.27
C LEU F 453 -11.69 33.80 -14.74
N ALA F 454 -11.29 32.83 -15.57
CA ALA F 454 -11.61 32.88 -17.00
C ALA F 454 -13.11 32.76 -17.23
N TYR F 455 -13.83 32.06 -16.37
CA TYR F 455 -15.27 32.01 -16.45
C TYR F 455 -15.89 33.34 -16.04
N VAL F 456 -15.42 33.91 -14.92
CA VAL F 456 -15.94 35.20 -14.46
C VAL F 456 -15.70 36.28 -15.51
N GLU F 457 -14.44 36.46 -15.92
CA GLU F 457 -14.11 37.49 -16.88
C GLU F 457 -14.99 37.36 -18.11
N ALA F 458 -15.20 36.14 -18.59
CA ALA F 458 -15.93 35.97 -19.83
C ALA F 458 -17.42 36.21 -19.65
N VAL F 459 -17.94 35.90 -18.48
CA VAL F 459 -19.36 36.09 -18.23
C VAL F 459 -19.67 37.54 -17.87
N SER F 460 -18.76 38.21 -17.16
CA SER F 460 -18.98 39.62 -16.85
C SER F 460 -19.12 40.44 -18.13
N LYS F 461 -18.34 40.13 -19.13
CA LYS F 461 -18.42 40.84 -20.40
C LYS F 461 -19.71 40.55 -21.16
N LEU F 462 -20.67 39.83 -20.61
CA LEU F 462 -21.92 39.49 -21.29
C LEU F 462 -22.99 40.49 -20.93
N PRO F 463 -24.06 40.60 -21.77
CA PRO F 463 -25.21 41.43 -21.42
C PRO F 463 -26.17 40.65 -20.55
N SER F 464 -26.27 41.03 -19.27
CA SER F 464 -27.08 40.27 -18.33
C SER F 464 -28.52 40.13 -18.79
N ASP F 465 -29.04 41.15 -19.48
CA ASP F 465 -30.43 41.17 -19.92
C ASP F 465 -30.67 40.26 -21.11
N SER F 466 -29.66 40.10 -21.96
CA SER F 466 -29.76 39.36 -23.22
C SER F 466 -30.55 38.07 -23.10
N PRO F 467 -31.33 37.71 -24.12
CA PRO F 467 -31.97 36.38 -24.13
C PRO F 467 -30.98 35.29 -24.44
N GLU F 468 -29.76 35.67 -24.81
CA GLU F 468 -28.69 34.73 -25.08
C GLU F 468 -27.93 34.41 -23.81
N PHE F 469 -27.92 35.33 -22.87
CA PHE F 469 -27.11 35.23 -21.66
C PHE F 469 -27.12 33.87 -20.98
N PRO F 470 -28.26 33.23 -20.75
CA PRO F 470 -28.22 31.91 -20.10
C PRO F 470 -27.48 30.89 -20.92
N LEU F 471 -27.54 31.00 -22.24
CA LEU F 471 -26.86 30.02 -23.06
C LEU F 471 -25.35 30.23 -23.00
N TRP F 472 -24.90 31.48 -22.96
CA TRP F 472 -23.47 31.75 -22.90
C TRP F 472 -22.90 31.39 -21.55
N GLU F 473 -23.67 31.58 -20.49
CA GLU F 473 -23.15 31.23 -19.17
C GLU F 473 -22.89 29.73 -19.09
N TYR F 474 -23.76 28.92 -19.68
CA TYR F 474 -23.56 27.47 -19.58
C TYR F 474 -22.38 27.03 -20.46
N TYR F 475 -22.27 27.60 -21.66
CA TYR F 475 -21.07 27.36 -22.47
C TYR F 475 -19.83 27.65 -21.65
N TYR F 476 -19.74 28.85 -21.09
CA TYR F 476 -18.55 29.19 -20.33
C TYR F 476 -18.45 28.42 -19.03
N ARG F 477 -19.53 27.80 -18.58
CA ARG F 477 -19.44 26.94 -17.40
C ARG F 477 -18.87 25.59 -17.76
N CYS F 478 -19.29 25.03 -18.91
CA CYS F 478 -18.71 23.79 -19.36
C CYS F 478 -17.27 23.96 -19.81
N ARG F 479 -16.97 25.09 -20.41
CA ARG F 479 -15.60 25.32 -20.82
C ARG F 479 -14.73 25.47 -19.60
N LEU F 480 -15.27 26.04 -18.52
CA LEU F 480 -14.52 26.10 -17.27
C LEU F 480 -14.14 24.72 -16.80
N LEU F 481 -15.04 23.77 -16.95
CA LEU F 481 -14.76 22.43 -16.46
C LEU F 481 -13.79 21.71 -17.37
N GLN F 482 -13.98 21.83 -18.68
CA GLN F 482 -13.02 21.24 -19.60
C GLN F 482 -11.64 21.81 -19.39
N ASP F 483 -11.55 23.11 -19.06
CA ASP F 483 -10.25 23.70 -18.74
C ASP F 483 -9.60 23.01 -17.57
N TYR F 484 -10.36 22.74 -16.52
CA TYR F 484 -9.78 22.10 -15.35
C TYR F 484 -9.21 20.73 -15.68
N ILE F 485 -10.04 19.86 -16.27
CA ILE F 485 -9.62 18.48 -16.55
C ILE F 485 -8.43 18.45 -17.49
N SER F 486 -8.54 19.06 -18.66
CA SER F 486 -7.43 19.01 -19.59
C SER F 486 -6.19 19.67 -19.02
N GLY F 487 -6.35 20.66 -18.16
CA GLY F 487 -5.16 21.27 -17.62
C GLY F 487 -4.71 20.47 -16.42
N MET F 488 -4.51 19.18 -16.64
CA MET F 488 -4.14 18.23 -15.60
C MET F 488 -3.08 17.30 -16.12
N THR F 489 -2.36 16.73 -15.17
CA THR F 489 -1.38 15.73 -15.50
C THR F 489 -2.04 14.37 -15.65
N ASP F 490 -1.38 13.47 -16.37
CA ASP F 490 -1.80 12.08 -16.34
C ASP F 490 -1.92 11.62 -14.92
N LEU F 491 -0.97 12.01 -14.09
CA LEU F 491 -0.88 11.57 -12.72
C LEU F 491 -1.79 12.35 -11.80
N TYR F 492 -1.94 13.65 -12.01
CA TYR F 492 -2.83 14.38 -11.12
C TYR F 492 -4.27 13.94 -11.31
N ALA F 493 -4.66 13.58 -12.54
CA ALA F 493 -6.02 13.10 -12.78
C ALA F 493 -6.25 11.73 -12.13
N TRP F 494 -5.24 10.88 -12.13
CA TRP F 494 -5.42 9.57 -11.52
C TRP F 494 -5.50 9.69 -10.00
N ASP F 495 -4.70 10.56 -9.40
CA ASP F 495 -4.79 10.71 -7.96
C ASP F 495 -6.09 11.35 -7.54
N GLU F 496 -6.51 12.39 -8.25
CA GLU F 496 -7.76 13.03 -7.89
C GLU F 496 -8.90 12.03 -7.96
N TYR F 497 -8.92 11.23 -9.01
CA TYR F 497 -9.97 10.23 -9.18
C TYR F 497 -9.98 9.24 -8.03
N ARG F 498 -8.83 8.85 -7.55
CA ARG F 498 -8.80 7.93 -6.42
C ARG F 498 -9.07 8.66 -5.12
N ARG F 499 -8.53 9.86 -4.96
CA ARG F 499 -8.81 10.66 -3.77
C ARG F 499 -10.30 10.92 -3.61
N LEU F 500 -10.99 11.26 -4.70
CA LEU F 500 -12.41 11.58 -4.65
C LEU F 500 -13.31 10.36 -4.73
N MET F 501 -12.75 9.18 -4.97
CA MET F 501 -13.54 7.97 -4.83
C MET F 501 -13.31 7.34 -3.46
N ALA F 502 -12.55 8.02 -2.61
CA ALA F 502 -12.29 7.58 -1.23
C ALA F 502 -11.67 6.20 -1.16
N VAL F 503 -10.82 5.86 -2.12
CA VAL F 503 -10.07 4.61 -2.12
C VAL F 503 -8.60 4.81 -1.81
N GLU F 504 -8.18 6.06 -1.61
CA GLU F 504 -6.80 6.43 -1.33
C GLU F 504 -6.70 7.16 0.00
PG DGT G . 28.36 24.10 -8.27
O1G DGT G . 27.38 23.49 -9.22
O2G DGT G . 28.97 23.31 -7.19
O3G DGT G . 29.43 24.77 -8.97
O3B DGT G . 27.61 25.31 -7.51
PB DGT G . 26.05 25.67 -7.37
O1B DGT G . 25.76 25.60 -5.95
O2B DGT G . 25.64 26.72 -8.37
O3A DGT G . 25.38 24.26 -7.56
PA DGT G . 24.02 23.60 -7.11
O1A DGT G . 22.96 23.89 -8.20
O2A DGT G . 24.59 22.24 -6.95
O5' DGT G . 23.67 24.20 -5.71
C5' DGT G . 22.46 24.95 -5.43
C4' DGT G . 21.18 24.28 -5.81
O4' DGT G . 20.90 23.44 -4.74
C3' DGT G . 19.98 25.16 -5.88
O3' DGT G . 19.23 24.72 -7.00
C2' DGT G . 19.20 24.96 -4.62
C1' DGT G . 19.71 23.66 -4.03
N9 DGT G . 20.24 23.52 -2.64
C8 DGT G . 21.40 23.95 -2.20
N7 DGT G . 21.68 23.67 -0.95
C5 DGT G . 20.65 22.96 -0.56
C6 DGT G . 20.19 22.30 0.66
O6 DGT G . 20.90 22.31 1.66
N1 DGT G . 19.03 21.69 0.73
C2 DGT G . 18.27 21.62 -0.29
N2 DGT G . 17.13 21.00 -0.18
N3 DGT G . 18.58 22.18 -1.43
C4 DGT G . 19.71 22.87 -1.65
MN MN H . 22.65 24.26 -10.71
PG DGT I . 2.30 1.04 37.32
O1G DGT I . 1.92 1.14 35.90
O2G DGT I . 3.47 0.27 37.80
O3G DGT I . 2.12 2.44 37.71
O3B DGT I . 1.15 0.21 38.04
PB DGT I . 0.78 -1.33 37.78
O1B DGT I . 1.91 -2.13 38.37
O2B DGT I . -0.62 -1.54 38.34
O3A DGT I . 0.87 -1.62 36.17
PA DGT I . 0.27 -1.09 34.78
O1A DGT I . -1.03 -0.41 34.66
O2A DGT I . 1.29 -0.41 34.01
O5' DGT I . 0.28 -2.61 34.37
C5' DGT I . -0.83 -3.43 34.03
C4' DGT I . -1.65 -2.88 32.87
O4' DGT I . -0.98 -3.07 31.67
C3' DGT I . -2.87 -3.64 32.62
O3' DGT I . -3.58 -2.68 31.91
C2' DGT I . -2.54 -4.71 31.66
C1' DGT I . -1.33 -4.21 30.94
N9 DGT I . -0.22 -5.19 30.95
C8 DGT I . 0.55 -5.58 31.95
N7 DGT I . 1.38 -6.55 31.58
C5 DGT I . 1.16 -6.77 30.28
C6 DGT I . 1.68 -7.64 29.20
O6 DGT I . 2.58 -8.44 29.40
N1 DGT I . 1.13 -7.54 28.01
C2 DGT I . 0.15 -6.70 27.75
N2 DGT I . -0.37 -6.60 26.55
N3 DGT I . -0.36 -5.90 28.66
C4 DGT I . 0.09 -5.89 29.90
MN MN J . -3.07 2.18 35.08
PG DGT K . 18.80 -32.76 -5.55
O1G DGT K . 18.17 -33.52 -4.41
O2G DGT K . 19.19 -31.37 -5.10
O3G DGT K . 20.03 -33.49 -6.02
O3B DGT K . 17.70 -32.67 -6.78
PB DGT K . 18.09 -32.28 -8.33
O1B DGT K . 19.49 -32.75 -8.63
O2B DGT K . 17.14 -32.96 -9.28
O3A DGT K . 18.03 -30.64 -8.51
PA DGT K . 16.90 -29.63 -7.83
O1A DGT K . 15.50 -30.11 -8.12
O2A DGT K . 17.08 -29.57 -6.33
O5' DGT K . 17.09 -28.13 -8.47
C5' DGT K . 16.71 -27.91 -9.80
C4' DGT K . 15.38 -27.29 -9.85
O4' DGT K . 15.45 -25.73 -9.26
C3' DGT K . 14.95 -27.18 -11.11
O3' DGT K . 13.49 -27.27 -11.16
C2' DGT K . 15.34 -25.77 -11.59
C1' DGT K . 15.71 -24.95 -10.28
N9 DGT K . 17.10 -24.57 -10.33
C8 DGT K . 18.36 -25.04 -10.40
N7 DGT K . 19.19 -23.98 -10.41
C5 DGT K . 18.46 -22.88 -10.35
C6 DGT K . 18.83 -21.39 -10.34
O6 DGT K . 19.97 -21.06 -10.37
N1 DGT K . 17.79 -20.40 -10.27
C2 DGT K . 16.41 -20.80 -10.21
N2 DGT K . 15.35 -19.80 -10.14
N3 DGT K . 16.07 -22.22 -10.23
C4 DGT K . 17.15 -23.24 -10.31
MN MN L . 12.59 -31.33 -8.12
MN MN M . -19.98 20.04 20.64
PG DGT N . -25.35 21.52 17.42
O1G DGT N . -24.51 20.80 18.40
O2G DGT N . -26.02 20.58 16.48
O3G DGT N . -26.32 22.51 17.90
O3B DGT N . -24.27 22.38 16.60
PB DGT N . -23.42 23.65 17.15
O1B DGT N . -23.97 24.96 16.61
O2B DGT N . -23.45 23.62 18.63
O3A DGT N . -21.91 23.38 16.63
PA DGT N . -21.33 22.10 15.89
O1A DGT N . -22.39 21.51 15.09
O2A DGT N . -20.47 21.27 16.74
O5' DGT N . -20.41 22.59 14.75
C5' DGT N . -19.07 22.99 15.02
C4' DGT N . -18.04 22.00 15.51
O4' DGT N . -17.30 21.45 14.46
C3' DGT N . -16.94 22.79 16.09
O3' DGT N . -16.18 21.87 16.81
C2' DGT N . -16.17 23.30 14.91
C1' DGT N . -16.30 22.25 13.86
N9 DGT N . -16.86 22.60 12.54
C8 DGT N . -18.00 23.22 12.39
N7 DGT N . -18.36 23.36 11.13
C5 DGT N . -17.43 22.82 10.40
C6 DGT N . -17.21 22.65 8.98
O6 DGT N . -17.98 23.06 8.14
N1 DGT N . -16.16 22.05 8.57
C2 DGT N . -15.31 21.60 9.43
N2 DGT N . -14.25 20.96 9.00
N3 DGT N . -15.46 21.70 10.74
C4 DGT N . -16.48 22.31 11.31
PG DGT O . -22.18 -29.74 -7.70
O1G DGT O . -22.42 -30.76 -8.72
O2G DGT O . -21.02 -28.86 -7.86
O3G DGT O . -23.43 -29.08 -7.29
O3B DGT O . -21.60 -30.59 -6.54
PB DGT O . -21.73 -30.30 -4.98
O1B DGT O . -23.21 -30.36 -4.61
O2B DGT O . -20.78 -31.33 -4.33
O3A DGT O . -21.31 -28.76 -4.72
PA DGT O . -19.92 -28.00 -4.87
O1A DGT O . -18.69 -28.87 -4.62
O2A DGT O . -19.82 -27.26 -6.16
O5' DGT O . -20.28 -27.05 -3.65
C5' DGT O . -20.02 -27.39 -2.28
C4' DGT O . -18.63 -26.89 -1.85
O4' DGT O . -18.65 -25.50 -1.66
C3' DGT O . -18.00 -27.42 -0.57
O3' DGT O . -16.60 -27.60 -0.78
C2' DGT O . -18.19 -26.36 0.46
C1' DGT O . -18.41 -25.10 -0.33
N9 DGT O . -19.58 -24.20 -0.11
C8 DGT O . -20.80 -24.40 -0.61
N7 DGT O . -21.62 -23.40 -0.32
C5 DGT O . -20.91 -22.50 0.37
C6 DGT O . -21.18 -21.20 1.01
O6 DGT O . -22.24 -20.59 1.03
N1 DGT O . -20.19 -20.65 1.62
C2 DGT O . -19.01 -21.20 1.67
N2 DGT O . -18.17 -20.46 2.32
N3 DGT O . -18.65 -22.36 1.13
C4 DGT O . -19.56 -23.04 0.48
MN MN P . -16.15 -31.03 -5.16
PG DGT Q . -2.21 16.31 -33.93
O1G DGT Q . -3.14 16.35 -32.75
O2G DGT Q . -2.85 16.91 -35.16
O3G DGT Q . -0.95 17.07 -33.61
O3B DGT Q . -1.86 14.73 -34.27
PB DGT Q . -0.43 14.16 -34.83
O1B DGT Q . -0.69 13.38 -36.10
O2B DGT Q . 0.52 15.29 -35.14
O3A DGT Q . 0.23 13.17 -33.69
PA DGT Q . 0.00 13.25 -32.06
O1A DGT Q . 1.20 13.87 -31.39
O2A DGT Q . -1.23 14.07 -31.73
O5' DGT Q . -0.19 11.71 -31.52
C5' DGT Q . 0.79 10.77 -31.85
C4' DGT Q . 1.69 10.53 -30.71
O4' DGT Q . 0.92 9.60 -29.55
C3' DGT Q . 2.75 9.83 -31.12
O3' DGT Q . 3.95 10.18 -30.36
C2' DGT Q . 2.39 8.34 -30.85
C1' DGT Q . 1.15 8.36 -29.86
N9 DGT Q . -0.01 7.79 -30.51
C8 DGT Q . -0.82 7.88 -31.58
N7 DGT Q . -1.75 6.93 -31.46
C5 DGT Q . -1.51 6.26 -30.34
C6 DGT Q . -2.21 5.08 -29.69
O6 DGT Q . -3.17 4.60 -30.21
N1 DGT Q . -1.72 4.56 -28.45
C2 DGT Q . -0.55 5.15 -27.83
N2 DGT Q . -0.06 4.63 -26.58
N3 DGT Q . 0.11 6.27 -28.46
C4 DGT Q . -0.41 6.81 -29.73
MN MN R . 3.31 15.32 -31.40
#